data_4N8X
#
_entry.id   4N8X
#
_cell.length_a   117.880
_cell.length_b   128.120
_cell.length_c   220.500
_cell.angle_alpha   90.00
_cell.angle_beta   90.00
_cell.angle_gamma   90.00
#
_symmetry.space_group_name_H-M   'P 21 21 21'
#
loop_
_entity.id
_entity.type
_entity.pdbx_description
1 polymer 'Carbon dioxide concentrating mechanism protein'
2 non-polymer 'SULFATE ION'
3 water water
#
_entity_poly.entity_id   1
_entity_poly.type   'polypeptide(L)'
_entity_poly.pdbx_seq_one_letter_code
;MQIAKVRGTVVSTQKDPSLRGVKLLLLQLVDEEGNLLQKYEVAADNSVGAGFDEWVLISRGSAARQLLGNEQRPVDAAVV
AIIDTIHVEDRLIYSKKDQYRLEHHHHHH
;
_entity_poly.pdbx_strand_id   1,2,3,4,A,B,C,D,E,F,G,H,I,J,K,L,M,N,O,P,Q,R,S,T,U,V,W,X,Y,Z
#
# COMPACT_ATOMS: atom_id res chain seq x y z
N MET A 1 -1.76 -35.71 -7.89
CA MET A 1 -2.76 -35.29 -6.93
C MET A 1 -3.47 -36.48 -6.31
N GLN A 2 -3.90 -36.33 -5.07
CA GLN A 2 -4.66 -37.37 -4.40
C GLN A 2 -6.13 -36.99 -4.39
N ILE A 3 -6.99 -38.00 -4.28
CA ILE A 3 -8.43 -37.84 -4.16
C ILE A 3 -8.77 -37.86 -2.68
N ALA A 4 -9.63 -36.96 -2.23
CA ALA A 4 -10.04 -36.92 -0.83
C ALA A 4 -11.49 -36.44 -0.72
N LYS A 5 -12.11 -36.64 0.43
CA LYS A 5 -13.50 -36.24 0.68
C LYS A 5 -13.52 -35.14 1.72
N VAL A 6 -14.25 -34.08 1.43
CA VAL A 6 -14.38 -32.95 2.34
C VAL A 6 -15.20 -33.36 3.55
N ARG A 7 -14.58 -33.32 4.71
CA ARG A 7 -15.27 -33.71 5.92
C ARG A 7 -15.65 -32.52 6.80
N GLY A 8 -14.84 -31.46 6.78
CA GLY A 8 -15.09 -30.37 7.69
C GLY A 8 -14.07 -29.24 7.60
N THR A 9 -14.07 -28.37 8.60
CA THR A 9 -13.24 -27.18 8.54
C THR A 9 -12.40 -27.09 9.77
N VAL A 10 -11.27 -26.40 9.66
CA VAL A 10 -10.34 -26.18 10.78
C VAL A 10 -10.25 -24.70 11.00
N VAL A 11 -10.63 -24.23 12.18
CA VAL A 11 -10.62 -22.80 12.45
C VAL A 11 -9.44 -22.46 13.35
N SER A 12 -8.67 -21.45 12.94
CA SER A 12 -7.53 -21.01 13.75
C SER A 12 -7.54 -19.52 13.76
N THR A 13 -7.26 -18.95 14.93
CA THR A 13 -7.17 -17.50 15.05
C THR A 13 -5.73 -17.07 15.39
N GLN A 14 -5.00 -17.95 16.05
CA GLN A 14 -3.60 -17.67 16.37
C GLN A 14 -2.78 -18.42 15.32
N LYS A 15 -2.19 -17.68 14.40
CA LYS A 15 -1.61 -18.33 13.21
C LYS A 15 -0.71 -17.40 12.45
N ASP A 16 0.05 -17.93 11.50
CA ASP A 16 0.92 -17.06 10.73
C ASP A 16 0.09 -16.04 9.94
N PRO A 17 0.54 -14.76 9.90
CA PRO A 17 -0.24 -13.69 9.27
C PRO A 17 -0.55 -13.96 7.80
N SER A 18 0.32 -14.71 7.13
CA SER A 18 0.10 -15.09 5.73
C SER A 18 -1.09 -16.04 5.53
N LEU A 19 -1.56 -16.67 6.62
CA LEU A 19 -2.72 -17.54 6.54
C LEU A 19 -4.03 -16.81 6.85
N ARG A 20 -3.96 -15.51 7.07
CA ARG A 20 -5.18 -14.77 7.36
C ARG A 20 -6.17 -14.87 6.18
N GLY A 21 -7.41 -15.26 6.47
CA GLY A 21 -8.38 -15.37 5.39
C GLY A 21 -8.44 -16.73 4.68
N VAL A 22 -7.38 -17.51 4.79
CA VAL A 22 -7.32 -18.80 4.12
C VAL A 22 -8.23 -19.86 4.76
N LYS A 23 -9.21 -20.33 4.01
CA LYS A 23 -10.09 -21.41 4.49
C LYS A 23 -9.30 -22.71 4.57
N LEU A 24 -9.38 -23.40 5.70
CA LEU A 24 -8.71 -24.70 5.85
C LEU A 24 -9.76 -25.79 5.98
N LEU A 25 -9.64 -26.83 5.16
CA LEU A 25 -10.59 -27.94 5.15
C LEU A 25 -9.97 -29.21 5.71
N LEU A 26 -10.74 -30.00 6.44
CA LEU A 26 -10.29 -31.34 6.90
C LEU A 26 -10.78 -32.35 5.86
N LEU A 27 -9.84 -33.07 5.27
CA LEU A 27 -10.13 -34.02 4.19
C LEU A 27 -9.77 -35.47 4.58
N GLN A 28 -10.58 -36.42 4.13
CA GLN A 28 -10.36 -37.85 4.36
C GLN A 28 -9.90 -38.42 3.05
N LEU A 29 -8.71 -39.04 3.06
CA LEU A 29 -8.09 -39.58 1.85
C LEU A 29 -8.85 -40.74 1.25
N VAL A 30 -8.76 -40.88 -0.06
CA VAL A 30 -9.42 -41.98 -0.80
C VAL A 30 -8.31 -42.81 -1.45
N ASP A 31 -8.47 -44.12 -1.49
CA ASP A 31 -7.49 -44.96 -2.18
C ASP A 31 -7.85 -45.12 -3.67
N GLU A 32 -7.05 -45.91 -4.37
CA GLU A 32 -7.17 -45.97 -5.83
C GLU A 32 -8.51 -46.56 -6.25
N GLU A 33 -9.03 -47.50 -5.47
CA GLU A 33 -10.29 -48.20 -5.81
C GLU A 33 -11.53 -47.39 -5.36
N GLY A 34 -11.30 -46.25 -4.72
CA GLY A 34 -12.41 -45.38 -4.31
C GLY A 34 -12.91 -45.64 -2.89
N ASN A 35 -12.12 -46.38 -2.10
CA ASN A 35 -12.45 -46.54 -0.67
C ASN A 35 -11.90 -45.43 0.20
N LEU A 36 -12.72 -44.97 1.13
CA LEU A 36 -12.23 -43.99 2.08
C LEU A 36 -11.29 -44.71 3.05
N LEU A 37 -10.26 -43.99 3.49
CA LEU A 37 -9.21 -44.52 4.36
C LEU A 37 -9.36 -43.83 5.70
N GLN A 38 -8.65 -44.33 6.72
CA GLN A 38 -8.62 -43.61 8.01
C GLN A 38 -7.36 -42.74 8.08
N LYS A 39 -7.15 -41.96 7.02
CA LYS A 39 -6.05 -41.04 6.88
C LYS A 39 -6.65 -39.71 6.47
N TYR A 40 -6.22 -38.64 7.13
CA TYR A 40 -6.80 -37.32 6.93
C TYR A 40 -5.68 -36.28 6.70
N GLU A 41 -6.04 -35.15 6.15
CA GLU A 41 -5.10 -34.04 6.04
C GLU A 41 -5.86 -32.75 5.99
N VAL A 42 -5.15 -31.64 6.15
CA VAL A 42 -5.76 -30.32 6.09
C VAL A 42 -5.21 -29.63 4.87
N ALA A 43 -6.11 -29.09 4.03
CA ALA A 43 -5.70 -28.39 2.81
C ALA A 43 -6.35 -27.00 2.75
N ALA A 44 -5.68 -26.06 2.10
CA ALA A 44 -6.24 -24.74 1.88
C ALA A 44 -7.26 -24.83 0.75
N ASP A 45 -8.34 -24.07 0.86
CA ASP A 45 -9.31 -24.04 -0.24
C ASP A 45 -9.73 -22.61 -0.46
N ASN A 46 -8.84 -21.81 -1.01
CA ASN A 46 -9.21 -20.42 -1.21
C ASN A 46 -9.62 -20.12 -2.64
N SER A 47 -9.64 -21.16 -3.49
CA SER A 47 -9.80 -20.94 -4.93
C SER A 47 -10.95 -21.77 -5.50
N VAL A 48 -11.28 -22.87 -4.86
CA VAL A 48 -12.23 -23.79 -5.49
C VAL A 48 -13.61 -23.75 -4.83
N GLY A 49 -13.65 -23.82 -3.51
CA GLY A 49 -14.92 -23.66 -2.84
C GLY A 49 -15.75 -24.94 -2.77
N ALA A 50 -15.14 -26.01 -2.27
CA ALA A 50 -15.79 -27.31 -2.15
C ALA A 50 -16.71 -27.35 -0.92
N GLY A 51 -17.75 -28.20 -0.98
CA GLY A 51 -18.74 -28.21 0.08
C GLY A 51 -18.67 -29.52 0.81
N PHE A 52 -19.55 -29.74 1.79
CA PHE A 52 -19.45 -30.96 2.59
C PHE A 52 -19.58 -32.22 1.77
N ASP A 53 -18.69 -33.19 2.03
CA ASP A 53 -18.80 -34.54 1.50
C ASP A 53 -18.55 -34.66 0.02
N GLU A 54 -18.15 -33.56 -0.63
CA GLU A 54 -17.67 -33.64 -1.99
C GLU A 54 -16.30 -34.32 -2.03
N TRP A 55 -16.03 -35.03 -3.14
CA TRP A 55 -14.71 -35.49 -3.51
C TRP A 55 -13.93 -34.40 -4.26
N VAL A 56 -12.67 -34.25 -3.92
CA VAL A 56 -11.86 -33.20 -4.49
C VAL A 56 -10.48 -33.79 -4.80
N LEU A 57 -9.71 -33.09 -5.64
CA LEU A 57 -8.31 -33.37 -5.84
C LEU A 57 -7.49 -32.42 -4.96
N ILE A 58 -6.47 -32.97 -4.33
CA ILE A 58 -5.52 -32.22 -3.51
C ILE A 58 -4.16 -32.22 -4.23
N SER A 59 -3.54 -31.05 -4.39
CA SER A 59 -2.17 -30.94 -4.84
C SER A 59 -1.32 -30.66 -3.62
N ARG A 60 -0.17 -31.34 -3.51
CA ARG A 60 0.68 -31.17 -2.31
C ARG A 60 2.04 -30.62 -2.67
N GLY A 61 2.73 -30.03 -1.69
CA GLY A 61 4.06 -29.48 -1.93
C GLY A 61 3.93 -28.09 -2.55
N SER A 62 4.97 -27.64 -3.24
CA SER A 62 4.99 -26.29 -3.86
C SER A 62 3.85 -26.09 -4.88
N ALA A 63 3.31 -27.17 -5.43
CA ALA A 63 2.13 -27.07 -6.29
C ALA A 63 1.02 -26.24 -5.58
N ALA A 64 0.90 -26.39 -4.27
CA ALA A 64 -0.22 -25.75 -3.58
C ALA A 64 -0.03 -24.27 -3.57
N ARG A 65 1.19 -23.82 -3.86
CA ARG A 65 1.47 -22.38 -3.80
C ARG A 65 1.28 -21.73 -5.16
N GLN A 66 0.93 -22.51 -6.18
CA GLN A 66 0.68 -21.89 -7.49
C GLN A 66 -0.71 -21.26 -7.60
N LEU A 67 -1.61 -21.59 -6.69
CA LEU A 67 -2.92 -20.93 -6.67
C LEU A 67 -2.67 -19.47 -6.37
N LEU A 68 -3.48 -18.57 -6.92
CA LEU A 68 -3.24 -17.13 -6.74
C LEU A 68 -3.34 -16.70 -5.27
N GLY A 69 -2.36 -15.93 -4.84
CA GLY A 69 -2.31 -15.49 -3.46
C GLY A 69 -1.51 -16.43 -2.56
N ASN A 70 -1.35 -17.69 -2.96
CA ASN A 70 -0.68 -18.69 -2.11
C ASN A 70 0.86 -18.68 -2.20
N GLU A 71 1.42 -17.85 -3.08
CA GLU A 71 2.82 -17.98 -3.49
C GLU A 71 3.81 -17.94 -2.34
N GLN A 72 3.56 -17.04 -1.41
CA GLN A 72 4.41 -16.85 -0.27
C GLN A 72 3.63 -17.18 1.01
N ARG A 73 2.65 -18.07 0.89
CA ARG A 73 1.93 -18.60 2.04
C ARG A 73 2.46 -20.00 2.36
N PRO A 74 2.41 -20.40 3.65
CA PRO A 74 2.98 -21.72 4.01
C PRO A 74 1.95 -22.80 3.95
N VAL A 75 1.56 -23.13 2.73
CA VAL A 75 0.57 -24.16 2.50
C VAL A 75 1.24 -25.23 1.65
N ASP A 76 1.04 -26.48 2.02
CA ASP A 76 1.67 -27.55 1.30
C ASP A 76 0.62 -28.50 0.79
N ALA A 77 -0.65 -28.08 0.89
CA ALA A 77 -1.80 -28.86 0.40
C ALA A 77 -2.95 -27.93 0.10
N ALA A 78 -3.48 -28.05 -1.12
CA ALA A 78 -4.55 -27.19 -1.61
C ALA A 78 -5.59 -28.00 -2.38
N VAL A 79 -6.86 -27.61 -2.23
CA VAL A 79 -7.92 -28.15 -3.07
C VAL A 79 -7.84 -27.51 -4.45
N VAL A 80 -7.75 -28.34 -5.51
CA VAL A 80 -7.60 -27.75 -6.83
C VAL A 80 -8.78 -28.03 -7.73
N ALA A 81 -9.59 -29.01 -7.36
CA ALA A 81 -10.71 -29.38 -8.23
C ALA A 81 -11.76 -30.13 -7.42
N ILE A 82 -13.02 -29.99 -7.81
CA ILE A 82 -14.09 -30.84 -7.30
C ILE A 82 -14.39 -31.90 -8.37
N ILE A 83 -14.42 -33.16 -7.97
CA ILE A 83 -14.63 -34.25 -8.92
C ILE A 83 -16.12 -34.47 -9.13
N ASP A 84 -16.53 -34.58 -10.41
CA ASP A 84 -17.87 -35.00 -10.76
C ASP A 84 -17.96 -36.51 -10.97
N THR A 85 -17.03 -37.02 -11.78
CA THR A 85 -17.02 -38.43 -12.12
C THR A 85 -15.59 -38.92 -12.24
N ILE A 86 -15.40 -40.19 -11.91
CA ILE A 86 -14.16 -40.89 -12.19
C ILE A 86 -14.56 -42.10 -13.04
N HIS A 87 -14.22 -42.08 -14.33
CA HIS A 87 -14.47 -43.22 -15.22
C HIS A 87 -13.36 -44.26 -15.04
N VAL A 88 -13.74 -45.53 -14.94
CA VAL A 88 -12.77 -46.60 -15.05
C VAL A 88 -13.26 -47.50 -16.18
N GLU A 89 -12.38 -47.82 -17.11
CA GLU A 89 -12.78 -48.33 -18.43
C GLU A 89 -13.96 -47.51 -19.00
N ASP A 90 -15.17 -48.05 -18.92
CA ASP A 90 -16.36 -47.25 -19.19
C ASP A 90 -17.37 -47.41 -18.04
N ARG A 91 -16.87 -47.86 -16.89
CA ARG A 91 -17.68 -48.05 -15.69
C ARG A 91 -17.29 -47.05 -14.61
N LEU A 92 -18.27 -46.54 -13.88
CA LEU A 92 -18.06 -45.41 -12.98
C LEU A 92 -17.55 -45.86 -11.63
N ILE A 93 -16.31 -45.53 -11.33
CA ILE A 93 -15.80 -45.69 -9.98
C ILE A 93 -16.55 -44.72 -9.06
N TYR A 94 -16.84 -43.53 -9.60
CA TYR A 94 -17.44 -42.48 -8.80
C TYR A 94 -18.29 -41.52 -9.63
N SER A 95 -19.37 -41.04 -9.00
CA SER A 95 -20.29 -40.09 -9.60
C SER A 95 -20.91 -39.23 -8.50
N LYS A 96 -20.82 -37.90 -8.64
CA LYS A 96 -21.27 -36.99 -7.59
C LYS A 96 -22.79 -36.99 -7.39
N LYS A 97 -23.55 -37.05 -8.47
CA LYS A 97 -25.01 -37.00 -8.35
C LYS A 97 -25.55 -38.17 -7.52
N ASP A 98 -24.95 -39.34 -7.68
CA ASP A 98 -25.28 -40.50 -6.86
C ASP A 98 -24.72 -40.34 -5.44
N GLN A 99 -23.40 -40.28 -5.32
CA GLN A 99 -22.75 -39.99 -4.03
C GLN A 99 -21.78 -38.83 -4.15
N MET B 1 11.23 -40.84 -10.86
CA MET B 1 9.97 -41.05 -11.57
C MET B 1 9.38 -42.45 -11.29
N GLN B 2 8.06 -42.59 -11.41
CA GLN B 2 7.45 -43.92 -11.20
C GLN B 2 6.76 -44.46 -12.44
N ILE B 3 6.83 -45.77 -12.64
CA ILE B 3 6.06 -46.42 -13.71
C ILE B 3 4.62 -46.60 -13.23
N ALA B 4 3.64 -46.33 -14.08
CA ALA B 4 2.21 -46.48 -13.74
C ALA B 4 1.38 -46.94 -14.95
N LYS B 5 0.17 -47.43 -14.68
CA LYS B 5 -0.79 -47.77 -15.75
C LYS B 5 -1.97 -46.81 -15.74
N VAL B 6 -2.40 -46.37 -16.92
CA VAL B 6 -3.60 -45.53 -17.02
C VAL B 6 -4.84 -46.36 -16.68
N ARG B 7 -5.48 -45.99 -15.58
CA ARG B 7 -6.57 -46.78 -15.08
C ARG B 7 -7.92 -46.08 -15.21
N GLY B 8 -7.91 -44.76 -15.32
CA GLY B 8 -9.16 -44.05 -15.45
C GLY B 8 -9.05 -42.58 -15.84
N THR B 9 -10.23 -41.98 -16.05
CA THR B 9 -10.35 -40.54 -16.26
C THR B 9 -11.03 -39.89 -15.04
N VAL B 10 -10.57 -38.70 -14.69
CA VAL B 10 -11.19 -37.90 -13.64
C VAL B 10 -11.75 -36.66 -14.32
N VAL B 11 -13.04 -36.39 -14.12
CA VAL B 11 -13.68 -35.22 -14.75
C VAL B 11 -14.13 -34.22 -13.70
N SER B 12 -13.74 -32.96 -13.88
CA SER B 12 -14.12 -31.92 -12.95
C SER B 12 -14.72 -30.77 -13.74
N THR B 13 -15.80 -30.16 -13.24
CA THR B 13 -16.33 -28.93 -13.87
C THR B 13 -16.10 -27.71 -12.97
N GLN B 14 -15.84 -27.94 -11.69
CA GLN B 14 -15.48 -26.85 -10.77
C GLN B 14 -14.06 -26.98 -10.29
N LYS B 15 -13.19 -26.04 -10.65
CA LYS B 15 -11.76 -26.24 -10.43
C LYS B 15 -11.07 -24.92 -10.47
N ASP B 16 -9.82 -24.92 -10.03
CA ASP B 16 -9.00 -23.71 -10.14
C ASP B 16 -8.84 -23.40 -11.60
N PRO B 17 -8.92 -22.11 -11.95
CA PRO B 17 -8.87 -21.72 -13.37
C PRO B 17 -7.61 -22.20 -14.10
N SER B 18 -6.50 -22.37 -13.39
CA SER B 18 -5.29 -22.81 -14.06
C SER B 18 -5.38 -24.30 -14.43
N LEU B 19 -6.48 -24.97 -14.07
CA LEU B 19 -6.66 -26.36 -14.43
C LEU B 19 -7.67 -26.54 -15.58
N ARG B 20 -8.24 -25.45 -16.08
CA ARG B 20 -9.17 -25.56 -17.23
C ARG B 20 -8.53 -26.27 -18.43
N GLY B 21 -9.19 -27.30 -18.95
CA GLY B 21 -8.73 -27.98 -20.15
C GLY B 21 -7.56 -28.95 -19.93
N VAL B 22 -7.06 -29.03 -18.71
CA VAL B 22 -6.04 -30.01 -18.37
C VAL B 22 -6.63 -31.41 -18.21
N LYS B 23 -6.17 -32.37 -19.00
CA LYS B 23 -6.69 -33.74 -18.90
C LYS B 23 -6.18 -34.39 -17.61
N LEU B 24 -7.10 -34.93 -16.80
CA LEU B 24 -6.77 -35.51 -15.51
C LEU B 24 -6.96 -37.02 -15.57
N LEU B 25 -5.85 -37.78 -15.47
CA LEU B 25 -5.90 -39.24 -15.54
C LEU B 25 -5.62 -39.90 -14.21
N LEU B 26 -6.36 -40.96 -13.90
CA LEU B 26 -6.07 -41.81 -12.74
C LEU B 26 -5.02 -42.86 -13.11
N LEU B 27 -3.87 -42.75 -12.45
CA LEU B 27 -2.71 -43.55 -12.72
C LEU B 27 -2.40 -44.39 -11.49
N GLN B 28 -2.30 -45.70 -11.69
CA GLN B 28 -2.01 -46.60 -10.58
C GLN B 28 -0.60 -47.14 -10.76
N LEU B 29 0.22 -46.99 -9.72
CA LEU B 29 1.63 -47.35 -9.83
C LEU B 29 1.77 -48.87 -9.99
N VAL B 30 2.85 -49.32 -10.61
CA VAL B 30 3.06 -50.76 -10.71
C VAL B 30 4.46 -51.05 -10.19
N ASP B 31 4.70 -52.30 -9.82
CA ASP B 31 6.02 -52.70 -9.39
C ASP B 31 6.83 -52.98 -10.64
N GLU B 32 7.96 -53.66 -10.49
CA GLU B 32 8.87 -53.89 -11.58
C GLU B 32 8.36 -54.94 -12.59
N GLU B 33 7.44 -55.80 -12.16
CA GLU B 33 6.84 -56.80 -13.04
C GLU B 33 5.52 -56.31 -13.65
N GLY B 34 5.10 -55.11 -13.30
CA GLY B 34 3.89 -54.57 -13.88
C GLY B 34 2.64 -54.92 -13.07
N ASN B 35 2.83 -55.51 -11.91
CA ASN B 35 1.71 -55.73 -11.00
C ASN B 35 1.22 -54.41 -10.43
N LEU B 36 -0.07 -54.14 -10.50
CA LEU B 36 -0.60 -52.93 -9.91
C LEU B 36 -0.43 -52.88 -8.38
N LEU B 37 -0.04 -51.71 -7.89
CA LEU B 37 0.11 -51.45 -6.45
C LEU B 37 -1.04 -50.63 -5.88
N GLN B 38 -1.17 -50.64 -4.55
CA GLN B 38 -2.10 -49.74 -3.84
C GLN B 38 -1.58 -48.32 -3.63
N LYS B 39 -1.12 -47.68 -4.69
CA LYS B 39 -0.81 -46.25 -4.68
C LYS B 39 -1.11 -45.73 -6.06
N TYR B 40 -1.46 -44.44 -6.12
CA TYR B 40 -1.89 -43.86 -7.38
C TYR B 40 -1.59 -42.38 -7.38
N GLU B 41 -1.73 -41.77 -8.54
CA GLU B 41 -1.71 -40.32 -8.63
C GLU B 41 -2.79 -40.00 -9.62
N VAL B 42 -3.48 -38.88 -9.39
CA VAL B 42 -4.23 -38.27 -10.46
C VAL B 42 -3.24 -37.31 -11.07
N ALA B 43 -2.99 -37.51 -12.36
CA ALA B 43 -1.94 -36.77 -13.00
C ALA B 43 -2.46 -35.99 -14.17
N ALA B 44 -1.78 -34.87 -14.44
CA ALA B 44 -2.10 -34.04 -15.63
C ALA B 44 -1.51 -34.75 -16.83
N ASP B 45 -2.20 -34.70 -17.97
CA ASP B 45 -1.70 -35.33 -19.19
C ASP B 45 -2.02 -34.46 -20.40
N ASN B 46 -1.42 -33.29 -20.49
CA ASN B 46 -1.68 -32.47 -21.68
C ASN B 46 -0.60 -32.69 -22.72
N SER B 47 0.61 -32.93 -22.26
CA SER B 47 1.75 -33.10 -23.13
C SER B 47 1.60 -34.41 -23.89
N VAL B 48 1.60 -35.52 -23.17
CA VAL B 48 1.86 -36.80 -23.81
C VAL B 48 0.64 -37.48 -24.45
N GLY B 49 -0.48 -37.51 -23.76
CA GLY B 49 -1.69 -38.10 -24.32
C GLY B 49 -1.65 -39.62 -24.28
N ALA B 50 -1.61 -40.16 -23.06
CA ALA B 50 -1.55 -41.59 -22.86
C ALA B 50 -2.97 -42.12 -22.89
N GLY B 51 -3.14 -43.36 -23.30
CA GLY B 51 -4.46 -43.97 -23.35
C GLY B 51 -4.59 -45.11 -22.34
N PHE B 52 -5.80 -45.62 -22.19
CA PHE B 52 -6.10 -46.67 -21.20
C PHE B 52 -5.18 -47.90 -21.27
N ASP B 53 -4.87 -48.45 -20.09
CA ASP B 53 -3.99 -49.61 -19.95
C ASP B 53 -2.52 -49.38 -20.26
N GLU B 54 -2.21 -48.32 -21.01
CA GLU B 54 -0.83 -47.98 -21.35
C GLU B 54 0.04 -47.75 -20.11
N TRP B 55 1.29 -48.20 -20.21
CA TRP B 55 2.32 -47.87 -19.22
C TRP B 55 2.87 -46.48 -19.51
N VAL B 56 3.04 -45.69 -18.45
CA VAL B 56 3.55 -44.33 -18.55
C VAL B 56 4.56 -44.07 -17.44
N LEU B 57 5.35 -43.01 -17.60
CA LEU B 57 6.22 -42.56 -16.50
C LEU B 57 5.63 -41.34 -15.88
N ILE B 58 5.60 -41.26 -14.55
CA ILE B 58 5.05 -40.07 -13.89
C ILE B 58 6.19 -39.34 -13.16
N SER B 59 6.25 -38.03 -13.31
CA SER B 59 7.15 -37.27 -12.45
C SER B 59 6.25 -36.55 -11.47
N ARG B 60 6.72 -36.43 -10.24
CA ARG B 60 5.92 -35.92 -9.11
C ARG B 60 6.57 -34.65 -8.51
N GLY B 61 5.81 -33.93 -7.68
CA GLY B 61 6.38 -32.72 -7.08
C GLY B 61 6.58 -31.65 -8.15
N SER B 62 7.51 -30.73 -7.92
CA SER B 62 7.61 -29.55 -8.79
C SER B 62 8.11 -29.93 -10.16
N ALA B 63 8.69 -31.15 -10.30
CA ALA B 63 9.05 -31.64 -11.63
C ALA B 63 7.85 -31.60 -12.61
N ALA B 64 6.66 -31.80 -12.07
CA ALA B 64 5.45 -31.88 -12.89
C ALA B 64 5.14 -30.55 -13.57
N ARG B 65 5.67 -29.45 -13.02
CA ARG B 65 5.44 -28.12 -13.56
C ARG B 65 6.44 -27.72 -14.64
N GLN B 66 7.43 -28.56 -14.86
CA GLN B 66 8.43 -28.26 -15.88
C GLN B 66 7.96 -28.51 -17.32
N LEU B 67 6.84 -29.20 -17.51
CA LEU B 67 6.31 -29.36 -18.88
C LEU B 67 5.77 -28.02 -19.34
N LEU B 68 6.06 -27.63 -20.59
CA LEU B 68 5.57 -26.37 -21.14
C LEU B 68 4.08 -26.22 -20.89
N GLY B 69 3.70 -25.12 -20.25
CA GLY B 69 2.30 -24.89 -19.97
C GLY B 69 1.92 -25.18 -18.53
N ASN B 70 2.62 -26.13 -17.89
CA ASN B 70 2.33 -26.46 -16.50
C ASN B 70 3.01 -25.52 -15.52
N GLU B 71 3.81 -24.59 -16.03
CA GLU B 71 4.71 -23.81 -15.17
C GLU B 71 4.04 -23.19 -13.92
N GLN B 72 2.85 -22.60 -14.07
CA GLN B 72 2.17 -22.04 -12.90
C GLN B 72 0.89 -22.76 -12.56
N ARG B 73 0.78 -24.03 -12.93
CA ARG B 73 -0.39 -24.85 -12.62
C ARG B 73 -0.13 -25.62 -11.33
N PRO B 74 -1.12 -25.69 -10.46
CA PRO B 74 -1.02 -26.40 -9.18
C PRO B 74 -1.05 -27.91 -9.42
N VAL B 75 -0.06 -28.46 -10.12
CA VAL B 75 -0.08 -29.90 -10.40
C VAL B 75 1.17 -30.49 -9.83
N ASP B 76 1.04 -31.67 -9.23
CA ASP B 76 2.17 -32.31 -8.53
C ASP B 76 2.40 -33.72 -9.08
N ALA B 77 1.73 -34.03 -10.19
CA ALA B 77 1.97 -35.27 -10.91
C ALA B 77 1.64 -35.05 -12.38
N ALA B 78 2.47 -35.58 -13.28
CA ALA B 78 2.24 -35.46 -14.70
C ALA B 78 2.78 -36.66 -15.47
N VAL B 79 2.10 -37.03 -16.54
CA VAL B 79 2.64 -38.04 -17.45
C VAL B 79 3.73 -37.39 -18.27
N VAL B 80 4.94 -37.95 -18.27
CA VAL B 80 6.03 -37.34 -19.03
C VAL B 80 6.51 -38.23 -20.19
N ALA B 81 6.01 -39.47 -20.22
CA ALA B 81 6.47 -40.42 -21.21
C ALA B 81 5.61 -41.66 -21.21
N ILE B 82 5.49 -42.27 -22.39
CA ILE B 82 4.90 -43.59 -22.52
C ILE B 82 6.02 -44.59 -22.67
N ILE B 83 6.02 -45.62 -21.84
CA ILE B 83 7.08 -46.63 -21.92
C ILE B 83 6.86 -47.59 -23.08
N ASP B 84 7.92 -47.79 -23.87
CA ASP B 84 7.94 -48.79 -24.92
C ASP B 84 8.58 -50.04 -24.35
N THR B 85 9.85 -49.92 -23.97
CA THR B 85 10.54 -51.04 -23.33
C THR B 85 11.33 -50.68 -22.07
N ILE B 86 11.59 -51.73 -21.29
CA ILE B 86 12.49 -51.70 -20.15
C ILE B 86 13.46 -52.87 -20.30
N HIS B 87 14.70 -52.56 -20.65
CA HIS B 87 15.73 -53.58 -20.65
C HIS B 87 16.20 -53.77 -19.22
N VAL B 88 16.03 -54.99 -18.69
CA VAL B 88 16.90 -55.44 -17.62
C VAL B 88 17.99 -56.12 -18.42
N GLU B 89 18.70 -55.31 -19.22
CA GLU B 89 19.60 -55.74 -20.30
C GLU B 89 19.04 -56.78 -21.29
N ASP B 90 19.82 -57.82 -21.58
CA ASP B 90 19.40 -58.89 -22.49
C ASP B 90 18.06 -59.55 -22.09
N ARG B 91 17.67 -59.36 -20.83
CA ARG B 91 16.37 -59.82 -20.31
C ARG B 91 15.36 -58.67 -20.43
N LEU B 92 14.18 -58.97 -20.96
CA LEU B 92 13.18 -57.93 -21.25
C LEU B 92 11.97 -58.00 -20.33
N ILE B 93 11.78 -56.99 -19.50
CA ILE B 93 10.66 -57.02 -18.57
C ILE B 93 9.43 -56.24 -19.08
N TYR B 94 9.58 -55.50 -20.19
CA TYR B 94 8.44 -54.89 -20.89
C TYR B 94 8.70 -54.48 -22.34
N SER B 95 7.66 -54.49 -23.19
CA SER B 95 7.81 -54.08 -24.60
C SER B 95 6.58 -53.49 -25.32
N LYS B 96 5.51 -53.23 -24.58
CA LYS B 96 4.36 -52.47 -25.12
C LYS B 96 3.56 -53.17 -26.26
N MET C 1 19.23 -38.41 0.18
CA MET C 1 19.64 -39.29 -0.91
C MET C 1 19.48 -40.76 -0.53
N GLN C 2 19.21 -41.59 -1.55
CA GLN C 2 19.00 -43.01 -1.35
C GLN C 2 20.09 -43.82 -2.02
N ILE C 3 20.32 -45.02 -1.53
CA ILE C 3 21.23 -45.94 -2.17
C ILE C 3 20.40 -46.89 -3.03
N ALA C 4 20.81 -47.07 -4.28
CA ALA C 4 20.10 -47.93 -5.21
C ALA C 4 21.05 -48.72 -6.09
N LYS C 5 20.52 -49.74 -6.72
CA LYS C 5 21.30 -50.56 -7.63
C LYS C 5 20.68 -50.47 -9.03
N VAL C 6 21.52 -50.27 -10.03
CA VAL C 6 21.06 -50.17 -11.41
C VAL C 6 20.53 -51.51 -11.93
N ARG C 7 19.23 -51.57 -12.18
CA ARG C 7 18.61 -52.84 -12.56
C ARG C 7 18.22 -52.89 -14.03
N GLY C 8 18.18 -51.73 -14.69
CA GLY C 8 17.89 -51.73 -16.11
C GLY C 8 17.84 -50.37 -16.76
N THR C 9 17.32 -50.31 -17.99
CA THR C 9 17.11 -49.06 -18.70
C THR C 9 15.67 -48.95 -19.21
N VAL C 10 15.04 -47.80 -18.97
CA VAL C 10 13.68 -47.53 -19.46
C VAL C 10 13.74 -46.83 -20.82
N VAL C 11 13.14 -47.45 -21.83
CA VAL C 11 13.12 -46.91 -23.18
C VAL C 11 11.74 -46.35 -23.56
N SER C 12 11.73 -45.10 -24.00
CA SER C 12 10.52 -44.43 -24.43
C SER C 12 10.73 -43.65 -25.72
N THR C 13 9.80 -43.81 -26.67
CA THR C 13 9.81 -43.06 -27.92
C THR C 13 8.79 -41.93 -27.93
N GLN C 14 7.69 -42.09 -27.17
CA GLN C 14 6.66 -41.04 -27.06
C GLN C 14 6.78 -40.40 -25.68
N LYS C 15 7.26 -39.17 -25.65
CA LYS C 15 7.55 -38.49 -24.38
C LYS C 15 7.61 -36.99 -24.55
N ASP C 16 7.62 -36.26 -23.44
CA ASP C 16 7.74 -34.84 -23.52
C ASP C 16 9.10 -34.49 -24.13
N PRO C 17 9.12 -33.52 -25.05
CA PRO C 17 10.33 -33.01 -25.70
C PRO C 17 11.39 -32.62 -24.67
N SER C 18 10.94 -32.26 -23.48
CA SER C 18 11.86 -31.86 -22.42
C SER C 18 12.68 -33.05 -21.93
N LEU C 19 12.32 -34.25 -22.38
CA LEU C 19 13.00 -35.49 -21.98
C LEU C 19 13.84 -36.15 -23.08
N ARG C 20 13.91 -35.54 -24.26
CA ARG C 20 14.68 -36.15 -25.35
C ARG C 20 16.15 -36.08 -25.00
N GLY C 21 16.90 -37.13 -25.35
CA GLY C 21 18.30 -37.21 -25.00
C GLY C 21 18.57 -37.48 -23.52
N VAL C 22 17.54 -37.75 -22.74
CA VAL C 22 17.73 -38.09 -21.33
C VAL C 22 17.66 -39.59 -21.03
N LYS C 23 18.81 -40.17 -20.67
CA LYS C 23 18.95 -41.56 -20.27
C LYS C 23 18.20 -41.84 -18.97
N LEU C 24 17.31 -42.84 -19.01
CA LEU C 24 16.49 -43.20 -17.88
C LEU C 24 16.85 -44.62 -17.44
N LEU C 25 17.21 -44.79 -16.16
CA LEU C 25 17.56 -46.10 -15.63
C LEU C 25 16.48 -46.52 -14.66
N LEU C 26 16.27 -47.83 -14.60
CA LEU C 26 15.44 -48.43 -13.56
C LEU C 26 16.38 -48.78 -12.41
N LEU C 27 16.06 -48.31 -11.22
CA LEU C 27 16.89 -48.52 -10.04
C LEU C 27 16.14 -49.27 -8.95
N GLN C 28 16.81 -50.24 -8.32
CA GLN C 28 16.22 -51.02 -7.24
C GLN C 28 16.76 -50.43 -5.94
N LEU C 29 15.87 -49.99 -5.07
CA LEU C 29 16.33 -49.41 -3.82
C LEU C 29 16.92 -50.48 -2.89
N VAL C 30 17.88 -50.06 -2.07
CA VAL C 30 18.54 -50.93 -1.12
C VAL C 30 18.38 -50.39 0.29
N ASP C 31 18.33 -51.24 1.30
CA ASP C 31 18.41 -50.70 2.66
C ASP C 31 19.87 -50.74 3.15
N GLU C 32 20.08 -50.71 4.46
CA GLU C 32 21.39 -50.88 5.08
C GLU C 32 22.21 -52.06 4.53
N GLU C 33 22.02 -53.24 5.10
CA GLU C 33 22.82 -54.45 4.81
C GLU C 33 23.26 -54.70 3.35
N GLY C 34 22.67 -53.97 2.41
CA GLY C 34 22.96 -54.18 1.00
C GLY C 34 21.84 -54.92 0.30
N ASN C 35 20.82 -55.29 1.07
CA ASN C 35 19.71 -56.05 0.54
C ASN C 35 18.81 -55.26 -0.36
N LEU C 36 18.61 -55.80 -1.54
CA LEU C 36 17.72 -55.19 -2.49
C LEU C 36 16.35 -55.20 -1.86
N LEU C 37 15.58 -54.16 -2.12
CA LEU C 37 14.17 -54.18 -1.76
C LEU C 37 13.39 -54.46 -3.04
N GLN C 38 12.20 -55.03 -2.91
CA GLN C 38 11.25 -55.09 -4.03
C GLN C 38 10.55 -53.72 -4.10
N LYS C 39 11.35 -52.69 -4.33
CA LYS C 39 10.88 -51.31 -4.49
C LYS C 39 11.74 -50.62 -5.55
N TYR C 40 11.13 -50.28 -6.68
CA TYR C 40 11.91 -49.78 -7.80
C TYR C 40 11.52 -48.36 -8.18
N GLU C 41 12.47 -47.62 -8.76
CA GLU C 41 12.19 -46.31 -9.37
C GLU C 41 13.03 -45.98 -10.62
N VAL C 42 12.64 -44.89 -11.29
CA VAL C 42 13.23 -44.55 -12.57
C VAL C 42 13.90 -43.19 -12.43
N ALA C 43 15.19 -43.13 -12.74
CA ALA C 43 15.92 -41.89 -12.53
C ALA C 43 16.75 -41.54 -13.72
N ALA C 44 17.00 -40.24 -13.85
CA ALA C 44 17.81 -39.73 -14.94
C ALA C 44 19.29 -39.91 -14.62
N ASP C 45 20.08 -40.26 -15.64
CA ASP C 45 21.52 -40.28 -15.49
C ASP C 45 22.23 -39.88 -16.78
N ASN C 46 22.37 -38.58 -16.99
CA ASN C 46 23.07 -38.07 -18.17
C ASN C 46 24.40 -37.46 -17.78
N SER C 47 24.74 -37.59 -16.49
CA SER C 47 25.89 -36.90 -15.92
C SER C 47 26.88 -37.84 -15.22
N VAL C 48 26.44 -39.05 -14.89
CA VAL C 48 27.29 -40.04 -14.24
C VAL C 48 27.49 -41.29 -15.11
N GLY C 49 26.43 -41.72 -15.79
CA GLY C 49 26.51 -42.86 -16.68
C GLY C 49 26.87 -44.14 -15.96
N ALA C 50 26.19 -44.38 -14.85
CA ALA C 50 26.34 -45.62 -14.08
C ALA C 50 25.96 -46.83 -14.92
N GLY C 51 26.62 -47.96 -14.69
CA GLY C 51 26.33 -49.17 -15.45
C GLY C 51 25.60 -50.22 -14.62
N PHE C 52 25.40 -51.39 -15.20
CA PHE C 52 24.64 -52.44 -14.54
C PHE C 52 25.29 -52.95 -13.25
N ASP C 53 24.44 -53.15 -12.24
CA ASP C 53 24.85 -53.67 -10.94
C ASP C 53 25.65 -52.68 -10.07
N GLU C 54 25.92 -51.50 -10.62
CA GLU C 54 26.55 -50.45 -9.84
C GLU C 54 25.61 -49.93 -8.75
N TRP C 55 26.16 -49.74 -7.55
CA TRP C 55 25.44 -49.05 -6.50
C TRP C 55 25.61 -47.55 -6.74
N VAL C 56 24.49 -46.82 -6.70
CA VAL C 56 24.48 -45.39 -6.92
C VAL C 56 23.75 -44.63 -5.81
N LEU C 57 24.04 -43.33 -5.70
CA LEU C 57 23.21 -42.40 -4.90
C LEU C 57 22.19 -41.76 -5.80
N ILE C 58 20.97 -41.62 -5.29
CA ILE C 58 19.85 -41.02 -6.03
C ILE C 58 19.44 -39.78 -5.28
N SER C 59 19.34 -38.64 -5.98
CA SER C 59 18.69 -37.48 -5.38
C SER C 59 17.27 -37.32 -5.92
N ARG C 60 16.32 -36.96 -5.04
CA ARG C 60 14.93 -36.85 -5.43
C ARG C 60 14.36 -35.42 -5.29
N GLY C 61 13.23 -35.15 -5.97
CA GLY C 61 12.57 -33.86 -5.89
C GLY C 61 13.40 -32.89 -6.73
N SER C 62 13.37 -31.62 -6.33
CA SER C 62 13.97 -30.55 -7.12
C SER C 62 15.50 -30.58 -7.06
N ALA C 63 16.06 -31.24 -6.03
CA ALA C 63 17.50 -31.49 -6.02
C ALA C 63 17.94 -32.09 -7.37
N ALA C 64 17.12 -32.99 -7.91
CA ALA C 64 17.43 -33.64 -9.21
C ALA C 64 17.53 -32.67 -10.41
N ARG C 65 16.98 -31.47 -10.23
CA ARG C 65 17.07 -30.47 -11.27
C ARG C 65 18.29 -29.58 -11.13
N GLN C 66 19.19 -29.91 -10.19
CA GLN C 66 20.39 -29.10 -10.02
C GLN C 66 21.56 -29.60 -10.89
N LEU C 67 21.40 -30.78 -11.49
CA LEU C 67 22.41 -31.28 -12.43
C LEU C 67 22.36 -30.45 -13.68
N LEU C 68 23.53 -30.18 -14.27
CA LEU C 68 23.64 -29.47 -15.53
C LEU C 68 22.60 -29.92 -16.56
N GLY C 69 21.75 -28.99 -16.97
CA GLY C 69 20.81 -29.24 -18.06
C GLY C 69 19.56 -29.98 -17.65
N ASN C 70 19.35 -30.20 -16.35
CA ASN C 70 18.11 -30.79 -15.86
C ASN C 70 17.17 -29.72 -15.37
N GLU C 71 17.59 -28.46 -15.48
CA GLU C 71 16.92 -27.33 -14.81
C GLU C 71 15.43 -27.10 -15.14
N GLN C 72 15.06 -27.24 -16.41
CA GLN C 72 13.68 -27.04 -16.86
C GLN C 72 13.13 -28.35 -17.40
N ARG C 73 13.63 -29.47 -16.89
CA ARG C 73 13.15 -30.80 -17.25
C ARG C 73 12.39 -31.45 -16.09
N PRO C 74 11.33 -32.22 -16.39
CA PRO C 74 10.45 -32.84 -15.40
C PRO C 74 11.09 -34.09 -14.77
N VAL C 75 12.25 -33.90 -14.14
CA VAL C 75 12.96 -35.01 -13.49
C VAL C 75 12.88 -34.82 -11.98
N ASP C 76 12.46 -35.84 -11.27
CA ASP C 76 12.26 -35.80 -9.82
C ASP C 76 13.16 -36.86 -9.16
N ALA C 77 14.06 -37.44 -9.94
CA ALA C 77 15.00 -38.43 -9.43
C ALA C 77 16.17 -38.48 -10.38
N ALA C 78 17.39 -38.39 -9.84
CA ALA C 78 18.56 -38.44 -10.69
C ALA C 78 19.73 -39.16 -10.03
N VAL C 79 20.56 -39.84 -10.82
CA VAL C 79 21.78 -40.44 -10.28
C VAL C 79 22.87 -39.36 -10.10
N VAL C 80 23.38 -39.20 -8.88
CA VAL C 80 24.35 -38.12 -8.60
C VAL C 80 25.75 -38.63 -8.29
N ALA C 81 25.82 -39.91 -7.91
CA ALA C 81 27.11 -40.52 -7.57
C ALA C 81 27.12 -42.01 -7.79
N ILE C 82 28.29 -42.54 -8.15
CA ILE C 82 28.58 -43.97 -8.05
C ILE C 82 29.31 -44.21 -6.70
N ILE C 83 28.79 -45.09 -5.85
CA ILE C 83 29.22 -45.14 -4.45
C ILE C 83 30.43 -45.97 -4.29
N ASP C 84 31.60 -45.45 -3.96
CA ASP C 84 32.76 -46.35 -3.95
C ASP C 84 32.77 -47.36 -2.83
N THR C 85 32.54 -46.88 -1.62
CA THR C 85 32.51 -47.74 -0.45
C THR C 85 31.57 -47.11 0.58
N ILE C 86 31.22 -47.88 1.60
CA ILE C 86 30.40 -47.36 2.70
C ILE C 86 31.04 -47.70 4.06
N HIS C 87 31.89 -46.81 4.57
CA HIS C 87 32.62 -47.06 5.81
C HIS C 87 31.77 -46.91 7.09
N VAL C 88 31.74 -47.94 7.93
CA VAL C 88 30.96 -47.94 9.17
C VAL C 88 31.83 -48.30 10.39
N GLU C 89 31.74 -47.50 11.46
CA GLU C 89 32.73 -47.52 12.57
C GLU C 89 34.14 -47.84 12.10
N ASP C 90 34.69 -48.94 12.61
CA ASP C 90 35.72 -49.66 11.91
C ASP C 90 35.19 -51.03 11.47
N ARG C 91 34.28 -50.97 10.50
CA ARG C 91 33.91 -52.08 9.64
C ARG C 91 34.06 -51.43 8.27
N LEU C 92 33.38 -51.96 7.25
CA LEU C 92 33.23 -51.34 5.93
C LEU C 92 32.42 -52.31 5.06
N ILE C 93 31.22 -51.88 4.68
CA ILE C 93 30.16 -52.81 4.31
C ILE C 93 29.90 -52.98 2.81
N TYR C 94 30.52 -52.12 2.01
CA TYR C 94 30.44 -52.25 0.56
C TYR C 94 31.71 -51.68 -0.09
N SER C 95 32.05 -52.17 -1.28
CA SER C 95 33.28 -51.78 -1.98
C SER C 95 33.28 -52.29 -3.44
N LYS C 96 33.01 -51.40 -4.42
CA LYS C 96 33.07 -51.66 -5.88
C LYS C 96 33.95 -52.80 -6.23
N LYS C 97 35.13 -52.60 -5.68
CA LYS C 97 36.29 -53.42 -5.82
C LYS C 97 35.86 -54.87 -5.80
N ASP C 98 35.28 -55.30 -4.69
CA ASP C 98 34.92 -56.70 -4.54
C ASP C 98 33.83 -57.13 -5.54
N GLN C 99 32.61 -56.66 -5.30
CA GLN C 99 31.47 -56.92 -6.19
C GLN C 99 31.80 -56.72 -7.67
N MET D 1 11.89 -31.54 10.37
CA MET D 1 13.20 -32.23 10.32
C MET D 1 13.09 -33.53 11.08
N GLN D 2 13.96 -34.49 10.73
CA GLN D 2 14.00 -35.78 11.42
C GLN D 2 15.23 -35.91 12.32
N ILE D 3 15.11 -36.78 13.31
CA ILE D 3 16.23 -37.12 14.17
C ILE D 3 16.87 -38.35 13.52
N ALA D 4 18.19 -38.46 13.59
CA ALA D 4 18.87 -39.61 13.01
C ALA D 4 20.18 -39.76 13.73
N LYS D 5 20.83 -40.90 13.51
CA LYS D 5 22.09 -41.22 14.14
C LYS D 5 23.13 -41.44 13.03
N VAL D 6 24.29 -40.82 13.19
CA VAL D 6 25.35 -40.96 12.19
C VAL D 6 25.89 -42.38 12.29
N ARG D 7 25.72 -43.16 11.23
CA ARG D 7 26.22 -44.53 11.24
C ARG D 7 27.15 -44.84 10.08
N GLY D 8 28.06 -43.90 9.80
CA GLY D 8 29.10 -44.11 8.81
C GLY D 8 29.21 -43.08 7.71
N THR D 9 30.17 -43.29 6.82
CA THR D 9 30.40 -42.37 5.70
C THR D 9 30.24 -43.07 4.33
N VAL D 10 29.78 -42.34 3.33
CA VAL D 10 29.68 -42.86 1.97
C VAL D 10 30.73 -42.19 1.09
N VAL D 11 31.57 -42.98 0.43
CA VAL D 11 32.64 -42.40 -0.37
C VAL D 11 32.43 -42.62 -1.87
N SER D 12 32.44 -41.53 -2.62
CA SER D 12 32.29 -41.58 -4.07
C SER D 12 33.41 -40.84 -4.77
N THR D 13 34.04 -41.48 -5.75
CA THR D 13 35.00 -40.80 -6.61
C THR D 13 34.38 -40.36 -7.93
N GLN D 14 33.43 -41.14 -8.42
CA GLN D 14 32.69 -40.81 -9.64
C GLN D 14 31.31 -40.23 -9.29
N LYS D 15 31.18 -38.90 -9.36
CA LYS D 15 29.95 -38.20 -8.97
C LYS D 15 29.82 -36.88 -9.74
N ASP D 16 28.63 -36.27 -9.70
CA ASP D 16 28.44 -34.99 -10.40
C ASP D 16 29.39 -33.96 -9.84
N PRO D 17 29.99 -33.13 -10.72
CA PRO D 17 31.04 -32.20 -10.26
C PRO D 17 30.60 -31.36 -9.06
N SER D 18 29.30 -31.09 -8.95
CA SER D 18 28.74 -30.32 -7.83
C SER D 18 29.00 -30.94 -6.46
N LEU D 19 29.12 -32.26 -6.43
CA LEU D 19 29.21 -32.97 -5.16
C LEU D 19 30.66 -33.10 -4.73
N ARG D 20 31.58 -32.54 -5.51
CA ARG D 20 33.00 -32.61 -5.19
C ARG D 20 33.25 -31.90 -3.86
N GLY D 21 33.95 -32.56 -2.94
CA GLY D 21 34.18 -32.01 -1.62
C GLY D 21 33.06 -32.15 -0.60
N VAL D 22 31.86 -32.54 -1.05
CA VAL D 22 30.74 -32.72 -0.15
C VAL D 22 30.84 -34.03 0.64
N LYS D 23 30.94 -33.93 1.98
CA LYS D 23 30.99 -35.14 2.77
C LYS D 23 29.60 -35.74 2.88
N LEU D 24 29.49 -37.04 2.65
CA LEU D 24 28.17 -37.66 2.70
C LEU D 24 28.12 -38.72 3.77
N LEU D 25 27.12 -38.63 4.64
CA LEU D 25 27.02 -39.52 5.79
C LEU D 25 25.85 -40.46 5.61
N LEU D 26 26.02 -41.69 6.07
CA LEU D 26 24.95 -42.64 6.16
C LEU D 26 24.29 -42.46 7.53
N LEU D 27 23.02 -42.08 7.52
CA LEU D 27 22.27 -41.78 8.72
C LEU D 27 21.15 -42.79 8.92
N GLN D 28 21.05 -43.31 10.14
CA GLN D 28 19.94 -44.20 10.52
C GLN D 28 18.83 -43.36 11.16
N LEU D 29 17.62 -43.44 10.63
CA LEU D 29 16.53 -42.61 11.16
C LEU D 29 16.05 -43.11 12.52
N VAL D 30 15.57 -42.18 13.34
CA VAL D 30 15.17 -42.45 14.71
C VAL D 30 13.69 -42.14 14.85
N ASP D 31 12.95 -42.96 15.58
CA ASP D 31 11.53 -42.65 15.73
C ASP D 31 11.23 -41.65 16.86
N GLU D 32 9.95 -41.42 17.09
CA GLU D 32 9.54 -40.38 18.02
C GLU D 32 9.99 -40.69 19.44
N GLU D 33 9.92 -41.97 19.81
CA GLU D 33 10.27 -42.43 21.17
C GLU D 33 11.77 -42.61 21.38
N GLY D 34 12.57 -42.33 20.36
CA GLY D 34 14.02 -42.54 20.46
C GLY D 34 14.60 -43.88 19.97
N ASN D 35 13.80 -44.69 19.29
CA ASN D 35 14.29 -45.98 18.77
C ASN D 35 14.85 -45.84 17.36
N LEU D 36 15.92 -46.59 17.08
CA LEU D 36 16.50 -46.57 15.73
C LEU D 36 15.60 -47.36 14.81
N LEU D 37 15.53 -46.96 13.55
CA LEU D 37 14.73 -47.67 12.57
C LEU D 37 15.65 -48.46 11.65
N GLN D 38 15.12 -49.51 11.05
CA GLN D 38 15.82 -50.16 9.94
C GLN D 38 15.43 -49.40 8.67
N LYS D 39 16.19 -48.34 8.42
CA LYS D 39 15.84 -47.31 7.45
C LYS D 39 16.96 -46.27 7.47
N TYR D 40 17.76 -46.24 6.40
CA TYR D 40 18.97 -45.42 6.33
C TYR D 40 18.92 -44.36 5.22
N GLU D 41 19.27 -43.10 5.55
CA GLU D 41 19.37 -41.97 4.60
C GLU D 41 20.82 -41.55 4.34
N VAL D 42 21.10 -41.01 3.16
CA VAL D 42 22.43 -40.42 2.91
C VAL D 42 22.37 -38.90 2.85
N ALA D 43 23.09 -38.22 3.73
CA ALA D 43 22.89 -36.78 3.78
C ALA D 43 24.20 -36.02 3.70
N ALA D 44 24.16 -34.84 3.09
CA ALA D 44 25.33 -34.00 3.04
C ALA D 44 25.63 -33.49 4.43
N ASP D 45 26.90 -33.39 4.77
CA ASP D 45 27.25 -32.77 6.03
C ASP D 45 28.50 -31.95 5.82
N ASN D 46 28.35 -30.84 5.11
CA ASN D 46 29.49 -30.02 4.74
C ASN D 46 29.56 -28.87 5.69
N SER D 47 28.52 -28.74 6.50
CA SER D 47 28.32 -27.53 7.28
C SER D 47 28.43 -27.72 8.80
N VAL D 48 27.85 -28.79 9.32
CA VAL D 48 27.79 -28.98 10.77
C VAL D 48 28.89 -29.94 11.26
N GLY D 49 29.34 -30.83 10.39
CA GLY D 49 30.47 -31.71 10.71
C GLY D 49 30.16 -32.60 11.88
N ALA D 50 29.28 -33.57 11.66
CA ALA D 50 28.77 -34.40 12.74
C ALA D 50 29.55 -35.69 12.78
N GLY D 51 29.77 -36.19 13.99
CA GLY D 51 30.66 -37.32 14.19
C GLY D 51 29.94 -38.65 14.25
N PHE D 52 30.71 -39.71 14.30
CA PHE D 52 30.18 -41.06 14.38
C PHE D 52 29.35 -41.26 15.66
N ASP D 53 28.13 -41.77 15.47
CA ASP D 53 27.17 -42.08 16.55
C ASP D 53 26.42 -40.89 17.17
N GLU D 54 26.83 -39.67 16.85
CA GLU D 54 26.05 -38.51 17.25
C GLU D 54 24.63 -38.56 16.67
N TRP D 55 23.69 -37.95 17.38
CA TRP D 55 22.33 -37.79 16.89
C TRP D 55 22.24 -36.43 16.23
N VAL D 56 21.48 -36.32 15.14
CA VAL D 56 21.49 -35.08 14.38
C VAL D 56 20.08 -34.78 13.87
N LEU D 57 19.82 -33.52 13.55
CA LEU D 57 18.58 -33.16 12.85
C LEU D 57 18.88 -33.09 11.35
N ILE D 58 18.01 -33.72 10.56
CA ILE D 58 18.15 -33.76 9.11
C ILE D 58 17.05 -32.90 8.50
N SER D 59 17.38 -32.05 7.55
CA SER D 59 16.38 -31.38 6.72
C SER D 59 16.37 -32.03 5.36
N ARG D 60 15.16 -32.25 4.85
CA ARG D 60 14.97 -32.86 3.54
C ARG D 60 14.38 -31.90 2.50
N GLY D 61 14.61 -32.21 1.23
CA GLY D 61 14.00 -31.43 0.17
C GLY D 61 14.86 -30.21 -0.11
N SER D 62 14.28 -29.15 -0.64
CA SER D 62 15.07 -28.00 -1.01
C SER D 62 15.63 -27.32 0.24
N ALA D 63 15.00 -27.55 1.38
CA ALA D 63 15.58 -27.09 2.66
C ALA D 63 17.07 -27.38 2.75
N ALA D 64 17.49 -28.57 2.32
CA ALA D 64 18.90 -28.96 2.39
C ALA D 64 19.80 -28.06 1.55
N ARG D 65 19.24 -27.39 0.55
CA ARG D 65 20.07 -26.56 -0.29
C ARG D 65 20.28 -25.17 0.32
N GLN D 66 19.66 -24.86 1.45
CA GLN D 66 19.80 -23.53 2.06
C GLN D 66 21.12 -23.37 2.82
N LEU D 67 21.79 -24.47 3.10
CA LEU D 67 23.06 -24.44 3.82
C LEU D 67 24.19 -23.89 2.92
N LEU D 68 25.15 -23.22 3.56
CA LEU D 68 26.30 -22.62 2.88
C LEU D 68 26.87 -23.58 1.85
N GLY D 69 26.94 -23.14 0.59
CA GLY D 69 27.55 -23.93 -0.47
C GLY D 69 26.62 -24.89 -1.20
N ASN D 70 25.42 -25.14 -0.64
CA ASN D 70 24.54 -26.21 -1.17
C ASN D 70 23.53 -25.72 -2.20
N GLU D 71 23.49 -24.40 -2.40
CA GLU D 71 22.44 -23.78 -3.20
C GLU D 71 22.22 -24.44 -4.56
N GLN D 72 23.30 -24.77 -5.25
CA GLN D 72 23.14 -25.38 -6.57
C GLN D 72 23.67 -26.82 -6.65
N ARG D 73 23.60 -27.52 -5.53
CA ARG D 73 24.02 -28.91 -5.50
C ARG D 73 22.77 -29.79 -5.41
N PRO D 74 22.82 -30.98 -6.00
CA PRO D 74 21.67 -31.89 -5.97
C PRO D 74 21.57 -32.65 -4.64
N VAL D 75 21.41 -31.91 -3.55
CA VAL D 75 21.28 -32.52 -2.22
C VAL D 75 19.85 -32.38 -1.75
N ASP D 76 19.29 -33.48 -1.26
CA ASP D 76 17.88 -33.50 -0.89
C ASP D 76 17.79 -33.88 0.60
N ALA D 77 18.95 -33.92 1.24
CA ALA D 77 19.03 -34.25 2.66
C ALA D 77 20.36 -33.74 3.24
N ALA D 78 20.27 -33.08 4.38
CA ALA D 78 21.43 -32.43 4.98
C ALA D 78 21.33 -32.36 6.49
N VAL D 79 22.46 -32.59 7.15
CA VAL D 79 22.57 -32.41 8.58
C VAL D 79 22.56 -30.90 8.89
N VAL D 80 21.58 -30.48 9.70
CA VAL D 80 21.42 -29.08 10.11
C VAL D 80 21.77 -28.86 11.56
N ALA D 81 21.88 -29.93 12.34
CA ALA D 81 22.12 -29.74 13.77
C ALA D 81 22.62 -31.01 14.45
N ILE D 82 23.50 -30.85 15.43
CA ILE D 82 23.87 -31.94 16.33
C ILE D 82 23.01 -31.78 17.58
N ILE D 83 22.33 -32.85 17.99
CA ILE D 83 21.44 -32.82 19.14
C ILE D 83 22.17 -33.07 20.46
N ASP D 84 22.07 -32.13 21.39
CA ASP D 84 22.59 -32.31 22.76
C ASP D 84 21.62 -33.13 23.61
N THR D 85 20.38 -32.66 23.70
CA THR D 85 19.35 -33.37 24.44
C THR D 85 17.99 -33.41 23.70
N ILE D 86 17.23 -34.46 23.93
CA ILE D 86 15.81 -34.50 23.55
C ILE D 86 14.95 -34.80 24.78
N HIS D 87 13.90 -34.01 24.98
CA HIS D 87 12.93 -34.18 26.07
C HIS D 87 11.51 -34.50 25.55
N VAL D 88 10.69 -35.09 26.42
CA VAL D 88 9.25 -35.29 26.18
C VAL D 88 8.43 -34.86 27.42
N GLU D 89 7.59 -33.82 27.26
CA GLU D 89 6.96 -33.13 28.39
C GLU D 89 7.99 -32.60 29.39
N ASP D 90 8.64 -33.54 30.08
CA ASP D 90 9.84 -33.29 30.87
C ASP D 90 10.45 -34.64 31.27
N ARG D 91 10.92 -35.36 30.26
CA ARG D 91 11.54 -36.67 30.43
C ARG D 91 12.63 -36.88 29.37
N LEU D 92 13.85 -37.13 29.84
CA LEU D 92 14.99 -37.35 28.96
C LEU D 92 14.86 -38.66 28.19
N ILE D 93 14.89 -38.57 26.87
CA ILE D 93 14.95 -39.78 26.05
C ILE D 93 16.33 -39.85 25.43
N TYR D 94 16.93 -38.69 25.23
CA TYR D 94 18.29 -38.59 24.71
C TYR D 94 19.08 -37.43 25.33
N SER D 95 20.28 -37.76 25.80
CA SER D 95 21.23 -36.78 26.30
C SER D 95 22.61 -37.06 25.73
N LYS D 96 23.20 -36.10 25.01
CA LYS D 96 24.56 -36.32 24.49
C LYS D 96 25.53 -36.50 25.65
N LYS D 97 25.24 -35.86 26.78
CA LYS D 97 26.11 -36.03 27.94
C LYS D 97 26.03 -37.49 28.42
N ASP D 98 24.83 -38.00 28.67
CA ASP D 98 24.66 -39.38 29.11
C ASP D 98 24.86 -40.36 27.95
N MET E 1 -28.65 -1.07 -8.07
CA MET E 1 -28.66 0.39 -7.92
C MET E 1 -29.92 0.96 -8.58
N GLN E 2 -30.37 2.13 -8.14
CA GLN E 2 -31.60 2.69 -8.70
C GLN E 2 -31.39 4.13 -9.08
N ILE E 3 -32.06 4.56 -10.14
CA ILE E 3 -32.05 5.93 -10.59
C ILE E 3 -33.09 6.72 -9.76
N ALA E 4 -32.72 7.92 -9.34
CA ALA E 4 -33.59 8.74 -8.50
C ALA E 4 -33.29 10.20 -8.76
N LYS E 5 -34.22 11.06 -8.35
CA LYS E 5 -34.02 12.49 -8.47
C LYS E 5 -33.92 13.07 -7.07
N VAL E 6 -33.04 14.05 -6.91
CA VAL E 6 -32.91 14.71 -5.61
C VAL E 6 -34.14 15.56 -5.38
N ARG E 7 -34.95 15.23 -4.37
CA ARG E 7 -36.20 16.00 -4.15
C ARG E 7 -36.23 16.87 -2.90
N GLY E 8 -35.12 16.95 -2.18
CA GLY E 8 -35.07 17.84 -1.01
C GLY E 8 -34.06 17.43 0.04
N THR E 9 -34.05 18.15 1.16
CA THR E 9 -33.11 17.84 2.22
C THR E 9 -33.79 17.57 3.56
N VAL E 10 -33.26 16.59 4.29
CA VAL E 10 -33.78 16.28 5.62
C VAL E 10 -32.81 16.84 6.67
N VAL E 11 -33.31 17.69 7.57
CA VAL E 11 -32.44 18.20 8.62
C VAL E 11 -32.82 17.59 9.97
N SER E 12 -31.80 17.15 10.69
CA SER E 12 -31.98 16.52 11.98
C SER E 12 -30.95 17.04 12.93
N THR E 13 -31.39 17.46 14.11
CA THR E 13 -30.48 17.84 15.17
C THR E 13 -30.18 16.68 16.14
N GLN E 14 -31.19 15.88 16.48
CA GLN E 14 -30.95 14.75 17.37
C GLN E 14 -30.79 13.47 16.56
N LYS E 15 -29.62 12.86 16.66
CA LYS E 15 -29.33 11.68 15.83
C LYS E 15 -28.11 10.96 16.36
N ASP E 16 -27.88 9.76 15.85
CA ASP E 16 -26.76 8.99 16.38
C ASP E 16 -25.49 9.72 16.06
N PRO E 17 -24.50 9.69 16.97
CA PRO E 17 -23.30 10.48 16.64
C PRO E 17 -22.61 9.98 15.37
N SER E 18 -22.88 8.73 14.98
CA SER E 18 -22.31 8.16 13.79
C SER E 18 -22.81 8.90 12.53
N LEU E 19 -23.88 9.70 12.68
CA LEU E 19 -24.40 10.47 11.55
C LEU E 19 -24.03 11.94 11.63
N ARG E 20 -23.32 12.36 12.67
CA ARG E 20 -22.86 13.77 12.72
C ARG E 20 -22.03 14.13 11.47
N GLY E 21 -22.36 15.27 10.85
CA GLY E 21 -21.71 15.66 9.61
C GLY E 21 -22.09 14.90 8.34
N VAL E 22 -23.08 14.03 8.41
CA VAL E 22 -23.44 13.27 7.22
C VAL E 22 -24.61 13.97 6.54
N LYS E 23 -24.40 14.44 5.30
CA LYS E 23 -25.48 15.09 4.56
C LYS E 23 -26.52 14.06 4.13
N LEU E 24 -27.80 14.41 4.31
CA LEU E 24 -28.91 13.51 4.04
C LEU E 24 -29.87 14.18 3.02
N LEU E 25 -30.12 13.49 1.92
CA LEU E 25 -30.95 14.03 0.83
C LEU E 25 -32.20 13.18 0.76
N LEU E 26 -33.34 13.82 0.50
CA LEU E 26 -34.52 13.05 0.09
C LEU E 26 -34.45 12.74 -1.41
N LEU E 27 -34.48 11.45 -1.75
CA LEU E 27 -34.35 11.02 -3.13
C LEU E 27 -35.60 10.28 -3.55
N GLN E 28 -36.23 10.74 -4.62
CA GLN E 28 -37.38 10.02 -5.14
C GLN E 28 -37.01 9.17 -6.35
N LEU E 29 -37.35 7.89 -6.31
CA LEU E 29 -37.01 6.97 -7.40
C LEU E 29 -37.78 7.33 -8.65
N VAL E 30 -37.21 7.01 -9.81
CA VAL E 30 -37.85 7.30 -11.10
C VAL E 30 -37.90 6.02 -11.94
N ASP E 31 -38.88 5.97 -12.83
CA ASP E 31 -38.99 4.84 -13.75
C ASP E 31 -37.97 5.02 -14.88
N GLU E 32 -37.99 4.15 -15.87
CA GLU E 32 -37.05 4.20 -16.99
C GLU E 32 -37.07 5.56 -17.74
N GLU E 33 -38.21 6.25 -17.73
CA GLU E 33 -38.34 7.51 -18.49
C GLU E 33 -38.24 8.79 -17.63
N GLY E 34 -37.94 8.63 -16.36
CA GLY E 34 -37.82 9.79 -15.49
C GLY E 34 -39.06 10.15 -14.69
N ASN E 35 -40.13 9.38 -14.83
CA ASN E 35 -41.33 9.72 -14.06
C ASN E 35 -41.08 9.36 -12.61
N LEU E 36 -41.45 10.26 -11.71
CA LEU E 36 -41.33 9.99 -10.28
C LEU E 36 -42.25 8.85 -9.82
N LEU E 37 -41.67 7.96 -9.00
CA LEU E 37 -42.37 6.85 -8.37
C LEU E 37 -42.71 7.07 -6.87
N GLN E 38 -43.56 6.18 -6.34
CA GLN E 38 -43.98 6.21 -4.92
C GLN E 38 -43.00 5.41 -4.06
N LYS E 39 -41.73 5.67 -4.27
CA LYS E 39 -40.67 5.00 -3.54
C LYS E 39 -39.58 6.04 -3.37
N TYR E 40 -39.00 6.10 -2.16
CA TYR E 40 -37.90 7.04 -1.85
C TYR E 40 -36.86 6.44 -0.90
N GLU E 41 -35.74 7.14 -0.75
CA GLU E 41 -34.82 6.87 0.33
C GLU E 41 -34.36 8.24 0.77
N VAL E 42 -34.08 8.35 2.06
CA VAL E 42 -33.26 9.43 2.53
C VAL E 42 -31.85 8.81 2.46
N ALA E 43 -30.94 9.49 1.78
CA ALA E 43 -29.65 8.86 1.44
C ALA E 43 -28.49 9.76 1.82
N ALA E 44 -27.40 9.15 2.26
CA ALA E 44 -26.19 9.92 2.56
C ALA E 44 -25.68 10.51 1.27
N ASP E 45 -25.11 11.70 1.34
CA ASP E 45 -24.59 12.34 0.14
C ASP E 45 -23.29 13.07 0.40
N ASN E 46 -22.35 12.44 1.09
CA ASN E 46 -21.16 13.22 1.43
C ASN E 46 -20.07 13.01 0.40
N SER E 47 -20.07 11.82 -0.23
CA SER E 47 -19.02 11.48 -1.18
C SER E 47 -19.19 12.19 -2.50
N VAL E 48 -20.43 12.18 -3.01
CA VAL E 48 -20.76 12.67 -4.35
C VAL E 48 -21.80 13.77 -4.19
N GLY E 49 -21.38 14.98 -3.87
CA GLY E 49 -22.35 16.04 -3.60
C GLY E 49 -23.26 16.31 -4.78
N ALA E 50 -24.52 15.89 -4.65
CA ALA E 50 -25.53 16.12 -5.70
C ALA E 50 -26.48 17.25 -5.31
N GLY E 51 -27.08 17.87 -6.32
CA GLY E 51 -27.94 19.02 -6.09
C GLY E 51 -29.36 18.80 -6.56
N PHE E 52 -30.25 19.69 -6.14
CA PHE E 52 -31.67 19.57 -6.44
C PHE E 52 -31.89 19.22 -7.92
N ASP E 53 -32.70 18.20 -8.16
CA ASP E 53 -33.12 17.78 -9.52
C ASP E 53 -32.06 17.14 -10.43
N GLU E 54 -30.85 16.93 -9.94
CA GLU E 54 -29.93 16.09 -10.67
C GLU E 54 -30.45 14.65 -10.66
N TRP E 55 -30.20 13.88 -11.72
CA TRP E 55 -30.48 12.44 -11.70
C TRP E 55 -29.28 11.74 -11.12
N VAL E 56 -29.54 10.88 -10.13
CA VAL E 56 -28.48 10.21 -9.39
C VAL E 56 -28.69 8.70 -9.35
N LEU E 57 -27.61 7.99 -9.08
CA LEU E 57 -27.65 6.56 -8.80
C LEU E 57 -27.58 6.36 -7.28
N ILE E 58 -28.48 5.54 -6.73
CA ILE E 58 -28.45 5.24 -5.33
C ILE E 58 -28.06 3.79 -5.16
N SER E 59 -27.17 3.50 -4.23
CA SER E 59 -27.00 2.12 -3.77
C SER E 59 -27.54 1.93 -2.35
N ARG E 60 -28.08 0.73 -2.10
CA ARG E 60 -28.82 0.43 -0.87
C ARG E 60 -28.20 -0.73 -0.11
N GLY E 61 -28.49 -0.82 1.18
CA GLY E 61 -27.89 -1.86 1.99
C GLY E 61 -26.41 -1.56 2.25
N SER E 62 -25.66 -2.62 2.53
CA SER E 62 -24.31 -2.45 3.04
C SER E 62 -23.42 -1.82 1.98
N ALA E 63 -23.89 -1.85 0.73
CA ALA E 63 -23.19 -1.13 -0.35
C ALA E 63 -22.95 0.35 0.03
N ALA E 64 -23.93 0.95 0.73
CA ALA E 64 -23.86 2.38 1.05
C ALA E 64 -22.77 2.70 2.06
N ARG E 65 -22.27 1.67 2.75
CA ARG E 65 -21.19 1.83 3.71
C ARG E 65 -19.81 1.78 3.07
N GLN E 66 -19.70 1.47 1.78
CA GLN E 66 -18.38 1.34 1.15
C GLN E 66 -17.75 2.67 0.74
N LEU E 67 -18.57 3.73 0.69
CA LEU E 67 -18.07 5.09 0.61
C LEU E 67 -17.14 5.49 1.79
N LEU E 68 -16.15 6.32 1.47
CA LEU E 68 -15.16 6.78 2.42
C LEU E 68 -15.80 7.32 3.72
N GLY E 69 -15.35 6.80 4.86
CA GLY E 69 -15.88 7.23 6.15
C GLY E 69 -17.19 6.56 6.55
N ASN E 70 -17.86 5.91 5.60
CA ASN E 70 -19.15 5.30 5.87
C ASN E 70 -19.13 3.89 6.45
N GLU E 71 -17.94 3.32 6.66
CA GLU E 71 -17.78 1.88 6.93
C GLU E 71 -18.59 1.37 8.10
N GLN E 72 -18.65 2.16 9.15
CA GLN E 72 -19.37 1.80 10.36
C GLN E 72 -20.40 2.87 10.74
N ARG E 73 -21.00 3.49 9.71
CA ARG E 73 -22.13 4.37 9.92
C ARG E 73 -23.39 3.60 9.56
N PRO E 74 -24.51 3.90 10.22
CA PRO E 74 -25.78 3.24 9.94
C PRO E 74 -26.46 3.79 8.69
N VAL E 75 -25.79 3.71 7.54
CA VAL E 75 -26.39 4.18 6.29
C VAL E 75 -26.79 2.99 5.44
N ASP E 76 -28.06 2.95 4.97
CA ASP E 76 -28.48 1.86 4.09
C ASP E 76 -28.85 2.42 2.72
N ALA E 77 -28.46 3.66 2.44
CA ALA E 77 -28.73 4.33 1.18
C ALA E 77 -27.73 5.45 0.96
N ALA E 78 -27.16 5.52 -0.25
CA ALA E 78 -26.20 6.57 -0.53
C ALA E 78 -26.18 6.91 -2.01
N VAL E 79 -25.99 8.17 -2.32
CA VAL E 79 -25.75 8.61 -3.70
C VAL E 79 -24.34 8.18 -4.10
N VAL E 80 -24.20 7.47 -5.21
CA VAL E 80 -22.87 6.97 -5.62
C VAL E 80 -22.43 7.58 -6.92
N ALA E 81 -23.34 8.22 -7.65
CA ALA E 81 -22.99 8.83 -8.92
C ALA E 81 -24.04 9.84 -9.29
N ILE E 82 -23.62 10.81 -10.10
CA ILE E 82 -24.53 11.67 -10.80
C ILE E 82 -24.53 11.19 -12.26
N ILE E 83 -25.73 11.01 -12.80
CA ILE E 83 -25.90 10.49 -14.14
C ILE E 83 -25.77 11.57 -15.23
N ASP E 84 -24.87 11.31 -16.19
CA ASP E 84 -24.67 12.20 -17.32
C ASP E 84 -25.61 11.85 -18.47
N THR E 85 -25.62 10.58 -18.86
CA THR E 85 -26.47 10.12 -19.97
C THR E 85 -26.98 8.70 -19.70
N ILE E 86 -28.15 8.38 -20.24
CA ILE E 86 -28.60 7.00 -20.31
C ILE E 86 -28.98 6.68 -21.76
N HIS E 87 -28.33 5.69 -22.34
CA HIS E 87 -28.67 5.23 -23.67
C HIS E 87 -29.41 3.92 -23.53
N VAL E 88 -30.47 3.73 -24.31
CA VAL E 88 -31.09 2.43 -24.38
C VAL E 88 -30.82 2.03 -25.81
N GLU E 89 -30.43 0.78 -26.05
CA GLU E 89 -29.99 0.33 -27.36
C GLU E 89 -29.47 1.56 -28.13
N ASP E 90 -30.09 1.93 -29.25
CA ASP E 90 -29.67 3.18 -29.91
C ASP E 90 -30.38 4.52 -29.53
N ARG E 91 -31.45 4.49 -28.73
CA ARG E 91 -32.11 5.73 -28.31
C ARG E 91 -31.37 6.40 -27.15
N LEU E 92 -31.28 7.73 -27.16
CA LEU E 92 -30.75 8.44 -25.99
C LEU E 92 -31.93 8.90 -25.11
N ILE E 93 -32.08 8.31 -23.93
CA ILE E 93 -33.25 8.62 -23.11
C ILE E 93 -33.03 9.69 -22.05
N TYR E 94 -31.78 9.88 -21.62
CA TYR E 94 -31.50 10.96 -20.69
C TYR E 94 -30.16 11.62 -20.97
N SER E 95 -30.16 12.94 -20.95
CA SER E 95 -28.93 13.70 -21.09
C SER E 95 -28.93 14.90 -20.13
N LYS E 96 -27.97 14.93 -19.21
CA LYS E 96 -27.90 16.02 -18.25
C LYS E 96 -27.74 17.39 -18.93
N LYS E 97 -26.94 17.43 -20.00
CA LYS E 97 -26.74 18.65 -20.80
C LYS E 97 -28.10 19.16 -21.29
N ASP E 98 -28.99 18.22 -21.63
CA ASP E 98 -30.39 18.54 -21.83
C ASP E 98 -31.05 18.61 -20.45
N MET F 1 -31.17 -14.88 -7.29
CA MET F 1 -30.86 -13.97 -8.41
C MET F 1 -32.09 -13.74 -9.28
N GLN F 2 -32.12 -12.60 -9.98
CA GLN F 2 -33.26 -12.28 -10.84
C GLN F 2 -32.79 -12.34 -12.27
N ILE F 3 -33.72 -12.61 -13.18
CA ILE F 3 -33.41 -12.54 -14.61
C ILE F 3 -33.72 -11.13 -15.08
N ALA F 4 -32.90 -10.60 -15.99
CA ALA F 4 -33.10 -9.26 -16.53
C ALA F 4 -32.55 -9.20 -17.94
N LYS F 5 -33.00 -8.19 -18.68
CA LYS F 5 -32.56 -7.98 -20.05
C LYS F 5 -31.72 -6.70 -20.15
N VAL F 6 -30.59 -6.80 -20.84
CA VAL F 6 -29.71 -5.64 -20.99
C VAL F 6 -30.33 -4.64 -21.95
N ARG F 7 -30.61 -3.41 -21.49
CA ARG F 7 -31.18 -2.41 -22.39
C ARG F 7 -30.22 -1.31 -22.80
N GLY F 8 -29.24 -1.03 -21.95
CA GLY F 8 -28.35 0.06 -22.26
C GLY F 8 -27.39 0.37 -21.14
N THR F 9 -26.76 1.54 -21.20
CA THR F 9 -25.75 1.91 -20.25
C THR F 9 -26.11 3.23 -19.56
N VAL F 10 -25.63 3.33 -18.33
CA VAL F 10 -25.70 4.55 -17.56
C VAL F 10 -24.29 5.16 -17.49
N VAL F 11 -24.12 6.35 -18.01
CA VAL F 11 -22.79 6.95 -18.05
C VAL F 11 -22.69 8.03 -16.99
N SER F 12 -21.64 7.97 -16.18
CA SER F 12 -21.45 8.97 -15.12
C SER F 12 -19.99 9.39 -15.01
N THR F 13 -19.70 10.69 -14.99
CA THR F 13 -18.34 11.14 -14.76
C THR F 13 -18.14 11.61 -13.34
N GLN F 14 -19.20 12.15 -12.74
CA GLN F 14 -19.12 12.53 -11.34
C GLN F 14 -19.67 11.40 -10.46
N LYS F 15 -18.75 10.76 -9.76
CA LYS F 15 -19.09 9.54 -9.04
C LYS F 15 -18.03 9.20 -8.00
N ASP F 16 -18.33 8.24 -7.14
CA ASP F 16 -17.38 7.82 -6.13
C ASP F 16 -16.19 7.22 -6.88
N PRO F 17 -14.97 7.53 -6.43
CA PRO F 17 -13.78 7.10 -7.15
C PRO F 17 -13.68 5.59 -7.27
N SER F 18 -14.32 4.85 -6.37
CA SER F 18 -14.21 3.39 -6.48
C SER F 18 -14.90 2.86 -7.74
N LEU F 19 -15.85 3.65 -8.23
CA LEU F 19 -16.68 3.25 -9.35
C LEU F 19 -16.01 3.56 -10.68
N ARG F 20 -14.80 4.09 -10.61
CA ARG F 20 -14.00 4.34 -11.79
C ARG F 20 -13.82 3.10 -12.71
N GLY F 21 -14.24 3.20 -13.96
CA GLY F 21 -14.00 2.13 -14.90
C GLY F 21 -15.01 1.00 -14.80
N VAL F 22 -16.00 1.14 -13.90
CA VAL F 22 -17.05 0.13 -13.73
C VAL F 22 -18.25 0.36 -14.66
N LYS F 23 -18.45 -0.58 -15.60
CA LYS F 23 -19.53 -0.46 -16.56
C LYS F 23 -20.85 -0.55 -15.82
N LEU F 24 -21.76 0.38 -16.08
CA LEU F 24 -23.08 0.40 -15.45
C LEU F 24 -24.19 0.17 -16.47
N LEU F 25 -24.99 -0.88 -16.26
CA LEU F 25 -26.00 -1.25 -17.23
C LEU F 25 -27.39 -0.94 -16.71
N LEU F 26 -28.25 -0.51 -17.61
CA LEU F 26 -29.70 -0.36 -17.31
C LEU F 26 -30.33 -1.65 -17.75
N LEU F 27 -31.02 -2.34 -16.83
CA LEU F 27 -31.58 -3.64 -17.09
C LEU F 27 -33.07 -3.62 -16.88
N GLN F 28 -33.80 -4.37 -17.70
CA GLN F 28 -35.25 -4.49 -17.57
C GLN F 28 -35.51 -5.88 -16.95
N LEU F 29 -36.27 -5.94 -15.87
CA LEU F 29 -36.53 -7.19 -15.17
C LEU F 29 -37.51 -8.07 -15.92
N VAL F 30 -37.37 -9.37 -15.68
CA VAL F 30 -38.15 -10.39 -16.36
C VAL F 30 -38.83 -11.20 -15.28
N ASP F 31 -40.07 -11.59 -15.52
CA ASP F 31 -40.82 -12.40 -14.53
C ASP F 31 -40.58 -13.90 -14.63
N GLU F 32 -41.23 -14.65 -13.76
CA GLU F 32 -40.98 -16.08 -13.62
C GLU F 32 -41.30 -16.76 -14.92
N GLU F 33 -42.34 -16.27 -15.61
CA GLU F 33 -42.74 -16.86 -16.88
C GLU F 33 -41.97 -16.32 -18.11
N GLY F 34 -41.04 -15.41 -17.91
CA GLY F 34 -40.23 -14.92 -19.03
C GLY F 34 -40.77 -13.66 -19.72
N ASN F 35 -41.71 -12.98 -19.10
CA ASN F 35 -42.24 -11.74 -19.68
C ASN F 35 -41.42 -10.58 -19.19
N LEU F 36 -41.03 -9.67 -20.07
CA LEU F 36 -40.36 -8.44 -19.65
C LEU F 36 -41.31 -7.60 -18.81
N LEU F 37 -40.80 -6.93 -17.78
CA LEU F 37 -41.64 -6.08 -16.92
C LEU F 37 -41.35 -4.62 -17.21
N GLN F 38 -42.13 -3.73 -16.58
CA GLN F 38 -41.83 -2.31 -16.64
C GLN F 38 -41.06 -1.86 -15.40
N LYS F 39 -40.17 -2.73 -14.90
CA LYS F 39 -39.31 -2.40 -13.78
C LYS F 39 -37.89 -2.51 -14.23
N TYR F 40 -37.05 -1.56 -13.83
CA TYR F 40 -35.67 -1.53 -14.29
C TYR F 40 -34.72 -1.39 -13.12
N GLU F 41 -33.45 -1.69 -13.32
CA GLU F 41 -32.50 -1.42 -12.24
C GLU F 41 -31.18 -1.20 -12.92
N VAL F 42 -30.16 -0.71 -12.20
CA VAL F 42 -28.82 -0.49 -12.77
C VAL F 42 -27.86 -1.38 -12.01
N ALA F 43 -27.01 -2.12 -12.74
CA ALA F 43 -26.13 -3.12 -12.14
C ALA F 43 -24.74 -2.91 -12.69
N ALA F 44 -23.74 -3.21 -11.88
CA ALA F 44 -22.34 -3.18 -12.31
C ALA F 44 -22.11 -4.36 -13.24
N ASP F 45 -21.29 -4.19 -14.28
CA ASP F 45 -20.94 -5.37 -15.06
C ASP F 45 -19.45 -5.35 -15.41
N ASN F 46 -18.64 -5.68 -14.40
CA ASN F 46 -17.20 -5.64 -14.52
C ASN F 46 -16.56 -7.00 -14.51
N SER F 47 -17.36 -8.06 -14.54
CA SER F 47 -16.74 -9.41 -14.65
C SER F 47 -17.29 -10.25 -15.75
N VAL F 48 -18.52 -9.98 -16.20
CA VAL F 48 -19.13 -10.86 -17.20
C VAL F 48 -19.08 -10.28 -18.63
N GLY F 49 -19.58 -9.07 -18.82
CA GLY F 49 -19.41 -8.43 -20.12
C GLY F 49 -20.59 -8.66 -21.07
N ALA F 50 -21.78 -8.30 -20.62
CA ALA F 50 -23.00 -8.49 -21.41
C ALA F 50 -23.14 -7.42 -22.50
N GLY F 51 -23.80 -7.76 -23.61
CA GLY F 51 -24.07 -6.81 -24.69
C GLY F 51 -25.56 -6.49 -24.78
N PHE F 52 -25.95 -5.64 -25.72
CA PHE F 52 -27.35 -5.19 -25.80
C PHE F 52 -28.29 -6.36 -26.00
N ASP F 53 -29.36 -6.37 -25.22
CA ASP F 53 -30.49 -7.26 -25.35
C ASP F 53 -30.24 -8.70 -24.93
N GLU F 54 -29.08 -8.94 -24.30
CA GLU F 54 -28.81 -10.26 -23.75
C GLU F 54 -29.63 -10.43 -22.48
N TRP F 55 -30.02 -11.68 -22.16
CA TRP F 55 -30.59 -11.94 -20.83
C TRP F 55 -29.46 -12.28 -19.85
N VAL F 56 -29.56 -11.74 -18.64
CA VAL F 56 -28.53 -11.88 -17.59
C VAL F 56 -29.12 -12.30 -16.28
N LEU F 57 -28.27 -12.85 -15.41
CA LEU F 57 -28.63 -12.99 -14.02
C LEU F 57 -28.03 -11.87 -13.22
N ILE F 58 -28.83 -11.30 -12.33
CA ILE F 58 -28.36 -10.23 -11.46
C ILE F 58 -28.36 -10.71 -10.00
N SER F 59 -27.23 -10.50 -9.31
CA SER F 59 -27.13 -10.73 -7.87
C SER F 59 -27.27 -9.41 -7.14
N ARG F 60 -28.02 -9.37 -6.04
CA ARG F 60 -28.29 -8.11 -5.34
C ARG F 60 -27.72 -8.16 -3.96
N GLY F 61 -27.48 -6.99 -3.38
CA GLY F 61 -26.97 -6.91 -2.02
C GLY F 61 -25.48 -7.20 -1.99
N SER F 62 -24.97 -7.64 -0.84
CA SER F 62 -23.52 -7.89 -0.68
C SER F 62 -22.95 -8.93 -1.66
N ALA F 63 -23.81 -9.75 -2.25
CA ALA F 63 -23.40 -10.69 -3.26
C ALA F 63 -22.71 -9.95 -4.42
N ALA F 64 -23.14 -8.73 -4.70
CA ALA F 64 -22.58 -7.99 -5.85
C ALA F 64 -21.15 -7.55 -5.56
N ARG F 65 -20.74 -7.60 -4.29
CA ARG F 65 -19.39 -7.19 -3.93
C ARG F 65 -18.41 -8.36 -3.94
N GLN F 66 -18.89 -9.55 -4.32
CA GLN F 66 -17.98 -10.73 -4.38
C GLN F 66 -17.25 -10.86 -5.71
N LEU F 67 -17.67 -10.11 -6.72
CA LEU F 67 -16.90 -10.09 -7.98
C LEU F 67 -15.55 -9.48 -7.75
N LEU F 68 -14.54 -9.97 -8.47
CA LEU F 68 -13.17 -9.49 -8.32
C LEU F 68 -13.17 -7.98 -8.41
N GLY F 69 -12.59 -7.33 -7.43
CA GLY F 69 -12.51 -5.88 -7.41
C GLY F 69 -13.62 -5.12 -6.67
N ASN F 70 -14.73 -5.79 -6.40
CA ASN F 70 -15.94 -5.09 -5.94
C ASN F 70 -16.10 -5.06 -4.44
N GLU F 71 -15.10 -5.60 -3.74
CA GLU F 71 -15.24 -5.84 -2.31
C GLU F 71 -15.53 -4.58 -1.48
N GLN F 72 -14.85 -3.49 -1.84
CA GLN F 72 -15.13 -2.21 -1.21
C GLN F 72 -15.73 -1.19 -2.21
N ARG F 73 -16.44 -1.67 -3.22
CA ARG F 73 -17.20 -0.74 -4.06
C ARG F 73 -18.64 -0.70 -3.61
N PRO F 74 -19.30 0.47 -3.73
CA PRO F 74 -20.72 0.65 -3.33
C PRO F 74 -21.67 0.17 -4.39
N VAL F 75 -21.58 -1.11 -4.66
CA VAL F 75 -22.46 -1.74 -5.63
C VAL F 75 -23.36 -2.72 -4.92
N ASP F 76 -24.67 -2.61 -5.17
CA ASP F 76 -25.66 -3.52 -4.56
C ASP F 76 -26.33 -4.38 -5.58
N ALA F 77 -25.80 -4.39 -6.81
CA ALA F 77 -26.39 -5.14 -7.90
C ALA F 77 -25.32 -5.44 -8.94
N ALA F 78 -25.19 -6.70 -9.33
CA ALA F 78 -24.20 -7.00 -10.33
C ALA F 78 -24.66 -8.08 -11.30
N VAL F 79 -24.19 -7.99 -12.55
CA VAL F 79 -24.42 -9.03 -13.53
C VAL F 79 -23.48 -10.15 -13.20
N VAL F 80 -24.00 -11.37 -13.06
CA VAL F 80 -23.13 -12.49 -12.72
C VAL F 80 -23.11 -13.57 -13.77
N ALA F 81 -23.96 -13.48 -14.78
CA ALA F 81 -24.04 -14.52 -15.81
C ALA F 81 -24.84 -13.99 -17.00
N ILE F 82 -24.45 -14.40 -18.20
CA ILE F 82 -25.26 -14.20 -19.39
C ILE F 82 -26.00 -15.52 -19.62
N ILE F 83 -27.31 -15.46 -19.83
CA ILE F 83 -28.13 -16.67 -19.94
C ILE F 83 -28.18 -17.19 -21.37
N ASP F 84 -27.96 -18.50 -21.52
CA ASP F 84 -28.07 -19.16 -22.83
C ASP F 84 -29.50 -19.66 -23.02
N THR F 85 -29.92 -20.50 -22.08
CA THR F 85 -31.25 -21.11 -22.15
C THR F 85 -31.93 -21.12 -20.77
N ILE F 86 -33.26 -21.12 -20.78
CA ILE F 86 -34.05 -21.30 -19.57
C ILE F 86 -35.09 -22.35 -19.96
N HIS F 87 -35.09 -23.48 -19.27
CA HIS F 87 -36.08 -24.52 -19.48
C HIS F 87 -37.04 -24.58 -18.30
N VAL F 88 -38.20 -25.16 -18.56
CA VAL F 88 -39.00 -25.78 -17.51
C VAL F 88 -39.10 -27.26 -17.90
N GLU F 89 -38.10 -28.04 -17.46
CA GLU F 89 -37.78 -29.34 -18.06
C GLU F 89 -38.02 -29.35 -19.59
N ASP F 90 -39.24 -29.70 -19.95
CA ASP F 90 -39.75 -29.73 -21.33
C ASP F 90 -39.51 -28.47 -22.16
N ARG F 91 -40.31 -27.43 -21.92
CA ARG F 91 -40.36 -26.28 -22.81
C ARG F 91 -39.29 -25.21 -22.60
N LEU F 92 -38.65 -24.80 -23.69
CA LEU F 92 -37.81 -23.62 -23.70
C LEU F 92 -38.69 -22.42 -23.47
N ILE F 93 -38.37 -21.60 -22.50
CA ILE F 93 -38.99 -20.28 -22.41
C ILE F 93 -38.01 -19.19 -22.83
N TYR F 94 -36.71 -19.49 -22.78
CA TYR F 94 -35.73 -18.58 -23.35
C TYR F 94 -34.59 -19.31 -24.07
N SER F 95 -34.28 -18.87 -25.27
CA SER F 95 -33.07 -19.35 -25.92
C SER F 95 -32.34 -18.17 -26.54
N LYS F 96 -31.08 -17.99 -26.16
CA LYS F 96 -30.27 -16.90 -26.71
C LYS F 96 -30.11 -17.10 -28.20
N LYS F 97 -29.89 -18.36 -28.59
CA LYS F 97 -29.74 -18.78 -29.97
C LYS F 97 -30.86 -18.24 -30.87
N ASP F 98 -32.10 -18.54 -30.50
CA ASP F 98 -33.26 -18.13 -31.30
C ASP F 98 -33.45 -16.61 -31.32
N GLN F 99 -33.07 -15.96 -30.22
CA GLN F 99 -33.28 -14.52 -30.06
C GLN F 99 -32.27 -13.70 -30.84
N MET G 1 -36.74 -17.28 5.49
CA MET G 1 -36.60 -18.29 4.44
C MET G 1 -37.94 -18.46 3.73
N GLN G 2 -37.88 -18.80 2.44
CA GLN G 2 -39.10 -18.99 1.66
C GLN G 2 -39.22 -20.41 1.11
N ILE G 3 -40.46 -20.88 1.05
CA ILE G 3 -40.75 -22.15 0.41
C ILE G 3 -40.94 -21.88 -1.07
N ALA G 4 -40.42 -22.77 -1.89
CA ALA G 4 -40.44 -22.59 -3.33
C ALA G 4 -40.47 -23.94 -3.98
N LYS G 5 -40.88 -23.94 -5.24
CA LYS G 5 -40.92 -25.17 -6.02
C LYS G 5 -39.90 -25.04 -7.13
N VAL G 6 -39.21 -26.14 -7.42
CA VAL G 6 -38.26 -26.19 -8.53
C VAL G 6 -39.04 -26.27 -9.83
N ARG G 7 -38.89 -25.25 -10.66
CA ARG G 7 -39.71 -25.16 -11.86
C ARG G 7 -38.87 -25.35 -13.10
N GLY G 8 -37.55 -25.25 -12.96
CA GLY G 8 -36.71 -25.20 -14.15
C GLY G 8 -35.23 -25.06 -13.94
N THR G 9 -34.49 -24.96 -15.05
CA THR G 9 -33.03 -24.86 -15.01
C THR G 9 -32.59 -23.70 -15.90
N VAL G 10 -31.55 -22.98 -15.47
CA VAL G 10 -31.10 -21.81 -16.21
C VAL G 10 -29.73 -22.26 -16.66
N VAL G 11 -29.41 -22.16 -17.95
CA VAL G 11 -28.08 -22.52 -18.42
C VAL G 11 -27.34 -21.29 -18.94
N SER G 12 -26.10 -21.19 -18.51
CA SER G 12 -25.21 -20.07 -18.81
C SER G 12 -23.81 -20.58 -19.09
N THR G 13 -23.17 -20.02 -20.10
CA THR G 13 -21.78 -20.34 -20.33
C THR G 13 -20.85 -19.15 -20.08
N GLN G 14 -21.37 -17.94 -20.06
CA GLN G 14 -20.52 -16.81 -19.72
C GLN G 14 -20.99 -16.28 -18.38
N LYS G 15 -20.13 -16.37 -17.37
CA LYS G 15 -20.52 -16.06 -16.00
C LYS G 15 -19.30 -15.64 -15.20
N ASP G 16 -19.54 -15.22 -13.98
CA ASP G 16 -18.46 -14.86 -13.10
C ASP G 16 -17.65 -16.10 -12.84
N PRO G 17 -16.32 -15.98 -12.77
CA PRO G 17 -15.48 -17.17 -12.56
C PRO G 17 -15.88 -17.95 -11.32
N SER G 18 -16.44 -17.31 -10.31
CA SER G 18 -16.74 -18.09 -9.13
C SER G 18 -18.12 -18.78 -9.20
N LEU G 19 -18.80 -18.70 -10.35
CA LEU G 19 -20.02 -19.52 -10.54
C LEU G 19 -19.75 -20.64 -11.54
N ARG G 20 -18.52 -20.82 -11.96
CA ARG G 20 -18.31 -21.88 -12.97
C ARG G 20 -18.58 -23.26 -12.35
N GLY G 21 -19.42 -24.05 -13.03
CA GLY G 21 -19.83 -25.34 -12.48
C GLY G 21 -20.92 -25.26 -11.40
N VAL G 22 -21.45 -24.07 -11.12
CA VAL G 22 -22.57 -23.98 -10.17
C VAL G 22 -23.90 -24.23 -10.91
N LYS G 23 -24.73 -25.10 -10.34
CA LYS G 23 -26.00 -25.47 -10.97
C LYS G 23 -26.99 -24.40 -10.64
N LEU G 24 -27.73 -23.92 -11.65
CA LEU G 24 -28.69 -22.85 -11.43
C LEU G 24 -30.12 -23.30 -11.69
N LEU G 25 -30.96 -23.09 -10.70
CA LEU G 25 -32.31 -23.64 -10.68
C LEU G 25 -33.28 -22.48 -10.69
N LEU G 26 -34.33 -22.58 -11.50
CA LEU G 26 -35.39 -21.56 -11.43
C LEU G 26 -36.38 -22.01 -10.39
N LEU G 27 -36.48 -21.25 -9.29
CA LEU G 27 -37.35 -21.63 -8.18
C LEU G 27 -38.48 -20.62 -8.06
N GLN G 28 -39.73 -21.08 -8.05
CA GLN G 28 -40.88 -20.18 -7.98
C GLN G 28 -41.50 -20.30 -6.59
N LEU G 29 -41.63 -19.18 -5.89
CA LEU G 29 -42.06 -19.20 -4.49
C LEU G 29 -43.49 -19.72 -4.39
N VAL G 30 -43.86 -20.25 -3.23
CA VAL G 30 -45.26 -20.66 -3.05
C VAL G 30 -45.82 -20.03 -1.78
N ASP G 31 -47.14 -19.90 -1.74
CA ASP G 31 -47.86 -19.53 -0.52
C ASP G 31 -47.95 -20.73 0.41
N GLU G 32 -48.60 -20.51 1.56
CA GLU G 32 -48.89 -21.49 2.62
C GLU G 32 -49.42 -22.84 2.10
N GLU G 33 -50.25 -22.77 1.05
CA GLU G 33 -50.98 -23.93 0.55
C GLU G 33 -50.27 -24.52 -0.68
N GLY G 34 -49.11 -23.96 -1.01
CA GLY G 34 -48.34 -24.49 -2.11
C GLY G 34 -48.75 -23.94 -3.46
N ASN G 35 -49.58 -22.89 -3.44
CA ASN G 35 -49.94 -22.21 -4.68
C ASN G 35 -48.76 -21.38 -5.20
N LEU G 36 -48.45 -21.54 -6.48
CA LEU G 36 -47.34 -20.80 -7.07
C LEU G 36 -47.64 -19.29 -7.14
N LEU G 37 -46.64 -18.50 -6.76
CA LEU G 37 -46.72 -17.04 -6.76
C LEU G 37 -45.92 -16.42 -7.93
N GLN G 38 -46.11 -15.11 -8.15
CA GLN G 38 -45.43 -14.38 -9.23
C GLN G 38 -44.11 -13.83 -8.68
N LYS G 39 -43.38 -14.69 -8.00
CA LYS G 39 -42.11 -14.33 -7.37
C LYS G 39 -41.22 -15.56 -7.52
N TYR G 40 -39.92 -15.35 -7.70
CA TYR G 40 -39.04 -16.45 -8.03
C TYR G 40 -37.62 -16.04 -7.66
N GLU G 41 -36.75 -17.02 -7.51
CA GLU G 41 -35.30 -16.79 -7.47
C GLU G 41 -34.64 -17.75 -8.41
N VAL G 42 -33.54 -17.32 -9.05
CA VAL G 42 -32.62 -18.30 -9.64
C VAL G 42 -31.56 -18.46 -8.59
N ALA G 43 -31.35 -19.72 -8.22
CA ALA G 43 -30.62 -20.02 -7.01
C ALA G 43 -29.56 -21.02 -7.29
N ALA G 44 -28.49 -20.93 -6.52
CA ALA G 44 -27.47 -21.95 -6.56
C ALA G 44 -28.05 -23.19 -5.89
N ASP G 45 -27.80 -24.33 -6.53
CA ASP G 45 -28.27 -25.62 -6.04
C ASP G 45 -27.10 -26.59 -5.85
N ASN G 46 -25.91 -26.09 -5.59
CA ASN G 46 -24.78 -27.02 -5.48
C ASN G 46 -24.67 -27.76 -4.13
N SER G 47 -25.11 -27.13 -3.06
CA SER G 47 -25.00 -27.72 -1.72
C SER G 47 -26.01 -28.87 -1.48
N VAL G 48 -27.20 -28.75 -2.05
CA VAL G 48 -28.29 -29.71 -1.87
C VAL G 48 -29.01 -29.90 -3.20
N GLY G 49 -28.62 -30.89 -3.99
CA GLY G 49 -29.24 -31.11 -5.29
C GLY G 49 -30.73 -31.36 -5.22
N ALA G 50 -31.51 -30.44 -5.80
CA ALA G 50 -32.97 -30.58 -5.88
C ALA G 50 -33.40 -30.89 -7.31
N GLY G 51 -34.50 -31.62 -7.47
CA GLY G 51 -35.00 -32.01 -8.78
C GLY G 51 -36.30 -31.30 -9.15
N PHE G 52 -36.78 -31.52 -10.37
CA PHE G 52 -37.99 -30.85 -10.83
C PHE G 52 -39.17 -31.11 -9.91
N ASP G 53 -39.94 -30.05 -9.64
CA ASP G 53 -41.12 -30.10 -8.77
C ASP G 53 -40.86 -30.33 -7.28
N GLU G 54 -39.61 -30.48 -6.88
CA GLU G 54 -39.37 -30.63 -5.46
C GLU G 54 -39.69 -29.32 -4.75
N TRP G 55 -40.21 -29.44 -3.53
CA TRP G 55 -40.43 -28.31 -2.61
C TRP G 55 -39.15 -28.06 -1.84
N VAL G 56 -38.68 -26.83 -1.87
CA VAL G 56 -37.40 -26.49 -1.24
C VAL G 56 -37.53 -25.26 -0.36
N LEU G 57 -36.56 -25.12 0.53
CA LEU G 57 -36.34 -23.89 1.28
C LEU G 57 -35.20 -23.06 0.68
N ILE G 58 -35.47 -21.80 0.44
CA ILE G 58 -34.45 -20.89 -0.08
C ILE G 58 -34.01 -19.94 1.03
N SER G 59 -32.71 -19.76 1.22
CA SER G 59 -32.23 -18.61 1.97
C SER G 59 -31.75 -17.52 0.99
N ARG G 60 -31.97 -16.27 1.34
CA ARG G 60 -31.70 -15.14 0.45
C ARG G 60 -30.71 -14.19 1.14
N GLY G 61 -29.98 -13.42 0.34
CA GLY G 61 -29.10 -12.40 0.85
C GLY G 61 -27.79 -13.06 1.19
N SER G 62 -27.06 -12.47 2.11
CA SER G 62 -25.77 -13.04 2.49
C SER G 62 -25.90 -14.39 3.21
N ALA G 63 -27.13 -14.77 3.59
CA ALA G 63 -27.34 -16.12 4.12
C ALA G 63 -26.85 -17.14 3.10
N ALA G 64 -27.08 -16.83 1.82
CA ALA G 64 -26.78 -17.79 0.75
C ALA G 64 -25.27 -18.08 0.70
N ARG G 65 -24.46 -17.15 1.18
CA ARG G 65 -23.00 -17.36 1.14
C ARG G 65 -22.43 -18.10 2.34
N GLN G 66 -23.25 -18.39 3.34
CA GLN G 66 -22.77 -19.15 4.50
C GLN G 66 -22.59 -20.64 4.23
N LEU G 67 -23.23 -21.16 3.18
CA LEU G 67 -23.08 -22.59 2.85
C LEU G 67 -21.61 -22.80 2.57
N LEU G 68 -21.03 -23.88 3.07
CA LEU G 68 -19.60 -24.09 2.87
C LEU G 68 -19.26 -24.09 1.38
N GLY G 69 -18.34 -23.20 0.98
CA GLY G 69 -17.96 -23.12 -0.42
C GLY G 69 -18.50 -21.90 -1.10
N ASN G 70 -19.53 -21.31 -0.50
CA ASN G 70 -20.16 -20.15 -1.07
C ASN G 70 -19.66 -18.82 -0.55
N GLU G 71 -18.76 -18.81 0.44
CA GLU G 71 -18.42 -17.58 1.16
C GLU G 71 -18.00 -16.47 0.24
N GLN G 72 -17.34 -16.80 -0.85
CA GLN G 72 -16.92 -15.77 -1.79
C GLN G 72 -17.60 -15.85 -3.15
N ARG G 73 -18.73 -16.55 -3.22
CA ARG G 73 -19.49 -16.59 -4.48
C ARG G 73 -20.55 -15.48 -4.48
N PRO G 74 -20.79 -14.86 -5.64
CA PRO G 74 -21.78 -13.77 -5.68
C PRO G 74 -23.16 -14.38 -5.81
N VAL G 75 -23.56 -15.15 -4.80
CA VAL G 75 -24.90 -15.75 -4.79
C VAL G 75 -25.75 -15.05 -3.74
N ASP G 76 -26.98 -14.74 -4.12
CA ASP G 76 -27.88 -14.08 -3.21
C ASP G 76 -29.10 -14.93 -2.92
N ALA G 77 -29.04 -16.20 -3.31
CA ALA G 77 -30.15 -17.12 -3.09
C ALA G 77 -29.57 -18.50 -3.18
N ALA G 78 -29.98 -19.39 -2.28
CA ALA G 78 -29.49 -20.76 -2.37
C ALA G 78 -30.51 -21.69 -1.78
N VAL G 79 -30.53 -22.91 -2.29
CA VAL G 79 -31.38 -23.93 -1.71
C VAL G 79 -30.68 -24.44 -0.45
N VAL G 80 -31.38 -24.46 0.68
CA VAL G 80 -30.71 -24.94 1.89
C VAL G 80 -31.35 -26.23 2.43
N ALA G 81 -32.48 -26.61 1.86
CA ALA G 81 -33.18 -27.81 2.36
C ALA G 81 -34.27 -28.26 1.41
N ILE G 82 -34.60 -29.54 1.47
CA ILE G 82 -35.75 -30.05 0.74
C ILE G 82 -36.81 -30.34 1.78
N ILE G 83 -38.04 -29.91 1.51
CA ILE G 83 -39.08 -29.99 2.51
C ILE G 83 -39.81 -31.33 2.36
N ASP G 84 -39.88 -32.07 3.46
CA ASP G 84 -40.61 -33.33 3.50
C ASP G 84 -42.04 -32.97 3.82
N THR G 85 -42.24 -32.36 4.98
CA THR G 85 -43.58 -31.91 5.36
C THR G 85 -43.61 -30.52 5.98
N ILE G 86 -44.82 -29.95 6.07
CA ILE G 86 -45.08 -28.74 6.84
C ILE G 86 -46.29 -28.99 7.73
N HIS G 87 -46.07 -29.31 9.01
CA HIS G 87 -47.18 -29.47 9.96
C HIS G 87 -47.74 -28.11 10.31
N VAL G 88 -49.05 -27.97 10.20
CA VAL G 88 -49.72 -26.71 10.50
C VAL G 88 -50.71 -27.04 11.61
N GLU G 89 -50.20 -26.98 12.83
CA GLU G 89 -50.85 -27.49 14.04
C GLU G 89 -50.94 -29.02 14.05
N ASP G 90 -52.13 -29.52 13.76
CA ASP G 90 -52.47 -30.94 13.90
C ASP G 90 -52.54 -31.52 12.50
N ARG G 91 -52.62 -30.62 11.53
CA ARG G 91 -52.77 -31.06 10.15
C ARG G 91 -51.44 -31.29 9.44
N LEU G 92 -51.56 -31.39 8.13
CA LEU G 92 -50.48 -31.72 7.25
C LEU G 92 -50.94 -31.02 5.99
N ILE G 93 -50.04 -30.26 5.38
CA ILE G 93 -50.38 -29.37 4.29
C ILE G 93 -49.54 -29.80 3.09
N TYR G 94 -48.37 -30.34 3.40
CA TYR G 94 -47.51 -30.92 2.39
C TYR G 94 -46.73 -32.09 2.95
N SER G 95 -46.65 -33.16 2.16
CA SER G 95 -45.75 -34.29 2.44
C SER G 95 -45.11 -34.72 1.13
N LYS G 96 -43.78 -34.71 1.10
CA LYS G 96 -43.03 -35.10 -0.09
C LYS G 96 -43.51 -36.43 -0.65
N LYS G 97 -43.58 -37.45 0.21
CA LYS G 97 -43.90 -38.80 -0.25
C LYS G 97 -45.31 -38.94 -0.86
N ASP G 98 -46.06 -37.84 -0.82
CA ASP G 98 -47.25 -37.55 -1.66
C ASP G 98 -48.62 -37.63 -0.97
N MET H 1 -37.60 -5.08 12.37
CA MET H 1 -38.25 -6.36 12.70
C MET H 1 -39.75 -6.37 12.36
N GLN H 2 -40.27 -7.55 12.05
CA GLN H 2 -41.68 -7.72 11.73
C GLN H 2 -42.40 -8.53 12.81
N ILE H 3 -43.68 -8.26 13.01
CA ILE H 3 -44.51 -8.99 13.97
C ILE H 3 -45.16 -10.12 13.19
N ALA H 4 -45.18 -11.33 13.74
CA ALA H 4 -45.79 -12.46 13.07
C ALA H 4 -46.39 -13.44 14.07
N LYS H 5 -47.15 -14.41 13.56
CA LYS H 5 -47.82 -15.41 14.41
C LYS H 5 -47.27 -16.79 14.07
N VAL H 6 -47.00 -17.61 15.07
CA VAL H 6 -46.49 -18.94 14.78
C VAL H 6 -47.66 -19.82 14.26
N ARG H 7 -47.51 -20.37 13.06
CA ARG H 7 -48.64 -21.11 12.48
C ARG H 7 -48.29 -22.53 12.09
N GLY H 8 -47.06 -22.96 12.33
CA GLY H 8 -46.71 -24.36 12.13
C GLY H 8 -45.22 -24.62 12.09
N THR H 9 -44.85 -25.86 11.78
CA THR H 9 -43.43 -26.21 11.68
C THR H 9 -43.09 -26.70 10.27
N VAL H 10 -41.83 -26.52 9.86
CA VAL H 10 -41.38 -27.08 8.59
C VAL H 10 -40.37 -28.19 8.89
N VAL H 11 -40.64 -29.38 8.36
CA VAL H 11 -39.72 -30.50 8.55
C VAL H 11 -38.93 -30.83 7.28
N SER H 12 -37.61 -30.95 7.44
CA SER H 12 -36.70 -31.34 6.37
C SER H 12 -35.76 -32.41 6.92
N THR H 13 -35.62 -33.54 6.23
CA THR H 13 -34.53 -34.46 6.57
C THR H 13 -33.30 -34.18 5.73
N GLN H 14 -33.54 -33.74 4.49
CA GLN H 14 -32.48 -33.56 3.51
C GLN H 14 -32.14 -32.08 3.40
N LYS H 15 -31.07 -31.68 4.11
CA LYS H 15 -30.67 -30.28 4.18
C LYS H 15 -29.18 -30.12 4.36
N ASP H 16 -28.71 -28.88 4.25
CA ASP H 16 -27.31 -28.58 4.49
C ASP H 16 -27.02 -28.86 5.96
N PRO H 17 -25.85 -29.46 6.24
CA PRO H 17 -25.46 -29.81 7.61
C PRO H 17 -25.57 -28.62 8.53
N SER H 18 -25.27 -27.44 8.01
CA SER H 18 -25.31 -26.21 8.78
C SER H 18 -26.70 -25.93 9.34
N LEU H 19 -27.70 -26.71 8.92
CA LEU H 19 -29.06 -26.54 9.47
C LEU H 19 -29.52 -27.66 10.40
N ARG H 20 -28.64 -28.60 10.73
CA ARG H 20 -29.02 -29.70 11.63
C ARG H 20 -29.34 -29.15 13.02
N GLY H 21 -30.36 -29.71 13.67
CA GLY H 21 -30.80 -29.19 14.96
C GLY H 21 -31.41 -27.79 14.93
N VAL H 22 -31.51 -27.16 13.76
CA VAL H 22 -32.19 -25.85 13.67
C VAL H 22 -33.71 -26.04 13.49
N LYS H 23 -34.49 -25.56 14.45
CA LYS H 23 -35.97 -25.69 14.38
C LYS H 23 -36.59 -24.62 13.47
N LEU H 24 -37.46 -25.08 12.56
CA LEU H 24 -37.99 -24.22 11.52
C LEU H 24 -39.49 -24.01 11.67
N LEU H 25 -39.89 -22.75 11.80
CA LEU H 25 -41.27 -22.44 12.08
C LEU H 25 -41.89 -21.78 10.88
N LEU H 26 -43.16 -22.11 10.64
CA LEU H 26 -43.98 -21.42 9.68
C LEU H 26 -44.58 -20.21 10.42
N LEU H 27 -44.34 -19.03 9.89
CA LEU H 27 -44.87 -17.83 10.51
C LEU H 27 -45.80 -17.11 9.55
N GLN H 28 -46.87 -16.52 10.10
CA GLN H 28 -47.82 -15.71 9.35
C GLN H 28 -47.57 -14.24 9.74
N LEU H 29 -47.14 -13.42 8.79
CA LEU H 29 -46.86 -12.01 9.07
C LEU H 29 -48.11 -11.27 9.55
N VAL H 30 -47.94 -10.26 10.39
CA VAL H 30 -49.07 -9.44 10.87
C VAL H 30 -48.89 -7.98 10.42
N ASP H 31 -49.97 -7.26 10.09
CA ASP H 31 -49.77 -5.88 9.62
C ASP H 31 -49.77 -4.83 10.72
N GLU H 32 -49.44 -3.58 10.32
CA GLU H 32 -49.28 -2.43 11.23
C GLU H 32 -50.43 -2.29 12.26
N GLU H 33 -51.63 -2.61 11.81
CA GLU H 33 -52.84 -2.53 12.64
C GLU H 33 -53.11 -3.79 13.45
N GLY H 34 -52.24 -4.79 13.31
CA GLY H 34 -52.44 -6.04 14.00
C GLY H 34 -53.16 -7.16 13.24
N ASN H 35 -53.52 -6.92 11.96
CA ASN H 35 -54.23 -7.93 11.17
C ASN H 35 -53.36 -9.00 10.55
N LEU H 36 -53.84 -10.24 10.58
CA LEU H 36 -53.12 -11.32 9.92
C LEU H 36 -53.24 -11.15 8.42
N LEU H 37 -52.15 -11.40 7.72
CA LEU H 37 -52.07 -11.29 6.28
C LEU H 37 -52.01 -12.70 5.67
N GLN H 38 -52.34 -12.83 4.39
CA GLN H 38 -52.16 -14.09 3.69
C GLN H 38 -50.69 -14.36 3.31
N LYS H 39 -49.73 -13.69 3.95
CA LYS H 39 -48.33 -13.91 3.63
C LYS H 39 -47.62 -14.71 4.71
N TYR H 40 -46.68 -15.57 4.30
CA TYR H 40 -46.01 -16.47 5.23
C TYR H 40 -44.51 -16.50 4.98
N GLU H 41 -43.73 -16.89 6.00
CA GLU H 41 -42.32 -17.19 5.82
C GLU H 41 -41.86 -18.23 6.84
N VAL H 42 -40.58 -18.59 6.78
CA VAL H 42 -40.09 -19.69 7.59
C VAL H 42 -38.86 -19.17 8.28
N ALA H 43 -38.83 -19.30 9.58
CA ALA H 43 -37.72 -18.74 10.32
C ALA H 43 -37.17 -19.73 11.30
N ALA H 44 -35.89 -19.52 11.64
CA ALA H 44 -35.23 -20.34 12.66
C ALA H 44 -35.72 -19.94 14.05
N ASP H 45 -35.95 -20.94 14.90
CA ASP H 45 -36.26 -20.63 16.30
C ASP H 45 -35.44 -21.53 17.22
N ASN H 46 -34.25 -21.08 17.59
CA ASN H 46 -33.43 -21.90 18.48
C ASN H 46 -32.91 -21.24 19.74
N SER H 47 -33.44 -20.07 20.08
CA SER H 47 -33.14 -19.45 21.35
C SER H 47 -34.43 -19.27 22.14
N VAL H 48 -35.45 -18.75 21.48
CA VAL H 48 -36.66 -18.36 22.19
C VAL H 48 -37.68 -19.50 22.39
N GLY H 49 -37.78 -20.41 21.42
CA GLY H 49 -38.69 -21.55 21.52
C GLY H 49 -40.16 -21.15 21.60
N ALA H 50 -40.65 -20.54 20.53
CA ALA H 50 -41.98 -19.96 20.49
C ALA H 50 -43.05 -21.03 20.27
N GLY H 51 -44.14 -20.96 21.04
CA GLY H 51 -45.24 -21.90 20.94
C GLY H 51 -46.29 -21.54 19.89
N PHE H 52 -47.13 -22.52 19.56
CA PHE H 52 -48.15 -22.35 18.53
C PHE H 52 -49.10 -21.18 18.84
N ASP H 53 -49.42 -20.41 17.80
CA ASP H 53 -50.33 -19.25 17.89
C ASP H 53 -49.76 -18.02 18.58
N GLU H 54 -48.51 -18.12 19.06
CA GLU H 54 -47.87 -16.98 19.71
C GLU H 54 -47.46 -15.92 18.72
N TRP H 55 -47.55 -14.67 19.18
CA TRP H 55 -47.05 -13.50 18.46
C TRP H 55 -45.55 -13.31 18.76
N VAL H 56 -44.74 -13.14 17.71
CA VAL H 56 -43.29 -13.08 17.83
C VAL H 56 -42.69 -11.96 17.00
N LEU H 57 -41.45 -11.58 17.30
CA LEU H 57 -40.65 -10.71 16.43
C LEU H 57 -39.71 -11.54 15.57
N ILE H 58 -39.61 -11.17 14.30
CA ILE H 58 -38.69 -11.84 13.39
C ILE H 58 -37.64 -10.81 12.96
N SER H 59 -36.37 -11.22 12.96
CA SER H 59 -35.36 -10.35 12.39
C SER H 59 -34.92 -11.01 11.10
N ARG H 60 -34.63 -10.20 10.08
CA ARG H 60 -34.35 -10.71 8.74
C ARG H 60 -32.99 -10.25 8.27
N GLY H 61 -32.47 -10.96 7.27
CA GLY H 61 -31.16 -10.64 6.75
C GLY H 61 -30.10 -11.09 7.71
N SER H 62 -28.96 -10.39 7.71
CA SER H 62 -27.80 -10.84 8.46
C SER H 62 -27.98 -10.70 9.98
N ALA H 63 -28.98 -9.92 10.39
CA ALA H 63 -29.41 -9.84 11.78
C ALA H 63 -29.71 -11.23 12.35
N ALA H 64 -30.31 -12.10 11.53
CA ALA H 64 -30.77 -13.40 12.01
C ALA H 64 -29.59 -14.27 12.36
N ARG H 65 -28.41 -13.93 11.84
CA ARG H 65 -27.20 -14.69 12.18
C ARG H 65 -26.55 -14.23 13.50
N GLN H 66 -27.09 -13.21 14.15
CA GLN H 66 -26.47 -12.74 15.39
C GLN H 66 -26.90 -13.55 16.62
N LEU H 67 -27.88 -14.42 16.45
CA LEU H 67 -28.31 -15.26 17.55
C LEU H 67 -27.21 -16.29 17.75
N LEU H 68 -26.84 -16.58 19.00
CA LEU H 68 -25.79 -17.57 19.25
C LEU H 68 -26.16 -18.87 18.53
N GLY H 69 -25.19 -19.50 17.88
CA GLY H 69 -25.48 -20.71 17.14
C GLY H 69 -25.58 -20.46 15.65
N ASN H 70 -26.19 -19.31 15.30
CA ASN H 70 -26.49 -18.91 13.92
C ASN H 70 -25.39 -18.22 13.09
N GLU H 71 -24.17 -18.02 13.60
CA GLU H 71 -23.25 -17.05 12.96
C GLU H 71 -22.79 -17.40 11.53
N GLN H 72 -22.65 -18.68 11.28
CA GLN H 72 -22.27 -19.13 9.95
C GLN H 72 -23.27 -20.15 9.47
N ARG H 73 -24.55 -19.93 9.78
CA ARG H 73 -25.61 -20.75 9.25
C ARG H 73 -26.33 -19.89 8.23
N PRO H 74 -26.87 -20.53 7.21
CA PRO H 74 -27.58 -19.85 6.10
C PRO H 74 -29.02 -19.51 6.47
N VAL H 75 -29.20 -18.76 7.57
CA VAL H 75 -30.51 -18.31 8.00
C VAL H 75 -30.66 -16.82 7.74
N ASP H 76 -31.76 -16.45 7.08
CA ASP H 76 -32.07 -15.06 6.77
C ASP H 76 -33.30 -14.53 7.52
N ALA H 77 -33.80 -15.32 8.47
CA ALA H 77 -34.95 -14.98 9.26
C ALA H 77 -34.90 -15.80 10.53
N ALA H 78 -35.06 -15.12 11.67
CA ALA H 78 -35.03 -15.80 12.97
C ALA H 78 -36.08 -15.19 13.91
N VAL H 79 -36.73 -16.04 14.73
CA VAL H 79 -37.56 -15.56 15.86
C VAL H 79 -36.64 -15.02 16.93
N VAL H 80 -36.78 -13.75 17.31
CA VAL H 80 -35.83 -13.16 18.25
C VAL H 80 -36.52 -12.80 19.55
N ALA H 81 -37.85 -12.84 19.56
CA ALA H 81 -38.61 -12.44 20.76
C ALA H 81 -40.05 -12.97 20.74
N ILE H 82 -40.58 -13.29 21.91
CA ILE H 82 -42.03 -13.46 22.07
C ILE H 82 -42.59 -12.13 22.57
N ILE H 83 -43.65 -11.64 21.92
CA ILE H 83 -44.23 -10.37 22.30
C ILE H 83 -45.15 -10.55 23.50
N ASP H 84 -44.97 -9.70 24.52
CA ASP H 84 -45.93 -9.66 25.63
C ASP H 84 -47.09 -8.72 25.33
N THR H 85 -46.76 -7.44 25.10
CA THR H 85 -47.78 -6.43 24.81
C THR H 85 -47.33 -5.51 23.70
N ILE H 86 -48.27 -4.71 23.19
CA ILE H 86 -47.98 -3.63 22.25
C ILE H 86 -48.83 -2.40 22.62
N HIS H 87 -48.17 -1.33 23.06
CA HIS H 87 -48.84 -0.11 23.51
C HIS H 87 -48.79 1.01 22.44
N VAL H 88 -49.87 1.81 22.31
CA VAL H 88 -49.83 3.11 21.62
C VAL H 88 -49.99 4.21 22.66
N GLU H 89 -49.26 5.31 22.49
CA GLU H 89 -49.19 6.39 23.47
C GLU H 89 -49.18 5.84 24.90
N ASP H 90 -50.36 5.52 25.42
CA ASP H 90 -50.54 5.04 26.78
C ASP H 90 -51.61 3.95 26.92
N ARG H 91 -52.09 3.40 25.81
CA ARG H 91 -53.12 2.36 25.89
C ARG H 91 -52.66 1.01 25.30
N LEU H 92 -53.50 -0.02 25.45
CA LEU H 92 -53.11 -1.40 25.09
C LEU H 92 -53.78 -1.87 23.80
N ILE H 93 -53.05 -2.65 22.99
CA ILE H 93 -53.52 -3.13 21.66
C ILE H 93 -53.22 -4.62 21.40
N TYR H 94 -52.24 -5.15 22.15
CA TYR H 94 -52.02 -6.59 22.21
C TYR H 94 -51.53 -7.00 23.59
N SER H 95 -51.93 -8.18 24.04
CA SER H 95 -51.36 -8.80 25.24
C SER H 95 -51.27 -10.31 25.05
N LYS H 96 -50.12 -10.91 25.42
CA LYS H 96 -50.02 -12.36 25.45
C LYS H 96 -51.04 -12.91 26.45
N LYS H 97 -51.11 -12.27 27.62
CA LYS H 97 -52.16 -12.61 28.58
C LYS H 97 -53.38 -11.70 28.37
N ASP H 98 -54.02 -11.86 27.21
CA ASP H 98 -55.33 -11.29 26.90
C ASP H 98 -55.80 -11.82 25.55
N MET I 1 -32.48 5.14 3.88
CA MET I 1 -33.25 5.31 5.11
C MET I 1 -34.70 5.75 4.85
N GLN I 2 -35.65 5.27 5.65
CA GLN I 2 -37.07 5.55 5.46
C GLN I 2 -37.56 6.51 6.55
N ILE I 3 -38.53 7.36 6.22
CA ILE I 3 -39.15 8.23 7.22
C ILE I 3 -40.29 7.45 7.88
N ALA I 4 -40.41 7.52 9.20
CA ALA I 4 -41.50 6.85 9.91
C ALA I 4 -42.00 7.70 11.08
N LYS I 5 -43.15 7.34 11.62
CA LYS I 5 -43.67 7.96 12.84
C LYS I 5 -43.70 6.96 13.98
N VAL I 6 -43.34 7.42 15.16
CA VAL I 6 -43.44 6.56 16.33
C VAL I 6 -44.91 6.36 16.72
N ARG I 7 -45.39 5.13 16.56
CA ARG I 7 -46.77 4.80 16.90
C ARG I 7 -46.95 3.98 18.18
N GLY I 8 -45.88 3.41 18.71
CA GLY I 8 -46.02 2.63 19.93
C GLY I 8 -44.77 1.93 20.43
N THR I 9 -44.86 1.23 21.56
CA THR I 9 -43.73 0.43 22.06
C THR I 9 -44.11 -1.05 22.10
N VAL I 10 -43.11 -1.91 21.90
CA VAL I 10 -43.29 -3.37 21.97
C VAL I 10 -42.49 -3.88 23.18
N VAL I 11 -43.16 -4.57 24.09
CA VAL I 11 -42.47 -5.13 25.26
C VAL I 11 -42.27 -6.65 25.14
N SER I 12 -41.02 -7.10 25.28
CA SER I 12 -40.73 -8.53 25.33
C SER I 12 -39.99 -8.90 26.60
N THR I 13 -40.42 -9.97 27.27
CA THR I 13 -39.62 -10.57 28.35
C THR I 13 -38.94 -11.91 27.97
N GLN I 14 -39.52 -12.66 27.03
CA GLN I 14 -38.92 -13.91 26.57
C GLN I 14 -38.33 -13.66 25.19
N LYS I 15 -37.01 -13.65 25.11
CA LYS I 15 -36.36 -13.22 23.89
C LYS I 15 -34.89 -13.62 23.91
N ASP I 16 -34.25 -13.61 22.74
CA ASP I 16 -32.85 -13.99 22.65
C ASP I 16 -31.99 -13.05 23.52
N PRO I 17 -31.02 -13.60 24.27
CA PRO I 17 -30.20 -12.77 25.18
C PRO I 17 -29.51 -11.59 24.49
N SER I 18 -29.27 -11.71 23.20
CA SER I 18 -28.65 -10.59 22.49
C SER I 18 -29.61 -9.38 22.32
N LEU I 19 -30.88 -9.54 22.68
CA LEU I 19 -31.84 -8.44 22.65
C LEU I 19 -32.03 -7.82 24.01
N ARG I 20 -31.30 -8.32 25.00
CA ARG I 20 -31.47 -7.80 26.34
C ARG I 20 -31.09 -6.32 26.43
N GLY I 21 -31.94 -5.52 27.06
CA GLY I 21 -31.73 -4.08 27.13
C GLY I 21 -32.19 -3.28 25.90
N VAL I 22 -32.43 -3.97 24.78
CA VAL I 22 -32.88 -3.30 23.55
C VAL I 22 -34.32 -2.79 23.66
N LYS I 23 -34.51 -1.50 23.42
CA LYS I 23 -35.87 -0.91 23.52
C LYS I 23 -36.49 -0.91 22.13
N LEU I 24 -37.74 -1.36 22.05
CA LEU I 24 -38.38 -1.60 20.77
C LEU I 24 -39.55 -0.66 20.56
N LEU I 25 -39.56 0.01 19.42
CA LEU I 25 -40.71 0.84 19.07
C LEU I 25 -41.46 0.32 17.83
N LEU I 26 -42.76 0.58 17.78
CA LEU I 26 -43.53 0.34 16.58
C LEU I 26 -43.50 1.62 15.75
N LEU I 27 -42.96 1.52 14.55
CA LEU I 27 -42.88 2.70 13.68
C LEU I 27 -43.71 2.46 12.46
N GLN I 28 -44.56 3.42 12.13
CA GLN I 28 -45.40 3.28 10.93
C GLN I 28 -44.76 4.09 9.80
N LEU I 29 -44.53 3.46 8.66
CA LEU I 29 -43.78 4.15 7.61
C LEU I 29 -44.63 5.25 6.97
N VAL I 30 -43.91 6.25 6.48
CA VAL I 30 -44.48 7.42 5.86
C VAL I 30 -44.01 7.48 4.41
N ASP I 31 -44.92 7.86 3.52
CA ASP I 31 -44.53 8.00 2.14
C ASP I 31 -43.78 9.29 1.81
N GLU I 32 -43.43 9.38 0.54
CA GLU I 32 -42.57 10.41 0.00
C GLU I 32 -43.26 11.75 0.19
N GLU I 33 -44.59 11.71 0.19
CA GLU I 33 -45.41 12.91 0.33
C GLU I 33 -45.76 13.26 1.81
N GLY I 34 -45.43 12.39 2.76
CA GLY I 34 -45.78 12.62 4.16
C GLY I 34 -46.92 11.83 4.79
N ASN I 35 -47.68 11.07 3.98
CA ASN I 35 -48.83 10.30 4.45
C ASN I 35 -48.47 8.99 5.15
N LEU I 36 -49.24 8.61 6.17
CA LEU I 36 -48.98 7.34 6.85
C LEU I 36 -49.35 6.15 5.92
N LEU I 37 -48.53 5.10 5.95
CA LEU I 37 -48.65 3.94 5.07
C LEU I 37 -48.91 2.67 5.87
N GLN I 38 -49.23 1.57 5.17
CA GLN I 38 -49.43 0.27 5.82
C GLN I 38 -48.20 -0.65 5.71
N LYS I 39 -47.02 -0.07 5.89
CA LYS I 39 -45.77 -0.80 6.07
C LYS I 39 -45.30 -0.40 7.46
N TYR I 40 -44.52 -1.26 8.10
CA TYR I 40 -43.99 -0.96 9.44
C TYR I 40 -42.68 -1.67 9.72
N GLU I 41 -41.99 -1.17 10.73
CA GLU I 41 -40.92 -1.87 11.35
C GLU I 41 -41.12 -1.77 12.87
N VAL I 42 -40.79 -2.83 13.56
CA VAL I 42 -40.48 -2.70 14.97
C VAL I 42 -38.97 -2.42 15.02
N ALA I 43 -38.58 -1.28 15.54
CA ALA I 43 -37.19 -0.89 15.47
C ALA I 43 -36.62 -0.58 16.84
N ALA I 44 -35.32 -0.78 16.99
CA ALA I 44 -34.58 -0.45 18.19
C ALA I 44 -34.43 1.06 18.28
N ASP I 45 -34.47 1.61 19.49
CA ASP I 45 -34.18 3.04 19.65
C ASP I 45 -33.41 3.34 20.92
N ASN I 46 -32.33 2.60 21.16
CA ASN I 46 -31.54 2.90 22.36
C ASN I 46 -30.64 4.09 22.09
N SER I 47 -30.21 4.22 20.84
CA SER I 47 -29.20 5.23 20.47
C SER I 47 -29.84 6.60 20.28
N VAL I 48 -30.99 6.63 19.62
CA VAL I 48 -31.70 7.86 19.37
C VAL I 48 -33.09 7.60 19.90
N GLY I 49 -33.38 8.12 21.08
CA GLY I 49 -34.66 7.84 21.67
C GLY I 49 -35.69 8.74 21.04
N ALA I 50 -36.75 8.15 20.51
CA ALA I 50 -37.83 8.91 19.93
C ALA I 50 -39.08 8.81 20.82
N GLY I 51 -40.02 9.74 20.63
CA GLY I 51 -41.18 9.85 21.49
C GLY I 51 -42.40 9.70 20.62
N PHE I 52 -43.56 9.46 21.22
CA PHE I 52 -44.78 9.24 20.45
C PHE I 52 -45.04 10.40 19.49
N ASP I 53 -45.40 10.04 18.26
CA ASP I 53 -45.71 10.97 17.17
C ASP I 53 -44.51 11.67 16.52
N GLU I 54 -43.31 11.53 17.08
CA GLU I 54 -42.14 12.10 16.41
C GLU I 54 -41.91 11.43 15.06
N TRP I 55 -41.41 12.20 14.09
CA TRP I 55 -41.03 11.66 12.79
C TRP I 55 -39.56 11.29 12.89
N VAL I 56 -39.22 10.11 12.39
CA VAL I 56 -37.83 9.64 12.51
C VAL I 56 -37.30 9.05 11.22
N LEU I 57 -35.98 8.89 11.15
CA LEU I 57 -35.34 8.12 10.07
C LEU I 57 -35.04 6.76 10.61
N ILE I 58 -35.32 5.72 9.82
CA ILE I 58 -35.05 4.33 10.21
C ILE I 58 -34.03 3.79 9.22
N SER I 59 -32.99 3.12 9.72
CA SER I 59 -32.07 2.40 8.86
C SER I 59 -32.39 0.95 9.01
N ARG I 60 -32.25 0.21 7.92
CA ARG I 60 -32.70 -1.15 7.87
C ARG I 60 -31.56 -2.02 7.39
N GLY I 61 -31.65 -3.30 7.76
CA GLY I 61 -30.61 -4.26 7.44
C GLY I 61 -29.37 -4.08 8.32
N SER I 62 -28.22 -4.48 7.78
CA SER I 62 -27.03 -4.48 8.61
C SER I 62 -26.64 -3.08 9.03
N ALA I 63 -27.12 -2.07 8.30
CA ALA I 63 -26.97 -0.67 8.76
C ALA I 63 -27.34 -0.52 10.23
N ALA I 64 -28.39 -1.22 10.66
CA ALA I 64 -28.91 -1.07 12.04
C ALA I 64 -27.93 -1.56 13.09
N ARG I 65 -27.00 -2.40 12.68
CA ARG I 65 -26.01 -2.95 13.59
C ARG I 65 -24.77 -2.04 13.66
N GLN I 66 -24.75 -0.96 12.87
CA GLN I 66 -23.61 -0.06 12.93
C GLN I 66 -23.69 0.91 14.11
N LEU I 67 -24.88 1.05 14.69
CA LEU I 67 -25.05 1.86 15.91
C LEU I 67 -24.23 1.21 17.02
N LEU I 68 -23.40 2.00 17.72
CA LEU I 68 -22.42 1.46 18.67
C LEU I 68 -23.13 0.66 19.76
N GLY I 69 -22.72 -0.60 19.91
CA GLY I 69 -23.36 -1.50 20.85
C GLY I 69 -24.37 -2.45 20.24
N ASN I 70 -24.68 -2.21 18.97
CA ASN I 70 -25.59 -3.08 18.19
C ASN I 70 -24.88 -4.11 17.31
N GLU I 71 -23.55 -4.07 17.28
CA GLU I 71 -22.82 -4.82 16.28
C GLU I 71 -23.18 -6.34 16.24
N GLN I 72 -23.31 -6.96 17.40
CA GLN I 72 -23.60 -8.39 17.49
C GLN I 72 -25.01 -8.66 18.03
N ARG I 73 -25.94 -7.76 17.72
CA ARG I 73 -27.34 -7.94 18.12
C ARG I 73 -28.21 -8.15 16.90
N PRO I 74 -29.30 -8.96 17.03
CA PRO I 74 -30.12 -9.29 15.87
C PRO I 74 -31.14 -8.18 15.59
N VAL I 75 -30.65 -6.97 15.34
CA VAL I 75 -31.49 -5.80 15.03
C VAL I 75 -31.37 -5.53 13.52
N ASP I 76 -32.50 -5.53 12.80
CA ASP I 76 -32.53 -5.18 11.38
C ASP I 76 -33.24 -3.83 11.07
N ALA I 77 -33.54 -3.06 12.10
CA ALA I 77 -34.20 -1.77 11.94
C ALA I 77 -33.91 -0.94 13.16
N ALA I 78 -33.47 0.27 12.95
CA ALA I 78 -33.23 1.16 14.09
C ALA I 78 -33.49 2.62 13.78
N VAL I 79 -33.94 3.34 14.80
CA VAL I 79 -34.08 4.79 14.74
C VAL I 79 -32.69 5.38 14.75
N VAL I 80 -32.35 6.18 13.73
CA VAL I 80 -30.99 6.75 13.64
C VAL I 80 -31.06 8.26 13.76
N ALA I 81 -32.27 8.81 13.61
CA ALA I 81 -32.39 10.27 13.75
C ALA I 81 -33.81 10.73 14.04
N ILE I 82 -33.93 11.86 14.72
CA ILE I 82 -35.20 12.53 14.81
C ILE I 82 -35.22 13.67 13.79
N ILE I 83 -36.21 13.66 12.93
CA ILE I 83 -36.33 14.67 11.88
C ILE I 83 -36.92 15.94 12.45
N ASP I 84 -36.23 17.06 12.27
CA ASP I 84 -36.79 18.35 12.63
C ASP I 84 -37.69 18.85 11.50
N THR I 85 -37.15 18.90 10.29
CA THR I 85 -37.96 19.27 9.16
C THR I 85 -37.51 18.60 7.87
N ILE I 86 -38.36 18.70 6.85
CA ILE I 86 -38.07 18.25 5.49
C ILE I 86 -38.72 19.22 4.55
N HIS I 87 -38.01 19.58 3.48
CA HIS I 87 -38.64 20.32 2.39
C HIS I 87 -38.49 19.59 1.05
N VAL I 88 -39.19 20.10 0.05
CA VAL I 88 -38.75 19.98 -1.33
C VAL I 88 -38.45 21.45 -1.61
N GLU I 89 -37.42 21.76 -2.40
CA GLU I 89 -36.76 23.09 -2.42
C GLU I 89 -37.43 24.30 -1.71
N ASP I 90 -38.77 24.33 -1.68
CA ASP I 90 -39.52 25.39 -1.00
C ASP I 90 -40.73 24.90 -0.17
N ARG I 91 -41.24 23.71 -0.46
CA ARG I 91 -42.43 23.20 0.24
C ARG I 91 -42.11 22.49 1.57
N LEU I 92 -42.49 23.14 2.67
CA LEU I 92 -42.43 22.49 3.98
C LEU I 92 -43.42 21.32 4.01
N ILE I 93 -42.90 20.10 4.00
CA ILE I 93 -43.76 18.93 4.18
C ILE I 93 -44.05 18.79 5.66
N TYR I 94 -42.97 18.86 6.44
CA TYR I 94 -43.02 18.56 7.85
C TYR I 94 -42.13 19.49 8.66
N SER I 95 -42.68 20.02 9.75
CA SER I 95 -41.91 20.76 10.75
C SER I 95 -42.20 20.21 12.14
N LYS I 96 -41.16 19.70 12.80
CA LYS I 96 -41.30 19.15 14.15
C LYS I 96 -41.83 20.22 15.10
N LYS I 97 -41.50 21.48 14.81
CA LYS I 97 -42.06 22.74 15.37
C LYS I 97 -41.00 23.73 15.81
N MET J 1 38.15 -10.47 5.90
CA MET J 1 38.69 -10.57 7.26
C MET J 1 40.17 -10.22 7.19
N GLN J 2 40.73 -9.80 8.33
CA GLN J 2 42.14 -9.40 8.37
C GLN J 2 42.91 -10.29 9.34
N ILE J 3 44.18 -10.53 9.03
CA ILE J 3 45.08 -11.24 9.92
C ILE J 3 45.71 -10.28 10.92
N ALA J 4 45.69 -10.62 12.20
CA ALA J 4 46.32 -9.80 13.21
C ALA J 4 46.98 -10.62 14.28
N LYS J 5 47.75 -9.91 15.10
CA LYS J 5 48.40 -10.51 16.25
C LYS J 5 47.89 -9.86 17.52
N VAL J 6 47.60 -10.68 18.52
CA VAL J 6 47.14 -10.20 19.82
C VAL J 6 48.35 -9.54 20.48
N ARG J 7 48.25 -8.24 20.80
CA ARG J 7 49.40 -7.53 21.36
C ARG J 7 49.14 -6.93 22.74
N GLY J 8 47.95 -7.13 23.27
CA GLY J 8 47.65 -6.61 24.60
C GLY J 8 46.18 -6.68 24.98
N THR J 9 45.89 -6.11 26.15
CA THR J 9 44.56 -6.21 26.70
C THR J 9 44.09 -4.81 27.10
N VAL J 10 42.84 -4.47 26.78
CA VAL J 10 42.34 -3.13 27.05
C VAL J 10 41.37 -3.16 28.23
N VAL J 11 41.60 -2.33 29.25
CA VAL J 11 40.69 -2.32 30.41
C VAL J 11 39.82 -1.05 30.57
N SER J 12 38.51 -1.28 30.73
CA SER J 12 37.56 -0.20 30.99
C SER J 12 36.60 -0.60 32.10
N THR J 13 36.47 0.27 33.10
CA THR J 13 35.48 0.07 34.17
C THR J 13 34.25 0.91 33.87
N GLN J 14 34.43 1.88 32.98
CA GLN J 14 33.43 2.90 32.70
C GLN J 14 33.04 2.78 31.23
N LYS J 15 31.95 2.06 30.97
CA LYS J 15 31.55 1.76 29.61
C LYS J 15 30.07 1.53 29.52
N ASP J 16 29.58 1.43 28.29
CA ASP J 16 28.16 1.13 28.12
C ASP J 16 27.85 -0.26 28.64
N PRO J 17 26.65 -0.46 29.21
CA PRO J 17 26.27 -1.77 29.75
C PRO J 17 26.32 -2.87 28.69
N SER J 18 26.10 -2.51 27.44
CA SER J 18 26.06 -3.47 26.35
C SER J 18 27.41 -4.12 26.15
N LEU J 19 28.44 -3.60 26.84
CA LEU J 19 29.80 -4.13 26.74
C LEU J 19 30.26 -4.86 28.00
N ARG J 20 29.40 -4.91 29.01
CA ARG J 20 29.77 -5.58 30.26
C ARG J 20 30.08 -7.06 29.99
N GLY J 21 31.18 -7.55 30.55
CA GLY J 21 31.55 -8.95 30.32
C GLY J 21 32.28 -9.19 29.01
N VAL J 22 32.34 -8.19 28.13
CA VAL J 22 32.99 -8.37 26.83
C VAL J 22 34.52 -8.19 26.96
N LYS J 23 35.28 -9.26 26.76
CA LYS J 23 36.74 -9.14 26.75
C LYS J 23 37.25 -8.39 25.53
N LEU J 24 38.08 -7.39 25.79
CA LEU J 24 38.60 -6.56 24.70
C LEU J 24 40.10 -6.73 24.55
N LEU J 25 40.55 -6.95 23.32
CA LEU J 25 41.97 -7.22 23.09
C LEU J 25 42.53 -6.13 22.21
N LEU J 26 43.82 -5.86 22.33
CA LEU J 26 44.51 -4.95 21.44
C LEU J 26 45.16 -5.80 20.37
N LEU J 27 44.79 -5.56 19.12
CA LEU J 27 45.26 -6.41 18.05
C LEU J 27 46.08 -5.66 17.03
N GLN J 28 47.16 -6.27 16.58
CA GLN J 28 48.02 -5.59 15.64
C GLN J 28 47.88 -6.25 14.30
N LEU J 29 47.54 -5.46 13.29
CA LEU J 29 47.26 -6.03 11.98
C LEU J 29 48.59 -6.46 11.33
N VAL J 30 48.48 -7.45 10.45
CA VAL J 30 49.65 -8.03 9.81
C VAL J 30 49.37 -8.02 8.30
N ASP J 31 50.37 -8.07 7.44
CA ASP J 31 50.04 -8.45 6.05
C ASP J 31 50.59 -9.88 5.78
N GLU J 32 50.84 -10.27 4.53
CA GLU J 32 50.95 -11.70 4.22
C GLU J 32 52.17 -12.43 4.84
N GLU J 33 53.29 -11.75 4.98
CA GLU J 33 54.48 -12.42 5.45
C GLU J 33 54.59 -12.35 6.96
N GLY J 34 53.57 -11.77 7.60
CA GLY J 34 53.60 -11.74 9.03
C GLY J 34 54.09 -10.46 9.64
N ASN J 35 54.56 -9.56 8.79
CA ASN J 35 55.14 -8.36 9.31
C ASN J 35 54.07 -7.49 9.94
N LEU J 36 54.27 -7.20 11.21
CA LEU J 36 53.35 -6.36 11.95
C LEU J 36 53.25 -5.00 11.28
N LEU J 37 52.03 -4.51 11.16
CA LEU J 37 51.77 -3.16 10.72
C LEU J 37 51.36 -2.40 11.98
N GLN J 38 50.59 -1.32 11.78
CA GLN J 38 49.99 -0.63 12.92
C GLN J 38 48.65 -0.03 12.60
N LYS J 39 47.91 -0.67 11.73
CA LYS J 39 46.49 -0.53 11.87
C LYS J 39 46.14 -1.45 13.04
N TYR J 40 45.11 -1.09 13.80
CA TYR J 40 44.68 -1.86 14.97
CA TYR J 40 44.66 -1.95 14.88
C TYR J 40 43.17 -1.87 15.01
N GLU J 41 42.63 -2.84 15.72
CA GLU J 41 41.30 -2.71 16.22
C GLU J 41 41.51 -3.08 17.69
N VAL J 42 40.72 -2.48 18.56
CA VAL J 42 40.43 -3.11 19.81
C VAL J 42 39.25 -3.96 19.36
N ALA J 43 39.33 -5.26 19.61
CA ALA J 43 38.30 -6.19 19.14
C ALA J 43 37.83 -7.07 20.25
N ALA J 44 36.56 -7.46 20.17
CA ALA J 44 36.00 -8.35 21.16
C ALA J 44 36.51 -9.76 20.94
N ASP J 45 36.74 -10.47 22.04
CA ASP J 45 36.99 -11.88 21.95
C ASP J 45 36.22 -12.65 23.03
N ASN J 46 34.90 -12.75 22.87
CA ASN J 46 34.09 -13.53 23.81
C ASN J 46 33.55 -14.82 23.18
N SER J 47 34.36 -15.41 22.31
CA SER J 47 33.96 -16.57 21.54
C SER J 47 35.16 -17.50 21.25
N VAL J 48 36.31 -16.91 20.95
CA VAL J 48 37.49 -17.71 20.58
C VAL J 48 38.48 -17.88 21.74
N GLY J 49 38.75 -16.80 22.46
CA GLY J 49 39.62 -16.86 23.63
C GLY J 49 41.09 -16.86 23.26
N ALA J 50 41.47 -15.98 22.34
CA ALA J 50 42.84 -15.97 21.80
C ALA J 50 43.87 -15.55 22.85
N GLY J 51 45.06 -16.13 22.74
CA GLY J 51 46.13 -15.85 23.69
C GLY J 51 47.12 -14.81 23.19
N PHE J 52 48.02 -14.39 24.07
CA PHE J 52 49.06 -13.47 23.70
C PHE J 52 49.88 -14.01 22.51
N ASP J 53 50.11 -13.17 21.50
CA ASP J 53 51.00 -13.48 20.38
C ASP J 53 50.47 -14.49 19.33
N GLU J 54 49.29 -15.04 19.55
CA GLU J 54 48.68 -15.89 18.53
C GLU J 54 48.27 -15.06 17.32
N TRP J 55 48.35 -15.68 16.16
CA TRP J 55 47.77 -15.12 14.96
C TRP J 55 46.29 -15.45 14.83
N VAL J 56 45.46 -14.41 14.68
CA VAL J 56 44.02 -14.58 14.60
C VAL J 56 43.42 -13.86 13.39
N LEU J 57 42.17 -14.20 13.06
CA LEU J 57 41.39 -13.49 12.06
C LEU J 57 40.43 -12.52 12.74
N ILE J 58 40.30 -11.31 12.21
CA ILE J 58 39.36 -10.34 12.74
C ILE J 58 38.29 -10.13 11.70
N SER J 59 37.02 -10.17 12.10
CA SER J 59 35.93 -9.71 11.24
C SER J 59 35.51 -8.33 11.72
N ARG J 60 35.19 -7.43 10.79
CA ARG J 60 34.89 -6.03 11.11
C ARG J 60 33.51 -5.66 10.58
N GLY J 61 32.97 -4.57 11.10
CA GLY J 61 31.64 -4.13 10.68
C GLY J 61 30.55 -4.99 11.32
N SER J 62 29.36 -5.03 10.72
CA SER J 62 28.25 -5.77 11.31
C SER J 62 28.53 -7.27 11.41
N ALA J 63 29.48 -7.76 10.63
CA ALA J 63 29.95 -9.15 10.79
C ALA J 63 30.30 -9.48 12.24
N ALA J 64 30.89 -8.51 12.94
CA ALA J 64 31.34 -8.67 14.34
C ALA J 64 30.17 -8.91 15.29
N ARG J 65 28.97 -8.47 14.90
CA ARG J 65 27.81 -8.74 15.74
C ARG J 65 27.30 -10.15 15.50
N GLN J 66 27.87 -10.88 14.55
CA GLN J 66 27.28 -12.21 14.31
C GLN J 66 27.84 -13.29 15.25
N LEU J 67 28.75 -12.92 16.14
CA LEU J 67 29.27 -13.89 17.12
C LEU J 67 28.30 -14.02 18.29
N LEU J 68 28.29 -15.17 18.97
CA LEU J 68 27.33 -15.45 20.06
C LEU J 68 27.26 -14.34 21.11
N GLY J 69 26.08 -13.77 21.30
CA GLY J 69 25.90 -12.73 22.29
C GLY J 69 26.12 -11.32 21.77
N ASN J 70 26.99 -11.14 20.77
CA ASN J 70 27.31 -9.81 20.24
C ASN J 70 26.18 -9.12 19.45
N GLU J 71 25.02 -9.76 19.34
CA GLU J 71 23.94 -9.36 18.41
C GLU J 71 23.49 -7.87 18.43
N GLN J 72 23.32 -7.37 19.63
CA GLN J 72 22.86 -6.00 19.84
C GLN J 72 23.86 -5.34 20.76
N ARG J 73 25.14 -5.63 20.48
CA ARG J 73 26.25 -4.99 21.16
C ARG J 73 27.01 -4.13 20.19
N PRO J 74 27.48 -2.96 20.65
CA PRO J 74 28.18 -1.96 19.84
C PRO J 74 29.61 -2.42 19.49
N VAL J 75 29.76 -3.61 18.93
CA VAL J 75 31.06 -4.17 18.59
C VAL J 75 31.26 -4.08 17.08
N ASP J 76 32.36 -3.49 16.60
CA ASP J 76 32.60 -3.37 15.17
C ASP J 76 33.85 -4.15 14.72
N ALA J 77 34.44 -4.90 15.64
CA ALA J 77 35.59 -5.75 15.36
C ALA J 77 35.56 -6.90 16.34
N ALA J 78 35.69 -8.14 15.84
CA ALA J 78 35.73 -9.31 16.69
C ALA J 78 36.77 -10.33 16.25
N VAL J 79 37.42 -10.96 17.21
CA VAL J 79 38.32 -12.06 16.91
C VAL J 79 37.42 -13.26 16.53
N VAL J 80 37.53 -13.75 15.30
CA VAL J 80 36.64 -14.87 14.90
C VAL J 80 37.33 -16.22 14.75
N ALA J 81 38.66 -16.21 14.72
CA ALA J 81 39.39 -17.45 14.57
C ALA J 81 40.85 -17.35 14.98
N ILE J 82 41.40 -18.47 15.42
CA ILE J 82 42.83 -18.59 15.62
C ILE J 82 43.38 -19.37 14.44
N ILE J 83 44.45 -18.87 13.84
CA ILE J 83 45.01 -19.45 12.63
C ILE J 83 45.93 -20.61 12.96
N ASP J 84 45.67 -21.76 12.33
CA ASP J 84 46.57 -22.89 12.40
C ASP J 84 47.64 -22.83 11.31
N THR J 85 47.20 -22.87 10.04
CA THR J 85 48.12 -22.88 8.89
C THR J 85 47.67 -21.96 7.74
N ILE J 86 48.65 -21.51 6.94
CA ILE J 86 48.44 -20.69 5.75
C ILE J 86 49.29 -21.28 4.60
N HIS J 87 48.69 -22.13 3.77
CA HIS J 87 49.40 -22.75 2.65
C HIS J 87 49.31 -21.92 1.36
N VAL J 88 50.43 -21.76 0.65
CA VAL J 88 50.41 -21.26 -0.73
C VAL J 88 50.79 -22.38 -1.69
N GLU J 89 49.79 -22.85 -2.45
CA GLU J 89 49.80 -24.16 -3.07
C GLU J 89 50.35 -25.24 -2.10
N ASP J 90 51.67 -25.45 -2.09
CA ASP J 90 52.29 -26.40 -1.17
C ASP J 90 53.50 -25.82 -0.41
N ARG J 91 53.61 -24.50 -0.36
CA ARG J 91 54.65 -23.84 0.43
C ARG J 91 53.97 -23.19 1.65
N LEU J 92 54.27 -23.67 2.85
CA LEU J 92 53.66 -23.09 4.06
C LEU J 92 54.34 -21.75 4.32
N ILE J 93 53.61 -20.81 4.90
CA ILE J 93 54.20 -19.53 5.26
C ILE J 93 53.76 -19.14 6.67
N TYR J 94 52.88 -19.97 7.24
CA TYR J 94 52.55 -19.89 8.66
C TYR J 94 52.01 -21.20 9.21
N SER J 95 52.65 -21.68 10.26
CA SER J 95 52.19 -22.80 11.07
C SER J 95 52.25 -22.42 12.55
N LYS J 96 51.09 -22.23 13.17
CA LYS J 96 50.95 -21.94 14.60
C LYS J 96 51.95 -22.69 15.51
N LYS J 97 52.09 -24.00 15.30
CA LYS J 97 52.88 -24.83 16.20
C LYS J 97 54.38 -24.47 16.31
N ASP J 98 54.82 -23.46 15.56
CA ASP J 98 56.21 -23.03 15.59
C ASP J 98 56.37 -21.63 15.00
N MET K 1 32.84 -3.91 -5.20
CA MET K 1 33.62 -5.13 -5.18
C MET K 1 35.05 -4.83 -5.61
N GLN K 2 35.99 -5.62 -5.09
CA GLN K 2 37.39 -5.52 -5.46
C GLN K 2 37.83 -6.74 -6.27
N ILE K 3 38.85 -6.54 -7.11
CA ILE K 3 39.44 -7.61 -7.89
C ILE K 3 40.65 -8.10 -7.09
N ALA K 4 40.82 -9.41 -7.02
CA ALA K 4 41.88 -10.06 -6.24
C ALA K 4 42.29 -11.36 -6.89
N LYS K 5 43.45 -11.86 -6.48
CA LYS K 5 43.98 -13.10 -6.97
C LYS K 5 44.10 -14.01 -5.75
N VAL K 6 43.61 -15.23 -5.86
CA VAL K 6 43.74 -16.24 -4.83
C VAL K 6 45.21 -16.58 -4.62
N ARG K 7 45.73 -16.35 -3.42
CA ARG K 7 47.15 -16.67 -3.16
C ARG K 7 47.43 -17.86 -2.23
N GLY K 8 46.40 -18.35 -1.55
CA GLY K 8 46.58 -19.41 -0.57
C GLY K 8 45.35 -19.74 0.26
N THR K 9 45.50 -20.66 1.20
CA THR K 9 44.36 -21.06 2.02
C THR K 9 44.66 -20.75 3.49
N VAL K 10 43.64 -20.50 4.28
CA VAL K 10 43.84 -20.25 5.70
C VAL K 10 43.03 -21.30 6.43
N VAL K 11 43.70 -22.18 7.18
CA VAL K 11 43.03 -23.23 7.95
C VAL K 11 43.02 -22.86 9.42
N SER K 12 41.84 -22.87 10.02
CA SER K 12 41.62 -22.69 11.44
C SER K 12 40.74 -23.82 12.01
N THR K 13 41.17 -24.38 13.13
CA THR K 13 40.34 -25.31 13.89
C THR K 13 39.64 -24.61 15.06
N GLN K 14 40.34 -23.66 15.68
CA GLN K 14 39.83 -22.95 16.85
C GLN K 14 39.16 -21.68 16.43
N LYS K 15 37.84 -21.70 16.36
CA LYS K 15 37.09 -20.55 15.86
C LYS K 15 35.68 -20.52 16.40
N ASP K 16 35.01 -19.40 16.15
CA ASP K 16 33.61 -19.22 16.49
C ASP K 16 32.75 -20.26 15.76
N PRO K 17 31.76 -20.84 16.46
CA PRO K 17 31.00 -21.96 15.88
C PRO K 17 30.33 -21.55 14.57
N SER K 18 30.05 -20.26 14.39
CA SER K 18 29.40 -19.80 13.16
C SER K 18 30.33 -19.78 11.95
N LEU K 19 31.60 -20.12 12.13
CA LEU K 19 32.50 -20.25 10.99
C LEU K 19 32.77 -21.71 10.66
N ARG K 20 32.14 -22.63 11.39
CA ARG K 20 32.30 -24.04 11.08
C ARG K 20 31.87 -24.23 9.64
N GLY K 21 32.71 -24.92 8.86
CA GLY K 21 32.41 -25.23 7.48
C GLY K 21 32.85 -24.17 6.50
N VAL K 22 33.11 -22.96 6.98
CA VAL K 22 33.49 -21.88 6.12
C VAL K 22 34.89 -22.07 5.58
N LYS K 23 35.04 -21.96 4.26
CA LYS K 23 36.35 -22.15 3.61
C LYS K 23 37.03 -20.80 3.42
N LEU K 24 38.29 -20.64 3.83
CA LEU K 24 38.91 -19.33 3.78
C LEU K 24 40.07 -19.27 2.82
N LEU K 25 40.21 -18.18 2.08
CA LEU K 25 41.30 -18.06 1.13
C LEU K 25 42.05 -16.82 1.50
N LEU K 26 43.36 -16.83 1.28
CA LEU K 26 44.11 -15.60 1.34
C LEU K 26 44.13 -15.03 -0.09
N LEU K 27 43.66 -13.80 -0.26
CA LEU K 27 43.54 -13.17 -1.56
C LEU K 27 44.37 -11.87 -1.56
N GLN K 28 45.16 -11.66 -2.61
CA GLN K 28 45.98 -10.44 -2.79
C GLN K 28 45.19 -9.46 -3.71
N LEU K 29 44.93 -8.24 -3.25
CA LEU K 29 44.15 -7.30 -4.07
C LEU K 29 44.94 -6.78 -5.28
N VAL K 30 44.20 -6.39 -6.31
CA VAL K 30 44.74 -6.10 -7.62
C VAL K 30 44.33 -4.66 -7.91
N ASP K 31 45.21 -3.85 -8.46
CA ASP K 31 44.85 -2.45 -8.63
C ASP K 31 44.09 -2.22 -9.93
N GLU K 32 43.63 -0.98 -10.12
CA GLU K 32 42.78 -0.64 -11.24
C GLU K 32 43.41 -1.10 -12.56
N GLU K 33 44.71 -0.86 -12.71
CA GLU K 33 45.48 -1.30 -13.88
C GLU K 33 45.78 -2.82 -13.96
N GLY K 34 45.47 -3.58 -12.90
CA GLY K 34 45.75 -5.01 -12.94
C GLY K 34 47.07 -5.50 -12.31
N ASN K 35 47.83 -4.59 -11.70
CA ASN K 35 49.01 -4.96 -10.90
C ASN K 35 48.64 -5.46 -9.51
N LEU K 36 49.28 -6.55 -9.08
CA LEU K 36 49.15 -7.02 -7.70
C LEU K 36 49.73 -5.98 -6.73
N LEU K 37 49.05 -5.82 -5.62
CA LEU K 37 49.42 -4.93 -4.54
C LEU K 37 50.01 -5.81 -3.41
N GLN K 38 51.02 -5.31 -2.72
CA GLN K 38 51.41 -5.93 -1.46
C GLN K 38 50.37 -5.58 -0.40
N LYS K 39 49.17 -6.11 -0.61
CA LYS K 39 48.00 -5.92 0.26
C LYS K 39 47.14 -7.17 0.16
N TYR K 40 47.04 -7.92 1.25
CA TYR K 40 46.36 -9.22 1.27
C TYR K 40 45.12 -9.19 2.14
N GLU K 41 44.23 -10.18 1.96
CA GLU K 41 42.89 -10.24 2.56
C GLU K 41 42.36 -11.68 2.66
N VAL K 42 41.56 -11.99 3.69
CA VAL K 42 41.06 -13.36 3.91
C VAL K 42 39.56 -13.40 3.67
N ALA K 43 39.14 -14.26 2.74
CA ALA K 43 37.75 -14.30 2.30
C ALA K 43 37.18 -15.70 2.21
N ALA K 44 35.90 -15.84 2.55
CA ALA K 44 35.16 -17.07 2.39
C ALA K 44 34.97 -17.38 0.92
N ASP K 45 35.10 -18.64 0.50
CA ASP K 45 34.72 -19.04 -0.88
C ASP K 45 33.89 -20.32 -0.93
N ASN K 46 32.91 -20.48 -0.05
CA ASN K 46 32.07 -21.68 -0.14
C ASN K 46 31.12 -21.66 -1.31
N SER K 47 30.67 -20.47 -1.66
CA SER K 47 29.57 -20.31 -2.61
C SER K 47 30.07 -20.34 -4.04
N VAL K 48 31.27 -19.82 -4.20
CA VAL K 48 31.91 -19.67 -5.49
C VAL K 48 33.32 -20.14 -5.26
N GLY K 49 33.62 -21.37 -5.64
CA GLY K 49 34.94 -21.92 -5.38
C GLY K 49 36.00 -21.40 -6.33
N ALA K 50 37.06 -20.82 -5.79
CA ALA K 50 38.17 -20.35 -6.63
C ALA K 50 39.46 -21.07 -6.32
N GLY K 51 40.20 -21.41 -7.38
CA GLY K 51 41.47 -22.10 -7.22
C GLY K 51 42.62 -21.12 -7.25
N PHE K 52 43.78 -21.62 -6.84
CA PHE K 52 45.03 -20.86 -6.84
C PHE K 52 45.27 -20.07 -8.14
N ASP K 53 45.71 -18.83 -8.00
CA ASP K 53 46.01 -17.96 -9.14
C ASP K 53 44.82 -17.43 -9.95
N GLU K 54 43.60 -17.91 -9.67
CA GLU K 54 42.45 -17.29 -10.32
C GLU K 54 42.21 -15.85 -9.84
N TRP K 55 41.67 -15.03 -10.74
CA TRP K 55 41.23 -13.68 -10.38
C TRP K 55 39.77 -13.70 -9.96
N VAL K 56 39.45 -13.00 -8.88
CA VAL K 56 38.10 -13.05 -8.37
C VAL K 56 37.59 -11.64 -8.03
N LEU K 57 36.26 -11.56 -7.87
CA LEU K 57 35.59 -10.43 -7.28
C LEU K 57 35.28 -10.77 -5.83
N ILE K 58 35.59 -9.83 -4.94
CA ILE K 58 35.30 -10.00 -3.54
C ILE K 58 34.26 -8.96 -3.17
N SER K 59 33.29 -9.34 -2.34
CA SER K 59 32.39 -8.35 -1.77
C SER K 59 32.69 -8.24 -0.30
N ARG K 60 32.71 -7.02 0.22
CA ARG K 60 33.06 -6.75 1.60
C ARG K 60 31.90 -6.16 2.41
N GLY K 61 31.99 -6.28 3.73
CA GLY K 61 30.91 -5.85 4.59
C GLY K 61 29.73 -6.82 4.59
N SER K 62 28.53 -6.30 4.90
CA SER K 62 27.35 -7.15 5.02
C SER K 62 26.95 -7.76 3.67
N ALA K 63 27.50 -7.24 2.58
CA ALA K 63 27.35 -7.88 1.26
C ALA K 63 27.76 -9.37 1.33
N ALA K 64 28.85 -9.63 2.05
CA ALA K 64 29.41 -10.99 2.16
C ALA K 64 28.39 -11.91 2.78
N ARG K 65 27.52 -11.36 3.62
CA ARG K 65 26.52 -12.19 4.29
C ARG K 65 25.30 -12.50 3.47
N GLN K 66 25.16 -11.90 2.29
CA GLN K 66 24.01 -12.22 1.44
C GLN K 66 24.15 -13.52 0.65
N LEU K 67 25.31 -14.16 0.70
CA LEU K 67 25.45 -15.46 0.03
C LEU K 67 24.66 -16.47 0.84
N LEU K 68 23.89 -17.35 0.17
CA LEU K 68 22.91 -18.21 0.83
C LEU K 68 23.63 -19.08 1.85
N GLY K 69 23.20 -19.03 3.11
CA GLY K 69 23.90 -19.77 4.16
C GLY K 69 24.93 -18.93 4.94
N ASN K 70 25.28 -17.73 4.46
CA ASN K 70 26.16 -16.81 5.22
C ASN K 70 25.43 -15.76 6.07
N GLU K 71 24.10 -15.79 6.07
CA GLU K 71 23.32 -14.71 6.70
C GLU K 71 23.71 -14.39 8.15
N GLN K 72 23.88 -15.42 8.97
CA GLN K 72 24.24 -15.16 10.38
C GLN K 72 25.64 -15.66 10.70
N ARG K 73 26.53 -15.53 9.73
CA ARG K 73 27.94 -15.89 9.94
C ARG K 73 28.79 -14.64 9.96
N PRO K 74 29.83 -14.62 10.82
CA PRO K 74 30.64 -13.41 10.96
C PRO K 74 31.72 -13.27 9.86
N VAL K 75 31.25 -13.17 8.61
CA VAL K 75 32.12 -13.01 7.45
C VAL K 75 31.95 -11.63 6.86
N ASP K 76 33.07 -10.94 6.62
CA ASP K 76 32.97 -9.59 6.08
C ASP K 76 33.65 -9.47 4.72
N ALA K 77 33.91 -10.63 4.12
CA ALA K 77 34.57 -10.69 2.80
C ALA K 77 34.34 -12.07 2.22
N ALA K 78 33.90 -12.10 0.97
CA ALA K 78 33.55 -13.34 0.32
C ALA K 78 33.81 -13.26 -1.19
N VAL K 79 34.28 -14.35 -1.76
CA VAL K 79 34.36 -14.49 -3.20
C VAL K 79 32.96 -14.62 -3.80
N VAL K 80 32.61 -13.72 -4.73
CA VAL K 80 31.28 -13.76 -5.34
C VAL K 80 31.32 -14.11 -6.81
N ALA K 81 32.49 -14.02 -7.42
CA ALA K 81 32.63 -14.32 -8.84
C ALA K 81 34.06 -14.63 -9.23
N ILE K 82 34.20 -15.57 -10.17
CA ILE K 82 35.47 -15.78 -10.84
C ILE K 82 35.49 -14.89 -12.06
N ILE K 83 36.56 -14.14 -12.23
CA ILE K 83 36.69 -13.30 -13.42
C ILE K 83 37.20 -14.06 -14.64
N ASP K 84 36.43 -13.99 -15.73
CA ASP K 84 36.89 -14.47 -17.02
C ASP K 84 37.71 -13.38 -17.72
N THR K 85 37.10 -12.21 -17.91
CA THR K 85 37.77 -11.14 -18.65
C THR K 85 37.48 -9.77 -18.03
N ILE K 86 38.54 -8.97 -17.92
CA ILE K 86 38.43 -7.54 -17.63
C ILE K 86 38.95 -6.81 -18.85
N HIS K 87 38.19 -5.84 -19.33
CA HIS K 87 38.75 -4.95 -20.32
C HIS K 87 38.59 -3.50 -19.88
N VAL K 88 39.71 -2.81 -19.75
CA VAL K 88 39.74 -1.40 -19.40
C VAL K 88 39.90 -0.61 -20.68
N GLU K 89 38.89 0.19 -21.01
CA GLU K 89 38.95 1.05 -22.20
C GLU K 89 39.12 0.22 -23.47
N ASP K 90 38.21 -0.71 -23.70
CA ASP K 90 38.15 -1.47 -24.96
C ASP K 90 39.46 -2.19 -25.35
N ARG K 91 40.11 -2.79 -24.34
CA ARG K 91 41.31 -3.60 -24.55
C ARG K 91 41.51 -4.53 -23.34
N LEU K 92 42.03 -5.73 -23.61
CA LEU K 92 42.05 -6.82 -22.61
C LEU K 92 43.20 -6.72 -21.61
N ILE K 93 42.87 -6.40 -20.36
CA ILE K 93 43.85 -6.29 -19.27
C ILE K 93 44.02 -7.65 -18.60
N TYR K 94 42.94 -8.44 -18.68
CA TYR K 94 42.94 -9.80 -18.15
C TYR K 94 41.99 -10.70 -18.92
N SER K 95 42.53 -11.85 -19.34
CA SER K 95 41.75 -12.95 -19.86
C SER K 95 42.13 -14.19 -19.05
N LYS K 96 41.15 -14.96 -18.64
CA LYS K 96 41.41 -16.17 -17.85
C LYS K 96 42.06 -17.23 -18.73
N LYS K 97 41.84 -17.11 -20.04
CA LYS K 97 42.22 -18.13 -21.02
C LYS K 97 41.39 -19.40 -20.83
N MET L 1 28.80 9.13 -1.19
CA MET L 1 28.78 8.56 -2.54
C MET L 1 29.99 9.13 -3.20
N GLN L 2 30.40 8.51 -4.29
CA GLN L 2 31.65 8.94 -4.95
C GLN L 2 31.45 9.14 -6.41
N ILE L 3 32.09 10.18 -6.96
CA ILE L 3 32.06 10.43 -8.39
C ILE L 3 33.09 9.52 -9.09
N ALA L 4 32.69 8.87 -10.17
CA ALA L 4 33.57 7.96 -10.86
C ALA L 4 33.28 7.94 -12.35
N LYS L 5 34.20 7.37 -13.14
CA LYS L 5 33.99 7.18 -14.56
C LYS L 5 33.98 5.69 -14.84
N VAL L 6 33.08 5.30 -15.72
CA VAL L 6 33.05 3.93 -16.26
C VAL L 6 34.25 3.66 -17.14
N ARG L 7 35.08 2.70 -16.76
CA ARG L 7 36.31 2.41 -17.51
C ARG L 7 36.25 1.05 -18.19
N GLY L 8 35.36 0.20 -17.71
CA GLY L 8 35.32 -1.14 -18.28
C GLY L 8 34.21 -2.02 -17.79
N THR L 9 34.24 -3.26 -18.24
CA THR L 9 33.19 -4.21 -17.94
C THR L 9 33.94 -5.42 -17.41
N VAL L 10 33.42 -6.02 -16.34
CA VAL L 10 34.00 -7.25 -15.83
C VAL L 10 32.97 -8.29 -16.15
N VAL L 11 33.30 -9.26 -17.00
CA VAL L 11 32.34 -10.34 -17.28
C VAL L 11 32.77 -11.56 -16.51
N SER L 12 31.81 -12.22 -15.89
CA SER L 12 32.09 -13.45 -15.18
C SER L 12 31.02 -14.44 -15.59
N THR L 13 31.38 -15.69 -15.84
CA THR L 13 30.36 -16.69 -16.10
C THR L 13 30.22 -17.66 -14.93
N GLN L 14 31.18 -17.63 -14.00
CA GLN L 14 31.15 -18.49 -12.82
C GLN L 14 31.06 -17.62 -11.56
N LYS L 15 29.87 -17.57 -10.98
CA LYS L 15 29.53 -16.59 -9.96
C LYS L 15 28.40 -17.10 -9.10
N ASP L 16 28.21 -16.46 -7.96
CA ASP L 16 27.09 -16.86 -7.14
C ASP L 16 25.78 -16.59 -7.89
N PRO L 17 24.83 -17.51 -7.79
CA PRO L 17 23.54 -17.39 -8.47
C PRO L 17 22.85 -16.08 -8.15
N SER L 18 23.05 -15.53 -6.98
CA SER L 18 22.43 -14.25 -6.63
C SER L 18 22.91 -13.11 -7.55
N LEU L 19 24.04 -13.30 -8.23
CA LEU L 19 24.56 -12.24 -9.10
C LEU L 19 24.21 -12.42 -10.56
N ARG L 20 23.51 -13.51 -10.87
CA ARG L 20 23.16 -13.79 -12.26
C ARG L 20 22.36 -12.60 -12.86
N GLY L 21 22.78 -12.15 -14.05
CA GLY L 21 22.06 -11.10 -14.74
C GLY L 21 22.45 -9.70 -14.32
N VAL L 22 23.37 -9.57 -13.35
CA VAL L 22 23.84 -8.26 -12.89
C VAL L 22 25.08 -7.79 -13.68
N LYS L 23 24.90 -6.70 -14.42
CA LYS L 23 26.04 -6.12 -15.15
C LYS L 23 27.03 -5.54 -14.16
N LEU L 24 28.31 -5.82 -14.39
CA LEU L 24 29.36 -5.38 -13.48
C LEU L 24 30.32 -4.49 -14.29
N LEU L 25 30.50 -3.27 -13.80
CA LEU L 25 31.34 -2.28 -14.48
C LEU L 25 32.59 -2.03 -13.64
N LEU L 26 33.71 -1.81 -14.33
CA LEU L 26 34.89 -1.28 -13.66
C LEU L 26 34.80 0.25 -13.64
N LEU L 27 34.78 0.83 -12.44
CA LEU L 27 34.60 2.26 -12.30
C LEU L 27 35.80 2.81 -11.59
N GLN L 28 36.37 3.89 -12.11
CA GLN L 28 37.53 4.49 -11.46
C GLN L 28 37.14 5.82 -10.89
N LEU L 29 37.53 6.04 -9.64
CA LEU L 29 37.15 7.24 -8.93
C LEU L 29 37.83 8.44 -9.57
N VAL L 30 37.17 9.60 -9.54
CA VAL L 30 37.85 10.81 -10.01
C VAL L 30 37.97 11.87 -8.92
N ASP L 31 38.90 12.82 -9.09
CA ASP L 31 38.96 13.94 -8.18
C ASP L 31 37.86 14.94 -8.57
N GLU L 32 37.77 16.08 -7.89
CA GLU L 32 36.68 16.97 -8.23
C GLU L 32 36.90 17.71 -9.57
N GLU L 33 37.98 17.39 -10.27
CA GLU L 33 38.17 17.93 -11.61
C GLU L 33 38.06 16.86 -12.68
N GLY L 34 37.72 15.65 -12.26
CA GLY L 34 37.55 14.55 -13.17
C GLY L 34 38.82 13.79 -13.54
N ASN L 35 39.94 14.15 -12.89
CA ASN L 35 41.18 13.41 -13.10
C ASN L 35 41.04 12.07 -12.47
N LEU L 36 41.48 11.04 -13.15
CA LEU L 36 41.32 9.70 -12.60
C LEU L 36 42.27 9.46 -11.40
N LEU L 37 41.78 8.71 -10.40
CA LEU L 37 42.52 8.38 -9.18
C LEU L 37 42.86 6.89 -9.14
N GLN L 38 43.76 6.50 -8.23
CA GLN L 38 44.08 5.08 -8.01
C GLN L 38 43.18 4.41 -6.98
N LYS L 39 41.88 4.52 -7.21
CA LYS L 39 40.87 3.82 -6.45
C LYS L 39 39.80 3.44 -7.46
N TYR L 40 39.26 2.24 -7.32
CA TYR L 40 38.26 1.75 -8.26
C TYR L 40 37.32 0.87 -7.47
N GLU L 41 36.16 0.61 -8.06
CA GLU L 41 35.24 -0.39 -7.57
C GLU L 41 34.72 -1.11 -8.81
N VAL L 42 34.39 -2.38 -8.66
CA VAL L 42 33.67 -3.06 -9.69
C VAL L 42 32.29 -2.96 -9.09
N ALA L 43 31.33 -2.42 -9.84
CA ALA L 43 30.03 -2.09 -9.25
C ALA L 43 28.87 -2.63 -10.06
N ALA L 44 27.77 -2.92 -9.37
CA ALA L 44 26.57 -3.39 -10.04
C ALA L 44 25.99 -2.21 -10.80
N ASP L 45 25.51 -2.47 -12.01
CA ASP L 45 24.74 -1.45 -12.70
C ASP L 45 23.44 -2.07 -13.20
N ASN L 46 22.52 -2.29 -12.28
CA ASN L 46 21.14 -2.68 -12.58
C ASN L 46 20.42 -1.46 -13.11
N SER L 47 19.84 -0.76 -12.14
CA SER L 47 19.00 0.42 -12.31
C SER L 47 19.31 1.28 -13.53
N VAL L 48 20.55 1.79 -13.55
CA VAL L 48 20.90 3.00 -14.31
C VAL L 48 21.29 2.78 -15.79
N GLY L 49 22.37 2.06 -16.06
CA GLY L 49 22.74 1.79 -17.44
C GLY L 49 23.78 2.76 -18.01
N ALA L 50 24.82 3.00 -17.23
CA ALA L 50 25.91 3.88 -17.62
C ALA L 50 26.71 3.35 -18.80
N GLY L 51 27.17 4.25 -19.66
CA GLY L 51 28.06 3.88 -20.74
C GLY L 51 29.49 4.32 -20.45
N PHE L 52 30.42 3.77 -21.22
CA PHE L 52 31.83 4.15 -21.17
C PHE L 52 32.04 5.66 -21.08
N ASP L 53 32.86 6.06 -20.10
CA ASP L 53 33.27 7.47 -19.86
C ASP L 53 32.19 8.44 -19.37
N GLU L 54 30.98 7.94 -19.13
CA GLU L 54 30.01 8.76 -18.39
C GLU L 54 30.57 8.98 -16.96
N TRP L 55 30.30 10.14 -16.36
CA TRP L 55 30.57 10.32 -14.93
C TRP L 55 29.38 9.75 -14.19
N VAL L 56 29.64 9.05 -13.09
CA VAL L 56 28.56 8.39 -12.34
C VAL L 56 28.76 8.55 -10.84
N LEU L 57 27.68 8.33 -10.10
CA LEU L 57 27.72 8.27 -8.65
C LEU L 57 27.64 6.81 -8.24
N ILE L 58 28.50 6.44 -7.30
CA ILE L 58 28.55 5.09 -6.75
C ILE L 58 28.16 5.19 -5.33
N SER L 59 27.31 4.25 -4.89
CA SER L 59 27.09 4.08 -3.44
C SER L 59 27.77 2.78 -3.02
N ARG L 60 28.38 2.74 -1.83
CA ARG L 60 29.05 1.53 -1.37
C ARG L 60 28.45 1.00 -0.06
N GLY L 61 28.82 -0.21 0.32
CA GLY L 61 28.22 -0.80 1.50
C GLY L 61 26.78 -1.25 1.29
N SER L 62 26.04 -1.37 2.40
CA SER L 62 24.68 -1.87 2.33
C SER L 62 23.79 -0.93 1.50
N ALA L 63 24.24 0.31 1.27
CA ALA L 63 23.51 1.20 0.33
C ALA L 63 23.30 0.56 -1.04
N ALA L 64 24.30 -0.17 -1.52
CA ALA L 64 24.21 -0.83 -2.84
C ALA L 64 23.05 -1.83 -2.91
N ARG L 65 22.57 -2.32 -1.78
CA ARG L 65 21.48 -3.28 -1.82
C ARG L 65 20.12 -2.63 -1.83
N GLN L 66 20.06 -1.31 -1.79
CA GLN L 66 18.73 -0.65 -1.72
C GLN L 66 18.06 -0.45 -3.09
N LEU L 67 18.81 -0.66 -4.16
CA LEU L 67 18.25 -0.66 -5.50
C LEU L 67 17.28 -1.84 -5.59
N LEU L 68 16.17 -1.69 -6.33
CA LEU L 68 15.16 -2.74 -6.43
C LEU L 68 15.82 -4.00 -6.98
N GLY L 69 15.59 -5.14 -6.34
CA GLY L 69 16.26 -6.36 -6.78
C GLY L 69 17.67 -6.62 -6.26
N ASN L 70 18.30 -5.64 -5.64
CA ASN L 70 19.63 -5.86 -5.05
C ASN L 70 19.57 -6.26 -3.58
N GLU L 71 18.38 -6.24 -3.01
CA GLU L 71 18.16 -6.38 -1.55
C GLU L 71 18.93 -7.52 -0.85
N GLN L 72 18.93 -8.70 -1.47
CA GLN L 72 19.70 -9.82 -0.94
C GLN L 72 20.75 -10.30 -1.94
N ARG L 73 21.32 -9.34 -2.68
CA ARG L 73 22.47 -9.62 -3.55
C ARG L 73 23.71 -9.22 -2.83
N PRO L 74 24.81 -9.96 -3.03
CA PRO L 74 26.07 -9.64 -2.35
C PRO L 74 26.86 -8.57 -3.12
N VAL L 75 26.23 -7.42 -3.27
CA VAL L 75 26.89 -6.30 -3.91
C VAL L 75 27.14 -5.22 -2.86
N ASP L 76 28.35 -4.67 -2.90
CA ASP L 76 28.78 -3.63 -1.98
C ASP L 76 29.12 -2.36 -2.72
N ALA L 77 28.74 -2.25 -3.99
CA ALA L 77 29.00 -1.02 -4.75
C ALA L 77 28.04 -1.05 -5.90
N ALA L 78 27.34 0.08 -6.14
CA ALA L 78 26.33 0.15 -7.19
C ALA L 78 26.36 1.52 -7.85
N VAL L 79 26.19 1.57 -9.17
CA VAL L 79 25.98 2.86 -9.82
C VAL L 79 24.53 3.27 -9.51
N VAL L 80 24.35 4.46 -8.97
CA VAL L 80 23.00 4.89 -8.59
C VAL L 80 22.53 6.08 -9.41
N ALA L 81 23.45 6.73 -10.11
CA ALA L 81 23.07 7.88 -10.93
C ALA L 81 24.14 8.17 -11.93
N ILE L 82 23.75 8.66 -13.12
CA ILE L 82 24.67 9.30 -14.03
C ILE L 82 24.64 10.82 -13.84
N ILE L 83 25.80 11.44 -13.79
CA ILE L 83 25.86 12.87 -13.48
C ILE L 83 25.63 13.70 -14.72
N ASP L 84 24.71 14.66 -14.62
CA ASP L 84 24.49 15.64 -15.70
C ASP L 84 25.30 16.92 -15.55
N THR L 85 25.25 17.51 -14.35
CA THR L 85 26.02 18.74 -14.08
C THR L 85 26.56 18.76 -12.65
N ILE L 86 27.71 19.39 -12.47
CA ILE L 86 28.21 19.72 -11.14
C ILE L 86 28.49 21.21 -11.10
N HIS L 87 27.93 21.89 -10.09
CA HIS L 87 28.19 23.32 -9.92
C HIS L 87 28.90 23.46 -8.61
N VAL L 88 29.86 24.38 -8.56
CA VAL L 88 30.55 24.80 -7.36
C VAL L 88 30.27 26.29 -7.18
N GLU L 89 29.63 26.66 -6.08
CA GLU L 89 29.16 28.03 -5.89
C GLU L 89 28.40 28.55 -7.14
N ASP L 90 27.62 27.66 -7.75
CA ASP L 90 26.84 27.95 -8.99
C ASP L 90 27.68 28.12 -10.28
N ARG L 91 29.01 27.98 -10.18
CA ARG L 91 29.86 27.91 -11.36
C ARG L 91 29.90 26.47 -11.84
N LEU L 92 29.75 26.26 -13.15
CA LEU L 92 29.77 24.91 -13.71
C LEU L 92 31.18 24.37 -13.79
N ILE L 93 31.40 23.19 -13.23
CA ILE L 93 32.68 22.51 -13.34
C ILE L 93 32.59 21.21 -14.15
N TYR L 94 31.38 20.72 -14.38
CA TYR L 94 31.13 19.57 -15.26
C TYR L 94 29.73 19.58 -15.88
N SER L 95 29.66 19.28 -17.16
CA SER L 95 28.38 19.14 -17.86
C SER L 95 28.44 18.01 -18.89
N LYS L 96 27.58 17.00 -18.74
CA LYS L 96 27.45 15.91 -19.70
C LYS L 96 27.61 16.32 -21.18
N LYS L 97 27.32 17.58 -21.50
CA LYS L 97 27.77 18.10 -22.81
C LYS L 97 29.00 19.01 -22.69
N ASP L 98 28.79 20.24 -22.20
CA ASP L 98 29.82 21.27 -22.18
C ASP L 98 31.10 20.84 -21.44
N MET M 1 31.22 10.63 12.32
CA MET M 1 30.82 11.68 11.36
C MET M 1 32.05 12.41 10.91
N GLN M 2 32.06 12.89 9.67
CA GLN M 2 33.18 13.73 9.25
C GLN M 2 32.70 15.18 9.17
N ILE M 3 33.64 16.14 9.21
CA ILE M 3 33.37 17.54 8.94
C ILE M 3 33.62 17.77 7.46
N ALA M 4 32.74 18.52 6.80
CA ALA M 4 32.97 18.85 5.39
C ALA M 4 32.36 20.20 5.09
N LYS M 5 32.76 20.80 3.97
CA LYS M 5 32.23 22.14 3.61
C LYS M 5 31.43 22.00 2.34
N VAL M 6 30.23 22.59 2.32
CA VAL M 6 29.38 22.53 1.14
C VAL M 6 29.98 23.38 0.04
N ARG M 7 30.29 22.77 -1.10
CA ARG M 7 30.84 23.54 -2.23
C ARG M 7 29.86 23.69 -3.38
N GLY M 8 28.95 22.73 -3.55
CA GLY M 8 28.04 22.84 -4.68
C GLY M 8 27.07 21.68 -4.74
N THR M 9 26.46 21.45 -5.89
CA THR M 9 25.43 20.43 -6.04
C THR M 9 25.75 19.53 -7.19
N VAL M 10 25.25 18.32 -7.12
CA VAL M 10 25.38 17.42 -8.25
C VAL M 10 23.98 17.12 -8.77
N VAL M 11 23.80 17.27 -10.09
CA VAL M 11 22.46 17.11 -10.69
C VAL M 11 22.44 15.91 -11.62
N SER M 12 21.45 15.06 -11.45
CA SER M 12 21.35 13.85 -12.26
C SER M 12 19.90 13.71 -12.66
N THR M 13 19.65 13.34 -13.90
CA THR M 13 18.29 13.03 -14.32
C THR M 13 18.09 11.52 -14.55
N GLN M 14 19.15 10.81 -14.93
CA GLN M 14 19.04 9.36 -15.10
C GLN M 14 19.63 8.73 -13.86
N LYS M 15 18.79 8.06 -13.10
CA LYS M 15 19.27 7.56 -11.81
C LYS M 15 18.20 6.65 -11.28
N ASP M 16 18.54 5.96 -10.21
CA ASP M 16 17.61 5.01 -9.62
C ASP M 16 16.41 5.79 -9.11
N PRO M 17 15.20 5.24 -9.32
CA PRO M 17 13.96 5.92 -8.94
C PRO M 17 13.94 6.31 -7.45
N SER M 18 14.58 5.53 -6.58
CA SER M 18 14.62 5.89 -5.16
C SER M 18 15.25 7.25 -4.89
N LEU M 19 15.97 7.79 -5.87
CA LEU M 19 16.73 9.00 -5.64
C LEU M 19 16.02 10.25 -6.16
N ARG M 20 14.82 10.10 -6.71
CA ARG M 20 14.16 11.28 -7.26
C ARG M 20 13.89 12.25 -6.12
N GLY M 21 14.14 13.53 -6.37
CA GLY M 21 13.87 14.56 -5.38
C GLY M 21 14.92 14.67 -4.29
N VAL M 22 15.85 13.72 -4.23
CA VAL M 22 16.90 13.74 -3.20
C VAL M 22 18.03 14.68 -3.63
N LYS M 23 18.24 15.72 -2.83
CA LYS M 23 19.26 16.73 -3.13
C LYS M 23 20.62 16.14 -2.89
N LEU M 24 21.51 16.31 -3.87
CA LEU M 24 22.89 15.80 -3.75
C LEU M 24 23.90 16.96 -3.69
N LEU M 25 24.71 17.02 -2.62
CA LEU M 25 25.70 18.08 -2.49
C LEU M 25 27.11 17.58 -2.72
N LEU M 26 27.95 18.41 -3.35
CA LEU M 26 29.39 18.16 -3.42
C LEU M 26 30.05 18.78 -2.17
N LEU M 27 30.74 17.96 -1.38
CA LEU M 27 31.33 18.44 -0.10
C LEU M 27 32.82 18.27 -0.11
N GLN M 28 33.53 19.25 0.47
CA GLN M 28 35.00 19.18 0.55
C GLN M 28 35.35 18.73 1.96
N LEU M 29 36.09 17.64 2.11
CA LEU M 29 36.41 17.16 3.45
C LEU M 29 37.33 18.09 4.23
N VAL M 30 37.22 18.04 5.55
CA VAL M 30 38.04 18.87 6.42
C VAL M 30 38.82 17.96 7.36
N ASP M 31 40.09 18.28 7.65
CA ASP M 31 40.88 17.39 8.52
C ASP M 31 40.69 17.75 9.99
N GLU M 32 41.35 17.02 10.88
CA GLU M 32 41.14 17.18 12.34
C GLU M 32 41.41 18.59 12.85
N GLU M 33 42.40 19.22 12.21
CA GLU M 33 42.85 20.52 12.59
C GLU M 33 42.03 21.68 12.00
N GLY M 34 41.02 21.37 11.22
CA GLY M 34 40.24 22.42 10.57
C GLY M 34 40.72 22.81 9.17
N ASN M 35 41.67 22.07 8.58
CA ASN M 35 42.14 22.43 7.24
C ASN M 35 41.28 21.80 6.16
N LEU M 36 40.91 22.57 5.15
CA LEU M 36 40.18 21.91 4.04
C LEU M 36 41.18 21.02 3.29
N LEU M 37 40.69 19.92 2.74
CA LEU M 37 41.51 18.93 2.00
C LEU M 37 41.12 18.91 0.53
N GLN M 38 41.92 18.23 -0.30
CA GLN M 38 41.56 18.07 -1.70
C GLN M 38 40.92 16.70 -1.85
N LYS M 39 40.08 16.35 -0.89
CA LYS M 39 39.24 15.17 -0.98
C LYS M 39 37.78 15.58 -1.02
N TYR M 40 36.99 14.99 -1.92
CA TYR M 40 35.58 15.38 -1.97
C TYR M 40 34.67 14.15 -1.83
N GLU M 41 33.41 14.38 -1.50
CA GLU M 41 32.39 13.33 -1.58
C GLU M 41 31.04 13.96 -1.87
N VAL M 42 30.07 13.13 -2.22
CA VAL M 42 28.77 13.63 -2.55
C VAL M 42 27.86 13.06 -1.51
N ALA M 43 26.99 13.88 -0.91
CA ALA M 43 26.10 13.34 0.13
C ALA M 43 24.69 13.78 -0.09
N ALA M 44 23.73 13.03 0.43
CA ALA M 44 22.34 13.45 0.38
C ALA M 44 22.01 14.52 1.44
N ASP M 45 21.14 15.46 1.08
CA ASP M 45 20.70 16.47 2.07
C ASP M 45 19.23 16.68 1.89
N ASN M 46 18.43 15.87 2.57
CA ASN M 46 17.00 16.05 2.49
C ASN M 46 16.34 16.35 3.82
N SER M 47 17.13 16.51 4.89
CA SER M 47 16.51 16.89 6.16
C SER M 47 17.12 18.13 6.79
N VAL M 48 18.32 18.51 6.35
CA VAL M 48 19.00 19.62 7.03
C VAL M 48 18.96 20.93 6.25
N GLY M 49 19.30 20.86 4.96
CA GLY M 49 19.09 22.03 4.12
C GLY M 49 20.22 23.03 4.18
N ALA M 50 21.45 22.54 4.02
CA ALA M 50 22.68 23.34 4.04
C ALA M 50 22.84 24.24 2.81
N GLY M 51 23.51 25.37 2.99
CA GLY M 51 23.76 26.33 1.93
C GLY M 51 25.24 26.34 1.55
N PHE M 52 25.61 27.15 0.57
CA PHE M 52 26.99 27.26 0.11
C PHE M 52 27.92 27.59 1.23
N ASP M 53 29.04 26.88 1.29
CA ASP M 53 30.16 27.23 2.19
C ASP M 53 29.93 27.03 3.68
N GLU M 54 28.75 26.52 4.03
CA GLU M 54 28.54 26.05 5.38
C GLU M 54 29.37 24.81 5.63
N TRP M 55 29.80 24.64 6.89
CA TRP M 55 30.47 23.40 7.29
C TRP M 55 29.37 22.50 7.88
N VAL M 56 29.44 21.19 7.62
CA VAL M 56 28.41 20.26 7.98
C VAL M 56 29.08 19.02 8.51
N LEU M 57 28.29 18.23 9.21
CA LEU M 57 28.64 16.85 9.61
C LEU M 57 28.03 15.84 8.64
N ILE M 58 28.85 14.89 8.17
CA ILE M 58 28.35 13.82 7.29
C ILE M 58 28.35 12.49 8.01
N SER M 59 27.25 11.76 7.94
CA SER M 59 27.20 10.44 8.52
C SER M 59 27.28 9.46 7.34
N ARG M 60 28.11 8.41 7.48
CA ARG M 60 28.35 7.45 6.38
C ARG M 60 27.92 6.04 6.69
N GLY M 61 27.71 5.24 5.63
CA GLY M 61 27.22 3.89 5.77
C GLY M 61 25.72 3.89 6.02
N SER M 62 25.22 2.87 6.68
CA SER M 62 23.77 2.72 6.92
C SER M 62 23.23 3.82 7.86
N ALA M 63 24.11 4.51 8.58
CA ALA M 63 23.69 5.67 9.34
C ALA M 63 22.92 6.60 8.41
N ALA M 64 23.39 6.75 7.18
CA ALA M 64 22.82 7.74 6.26
C ALA M 64 21.37 7.42 5.95
N ARG M 65 20.95 6.20 6.23
CA ARG M 65 19.61 5.77 5.88
C ARG M 65 18.65 5.90 7.04
N GLN M 66 19.12 6.38 8.18
CA GLN M 66 18.22 6.51 9.32
C GLN M 66 17.39 7.79 9.19
N LEU M 67 17.77 8.66 8.25
CA LEU M 67 17.02 9.91 8.06
C LEU M 67 15.70 9.60 7.37
N LEU M 68 14.66 10.35 7.72
CA LEU M 68 13.30 10.14 7.18
C LEU M 68 13.22 9.98 5.65
N GLY M 69 12.62 8.89 5.18
CA GLY M 69 12.52 8.67 3.75
C GLY M 69 13.72 8.02 3.10
N ASN M 70 14.83 7.92 3.84
CA ASN M 70 16.10 7.40 3.29
C ASN M 70 16.29 5.90 3.49
N GLU M 71 15.35 5.26 4.19
CA GLU M 71 15.56 3.93 4.68
C GLU M 71 15.80 2.91 3.58
N GLN M 72 15.15 3.12 2.43
CA GLN M 72 15.35 2.23 1.30
C GLN M 72 15.95 2.95 0.10
N ARG M 73 16.67 4.03 0.38
CA ARG M 73 17.41 4.74 -0.63
C ARG M 73 18.89 4.34 -0.61
N PRO M 74 19.50 4.22 -1.79
CA PRO M 74 20.92 3.86 -1.92
C PRO M 74 21.83 5.03 -1.61
N VAL M 75 21.73 5.54 -0.37
CA VAL M 75 22.55 6.62 0.12
C VAL M 75 23.50 6.08 1.17
N ASP M 76 24.80 6.34 0.98
CA ASP M 76 25.83 5.92 1.95
C ASP M 76 26.48 7.14 2.63
N ALA M 77 25.97 8.35 2.36
CA ALA M 77 26.54 9.58 2.96
C ALA M 77 25.43 10.59 3.00
N ALA M 78 25.20 11.17 4.18
CA ALA M 78 24.09 12.12 4.33
C ALA M 78 24.55 13.30 5.16
N VAL M 79 24.07 14.50 4.83
CA VAL M 79 24.27 15.64 5.72
C VAL M 79 23.36 15.55 6.92
N VAL M 80 23.91 15.64 8.14
CA VAL M 80 23.08 15.47 9.35
C VAL M 80 23.07 16.66 10.30
N ALA M 81 23.92 17.66 10.03
CA ALA M 81 24.01 18.81 10.91
C ALA M 81 24.77 19.94 10.23
N ILE M 82 24.35 21.18 10.48
CA ILE M 82 25.15 22.32 10.04
C ILE M 82 25.93 22.81 11.26
N ILE M 83 27.23 22.99 11.10
CA ILE M 83 28.07 23.33 12.25
C ILE M 83 28.08 24.83 12.53
N ASP M 84 27.90 25.18 13.81
CA ASP M 84 28.04 26.59 14.21
C ASP M 84 29.48 26.85 14.68
N THR M 85 29.96 26.02 15.62
CA THR M 85 31.28 26.21 16.18
C THR M 85 31.90 24.84 16.48
N ILE M 86 33.23 24.81 16.44
CA ILE M 86 34.02 23.67 16.90
C ILE M 86 35.04 24.30 17.85
N HIS M 87 35.08 23.81 19.09
CA HIS M 87 36.03 24.27 20.13
C HIS M 87 37.10 23.21 20.44
N VAL M 88 38.23 23.65 20.99
CA VAL M 88 39.22 22.79 21.69
C VAL M 88 39.58 23.46 23.03
N GLU M 89 38.86 23.11 24.09
CA GLU M 89 38.58 23.99 25.26
C GLU M 89 37.79 25.22 24.78
N ASP M 90 38.19 26.41 25.22
CA ASP M 90 37.57 27.64 24.70
C ASP M 90 38.43 28.26 23.60
N ARG M 91 39.36 27.45 23.09
CA ARG M 91 40.01 27.76 21.85
C ARG M 91 38.89 27.66 20.81
N LEU M 92 39.19 27.93 19.55
CA LEU M 92 38.12 28.09 18.59
C LEU M 92 38.70 27.90 17.20
N ILE M 93 38.40 26.78 16.58
CA ILE M 93 39.00 26.49 15.27
C ILE M 93 38.02 26.77 14.17
N TYR M 94 36.74 26.81 14.52
CA TYR M 94 35.70 27.14 13.53
C TYR M 94 34.52 27.89 14.17
N SER M 95 34.09 28.93 13.49
CA SER M 95 32.86 29.64 13.85
C SER M 95 32.18 30.15 12.58
N LYS M 96 30.95 29.70 12.34
CA LYS M 96 30.15 30.12 11.19
C LYS M 96 29.92 31.64 11.16
N LYS M 97 29.72 32.24 12.34
CA LYS M 97 29.48 33.68 12.41
C LYS M 97 30.73 34.44 11.98
N ASP M 98 31.89 33.92 12.38
CA ASP M 98 33.15 34.47 11.93
C ASP M 98 33.53 33.92 10.55
N MET N 1 37.08 -1.52 16.87
CA MET N 1 37.05 -0.36 17.74
C MET N 1 38.38 0.38 17.66
N GLN N 2 38.33 1.69 17.84
CA GLN N 2 39.56 2.48 17.82
C GLN N 2 39.66 3.20 19.17
N ILE N 3 40.90 3.36 19.64
CA ILE N 3 41.19 4.19 20.79
C ILE N 3 41.32 5.62 20.29
N ALA N 4 40.79 6.58 21.04
CA ALA N 4 40.87 8.00 20.67
C ALA N 4 40.92 8.93 21.88
N LYS N 5 41.37 10.16 21.64
CA LYS N 5 41.35 11.20 22.66
C LYS N 5 40.25 12.24 22.38
N VAL N 6 39.50 12.62 23.40
CA VAL N 6 38.58 13.74 23.30
C VAL N 6 39.36 15.04 23.11
N ARG N 7 39.20 15.68 21.96
CA ARG N 7 39.98 16.88 21.66
C ARG N 7 39.07 18.11 21.51
N GLY N 8 37.76 17.91 21.51
CA GLY N 8 36.85 19.03 21.37
C GLY N 8 35.36 18.77 21.31
N THR N 9 34.61 19.86 21.11
CA THR N 9 33.16 19.82 21.04
C THR N 9 32.67 20.46 19.72
N VAL N 10 31.66 19.85 19.10
CA VAL N 10 31.09 20.39 17.86
C VAL N 10 29.71 20.88 18.27
N VAL N 11 29.40 22.15 18.01
CA VAL N 11 28.06 22.65 18.32
C VAL N 11 27.28 22.93 17.02
N SER N 12 26.05 22.41 16.94
CA SER N 12 25.17 22.62 15.78
C SER N 12 23.80 23.07 16.24
N THR N 13 23.18 24.03 15.58
CA THR N 13 21.76 24.30 15.82
C THR N 13 20.86 23.66 14.77
N GLN N 14 21.18 23.79 13.48
CA GLN N 14 20.39 23.15 12.41
C GLN N 14 20.88 21.74 12.12
N LYS N 15 20.00 20.76 12.35
CA LYS N 15 20.41 19.36 12.28
C LYS N 15 19.20 18.44 12.21
N ASP N 16 19.44 17.20 11.80
CA ASP N 16 18.36 16.23 11.67
C ASP N 16 17.71 16.05 13.03
N PRO N 17 16.38 16.03 13.08
CA PRO N 17 15.71 15.92 14.38
C PRO N 17 16.20 14.73 15.21
N SER N 18 16.68 13.68 14.57
CA SER N 18 17.16 12.52 15.31
C SER N 18 18.50 12.73 16.04
N LEU N 19 19.15 13.86 15.80
CA LEU N 19 20.39 14.20 16.53
C LEU N 19 20.16 15.32 17.50
N ARG N 20 18.92 15.75 17.63
CA ARG N 20 18.59 16.77 18.62
C ARG N 20 19.03 16.25 19.99
N GLY N 21 19.74 17.07 20.75
CA GLY N 21 20.21 16.69 22.09
C GLY N 21 21.32 15.64 22.17
N VAL N 22 21.90 15.29 21.04
CA VAL N 22 23.01 14.34 21.01
C VAL N 22 24.32 15.11 21.14
N LYS N 23 25.08 14.85 22.21
CA LYS N 23 26.38 15.51 22.38
C LYS N 23 27.35 15.03 21.33
N LEU N 24 28.00 15.95 20.64
CA LEU N 24 28.90 15.63 19.56
C LEU N 24 30.30 16.01 20.01
N LEU N 25 31.23 15.05 20.05
CA LEU N 25 32.60 15.39 20.50
C LEU N 25 33.58 15.21 19.35
N LEU N 26 34.60 16.07 19.26
CA LEU N 26 35.65 15.81 18.27
C LEU N 26 36.68 14.84 18.87
N LEU N 27 36.78 13.64 18.29
CA LEU N 27 37.71 12.64 18.79
C LEU N 27 38.81 12.34 17.77
N GLN N 28 40.05 12.47 18.23
CA GLN N 28 41.22 12.22 17.40
C GLN N 28 41.79 10.86 17.72
N LEU N 29 41.88 10.00 16.72
CA LEU N 29 42.36 8.63 16.91
C LEU N 29 43.80 8.65 17.39
N VAL N 30 44.23 7.58 18.06
CA VAL N 30 45.65 7.46 18.44
C VAL N 30 46.23 6.12 18.03
N ASP N 31 47.55 6.04 17.92
CA ASP N 31 48.23 4.75 17.71
C ASP N 31 48.28 3.95 19.01
N GLU N 32 49.06 2.87 19.04
CA GLU N 32 49.12 1.99 20.20
C GLU N 32 49.75 2.66 21.43
N GLU N 33 50.53 3.71 21.19
CA GLU N 33 51.31 4.36 22.24
C GLU N 33 50.75 5.71 22.69
N GLY N 34 49.62 6.09 22.12
CA GLY N 34 48.96 7.30 22.54
C GLY N 34 49.18 8.51 21.66
N ASN N 35 49.99 8.36 20.63
CA ASN N 35 50.26 9.48 19.74
C ASN N 35 49.07 9.79 18.85
N LEU N 36 48.66 11.05 18.82
CA LEU N 36 47.52 11.50 18.00
C LEU N 36 47.78 11.32 16.50
N LEU N 37 46.84 10.67 15.83
CA LEU N 37 46.85 10.48 14.37
C LEU N 37 46.07 11.58 13.60
N GLN N 38 46.23 11.61 12.27
CA GLN N 38 45.50 12.56 11.43
C GLN N 38 44.21 11.90 10.95
N LYS N 39 43.45 11.38 11.91
CA LYS N 39 42.21 10.73 11.65
C LYS N 39 41.39 11.06 12.86
N TYR N 40 40.10 11.29 12.66
CA TYR N 40 39.19 11.70 13.75
C TYR N 40 37.80 11.21 13.44
N GLU N 41 36.92 11.24 14.45
CA GLU N 41 35.49 11.14 14.25
C GLU N 41 34.87 12.25 15.10
N VAL N 42 33.77 12.80 14.62
CA VAL N 42 32.89 13.51 15.53
C VAL N 42 31.90 12.44 15.89
N ALA N 43 31.81 12.19 17.20
CA ALA N 43 31.15 10.98 17.65
C ALA N 43 30.11 11.36 18.63
N ALA N 44 29.06 10.53 18.70
CA ALA N 44 28.00 10.72 19.65
C ALA N 44 28.51 10.29 21.03
N ASP N 45 28.17 11.09 22.03
CA ASP N 45 28.60 10.83 23.39
C ASP N 45 27.47 10.88 24.43
N ASN N 46 26.28 10.41 24.11
CA ASN N 46 25.21 10.50 25.12
C ASN N 46 25.22 9.32 26.09
N SER N 47 25.58 8.14 25.59
CA SER N 47 25.52 6.91 26.38
C SER N 47 26.60 6.85 27.48
N VAL N 48 27.77 7.40 27.14
CA VAL N 48 28.96 7.26 27.99
C VAL N 48 29.65 8.61 27.95
N GLY N 49 29.31 9.49 28.88
CA GLY N 49 29.80 10.86 28.85
C GLY N 49 31.28 11.00 29.16
N ALA N 50 32.05 11.42 28.16
CA ALA N 50 33.51 11.57 28.28
C ALA N 50 33.95 13.04 28.37
N GLY N 51 35.00 13.31 29.12
CA GLY N 51 35.48 14.68 29.25
C GLY N 51 36.66 14.96 28.33
N PHE N 52 37.16 16.19 28.38
CA PHE N 52 38.31 16.60 27.56
C PHE N 52 39.59 15.87 27.93
N ASP N 53 40.35 15.48 26.91
CA ASP N 53 41.60 14.76 27.07
C ASP N 53 41.47 13.39 27.70
N GLU N 54 40.24 12.91 27.82
CA GLU N 54 40.06 11.54 28.20
C GLU N 54 40.33 10.63 27.00
N TRP N 55 40.81 9.44 27.30
CA TRP N 55 41.01 8.39 26.33
C TRP N 55 39.78 7.52 26.23
N VAL N 56 39.25 7.31 25.04
CA VAL N 56 38.03 6.53 24.88
C VAL N 56 38.10 5.42 23.83
N LEU N 57 37.11 4.51 23.85
CA LEU N 57 36.89 3.59 22.72
C LEU N 57 35.75 4.08 21.86
N ILE N 58 35.94 4.04 20.54
CA ILE N 58 34.88 4.44 19.60
C ILE N 58 34.50 3.22 18.83
N SER N 59 33.21 3.02 18.64
CA SER N 59 32.77 1.96 17.74
C SER N 59 32.23 2.70 16.55
N ARG N 60 32.46 2.16 15.38
CA ARG N 60 32.14 2.87 14.15
C ARG N 60 31.13 2.05 13.33
N GLY N 61 30.44 2.71 12.39
CA GLY N 61 29.52 2.03 11.50
C GLY N 61 28.23 1.74 12.26
N SER N 62 27.53 0.68 11.90
CA SER N 62 26.25 0.41 12.55
C SER N 62 26.37 -0.06 14.00
N ALA N 63 27.56 -0.47 14.41
CA ALA N 63 27.77 -0.76 15.84
C ALA N 63 27.28 0.43 16.70
N ALA N 64 27.53 1.64 16.24
CA ALA N 64 27.21 2.87 17.00
C ALA N 64 25.74 2.96 17.28
N ARG N 65 24.97 2.31 16.41
CA ARG N 65 23.52 2.29 16.59
C ARG N 65 22.99 1.19 17.48
N GLN N 66 23.88 0.37 18.05
CA GLN N 66 23.42 -0.68 18.97
C GLN N 66 23.21 -0.18 20.40
N LEU N 67 23.81 0.96 20.72
CA LEU N 67 23.62 1.56 22.03
C LEU N 67 22.13 1.89 22.25
N LEU N 68 21.57 1.57 23.42
CA LEU N 68 20.13 1.78 23.66
C LEU N 68 19.76 3.25 23.37
N GLY N 69 18.81 3.47 22.47
CA GLY N 69 18.41 4.84 22.11
C GLY N 69 18.93 5.29 20.77
N ASN N 70 20.03 4.67 20.32
CA ASN N 70 20.65 5.04 19.05
C ASN N 70 20.16 4.28 17.83
N GLU N 71 19.20 3.38 18.04
CA GLU N 71 18.85 2.43 17.01
C GLU N 71 18.39 3.12 15.73
N GLN N 72 17.69 4.23 15.88
CA GLN N 72 17.27 4.96 14.67
C GLN N 72 17.89 6.33 14.59
N ARG N 73 19.15 6.47 15.00
CA ARG N 73 19.80 7.78 14.91
C ARG N 73 20.86 7.62 13.85
N PRO N 74 21.10 8.68 13.05
CA PRO N 74 22.07 8.59 11.97
C PRO N 74 23.49 8.77 12.53
N VAL N 75 23.88 7.95 13.50
CA VAL N 75 25.25 8.05 14.03
C VAL N 75 26.11 6.89 13.46
N ASP N 76 27.30 7.22 12.96
CA ASP N 76 28.23 6.19 12.50
C ASP N 76 29.47 6.10 13.36
N ALA N 77 29.42 6.66 14.58
CA ALA N 77 30.54 6.69 15.51
C ALA N 77 30.01 7.04 16.86
N ALA N 78 30.34 6.26 17.88
CA ALA N 78 29.92 6.59 19.25
C ALA N 78 31.00 6.21 20.23
N VAL N 79 31.05 6.94 21.36
CA VAL N 79 31.95 6.61 22.46
C VAL N 79 31.27 5.48 23.24
N VAL N 80 31.94 4.34 23.37
CA VAL N 80 31.34 3.20 24.06
C VAL N 80 32.02 2.86 25.37
N ALA N 81 33.18 3.47 25.64
CA ALA N 81 33.93 3.16 26.85
C ALA N 81 35.00 4.21 27.14
N ILE N 82 35.28 4.41 28.44
CA ILE N 82 36.42 5.22 28.84
C ILE N 82 37.56 4.26 29.22
N ILE N 83 38.76 4.57 28.76
CA ILE N 83 39.93 3.72 28.90
C ILE N 83 40.63 3.99 30.20
N ASP N 84 40.71 3.00 31.09
CA ASP N 84 41.54 3.14 32.29
C ASP N 84 43.01 2.87 31.96
N THR N 85 43.28 1.68 31.41
CA THR N 85 44.60 1.35 30.92
C THR N 85 44.56 0.35 29.75
N ILE N 86 45.73 0.00 29.26
CA ILE N 86 45.89 -1.13 28.32
C ILE N 86 47.25 -1.83 28.50
N HIS N 87 47.23 -3.08 28.94
CA HIS N 87 48.46 -3.84 29.13
C HIS N 87 49.09 -4.28 27.80
N VAL N 88 50.29 -4.84 27.88
CA VAL N 88 51.02 -5.49 26.78
C VAL N 88 51.99 -6.44 27.49
N GLU N 89 51.81 -7.76 27.35
CA GLU N 89 52.39 -8.71 28.30
C GLU N 89 51.97 -8.25 29.70
N ASP N 90 52.95 -8.11 30.61
CA ASP N 90 52.70 -7.40 31.86
C ASP N 90 53.29 -5.97 31.85
N ARG N 91 53.25 -5.33 30.69
CA ARG N 91 53.56 -3.90 30.57
C ARG N 91 52.24 -3.12 30.55
N LEU N 92 52.32 -1.85 30.20
CA LEU N 92 51.18 -0.98 29.96
C LEU N 92 51.67 0.12 29.01
N ILE N 93 50.79 1.03 28.64
CA ILE N 93 51.15 2.17 27.80
C ILE N 93 50.30 3.39 28.19
N TYR N 94 49.12 3.11 28.78
CA TYR N 94 48.24 4.16 29.30
C TYR N 94 47.76 3.91 30.74
N SER N 95 47.62 5.01 31.50
CA SER N 95 47.10 4.97 32.87
C SER N 95 46.30 6.24 33.09
N LYS N 96 44.99 6.11 33.31
CA LYS N 96 44.17 7.28 33.56
C LYS N 96 44.58 8.03 34.82
N MET O 1 -18.85 6.20 37.97
CA MET O 1 -19.12 7.53 38.52
C MET O 1 -18.97 7.54 40.04
N GLN O 2 -18.66 8.70 40.61
CA GLN O 2 -18.51 8.86 42.06
C GLN O 2 -19.63 9.69 42.71
N ILE O 3 -19.96 9.38 43.96
CA ILE O 3 -20.85 10.24 44.76
C ILE O 3 -19.99 11.36 45.39
N ALA O 4 -20.46 12.61 45.28
CA ALA O 4 -19.70 13.77 45.81
C ALA O 4 -20.64 14.83 46.39
N LYS O 5 -20.10 15.73 47.21
CA LYS O 5 -20.92 16.81 47.81
C LYS O 5 -20.40 18.18 47.34
N VAL O 6 -21.28 19.13 47.08
CA VAL O 6 -20.82 20.44 46.62
C VAL O 6 -20.29 21.21 47.82
N ARG O 7 -19.03 21.62 47.75
CA ARG O 7 -18.36 22.20 48.93
C ARG O 7 -17.68 23.51 48.65
N GLY O 8 -17.70 23.95 47.39
CA GLY O 8 -17.16 25.26 47.07
C GLY O 8 -17.32 25.58 45.60
N THR O 9 -16.85 26.77 45.22
CA THR O 9 -16.67 27.12 43.83
C THR O 9 -15.24 27.61 43.62
N VAL O 10 -14.84 27.75 42.36
CA VAL O 10 -13.51 28.20 41.97
C VAL O 10 -13.68 29.33 40.96
N VAL O 11 -13.01 30.45 41.18
CA VAL O 11 -13.08 31.53 40.20
C VAL O 11 -11.77 31.69 39.42
N SER O 12 -11.91 31.68 38.09
CA SER O 12 -10.78 31.88 37.20
C SER O 12 -11.14 32.97 36.22
N THR O 13 -10.22 33.91 36.00
CA THR O 13 -10.37 34.93 34.96
C THR O 13 -9.42 34.69 33.77
N GLN O 14 -8.19 34.27 34.07
CA GLN O 14 -7.27 33.81 33.03
C GLN O 14 -7.46 32.34 32.84
N LYS O 15 -8.13 31.98 31.75
CA LYS O 15 -8.37 30.58 31.46
C LYS O 15 -8.44 30.42 29.97
N ASP O 16 -8.40 29.18 29.52
CA ASP O 16 -8.63 28.91 28.11
C ASP O 16 -10.07 29.30 27.72
N PRO O 17 -10.21 29.97 26.57
CA PRO O 17 -11.52 30.43 26.08
C PRO O 17 -12.51 29.27 25.91
N SER O 18 -11.97 28.07 25.80
CA SER O 18 -12.78 26.86 25.74
C SER O 18 -13.50 26.63 27.06
N LEU O 19 -13.08 27.31 28.12
CA LEU O 19 -13.71 27.20 29.43
C LEU O 19 -14.58 28.39 29.78
N ARG O 20 -14.62 29.39 28.91
CA ARG O 20 -15.45 30.58 29.10
C ARG O 20 -16.91 30.20 29.31
N GLY O 21 -17.53 30.78 30.34
CA GLY O 21 -18.91 30.48 30.66
C GLY O 21 -19.16 29.18 31.43
N VAL O 22 -18.13 28.35 31.56
CA VAL O 22 -18.25 27.07 32.25
C VAL O 22 -18.13 27.21 33.79
N LYS O 23 -19.21 26.93 34.51
CA LYS O 23 -19.22 27.00 35.97
C LYS O 23 -18.38 25.88 36.60
N LEU O 24 -17.51 26.24 37.53
CA LEU O 24 -16.62 25.28 38.17
C LEU O 24 -16.99 25.12 39.64
N LEU O 25 -17.17 23.89 40.07
CA LEU O 25 -17.50 23.63 41.48
C LEU O 25 -16.39 22.88 42.14
N LEU O 26 -16.14 23.16 43.42
CA LEU O 26 -15.27 22.31 44.22
C LEU O 26 -16.18 21.22 44.78
N LEU O 27 -15.93 19.98 44.38
CA LEU O 27 -16.75 18.87 44.84
C LEU O 27 -15.87 18.04 45.74
N GLN O 28 -16.41 17.53 46.83
CA GLN O 28 -15.63 16.50 47.49
C GLN O 28 -16.31 15.19 47.73
N LEU O 29 -15.50 14.16 47.51
CA LEU O 29 -15.99 12.82 47.29
C LEU O 29 -16.43 12.29 48.62
N VAL O 30 -17.43 11.42 48.58
CA VAL O 30 -17.88 10.76 49.80
C VAL O 30 -17.75 9.25 49.65
N ASP O 31 -17.78 8.57 50.78
CA ASP O 31 -17.90 7.13 50.80
C ASP O 31 -19.37 6.74 50.63
N GLU O 32 -19.66 5.48 50.91
CA GLU O 32 -20.99 4.92 50.71
C GLU O 32 -21.99 5.43 51.73
N GLU O 33 -21.49 5.94 52.84
CA GLU O 33 -22.38 6.44 53.87
C GLU O 33 -22.36 7.96 53.86
N GLY O 34 -21.67 8.53 52.89
CA GLY O 34 -21.66 9.96 52.74
C GLY O 34 -20.65 10.63 53.65
N ASN O 35 -19.80 9.83 54.25
CA ASN O 35 -18.68 10.44 54.90
C ASN O 35 -17.78 10.99 53.82
N LEU O 36 -17.53 12.27 53.99
CA LEU O 36 -16.58 13.06 53.25
C LEU O 36 -15.18 12.38 53.23
N LEU O 37 -14.47 12.52 52.11
CA LEU O 37 -13.20 11.81 51.83
C LEU O 37 -12.07 12.74 51.38
N GLN O 38 -10.82 12.26 51.49
CA GLN O 38 -9.66 13.04 51.02
C GLN O 38 -9.35 12.90 49.51
N LYS O 39 -10.37 13.09 48.69
CA LYS O 39 -10.16 13.25 47.28
C LYS O 39 -11.16 14.33 46.89
N TYR O 40 -10.85 15.07 45.83
CA TYR O 40 -11.71 16.15 45.40
C TYR O 40 -11.56 16.29 43.93
N GLU O 41 -12.47 17.03 43.35
CA GLU O 41 -12.24 17.53 42.04
C GLU O 41 -12.86 18.89 41.95
N VAL O 42 -12.40 19.64 40.98
CA VAL O 42 -13.14 20.76 40.50
C VAL O 42 -13.85 20.18 39.28
N ALA O 43 -15.12 20.52 39.10
CA ALA O 43 -15.92 19.89 38.05
C ALA O 43 -16.86 20.89 37.40
N ALA O 44 -17.04 20.77 36.10
CA ALA O 44 -18.01 21.60 35.38
C ALA O 44 -19.43 21.20 35.80
N ASP O 45 -20.29 22.19 36.04
CA ASP O 45 -21.70 21.92 36.27
C ASP O 45 -22.52 22.97 35.54
N ASN O 46 -22.52 22.91 34.22
CA ASN O 46 -23.36 23.83 33.47
C ASN O 46 -24.83 23.39 33.49
N SER O 47 -25.07 22.15 33.06
CA SER O 47 -26.45 21.72 32.82
C SER O 47 -27.26 21.32 34.08
N VAL O 48 -26.59 20.78 35.09
CA VAL O 48 -27.30 20.36 36.29
C VAL O 48 -27.56 21.50 37.31
N GLY O 49 -26.58 22.37 37.52
CA GLY O 49 -26.77 23.50 38.40
C GLY O 49 -27.03 23.11 39.84
N ALA O 50 -26.17 22.23 40.36
CA ALA O 50 -26.23 21.81 41.76
C ALA O 50 -25.92 22.98 42.71
N GLY O 51 -26.63 23.02 43.83
CA GLY O 51 -26.38 24.03 44.85
C GLY O 51 -25.59 23.43 46.00
N PHE O 52 -25.31 24.27 46.99
CA PHE O 52 -24.47 23.87 48.11
C PHE O 52 -25.02 22.71 48.93
N ASP O 53 -24.08 21.88 49.39
CA ASP O 53 -24.36 20.76 50.28
C ASP O 53 -25.15 19.61 49.60
N GLU O 54 -25.48 19.77 48.33
CA GLU O 54 -26.18 18.74 47.59
C GLU O 54 -25.24 17.59 47.26
N TRP O 55 -25.77 16.36 47.38
CA TRP O 55 -25.09 15.16 46.91
C TRP O 55 -25.27 15.00 45.42
N VAL O 56 -24.19 14.78 44.70
CA VAL O 56 -24.28 14.60 43.26
C VAL O 56 -23.51 13.38 42.76
N LEU O 57 -23.70 13.05 41.49
CA LEU O 57 -22.81 12.13 40.78
C LEU O 57 -21.84 12.92 39.91
N ILE O 58 -20.59 12.48 39.91
CA ILE O 58 -19.59 13.08 39.04
C ILE O 58 -19.14 12.00 38.06
N SER O 59 -18.97 12.35 36.81
CA SER O 59 -18.31 11.46 35.86
C SER O 59 -16.97 12.07 35.53
N ARG O 60 -15.98 11.20 35.34
CA ARG O 60 -14.61 11.60 35.07
C ARG O 60 -14.13 11.10 33.70
N GLY O 61 -13.08 11.76 33.18
CA GLY O 61 -12.50 11.40 31.89
C GLY O 61 -13.31 11.92 30.73
N SER O 62 -13.19 11.22 29.61
CA SER O 62 -13.85 11.67 28.40
C SER O 62 -15.36 11.67 28.56
N ALA O 63 -15.88 10.93 29.54
CA ALA O 63 -17.31 10.94 29.82
C ALA O 63 -17.82 12.37 30.12
N ALA O 64 -16.97 13.19 30.75
CA ALA O 64 -17.38 14.55 31.16
C ALA O 64 -17.64 15.45 29.96
N ARG O 65 -17.06 15.11 28.81
CA ARG O 65 -17.30 15.89 27.61
C ARG O 65 -18.59 15.45 26.90
N GLN O 66 -19.30 14.48 27.48
CA GLN O 66 -20.51 14.00 26.82
C GLN O 66 -21.78 14.70 27.32
N LEU O 67 -21.63 15.91 27.82
CA LEU O 67 -22.78 16.73 28.19
C LEU O 67 -22.89 17.74 27.10
N LEU O 68 -24.10 18.28 26.90
CA LEU O 68 -24.28 19.37 25.94
C LEU O 68 -23.36 20.53 26.32
N GLY O 69 -22.66 21.06 25.33
CA GLY O 69 -21.76 22.17 25.56
C GLY O 69 -20.32 21.73 25.76
N ASN O 70 -20.15 20.64 26.52
CA ASN O 70 -18.83 20.15 26.95
C ASN O 70 -17.97 19.42 25.90
N GLU O 71 -18.53 19.18 24.72
CA GLU O 71 -17.94 18.25 23.74
C GLU O 71 -16.46 18.46 23.31
N GLN O 72 -16.03 19.69 23.09
CA GLN O 72 -14.63 19.91 22.76
C GLN O 72 -14.02 20.83 23.79
N ARG O 73 -14.51 20.72 25.03
CA ARG O 73 -13.97 21.48 26.15
C ARG O 73 -13.02 20.60 26.97
N PRO O 74 -11.95 21.18 27.52
CA PRO O 74 -10.97 20.41 28.31
C PRO O 74 -11.47 20.15 29.74
N VAL O 75 -12.60 19.45 29.85
CA VAL O 75 -13.14 19.08 31.14
C VAL O 75 -12.97 17.57 31.29
N ASP O 76 -12.41 17.20 32.44
CA ASP O 76 -12.20 15.80 32.76
C ASP O 76 -13.08 15.40 33.93
N ALA O 77 -13.94 16.30 34.39
CA ALA O 77 -14.89 16.00 35.49
C ALA O 77 -16.16 16.84 35.35
N ALA O 78 -17.33 16.22 35.49
CA ALA O 78 -18.59 16.94 35.39
C ALA O 78 -19.64 16.39 36.37
N VAL O 79 -20.48 17.28 36.89
CA VAL O 79 -21.64 16.88 37.68
C VAL O 79 -22.68 16.40 36.67
N VAL O 80 -23.16 15.18 36.81
CA VAL O 80 -24.13 14.66 35.82
C VAL O 80 -25.53 14.49 36.37
N ALA O 81 -25.64 14.36 37.68
CA ALA O 81 -26.93 14.16 38.34
C ALA O 81 -26.91 14.65 39.79
N ILE O 82 -28.08 15.07 40.27
CA ILE O 82 -28.31 15.29 41.69
C ILE O 82 -28.94 14.01 42.25
N ILE O 83 -28.45 13.54 43.39
CA ILE O 83 -29.01 12.32 43.97
C ILE O 83 -30.22 12.58 44.87
N ASP O 84 -31.30 11.82 44.67
CA ASP O 84 -32.45 11.85 45.55
C ASP O 84 -32.31 10.81 46.65
N THR O 85 -32.13 9.55 46.24
CA THR O 85 -31.98 8.45 47.19
C THR O 85 -31.03 7.36 46.73
N ILE O 86 -30.44 6.65 47.69
CA ILE O 86 -29.64 5.44 47.44
C ILE O 86 -30.24 4.21 48.17
N HIS O 87 -31.19 3.52 47.56
CA HIS O 87 -31.78 2.33 48.21
C HIS O 87 -30.79 1.15 48.20
N VAL O 88 -30.71 0.43 49.32
CA VAL O 88 -29.96 -0.83 49.39
C VAL O 88 -30.96 -1.98 49.60
N GLU O 89 -31.49 -2.55 48.51
CA GLU O 89 -32.56 -3.56 48.55
C GLU O 89 -33.87 -2.96 49.04
N ASP O 90 -34.42 -3.54 50.11
CA ASP O 90 -35.61 -3.03 50.78
C ASP O 90 -35.23 -1.97 51.82
N ARG O 91 -34.14 -1.27 51.54
CA ARG O 91 -33.55 -0.34 52.51
C ARG O 91 -33.19 1.01 51.90
N LEU O 92 -32.59 1.85 52.73
CA LEU O 92 -32.32 3.25 52.43
C LEU O 92 -31.05 3.64 53.16
N ILE O 93 -30.24 4.52 52.55
CA ILE O 93 -29.04 5.04 53.21
C ILE O 93 -28.82 6.49 52.84
N TYR O 94 -29.55 6.97 51.83
CA TYR O 94 -29.55 8.40 51.52
C TYR O 94 -30.90 8.90 51.00
N SER O 95 -31.25 10.10 51.44
CA SER O 95 -32.42 10.81 50.94
C SER O 95 -32.12 12.29 51.01
N LYS O 96 -32.49 13.03 49.96
CA LYS O 96 -32.37 14.49 50.00
C LYS O 96 -33.67 15.14 50.45
N LYS O 97 -34.78 14.42 50.35
CA LYS O 97 -36.02 14.83 51.00
C LYS O 97 -35.99 14.39 52.46
N ASP O 98 -34.82 14.51 53.08
CA ASP O 98 -34.59 14.09 54.45
C ASP O 98 -33.69 15.08 55.19
N MET P 1 -11.03 -4.71 33.54
CA MET P 1 -12.37 -4.69 34.13
C MET P 1 -12.18 -5.07 35.60
N GLN P 2 -13.04 -4.54 36.48
CA GLN P 2 -12.96 -4.89 37.91
C GLN P 2 -14.13 -5.77 38.31
N ILE P 3 -13.94 -6.55 39.36
CA ILE P 3 -15.04 -7.33 39.90
C ILE P 3 -15.71 -6.50 40.98
N ALA P 4 -17.03 -6.57 41.07
CA ALA P 4 -17.80 -5.82 42.06
C ALA P 4 -19.14 -6.45 42.35
N LYS P 5 -19.75 -5.99 43.43
CA LYS P 5 -20.99 -6.58 43.92
C LYS P 5 -22.09 -5.52 43.87
N VAL P 6 -23.29 -5.92 43.47
CA VAL P 6 -24.38 -4.97 43.34
C VAL P 6 -24.96 -4.72 44.73
N ARG P 7 -24.81 -3.49 45.24
CA ARG P 7 -25.22 -3.20 46.61
C ARG P 7 -26.42 -2.26 46.73
N GLY P 8 -26.77 -1.56 45.67
CA GLY P 8 -28.01 -0.81 45.68
C GLY P 8 -28.30 -0.07 44.39
N THR P 9 -29.38 0.70 44.38
CA THR P 9 -29.73 1.56 43.27
C THR P 9 -29.54 3.02 43.67
N VAL P 10 -29.11 3.83 42.72
CA VAL P 10 -29.05 5.28 42.92
C VAL P 10 -30.14 5.86 42.05
N VAL P 11 -31.08 6.59 42.64
CA VAL P 11 -32.11 7.21 41.80
C VAL P 11 -31.99 8.73 41.76
N SER P 12 -32.08 9.27 40.55
CA SER P 12 -31.93 10.70 40.32
C SER P 12 -33.04 11.19 39.38
N THR P 13 -33.72 12.26 39.77
CA THR P 13 -34.70 12.90 38.90
C THR P 13 -34.13 14.14 38.18
N GLN P 14 -33.29 14.91 38.88
CA GLN P 14 -32.61 16.05 38.28
C GLN P 14 -31.23 15.62 37.78
N LYS P 15 -31.08 15.54 36.47
CA LYS P 15 -29.85 15.05 35.84
C LYS P 15 -29.77 15.53 34.41
N ASP P 16 -28.59 15.41 33.81
CA ASP P 16 -28.42 15.64 32.39
C ASP P 16 -29.43 14.81 31.59
N PRO P 17 -30.03 15.42 30.54
CA PRO P 17 -31.02 14.71 29.73
C PRO P 17 -30.50 13.37 29.18
N SER P 18 -29.24 13.30 28.75
CA SER P 18 -28.68 12.03 28.25
C SER P 18 -28.77 10.85 29.24
N LEU P 19 -29.05 11.14 30.50
CA LEU P 19 -29.11 10.10 31.52
C LEU P 19 -30.52 9.59 31.77
N ARG P 20 -31.50 10.18 31.08
CA ARG P 20 -32.88 9.76 31.28
C ARG P 20 -33.06 8.27 30.97
N GLY P 21 -33.70 7.53 31.87
CA GLY P 21 -33.94 6.11 31.67
C GLY P 21 -32.78 5.15 31.98
N VAL P 22 -31.61 5.71 32.30
CA VAL P 22 -30.44 4.89 32.61
C VAL P 22 -30.46 4.40 34.07
N LYS P 23 -30.40 3.08 34.24
CA LYS P 23 -30.35 2.43 35.55
C LYS P 23 -28.97 2.65 36.14
N LEU P 24 -28.93 3.24 37.34
CA LEU P 24 -27.65 3.41 38.02
C LEU P 24 -27.61 2.45 39.20
N LEU P 25 -26.52 1.72 39.33
CA LEU P 25 -26.32 0.81 40.45
C LEU P 25 -25.19 1.32 41.29
N LEU P 26 -25.33 1.12 42.59
CA LEU P 26 -24.24 1.25 43.55
C LEU P 26 -23.52 -0.09 43.67
N LEU P 27 -22.24 -0.06 43.33
CA LEU P 27 -21.42 -1.25 43.22
C LEU P 27 -20.24 -1.14 44.17
N GLN P 28 -20.01 -2.21 44.94
CA GLN P 28 -18.92 -2.31 45.90
C GLN P 28 -17.79 -3.13 45.24
N LEU P 29 -16.59 -2.57 45.16
CA LEU P 29 -15.49 -3.27 44.52
C LEU P 29 -15.02 -4.49 45.35
N VAL P 30 -14.47 -5.49 44.66
CA VAL P 30 -14.03 -6.75 45.27
C VAL P 30 -12.55 -6.91 44.95
N ASP P 31 -11.77 -7.44 45.89
CA ASP P 31 -10.35 -7.60 45.61
C ASP P 31 -10.08 -8.90 44.87
N GLU P 32 -8.81 -9.08 44.50
CA GLU P 32 -8.33 -10.23 43.73
C GLU P 32 -8.65 -11.55 44.44
N GLU P 33 -8.69 -11.49 45.77
CA GLU P 33 -8.95 -12.66 46.60
C GLU P 33 -10.47 -12.90 46.84
N GLY P 34 -11.32 -12.01 46.35
CA GLY P 34 -12.76 -12.19 46.53
C GLY P 34 -13.40 -11.50 47.73
N ASN P 35 -12.62 -10.68 48.44
CA ASN P 35 -13.16 -9.88 49.54
C ASN P 35 -13.78 -8.55 49.14
N LEU P 36 -14.90 -8.21 49.78
CA LEU P 36 -15.58 -6.95 49.55
C LEU P 36 -14.73 -5.83 50.14
N LEU P 37 -14.57 -4.78 49.36
CA LEU P 37 -13.82 -3.65 49.80
C LEU P 37 -14.78 -2.59 50.34
N GLN P 38 -14.28 -1.75 51.26
CA GLN P 38 -15.05 -0.57 51.62
C GLN P 38 -14.79 0.58 50.62
N LYS P 39 -14.97 0.26 49.34
CA LYS P 39 -14.80 1.17 48.20
C LYS P 39 -15.97 0.88 47.22
N TYR P 40 -16.76 1.91 46.92
CA TYR P 40 -18.04 1.76 46.23
C TYR P 40 -18.07 2.70 45.06
N GLU P 41 -18.76 2.31 43.99
CA GLU P 41 -18.85 3.13 42.78
C GLU P 41 -20.24 3.01 42.11
N VAL P 42 -20.60 3.99 41.28
CA VAL P 42 -21.92 4.02 40.67
C VAL P 42 -21.78 3.84 39.16
N ALA P 43 -22.46 2.82 38.63
CA ALA P 43 -22.29 2.49 37.22
C ALA P 43 -23.61 2.28 36.52
N ALA P 44 -23.60 2.51 35.22
CA ALA P 44 -24.79 2.28 34.42
C ALA P 44 -25.00 0.79 34.23
N ASP P 45 -26.24 0.36 34.31
CA ASP P 45 -26.56 -1.01 33.97
C ASP P 45 -27.73 -0.96 33.02
N ASN P 46 -27.47 -0.62 31.76
CA ASN P 46 -28.55 -0.33 30.82
C ASN P 46 -28.73 -1.49 29.84
N SER P 47 -27.77 -2.41 29.85
CA SER P 47 -27.67 -3.45 28.83
C SER P 47 -27.57 -4.84 29.45
N VAL P 48 -26.88 -4.98 30.57
CA VAL P 48 -26.73 -6.31 31.17
C VAL P 48 -27.87 -6.62 32.13
N GLY P 49 -28.17 -5.68 33.03
CA GLY P 49 -29.27 -5.87 33.97
C GLY P 49 -28.89 -6.84 35.08
N ALA P 50 -28.07 -6.36 36.02
CA ALA P 50 -27.65 -7.13 37.18
C ALA P 50 -28.61 -6.95 38.35
N GLY P 51 -28.66 -7.95 39.21
CA GLY P 51 -29.56 -7.94 40.34
C GLY P 51 -28.80 -7.73 41.63
N PHE P 52 -29.52 -7.36 42.68
CA PHE P 52 -28.93 -7.06 43.98
C PHE P 52 -28.14 -8.27 44.49
N ASP P 53 -26.96 -7.99 45.04
CA ASP P 53 -26.04 -9.01 45.56
C ASP P 53 -25.28 -9.88 44.53
N GLU P 54 -25.62 -9.73 43.24
CA GLU P 54 -24.86 -10.38 42.17
C GLU P 54 -23.46 -9.80 41.99
N TRP P 55 -22.55 -10.65 41.51
CA TRP P 55 -21.20 -10.20 41.17
C TRP P 55 -21.05 -9.89 39.68
N VAL P 56 -20.35 -8.81 39.38
CA VAL P 56 -20.29 -8.30 38.02
C VAL P 56 -18.89 -7.86 37.63
N LEU P 57 -18.68 -7.76 36.31
CA LEU P 57 -17.53 -7.06 35.77
C LEU P 57 -17.96 -5.65 35.36
N ILE P 58 -17.13 -4.68 35.73
CA ILE P 58 -17.36 -3.28 35.37
C ILE P 58 -16.23 -2.89 34.45
N SER P 59 -16.55 -2.26 33.32
CA SER P 59 -15.51 -1.55 32.58
C SER P 59 -15.67 -0.06 32.85
N ARG P 60 -14.52 0.62 32.90
CA ARG P 60 -14.47 2.03 33.23
C ARG P 60 -13.89 2.82 32.08
N GLY P 61 -14.08 4.14 32.13
CA GLY P 61 -13.61 5.02 31.08
C GLY P 61 -14.48 4.85 29.84
N SER P 62 -13.89 5.09 28.66
CA SER P 62 -14.70 5.18 27.45
C SER P 62 -15.17 3.80 27.05
N ALA P 63 -14.59 2.75 27.66
CA ALA P 63 -15.09 1.39 27.42
C ALA P 63 -16.58 1.32 27.75
N ALA P 64 -16.96 2.11 28.75
CA ALA P 64 -18.32 2.08 29.28
C ALA P 64 -19.28 2.67 28.28
N ARG P 65 -18.76 3.46 27.35
CA ARG P 65 -19.66 4.05 26.36
C ARG P 65 -19.85 3.20 25.11
N GLN P 66 -19.16 2.05 25.04
CA GLN P 66 -19.35 1.11 23.92
C GLN P 66 -20.66 0.31 24.02
N LEU P 67 -21.23 0.23 25.22
CA LEU P 67 -22.52 -0.48 25.39
C LEU P 67 -23.61 0.30 24.73
N LEU P 68 -24.63 -0.40 24.23
CA LEU P 68 -25.64 0.28 23.40
C LEU P 68 -26.35 1.45 24.10
N GLY P 69 -26.52 2.54 23.37
CA GLY P 69 -27.07 3.75 23.94
C GLY P 69 -26.11 4.66 24.71
N ASN P 70 -24.95 4.15 25.10
CA ASN P 70 -24.05 4.94 25.97
C ASN P 70 -23.05 5.90 25.29
N GLU P 71 -23.02 5.88 23.97
CA GLU P 71 -21.99 6.61 23.22
C GLU P 71 -21.83 8.10 23.56
N GLN P 72 -22.95 8.79 23.67
CA GLN P 72 -22.87 10.20 24.05
C GLN P 72 -23.56 10.43 25.39
N ARG P 73 -23.51 9.43 26.28
CA ARG P 73 -23.95 9.62 27.65
C ARG P 73 -22.72 9.78 28.51
N PRO P 74 -22.79 10.63 29.55
CA PRO P 74 -21.59 10.90 30.38
C PRO P 74 -21.40 9.80 31.39
N VAL P 75 -21.26 8.57 30.91
CA VAL P 75 -21.06 7.44 31.81
C VAL P 75 -19.62 6.96 31.76
N ASP P 76 -18.99 6.84 32.93
CA ASP P 76 -17.59 6.44 32.95
C ASP P 76 -17.39 5.05 33.59
N ALA P 77 -18.48 4.31 33.77
CA ALA P 77 -18.46 3.02 34.45
C ALA P 77 -19.74 2.29 34.13
N ALA P 78 -19.60 1.03 33.74
CA ALA P 78 -20.79 0.28 33.29
C ALA P 78 -20.64 -1.20 33.59
N VAL P 79 -21.73 -1.85 33.91
CA VAL P 79 -21.77 -3.30 34.06
C VAL P 79 -21.75 -3.95 32.68
N VAL P 80 -20.75 -4.82 32.45
CA VAL P 80 -20.55 -5.42 31.12
C VAL P 80 -20.80 -6.91 31.15
N ALA P 81 -20.82 -7.50 32.36
CA ALA P 81 -21.00 -8.94 32.50
C ALA P 81 -21.42 -9.32 33.92
N ILE P 82 -22.32 -10.29 34.03
CA ILE P 82 -22.61 -10.93 35.30
C ILE P 82 -21.74 -12.17 35.41
N ILE P 83 -21.05 -12.30 36.55
CA ILE P 83 -20.13 -13.39 36.79
C ILE P 83 -20.87 -14.64 37.28
N ASP P 84 -20.67 -15.77 36.61
CA ASP P 84 -21.16 -17.08 37.10
C ASP P 84 -20.17 -17.74 38.07
N THR P 85 -18.92 -17.85 37.67
CA THR P 85 -17.87 -18.34 38.57
C THR P 85 -16.58 -17.50 38.49
N ILE P 86 -15.72 -17.63 39.50
CA ILE P 86 -14.33 -17.15 39.44
C ILE P 86 -13.39 -18.29 39.91
N HIS P 87 -12.44 -18.69 39.06
CA HIS P 87 -11.51 -19.78 39.39
C HIS P 87 -10.05 -19.37 39.16
N VAL P 88 -9.13 -20.08 39.83
CA VAL P 88 -7.70 -20.00 39.52
C VAL P 88 -7.43 -21.14 38.50
N GLU P 89 -6.47 -22.03 38.72
CA GLU P 89 -6.23 -23.17 37.82
C GLU P 89 -7.14 -24.30 38.27
N ASP P 90 -7.58 -24.18 39.53
CA ASP P 90 -8.46 -25.15 40.17
C ASP P 90 -9.48 -24.42 41.07
N ARG P 91 -8.96 -23.70 42.06
CA ARG P 91 -9.74 -23.27 43.23
C ARG P 91 -10.88 -22.26 43.01
N LEU P 92 -12.06 -22.64 43.51
CA LEU P 92 -13.28 -21.85 43.38
C LEU P 92 -13.29 -20.71 44.38
N ILE P 93 -13.34 -19.47 43.90
CA ILE P 93 -13.38 -18.29 44.77
C ILE P 93 -14.81 -17.80 44.90
N TYR P 94 -15.56 -17.94 43.81
CA TYR P 94 -16.92 -17.46 43.75
C TYR P 94 -17.75 -18.36 42.84
N SER P 95 -18.93 -18.74 43.32
CA SER P 95 -19.88 -19.45 42.47
C SER P 95 -21.22 -18.79 42.63
N LYS P 96 -21.82 -18.39 41.50
CA LYS P 96 -23.17 -17.81 41.51
C LYS P 96 -24.17 -18.83 42.05
N LYS P 97 -23.89 -20.12 41.79
CA LYS P 97 -24.72 -21.23 42.29
C LYS P 97 -24.73 -21.39 43.81
N ASP P 98 -23.58 -21.27 44.44
CA ASP P 98 -23.50 -21.25 45.90
C ASP P 98 -24.05 -19.92 46.41
N MET Q 1 1.85 0.58 30.41
CA MET Q 1 1.52 -0.84 30.47
C MET Q 1 2.04 -1.40 31.81
N GLN Q 2 1.43 -2.48 32.26
CA GLN Q 2 1.86 -3.11 33.50
C GLN Q 2 2.18 -4.58 33.30
N ILE Q 3 3.08 -5.10 34.12
CA ILE Q 3 3.44 -6.51 34.04
C ILE Q 3 2.53 -7.27 34.99
N ALA Q 4 2.01 -8.41 34.55
CA ALA Q 4 1.10 -9.17 35.39
C ALA Q 4 1.31 -10.64 35.16
N LYS Q 5 0.66 -11.45 35.99
CA LYS Q 5 0.61 -12.89 35.76
C LYS Q 5 -0.84 -13.29 35.71
N VAL Q 6 -1.11 -14.28 34.86
CA VAL Q 6 -2.44 -14.89 34.75
C VAL Q 6 -2.65 -15.74 35.97
N ARG Q 7 -3.72 -15.46 36.72
CA ARG Q 7 -3.93 -16.12 38.00
C ARG Q 7 -5.25 -16.84 38.02
N GLY Q 8 -6.08 -16.62 36.99
CA GLY Q 8 -7.38 -17.22 37.00
C GLY Q 8 -8.26 -16.93 35.79
N THR Q 9 -9.49 -17.40 35.89
CA THR Q 9 -10.42 -17.29 34.79
C THR Q 9 -11.78 -16.86 35.31
N VAL Q 10 -12.42 -15.94 34.59
CA VAL Q 10 -13.76 -15.50 34.94
C VAL Q 10 -14.74 -16.05 33.87
N VAL Q 11 -15.80 -16.70 34.33
CA VAL Q 11 -16.80 -17.30 33.44
C VAL Q 11 -18.08 -16.51 33.58
N SER Q 12 -18.59 -16.01 32.46
CA SER Q 12 -19.82 -15.23 32.43
C SER Q 12 -20.67 -15.62 31.22
N THR Q 13 -21.89 -16.08 31.46
CA THR Q 13 -22.81 -16.40 30.37
C THR Q 13 -23.78 -15.26 30.01
N GLN Q 14 -24.11 -14.43 30.99
CA GLN Q 14 -24.99 -13.26 30.80
C GLN Q 14 -24.15 -11.99 30.74
N LYS Q 15 -24.11 -11.34 29.59
CA LYS Q 15 -23.09 -10.33 29.38
C LYS Q 15 -23.34 -9.57 28.07
N ASP Q 16 -22.62 -8.50 27.85
CA ASP Q 16 -22.80 -7.74 26.61
C ASP Q 16 -22.51 -8.66 25.43
N PRO Q 17 -23.37 -8.63 24.39
CA PRO Q 17 -23.17 -9.44 23.19
C PRO Q 17 -21.81 -9.27 22.52
N SER Q 18 -21.15 -8.12 22.67
CA SER Q 18 -19.89 -7.94 21.97
C SER Q 18 -18.74 -8.67 22.67
N LEU Q 19 -19.06 -9.28 23.81
CA LEU Q 19 -18.09 -10.02 24.56
C LEU Q 19 -18.14 -11.53 24.28
N ARG Q 20 -19.02 -11.99 23.39
CA ARG Q 20 -19.10 -13.44 23.20
C ARG Q 20 -17.80 -14.00 22.59
N GLY Q 21 -17.35 -15.14 23.10
CA GLY Q 21 -16.08 -15.73 22.72
C GLY Q 21 -14.85 -15.05 23.31
N VAL Q 22 -15.00 -13.83 23.83
CA VAL Q 22 -13.83 -13.14 24.37
C VAL Q 22 -13.36 -13.75 25.69
N LYS Q 23 -12.12 -14.26 25.68
CA LYS Q 23 -11.56 -14.86 26.89
C LYS Q 23 -11.27 -13.82 27.96
N LEU Q 24 -11.83 -14.06 29.14
CA LEU Q 24 -11.65 -13.17 30.31
C LEU Q 24 -10.68 -13.78 31.33
N LEU Q 25 -9.51 -13.16 31.44
CA LEU Q 25 -8.47 -13.66 32.33
C LEU Q 25 -8.36 -12.78 33.56
N LEU Q 26 -8.07 -13.40 34.69
CA LEU Q 26 -7.85 -12.64 35.90
C LEU Q 26 -6.33 -12.46 36.01
N LEU Q 27 -5.90 -11.23 35.80
CA LEU Q 27 -4.49 -10.88 35.80
C LEU Q 27 -4.18 -10.08 37.07
N GLN Q 28 -3.25 -10.62 37.86
CA GLN Q 28 -2.77 -9.93 39.04
C GLN Q 28 -1.43 -9.26 38.74
N LEU Q 29 -1.34 -7.96 39.04
CA LEU Q 29 -0.10 -7.22 38.83
C LEU Q 29 1.04 -7.78 39.69
N VAL Q 30 2.29 -7.62 39.22
CA VAL Q 30 3.44 -8.01 40.00
C VAL Q 30 4.38 -6.80 40.19
N ASP Q 31 5.19 -6.81 41.24
CA ASP Q 31 6.30 -5.84 41.28
C ASP Q 31 7.42 -6.20 40.31
N GLU Q 32 8.51 -5.46 40.38
CA GLU Q 32 9.65 -5.67 39.49
C GLU Q 32 10.33 -7.03 39.70
N GLU Q 33 10.00 -7.75 40.77
CA GLU Q 33 10.69 -8.99 41.09
C GLU Q 33 9.78 -10.20 40.93
N GLY Q 34 8.57 -9.94 40.49
CA GLY Q 34 7.64 -11.03 40.23
C GLY Q 34 6.68 -11.28 41.37
N ASN Q 35 6.79 -10.49 42.45
CA ASN Q 35 5.88 -10.67 43.57
C ASN Q 35 4.48 -10.16 43.27
N LEU Q 36 3.46 -10.94 43.59
CA LEU Q 36 2.08 -10.50 43.33
C LEU Q 36 1.64 -9.30 44.22
N LEU Q 37 0.98 -8.33 43.58
CA LEU Q 37 0.40 -7.16 44.26
C LEU Q 37 -1.12 -7.31 44.43
N GLN Q 38 -1.72 -6.45 45.25
CA GLN Q 38 -3.18 -6.46 45.46
C GLN Q 38 -3.88 -5.58 44.45
N LYS Q 39 -3.40 -5.63 43.22
CA LYS Q 39 -3.99 -4.90 42.11
C LYS Q 39 -4.20 -5.93 41.00
N TYR Q 40 -5.32 -5.84 40.29
CA TYR Q 40 -5.69 -6.80 39.24
C TYR Q 40 -6.54 -6.16 38.17
N GLU Q 41 -6.61 -6.84 37.03
CA GLU Q 41 -7.61 -6.55 36.02
C GLU Q 41 -8.13 -7.88 35.55
N VAL Q 42 -9.41 -7.93 35.27
CA VAL Q 42 -9.95 -9.00 34.46
C VAL Q 42 -9.80 -8.46 33.06
N ALA Q 43 -9.07 -9.18 32.21
CA ALA Q 43 -8.65 -8.60 30.92
C ALA Q 43 -9.03 -9.46 29.76
N ALA Q 44 -9.24 -8.83 28.62
CA ALA Q 44 -9.48 -9.57 27.38
C ALA Q 44 -8.15 -10.15 26.88
N ASP Q 45 -8.18 -11.42 26.46
CA ASP Q 45 -7.02 -12.06 25.83
C ASP Q 45 -7.45 -12.86 24.60
N ASN Q 46 -7.41 -12.24 23.43
CA ASN Q 46 -7.63 -12.96 22.17
C ASN Q 46 -6.40 -12.88 21.26
N SER Q 47 -5.93 -11.66 21.01
CA SER Q 47 -4.80 -11.43 20.10
C SER Q 47 -3.51 -12.16 20.50
N VAL Q 48 -3.44 -12.63 21.74
CA VAL Q 48 -2.17 -13.11 22.30
C VAL Q 48 -2.14 -14.59 22.76
N GLY Q 49 -3.18 -15.03 23.46
CA GLY Q 49 -3.24 -16.39 23.97
C GLY Q 49 -2.28 -16.64 25.13
N ALA Q 50 -2.52 -15.96 26.24
CA ALA Q 50 -1.67 -16.09 27.43
C ALA Q 50 -2.05 -17.30 28.30
N GLY Q 51 -1.05 -18.08 28.67
CA GLY Q 51 -1.23 -19.25 29.52
C GLY Q 51 -0.84 -18.97 30.97
N PHE Q 52 -1.30 -19.84 31.87
CA PHE Q 52 -1.16 -19.63 33.31
C PHE Q 52 0.29 -19.38 33.77
N ASP Q 53 0.43 -18.46 34.72
CA ASP Q 53 1.72 -18.01 35.29
C ASP Q 53 2.82 -17.55 34.31
N GLU Q 54 2.42 -17.12 33.11
CA GLU Q 54 3.35 -16.40 32.25
C GLU Q 54 3.35 -14.96 32.70
N TRP Q 55 4.50 -14.28 32.66
CA TRP Q 55 4.48 -12.82 32.79
C TRP Q 55 3.97 -12.20 31.51
N VAL Q 56 2.97 -11.33 31.63
CA VAL Q 56 2.39 -10.69 30.45
C VAL Q 56 2.34 -9.16 30.63
N LEU Q 57 2.15 -8.45 29.54
CA LEU Q 57 1.91 -7.00 29.58
C LEU Q 57 0.42 -6.71 29.34
N ILE Q 58 -0.17 -5.86 30.17
CA ILE Q 58 -1.58 -5.47 30.03
C ILE Q 58 -1.57 -4.01 29.63
N SER Q 59 -2.45 -3.60 28.71
CA SER Q 59 -2.72 -2.18 28.56
C SER Q 59 -4.14 -1.89 29.01
N ARG Q 60 -4.37 -0.68 29.53
CA ARG Q 60 -5.64 -0.36 30.18
C ARG Q 60 -6.23 0.86 29.53
N GLY Q 61 -7.53 1.10 29.78
CA GLY Q 61 -8.23 2.20 29.16
C GLY Q 61 -8.51 1.92 27.70
N SER Q 62 -8.52 2.97 26.90
CA SER Q 62 -8.90 2.82 25.51
C SER Q 62 -7.84 2.16 24.64
N ALA Q 63 -6.60 2.13 25.10
CA ALA Q 63 -5.59 1.26 24.47
C ALA Q 63 -6.14 -0.16 24.24
N ALA Q 64 -6.95 -0.66 25.15
CA ALA Q 64 -7.37 -2.06 25.08
C ALA Q 64 -8.26 -2.27 23.91
N ARG Q 65 -8.84 -1.18 23.39
CA ARG Q 65 -9.72 -1.38 22.23
C ARG Q 65 -9.00 -1.36 20.89
N GLN Q 66 -7.68 -1.18 20.91
CA GLN Q 66 -6.94 -1.09 19.64
C GLN Q 66 -6.54 -2.45 19.03
N LEU Q 67 -6.61 -3.53 19.81
CA LEU Q 67 -6.43 -4.89 19.27
C LEU Q 67 -7.51 -5.15 18.26
N LEU Q 68 -7.16 -5.79 17.13
CA LEU Q 68 -8.15 -6.10 16.12
C LEU Q 68 -9.26 -6.94 16.76
N GLY Q 69 -10.49 -6.53 16.54
CA GLY Q 69 -11.61 -7.20 17.16
C GLY Q 69 -12.15 -6.44 18.35
N ASN Q 70 -11.30 -5.71 19.07
CA ASN Q 70 -11.78 -5.01 20.28
C ASN Q 70 -12.31 -3.59 20.03
N GLU Q 71 -12.28 -3.09 18.80
CA GLU Q 71 -12.51 -1.65 18.56
C GLU Q 71 -13.80 -1.09 19.15
N GLN Q 72 -14.87 -1.84 19.03
CA GLN Q 72 -16.12 -1.39 19.59
C GLN Q 72 -16.54 -2.25 20.76
N ARG Q 73 -15.59 -2.90 21.42
CA ARG Q 73 -15.93 -3.73 22.56
C ARG Q 73 -15.75 -2.95 23.86
N PRO Q 74 -16.58 -3.24 24.86
CA PRO Q 74 -16.43 -2.47 26.09
C PRO Q 74 -15.37 -3.06 27.01
N VAL Q 75 -14.10 -3.08 26.56
CA VAL Q 75 -13.02 -3.61 27.40
C VAL Q 75 -12.04 -2.48 27.75
N ASP Q 76 -11.59 -2.46 29.00
CA ASP Q 76 -10.69 -1.42 29.45
C ASP Q 76 -9.36 -2.03 29.92
N ALA Q 77 -9.19 -3.31 29.63
CA ALA Q 77 -7.96 -4.04 29.92
C ALA Q 77 -7.75 -5.14 28.91
N ALA Q 78 -6.52 -5.28 28.42
CA ALA Q 78 -6.23 -6.28 27.44
C ALA Q 78 -4.81 -6.83 27.61
N VAL Q 79 -4.64 -8.12 27.46
CA VAL Q 79 -3.28 -8.69 27.39
C VAL Q 79 -2.67 -8.32 26.04
N VAL Q 80 -1.57 -7.58 26.01
CA VAL Q 80 -0.99 -7.19 24.70
C VAL Q 80 0.30 -7.92 24.34
N ALA Q 81 0.96 -8.52 25.32
CA ALA Q 81 2.22 -9.20 25.03
C ALA Q 81 2.54 -10.26 26.06
N ILE Q 82 3.23 -11.31 25.63
CA ILE Q 82 3.86 -12.25 26.56
C ILE Q 82 5.33 -11.89 26.62
N ILE Q 83 5.85 -11.77 27.83
CA ILE Q 83 7.23 -11.31 27.99
C ILE Q 83 8.19 -12.47 27.84
N ASP Q 84 9.21 -12.27 27.01
CA ASP Q 84 10.26 -13.28 26.88
C ASP Q 84 11.37 -12.98 27.89
N THR Q 85 11.88 -11.76 27.87
CA THR Q 85 12.92 -11.35 28.82
C THR Q 85 12.75 -9.91 29.29
N ILE Q 86 13.36 -9.61 30.43
CA ILE Q 86 13.54 -8.24 30.90
C ILE Q 86 14.97 -8.06 31.38
N HIS Q 87 15.65 -7.03 30.88
CA HIS Q 87 17.01 -6.78 31.37
C HIS Q 87 17.02 -5.44 32.07
N VAL Q 88 17.76 -5.34 33.16
CA VAL Q 88 17.96 -4.01 33.80
C VAL Q 88 19.41 -3.69 33.65
N GLU Q 89 19.68 -2.54 33.02
CA GLU Q 89 21.05 -2.19 32.63
C GLU Q 89 21.72 -3.38 31.94
N ASP Q 90 21.01 -4.02 31.01
CA ASP Q 90 21.53 -5.21 30.31
C ASP Q 90 21.97 -6.34 31.25
N ARG Q 91 21.34 -6.43 32.42
CA ARG Q 91 21.43 -7.62 33.27
C ARG Q 91 20.05 -8.31 33.29
N LEU Q 92 20.01 -9.62 33.20
CA LEU Q 92 18.74 -10.32 33.02
C LEU Q 92 18.01 -10.46 34.36
N ILE Q 93 16.80 -9.92 34.49
CA ILE Q 93 16.04 -10.18 35.73
C ILE Q 93 14.80 -11.05 35.50
N TYR Q 94 14.42 -11.22 34.24
CA TYR Q 94 13.35 -12.17 33.94
C TYR Q 94 13.59 -12.86 32.61
N SER Q 95 13.39 -14.17 32.59
CA SER Q 95 13.42 -14.90 31.34
C SER Q 95 12.33 -15.97 31.38
N LYS Q 96 11.44 -15.95 30.40
CA LYS Q 96 10.35 -16.94 30.33
C LYS Q 96 10.87 -18.37 30.48
N LYS Q 97 12.02 -18.64 29.89
CA LYS Q 97 12.72 -19.89 30.08
C LYS Q 97 12.98 -20.18 31.57
N ASP Q 98 14.09 -19.63 32.08
CA ASP Q 98 14.55 -19.86 33.47
C ASP Q 98 13.44 -19.72 34.52
N MET R 1 1.81 14.27 32.93
CA MET R 1 2.85 13.28 32.65
C MET R 1 3.59 13.06 33.95
N GLN R 2 4.21 11.89 34.08
CA GLN R 2 4.96 11.59 35.27
C GLN R 2 6.44 11.58 34.90
N ILE R 3 7.29 11.67 35.90
CA ILE R 3 8.74 11.57 35.68
C ILE R 3 9.11 10.15 36.08
N ALA R 4 10.01 9.54 35.31
CA ALA R 4 10.50 8.19 35.63
C ALA R 4 11.92 8.01 35.12
N LYS R 5 12.55 6.91 35.56
CA LYS R 5 13.90 6.63 35.21
C LYS R 5 13.94 5.34 34.39
N VAL R 6 14.67 5.38 33.27
CA VAL R 6 14.82 4.18 32.43
C VAL R 6 15.72 3.16 33.12
N ARG R 7 15.21 1.95 33.37
CA ARG R 7 16.07 0.92 33.95
C ARG R 7 16.42 -0.24 33.00
N GLY R 8 15.61 -0.46 31.98
CA GLY R 8 15.83 -1.59 31.11
C GLY R 8 14.80 -1.75 30.01
N THR R 9 14.78 -2.93 29.42
CA THR R 9 14.00 -3.14 28.23
C THR R 9 13.23 -4.37 28.49
N VAL R 10 12.08 -4.45 27.82
CA VAL R 10 11.21 -5.60 27.91
C VAL R 10 11.11 -6.19 26.51
N VAL R 11 11.48 -7.47 26.36
CA VAL R 11 11.45 -8.11 25.05
C VAL R 11 10.31 -9.11 24.94
N SER R 12 9.59 -9.05 23.83
CA SER R 12 8.48 -9.96 23.56
C SER R 12 8.41 -10.35 22.10
N THR R 13 8.27 -11.65 21.83
CA THR R 13 8.10 -12.11 20.45
C THR R 13 6.66 -12.46 20.14
N GLN R 14 5.94 -12.89 21.18
CA GLN R 14 4.54 -13.29 21.12
C GLN R 14 3.67 -12.15 21.58
N LYS R 15 3.10 -11.37 20.65
CA LYS R 15 2.40 -10.14 21.04
C LYS R 15 1.46 -9.69 19.96
N ASP R 16 0.67 -8.66 20.23
CA ASP R 16 -0.23 -8.13 19.22
C ASP R 16 0.57 -7.60 18.03
N PRO R 17 0.15 -7.96 16.79
CA PRO R 17 0.83 -7.56 15.55
C PRO R 17 1.18 -6.08 15.49
N SER R 18 0.36 -5.22 16.08
CA SER R 18 0.63 -3.78 15.99
C SER R 18 1.87 -3.38 16.80
N LEU R 19 2.24 -4.19 17.77
CA LEU R 19 3.42 -3.87 18.59
C LEU R 19 4.74 -4.29 17.96
N ARG R 20 4.69 -4.77 16.72
CA ARG R 20 5.89 -5.25 16.03
C ARG R 20 6.89 -4.10 15.99
N GLY R 21 8.10 -4.36 16.44
CA GLY R 21 9.18 -3.39 16.34
C GLY R 21 9.09 -2.25 17.34
N VAL R 22 8.07 -2.25 18.18
CA VAL R 22 7.93 -1.19 19.17
C VAL R 22 8.83 -1.50 20.37
N LYS R 23 9.72 -0.56 20.70
CA LYS R 23 10.61 -0.69 21.84
C LYS R 23 9.84 -0.44 23.13
N LEU R 24 9.97 -1.37 24.08
CA LEU R 24 9.29 -1.25 25.37
C LEU R 24 10.34 -1.06 26.48
N LEU R 25 10.21 -0.01 27.28
CA LEU R 25 11.20 0.25 28.35
C LEU R 25 10.57 -0.03 29.67
N LEU R 26 11.40 -0.54 30.59
CA LEU R 26 11.00 -0.66 31.98
C LEU R 26 11.45 0.61 32.68
N LEU R 27 10.50 1.28 33.34
CA LEU R 27 10.78 2.60 33.91
C LEU R 27 10.42 2.55 35.37
N GLN R 28 11.19 3.26 36.17
CA GLN R 28 11.02 3.28 37.63
C GLN R 28 10.47 4.65 37.98
N LEU R 29 9.29 4.71 38.58
CA LEU R 29 8.63 6.02 38.80
C LEU R 29 9.40 6.87 39.80
N VAL R 30 9.20 8.19 39.68
CA VAL R 30 9.88 9.18 40.51
C VAL R 30 8.80 10.05 41.16
N ASP R 31 8.99 10.41 42.41
CA ASP R 31 7.99 11.21 43.10
C ASP R 31 8.27 12.71 42.92
N GLU R 32 7.48 13.51 43.63
CA GLU R 32 7.44 14.94 43.41
C GLU R 32 8.74 15.58 43.83
N GLU R 33 9.32 15.04 44.90
CA GLU R 33 10.59 15.51 45.44
C GLU R 33 11.83 14.96 44.73
N GLY R 34 11.64 14.16 43.70
CA GLY R 34 12.80 13.67 42.99
C GLY R 34 13.33 12.34 43.52
N ASN R 35 12.56 11.66 44.37
CA ASN R 35 13.01 10.38 44.94
C ASN R 35 12.47 9.24 44.07
N LEU R 36 13.29 8.23 43.83
CA LEU R 36 12.83 7.05 43.09
C LEU R 36 11.89 6.21 44.00
N LEU R 37 10.89 5.61 43.39
CA LEU R 37 9.87 4.83 44.10
C LEU R 37 10.08 3.35 43.76
N GLN R 38 9.47 2.46 44.53
CA GLN R 38 9.44 1.04 44.16
C GLN R 38 8.17 0.74 43.34
N LYS R 39 7.91 1.56 42.34
CA LYS R 39 6.80 1.43 41.40
C LYS R 39 7.40 1.50 40.02
N TYR R 40 6.97 0.60 39.13
CA TYR R 40 7.57 0.54 37.81
C TYR R 40 6.45 0.47 36.80
N GLU R 41 6.77 0.83 35.57
CA GLU R 41 5.82 0.70 34.48
C GLU R 41 6.56 0.39 33.18
N VAL R 42 5.84 -0.10 32.18
CA VAL R 42 6.48 -0.39 30.89
C VAL R 42 5.91 0.59 29.88
N ALA R 43 6.77 1.28 29.14
CA ALA R 43 6.25 2.27 28.19
C ALA R 43 6.86 2.07 26.82
N ALA R 44 6.13 2.45 25.77
CA ALA R 44 6.65 2.38 24.42
C ALA R 44 7.65 3.54 24.27
N ASP R 45 8.77 3.30 23.61
CA ASP R 45 9.72 4.41 23.34
C ASP R 45 10.02 4.41 21.88
N ASN R 46 9.02 4.71 21.08
CA ASN R 46 9.23 4.58 19.66
C ASN R 46 9.50 5.91 19.00
N SER R 47 9.54 6.97 19.78
CA SER R 47 9.72 8.31 19.23
C SER R 47 10.95 9.07 19.73
N VAL R 48 11.33 8.85 20.98
CA VAL R 48 12.37 9.68 21.59
C VAL R 48 13.74 9.02 21.61
N GLY R 49 13.82 7.78 22.08
CA GLY R 49 15.08 7.04 22.07
C GLY R 49 15.97 7.34 23.28
N ALA R 50 15.43 7.00 24.45
CA ALA R 50 16.06 7.21 25.75
C ALA R 50 17.07 6.11 26.02
N GLY R 51 18.12 6.43 26.77
CA GLY R 51 19.14 5.46 27.14
C GLY R 51 19.02 5.12 28.63
N PHE R 52 19.88 4.21 29.07
CA PHE R 52 19.87 3.76 30.46
C PHE R 52 20.04 4.91 31.44
N ASP R 53 19.19 4.90 32.47
CA ASP R 53 19.35 5.75 33.64
C ASP R 53 18.97 7.21 33.39
N GLU R 54 18.46 7.51 32.19
CA GLU R 54 17.95 8.86 31.96
C GLU R 54 16.63 9.06 32.62
N TRP R 55 16.33 10.31 33.00
CA TRP R 55 14.99 10.57 33.50
C TRP R 55 14.14 10.96 32.31
N VAL R 56 12.91 10.46 32.25
CA VAL R 56 12.06 10.77 31.12
C VAL R 56 10.68 11.24 31.57
N LEU R 57 9.92 11.80 30.62
CA LEU R 57 8.50 12.06 30.88
C LEU R 57 7.68 10.95 30.21
N ILE R 58 6.68 10.44 30.94
CA ILE R 58 5.81 9.42 30.43
C ILE R 58 4.45 10.03 30.28
N SER R 59 3.83 9.82 29.12
CA SER R 59 2.43 10.22 28.96
C SER R 59 1.56 8.98 29.02
N ARG R 60 0.41 9.07 29.70
CA ARG R 60 -0.45 7.89 29.86
C ARG R 60 -1.79 7.99 29.18
N GLY R 61 -2.43 6.85 28.96
CA GLY R 61 -3.75 6.88 28.37
C GLY R 61 -3.71 7.20 26.88
N SER R 62 -4.80 7.67 26.28
CA SER R 62 -4.77 7.88 24.81
C SER R 62 -3.69 8.89 24.35
N ALA R 63 -3.13 9.70 25.25
CA ALA R 63 -1.96 10.51 24.88
C ALA R 63 -0.84 9.65 24.25
N ALA R 64 -0.66 8.44 24.75
CA ALA R 64 0.43 7.56 24.31
C ALA R 64 0.29 7.19 22.85
N ARG R 65 -0.92 7.31 22.33
CA ARG R 65 -1.16 6.91 20.95
C ARG R 65 -1.01 8.05 19.97
N GLN R 66 -0.74 9.25 20.47
CA GLN R 66 -0.51 10.39 19.58
C GLN R 66 0.89 10.41 18.96
N LEU R 67 1.80 9.60 19.47
CA LEU R 67 3.12 9.54 18.83
C LEU R 67 3.01 8.96 17.43
N LEU R 68 3.86 9.39 16.49
CA LEU R 68 3.75 8.89 15.11
C LEU R 68 3.76 7.35 15.09
N GLY R 69 2.75 6.76 14.45
CA GLY R 69 2.66 5.31 14.37
C GLY R 69 1.79 4.60 15.39
N ASN R 70 1.49 5.27 16.50
CA ASN R 70 0.82 4.65 17.65
C ASN R 70 -0.69 4.77 17.68
N GLU R 71 -1.25 5.38 16.65
CA GLU R 71 -2.66 5.77 16.67
C GLU R 71 -3.58 4.59 16.95
N GLN R 72 -3.26 3.46 16.32
CA GLN R 72 -4.05 2.24 16.45
C GLN R 72 -3.26 1.12 17.16
N ARG R 73 -2.26 1.49 17.94
CA ARG R 73 -1.56 0.53 18.78
C ARG R 73 -2.08 0.55 20.23
N PRO R 74 -2.13 -0.62 20.88
CA PRO R 74 -2.63 -0.74 22.26
C PRO R 74 -1.56 -0.39 23.29
N VAL R 75 -1.11 0.86 23.25
CA VAL R 75 -0.16 1.33 24.23
C VAL R 75 -0.85 2.37 25.08
N ASP R 76 -0.63 2.30 26.39
CA ASP R 76 -1.27 3.30 27.29
C ASP R 76 -0.21 4.10 28.02
N ALA R 77 1.05 3.96 27.59
CA ALA R 77 2.14 4.70 28.22
C ALA R 77 3.29 4.81 27.23
N ALA R 78 3.82 6.03 27.11
CA ALA R 78 4.84 6.30 26.12
C ALA R 78 5.82 7.31 26.71
N VAL R 79 7.10 7.12 26.43
CA VAL R 79 8.13 8.10 26.73
C VAL R 79 7.96 9.23 25.71
N VAL R 80 7.79 10.46 26.21
CA VAL R 80 7.59 11.59 25.30
C VAL R 80 8.73 12.62 25.35
N ALA R 81 9.62 12.49 26.32
CA ALA R 81 10.75 13.43 26.49
C ALA R 81 11.81 12.83 27.39
N ILE R 82 13.04 13.29 27.19
CA ILE R 82 14.13 13.01 28.11
C ILE R 82 14.44 14.33 28.82
N ILE R 83 14.47 14.29 30.15
CA ILE R 83 14.73 15.46 30.98
C ILE R 83 16.17 15.80 31.08
N ASP R 84 16.51 17.05 30.74
CA ASP R 84 17.86 17.55 30.97
C ASP R 84 18.00 18.10 32.38
N THR R 85 17.06 18.96 32.77
CA THR R 85 17.08 19.62 34.09
C THR R 85 15.66 19.77 34.61
N ILE R 86 15.53 19.87 35.93
CA ILE R 86 14.27 20.26 36.56
C ILE R 86 14.61 21.41 37.49
N HIS R 87 14.38 22.65 37.06
CA HIS R 87 14.80 23.76 37.94
C HIS R 87 13.66 24.43 38.69
N VAL R 88 13.32 23.84 39.84
CA VAL R 88 12.32 24.40 40.77
C VAL R 88 12.90 25.62 41.50
N GLU R 89 12.56 26.79 40.97
CA GLU R 89 13.20 28.05 41.34
C GLU R 89 14.73 27.99 41.44
N ASP R 90 15.24 28.53 42.54
CA ASP R 90 16.68 28.53 42.83
C ASP R 90 17.27 27.14 42.72
N ARG R 91 16.58 26.18 43.33
CA ARG R 91 17.11 24.83 43.46
C ARG R 91 17.32 24.15 42.11
N LEU R 92 18.08 23.06 42.17
CA LEU R 92 18.17 22.10 41.10
C LEU R 92 17.87 20.75 41.74
N ILE R 93 16.76 20.13 41.34
CA ILE R 93 16.39 18.84 41.90
C ILE R 93 16.99 17.78 41.01
N TYR R 94 17.13 18.12 39.74
CA TYR R 94 17.67 17.17 38.79
C TYR R 94 18.48 17.84 37.71
N SER R 95 19.67 17.29 37.48
CA SER R 95 20.51 17.73 36.39
C SER R 95 21.16 16.52 35.78
N LYS R 96 20.85 16.32 34.51
CA LYS R 96 21.36 15.19 33.76
C LYS R 96 22.88 15.23 33.77
N LYS R 97 23.42 16.43 33.52
CA LYS R 97 24.84 16.75 33.49
C LYS R 97 25.59 16.17 34.70
N ASP R 98 25.14 16.55 35.89
CA ASP R 98 25.73 16.07 37.13
C ASP R 98 25.75 14.55 37.19
N MET S 1 -11.16 18.08 37.35
CA MET S 1 -9.89 18.81 37.27
C MET S 1 -9.24 18.90 38.67
N GLN S 2 -7.93 19.18 38.76
CA GLN S 2 -7.30 19.28 40.08
C GLN S 2 -6.64 20.64 40.27
N ILE S 3 -6.66 21.12 41.51
CA ILE S 3 -5.94 22.35 41.85
C ILE S 3 -4.48 21.99 42.14
N ALA S 4 -3.57 22.82 41.65
CA ALA S 4 -2.14 22.56 41.76
C ALA S 4 -1.33 23.86 41.82
N LYS S 5 -0.13 23.80 42.42
CA LYS S 5 0.75 24.97 42.47
C LYS S 5 1.90 24.78 41.50
N VAL S 6 2.34 25.85 40.84
CA VAL S 6 3.51 25.72 39.95
C VAL S 6 4.76 25.65 40.83
N ARG S 7 5.50 24.55 40.73
CA ARG S 7 6.67 24.43 41.58
C ARG S 7 7.95 24.62 40.78
N GLY S 8 7.91 24.26 39.49
CA GLY S 8 9.08 24.41 38.64
C GLY S 8 8.92 24.23 37.14
N THR S 9 10.04 24.30 36.43
CA THR S 9 10.07 24.09 34.98
C THR S 9 10.87 22.82 34.58
N VAL S 10 10.31 21.98 33.72
CA VAL S 10 11.08 20.83 33.24
C VAL S 10 11.72 21.20 31.90
N VAL S 11 13.06 21.11 31.82
CA VAL S 11 13.75 21.43 30.55
C VAL S 11 14.20 20.14 29.82
N SER S 12 13.87 20.06 28.54
CA SER S 12 14.19 18.88 27.72
C SER S 12 14.58 19.34 26.33
N THR S 13 15.62 18.72 25.76
CA THR S 13 15.99 18.97 24.34
C THR S 13 15.65 17.77 23.45
N GLN S 14 15.62 16.58 24.02
CA GLN S 14 15.22 15.38 23.26
C GLN S 14 13.82 14.98 23.62
N LYS S 15 12.90 15.04 22.64
CA LYS S 15 11.49 14.84 22.91
C LYS S 15 10.73 14.56 21.62
N ASP S 16 9.49 14.13 21.76
CA ASP S 16 8.66 13.87 20.62
C ASP S 16 8.49 15.19 19.87
N PRO S 17 8.63 15.15 18.54
CA PRO S 17 8.51 16.32 17.67
C PRO S 17 7.27 17.18 17.99
N SER S 18 6.21 16.56 18.50
CA SER S 18 4.96 17.29 18.72
C SER S 18 4.99 18.06 20.04
N LEU S 19 6.08 17.91 20.76
CA LEU S 19 6.25 18.65 21.98
C LEU S 19 7.27 19.78 21.83
N ARG S 20 7.83 19.98 20.62
CA ARG S 20 8.85 21.03 20.50
C ARG S 20 8.24 22.42 20.76
N GLY S 21 8.91 23.21 21.58
CA GLY S 21 8.42 24.54 21.91
C GLY S 21 7.26 24.55 22.89
N VAL S 22 6.90 23.37 23.39
CA VAL S 22 5.89 23.26 24.43
C VAL S 22 6.51 23.43 25.83
N LYS S 23 6.08 24.45 26.55
CA LYS S 23 6.56 24.71 27.91
C LYS S 23 6.06 23.65 28.88
N LEU S 24 6.95 23.08 29.70
CA LEU S 24 6.57 22.03 30.65
C LEU S 24 6.78 22.49 32.07
N LEU S 25 5.72 22.37 32.89
CA LEU S 25 5.75 22.89 34.26
C LEU S 25 5.58 21.74 35.20
N LEU S 26 6.27 21.77 36.33
CA LEU S 26 6.05 20.77 37.36
C LEU S 26 5.07 21.40 38.30
N LEU S 27 3.96 20.71 38.51
CA LEU S 27 2.85 21.18 39.30
C LEU S 27 2.64 20.22 40.44
N GLN S 28 2.61 20.73 41.65
CA GLN S 28 2.28 19.89 42.81
C GLN S 28 0.80 20.05 43.20
N LEU S 29 0.08 18.93 43.35
CA LEU S 29 -1.35 19.02 43.66
C LEU S 29 -1.56 19.53 45.06
N VAL S 30 -2.67 20.23 45.28
CA VAL S 30 -3.00 20.69 46.61
C VAL S 30 -4.34 20.09 47.05
N ASP S 31 -4.57 19.98 48.36
CA ASP S 31 -5.91 19.68 48.84
C ASP S 31 -6.76 20.95 48.88
N GLU S 32 -7.80 20.92 49.70
CA GLU S 32 -8.82 21.97 49.70
C GLU S 32 -8.38 23.19 50.45
N GLU S 33 -7.57 22.98 51.48
CA GLU S 33 -7.01 24.08 52.21
C GLU S 33 -5.67 24.51 51.62
N GLY S 34 -5.38 24.04 50.41
CA GLY S 34 -4.20 24.47 49.71
C GLY S 34 -2.92 23.79 50.15
N ASN S 35 -3.03 22.82 51.05
CA ASN S 35 -1.86 22.06 51.45
C ASN S 35 -1.27 21.24 50.32
N LEU S 36 0.04 21.33 50.17
CA LEU S 36 0.73 20.58 49.10
C LEU S 36 0.69 19.08 49.39
N LEU S 37 0.41 18.31 48.36
CA LEU S 37 0.24 16.86 48.44
C LEU S 37 1.38 16.11 47.73
N GLN S 38 1.46 14.80 47.97
CA GLN S 38 2.46 13.93 47.31
C GLN S 38 1.99 13.38 45.97
N LYS S 39 1.31 14.22 45.19
CA LYS S 39 0.88 13.91 43.86
C LYS S 39 1.33 15.10 42.99
N TYR S 40 1.73 14.82 41.76
CA TYR S 40 2.18 15.87 40.85
C TYR S 40 1.86 15.49 39.45
N GLU S 41 1.93 16.49 38.56
CA GLU S 41 1.92 16.28 37.13
C GLU S 41 2.98 17.18 36.54
N VAL S 42 3.64 16.71 35.50
CA VAL S 42 4.28 17.61 34.57
C VAL S 42 3.25 17.83 33.46
N ALA S 43 3.00 19.11 33.18
CA ALA S 43 1.87 19.50 32.38
C ALA S 43 2.30 20.51 31.35
N ALA S 44 1.66 20.44 30.20
CA ALA S 44 1.89 21.41 29.15
C ALA S 44 1.30 22.73 29.62
N ASP S 45 2.01 23.81 29.38
CA ASP S 45 1.56 25.14 29.76
C ASP S 45 1.68 26.08 28.55
N ASN S 46 1.30 25.65 27.36
CA ASN S 46 1.37 26.55 26.21
C ASN S 46 0.03 27.10 25.72
N SER S 47 -0.96 27.10 26.62
CA SER S 47 -2.28 27.64 26.29
C SER S 47 -2.64 28.76 27.28
N VAL S 48 -2.27 28.55 28.53
CA VAL S 48 -2.47 29.60 29.56
C VAL S 48 -1.21 29.66 30.42
N GLY S 49 -0.35 30.62 30.10
CA GLY S 49 0.99 30.68 30.67
C GLY S 49 0.96 30.96 32.15
N ALA S 50 1.39 29.97 32.93
CA ALA S 50 1.43 30.11 34.38
C ALA S 50 2.83 30.49 34.86
N GLY S 51 2.90 31.15 36.01
CA GLY S 51 4.18 31.50 36.59
C GLY S 51 4.46 30.78 37.90
N PHE S 52 5.66 30.94 38.44
CA PHE S 52 6.07 30.17 39.61
C PHE S 52 5.18 30.43 40.84
N ASP S 53 4.79 29.34 41.50
CA ASP S 53 3.91 29.30 42.69
C ASP S 53 2.49 29.89 42.55
N GLU S 54 2.10 30.24 41.33
CA GLU S 54 0.70 30.52 41.02
C GLU S 54 -0.13 29.25 41.20
N TRP S 55 -1.42 29.42 41.50
CA TRP S 55 -2.38 28.32 41.63
C TRP S 55 -3.12 28.07 40.33
N VAL S 56 -3.14 26.81 39.88
CA VAL S 56 -3.73 26.50 38.57
C VAL S 56 -4.70 25.32 38.62
N LEU S 57 -5.53 25.23 37.58
CA LEU S 57 -6.34 24.04 37.32
C LEU S 57 -5.72 23.20 36.21
N ILE S 58 -5.65 21.91 36.49
CA ILE S 58 -5.14 20.89 35.58
C ILE S 58 -6.31 20.05 35.09
N SER S 59 -6.36 19.79 33.79
CA SER S 59 -7.25 18.79 33.26
C SER S 59 -6.38 17.60 32.85
N ARG S 60 -6.78 16.40 33.24
CA ARG S 60 -5.93 15.23 32.97
C ARG S 60 -6.58 14.37 31.90
N GLY S 61 -5.79 13.50 31.28
CA GLY S 61 -6.31 12.58 30.28
C GLY S 61 -6.57 13.26 28.94
N SER S 62 -7.45 12.69 28.13
CA SER S 62 -7.72 13.27 26.82
C SER S 62 -8.33 14.69 26.88
N ALA S 63 -8.84 15.10 28.05
CA ALA S 63 -9.28 16.51 28.20
C ALA S 63 -8.16 17.48 27.79
N ALA S 64 -6.94 17.08 28.05
CA ALA S 64 -5.79 17.97 27.86
C ALA S 64 -5.54 18.18 26.39
N ARG S 65 -6.02 17.24 25.56
CA ARG S 65 -5.86 17.43 24.10
C ARG S 65 -6.97 18.25 23.47
N GLN S 66 -7.94 18.71 24.26
CA GLN S 66 -9.06 19.46 23.68
C GLN S 66 -8.71 20.92 23.44
N LEU S 67 -7.65 21.41 24.07
CA LEU S 67 -7.24 22.80 23.82
C LEU S 67 -6.78 22.95 22.38
N LEU S 68 -7.21 24.00 21.70
CA LEU S 68 -6.87 24.14 20.28
C LEU S 68 -5.36 24.01 20.14
N GLY S 69 -4.91 23.13 19.27
CA GLY S 69 -3.48 22.95 19.07
C GLY S 69 -2.90 21.70 19.75
N ASN S 70 -3.62 21.15 20.71
CA ASN S 70 -3.12 20.00 21.46
C ASN S 70 -3.71 18.71 20.95
N GLU S 71 -4.57 18.80 19.93
CA GLU S 71 -5.41 17.65 19.58
C GLU S 71 -4.55 16.42 19.28
N GLN S 72 -3.38 16.66 18.68
CA GLN S 72 -2.50 15.58 18.31
C GLN S 72 -1.21 15.54 19.08
N ARG S 73 -1.17 16.19 20.25
CA ARG S 73 0.00 16.15 21.11
C ARG S 73 -0.14 15.03 22.14
N PRO S 74 0.96 14.36 22.45
CA PRO S 74 0.94 13.28 23.44
C PRO S 74 1.02 13.86 24.83
N VAL S 75 0.02 14.67 25.17
CA VAL S 75 -0.10 15.22 26.52
C VAL S 75 -1.31 14.66 27.27
N ASP S 76 -1.07 14.28 28.53
CA ASP S 76 -2.11 13.79 29.40
C ASP S 76 -2.43 14.76 30.56
N ALA S 77 -1.86 15.96 30.51
CA ALA S 77 -2.06 16.96 31.57
C ALA S 77 -1.77 18.33 31.02
N ALA S 78 -2.64 19.28 31.30
CA ALA S 78 -2.48 20.62 30.76
C ALA S 78 -3.08 21.63 31.71
N VAL S 79 -2.46 22.80 31.80
CA VAL S 79 -2.95 23.85 32.66
C VAL S 79 -4.07 24.46 31.85
N VAL S 80 -5.27 24.48 32.41
CA VAL S 80 -6.39 25.05 31.70
C VAL S 80 -6.78 26.42 32.27
N ALA S 81 -6.33 26.75 33.47
CA ALA S 81 -6.76 28.02 34.09
C ALA S 81 -5.87 28.47 35.23
N ILE S 82 -5.84 29.77 35.47
CA ILE S 82 -5.17 30.27 36.65
C ILE S 82 -6.26 30.61 37.68
N ILE S 83 -6.05 30.23 38.93
CA ILE S 83 -7.09 30.40 39.93
C ILE S 83 -6.96 31.73 40.64
N ASP S 84 -8.04 32.50 40.70
CA ASP S 84 -8.03 33.78 41.41
C ASP S 84 -8.43 33.51 42.84
N THR S 85 -9.61 32.94 43.04
CA THR S 85 -10.00 32.51 44.37
C THR S 85 -10.64 31.10 44.45
N ILE S 86 -10.32 30.41 45.54
CA ILE S 86 -10.97 29.17 45.96
C ILE S 86 -11.67 29.48 47.27
N HIS S 87 -12.91 29.04 47.41
CA HIS S 87 -13.53 29.08 48.73
C HIS S 87 -14.46 27.88 48.97
N VAL S 88 -14.91 27.73 50.21
CA VAL S 88 -16.10 26.92 50.49
C VAL S 88 -17.28 27.88 50.34
N GLU S 89 -18.24 27.92 51.25
CA GLU S 89 -19.27 28.97 51.10
C GLU S 89 -19.10 30.08 52.12
N ASP S 90 -18.04 29.98 52.91
CA ASP S 90 -17.57 31.09 53.74
C ASP S 90 -16.08 31.38 53.53
N ARG S 91 -15.22 30.43 53.88
CA ARG S 91 -13.77 30.67 53.91
C ARG S 91 -13.04 30.47 52.57
N LEU S 92 -12.59 31.58 51.99
CA LEU S 92 -11.62 31.47 50.90
C LEU S 92 -10.33 30.91 51.50
N ILE S 93 -9.79 29.86 50.88
CA ILE S 93 -8.50 29.35 51.31
C ILE S 93 -7.43 29.93 50.40
N TYR S 94 -7.89 30.50 49.29
CA TYR S 94 -7.00 31.15 48.33
C TYR S 94 -7.54 32.44 47.72
N SER S 95 -6.64 33.40 47.55
CA SER S 95 -6.87 34.64 46.83
C SER S 95 -5.53 35.09 46.28
N LYS S 96 -5.44 35.19 44.95
CA LYS S 96 -4.20 35.52 44.26
C LYS S 96 -3.63 36.88 44.71
N MET T 1 0.84 38.35 -18.04
CA MET T 1 1.99 39.22 -18.13
C MET T 1 1.56 40.70 -18.07
N GLN T 2 2.53 41.54 -17.73
CA GLN T 2 2.28 42.96 -17.49
C GLN T 2 3.23 43.82 -18.34
N ILE T 3 2.70 44.92 -18.88
CA ILE T 3 3.52 45.88 -19.61
C ILE T 3 4.23 46.79 -18.60
N ALA T 4 5.48 47.13 -18.91
CA ALA T 4 6.30 47.95 -18.00
C ALA T 4 7.34 48.73 -18.78
N LYS T 5 7.88 49.77 -18.14
CA LYS T 5 8.98 50.53 -18.71
C LYS T 5 10.23 50.32 -17.87
N VAL T 6 11.38 50.18 -18.50
CA VAL T 6 12.66 50.09 -17.80
C VAL T 6 12.99 51.47 -17.24
N ARG T 7 13.07 51.61 -15.92
CA ARG T 7 13.29 52.95 -15.35
C ARG T 7 14.63 53.08 -14.62
N GLY T 8 15.32 51.95 -14.45
CA GLY T 8 16.63 51.97 -13.85
C GLY T 8 17.29 50.63 -13.67
N THR T 9 18.33 50.63 -12.83
CA THR T 9 19.14 49.46 -12.56
C THR T 9 19.36 49.29 -11.06
N VAL T 10 19.53 48.06 -10.62
CA VAL T 10 19.84 47.79 -9.23
C VAL T 10 21.23 47.16 -9.27
N VAL T 11 22.14 47.70 -8.46
CA VAL T 11 23.49 47.17 -8.29
C VAL T 11 23.61 46.46 -6.93
N SER T 12 24.05 45.20 -6.96
CA SER T 12 24.27 44.38 -5.75
C SER T 12 25.59 43.62 -5.91
N THR T 13 26.47 43.72 -4.90
CA THR T 13 27.72 42.95 -4.89
C THR T 13 27.66 41.82 -3.89
N GLN T 14 26.63 41.84 -3.06
CA GLN T 14 26.46 40.91 -1.96
C GLN T 14 25.10 40.22 -2.17
N LYS T 15 25.14 38.96 -2.58
CA LYS T 15 23.93 38.30 -3.05
C LYS T 15 24.13 36.80 -3.18
N ASP T 16 23.05 36.09 -3.40
CA ASP T 16 23.14 34.67 -3.60
C ASP T 16 23.91 34.43 -4.89
N PRO T 17 24.82 33.43 -4.88
CA PRO T 17 25.65 33.11 -6.05
C PRO T 17 24.78 32.76 -7.26
N SER T 18 23.56 32.34 -6.98
CA SER T 18 22.58 32.02 -8.00
C SER T 18 22.09 33.25 -8.74
N LEU T 19 22.67 34.41 -8.47
CA LEU T 19 22.27 35.67 -9.10
C LEU T 19 23.45 36.34 -9.78
N ARG T 20 24.63 35.75 -9.63
CA ARG T 20 25.81 36.24 -10.32
C ARG T 20 25.58 36.25 -11.83
N GLY T 21 26.05 37.29 -12.51
CA GLY T 21 25.84 37.41 -13.94
C GLY T 21 24.37 37.51 -14.39
N VAL T 22 23.47 37.89 -13.49
CA VAL T 22 22.07 38.11 -13.87
C VAL T 22 21.74 39.60 -13.81
N LYS T 23 21.52 40.21 -14.97
CA LYS T 23 21.14 41.62 -15.10
C LYS T 23 19.80 41.94 -14.40
N LEU T 24 19.84 42.92 -13.49
CA LEU T 24 18.65 43.36 -12.76
C LEU T 24 18.20 44.74 -13.20
N LEU T 25 16.95 44.87 -13.64
CA LEU T 25 16.49 46.19 -14.03
C LEU T 25 15.37 46.61 -13.11
N LEU T 26 15.20 47.92 -12.91
CA LEU T 26 14.03 48.43 -12.20
C LEU T 26 12.91 48.67 -13.23
N LEU T 27 11.82 47.93 -13.13
CA LEU T 27 10.78 48.03 -14.16
C LEU T 27 9.51 48.66 -13.58
N GLN T 28 9.09 49.79 -14.14
CA GLN T 28 7.87 50.46 -13.69
C GLN T 28 6.65 50.00 -14.49
N LEU T 29 5.63 49.51 -13.80
CA LEU T 29 4.42 49.05 -14.45
C LEU T 29 3.66 50.22 -15.08
N VAL T 30 2.95 49.95 -16.18
CA VAL T 30 2.18 50.97 -16.87
C VAL T 30 0.75 50.52 -17.05
N ASP T 31 -0.18 51.48 -17.17
CA ASP T 31 -1.54 51.19 -17.63
C ASP T 31 -1.52 50.89 -19.14
N GLU T 32 -2.70 50.77 -19.74
CA GLU T 32 -2.84 50.39 -21.15
C GLU T 32 -2.47 51.58 -22.02
N GLU T 33 -2.41 52.76 -21.40
CA GLU T 33 -2.03 53.97 -22.12
C GLU T 33 -0.58 54.43 -21.85
N GLY T 34 0.21 53.61 -21.15
CA GLY T 34 1.60 53.94 -20.93
C GLY T 34 1.88 54.82 -19.72
N ASN T 35 0.81 55.27 -19.06
CA ASN T 35 0.96 56.00 -17.81
C ASN T 35 1.57 55.12 -16.76
N LEU T 36 2.72 55.55 -16.24
CA LEU T 36 3.40 54.87 -15.14
C LEU T 36 2.49 54.67 -13.92
N LEU T 37 2.56 53.47 -13.33
CA LEU T 37 1.77 53.09 -12.14
C LEU T 37 2.68 52.85 -10.94
N GLN T 38 2.14 53.01 -9.73
CA GLN T 38 2.91 52.73 -8.51
C GLN T 38 3.11 51.22 -8.21
N LYS T 39 3.56 50.46 -9.21
CA LYS T 39 3.89 49.04 -9.02
C LYS T 39 5.13 48.68 -9.88
N TYR T 40 6.00 47.84 -9.33
CA TYR T 40 7.27 47.55 -9.97
C TYR T 40 7.71 46.11 -9.68
N GLU T 41 8.72 45.68 -10.42
CA GLU T 41 9.45 44.51 -10.04
C GLU T 41 10.91 44.84 -10.38
N VAL T 42 11.82 44.39 -9.55
CA VAL T 42 13.18 44.31 -10.02
C VAL T 42 13.10 42.99 -10.74
N ALA T 43 13.50 42.99 -11.99
CA ALA T 43 13.27 41.83 -12.83
C ALA T 43 14.58 41.50 -13.52
N ALA T 44 14.74 40.21 -13.77
CA ALA T 44 15.91 39.71 -14.44
C ALA T 44 15.77 39.99 -15.92
N ASP T 45 16.86 40.44 -16.53
CA ASP T 45 16.91 40.54 -17.98
C ASP T 45 18.12 39.78 -18.57
N ASN T 46 18.01 38.44 -18.53
CA ASN T 46 19.03 37.49 -19.03
C ASN T 46 19.11 37.46 -20.54
N SER T 47 17.93 37.47 -21.15
CA SER T 47 17.80 37.09 -22.56
C SER T 47 17.56 38.27 -23.51
N VAL T 48 16.73 39.21 -23.07
CA VAL T 48 16.21 40.25 -23.94
C VAL T 48 17.13 41.47 -24.18
N GLY T 49 17.74 42.00 -23.12
CA GLY T 49 18.59 43.18 -23.24
C GLY T 49 17.76 44.42 -23.52
N ALA T 50 16.78 44.66 -22.64
CA ALA T 50 15.91 45.83 -22.71
C ALA T 50 16.65 47.11 -22.35
N GLY T 51 16.42 48.17 -23.10
CA GLY T 51 17.05 49.45 -22.86
C GLY T 51 16.18 50.41 -22.06
N PHE T 52 16.74 51.56 -21.73
CA PHE T 52 15.99 52.55 -20.95
C PHE T 52 14.84 53.07 -21.82
N ASP T 53 13.68 53.26 -21.18
CA ASP T 53 12.46 53.80 -21.83
C ASP T 53 11.72 52.79 -22.70
N GLU T 54 12.32 51.63 -22.93
CA GLU T 54 11.67 50.60 -23.72
C GLU T 54 10.45 50.07 -22.97
N TRP T 55 9.35 49.89 -23.70
CA TRP T 55 8.16 49.16 -23.21
C TRP T 55 8.33 47.65 -23.33
N VAL T 56 8.29 46.95 -22.20
CA VAL T 56 8.56 45.52 -22.20
C VAL T 56 7.46 44.73 -21.51
N LEU T 57 7.50 43.42 -21.72
CA LEU T 57 6.58 42.49 -21.07
C LEU T 57 7.34 41.76 -19.97
N ILE T 58 6.74 41.69 -18.79
CA ILE T 58 7.33 40.98 -17.68
C ILE T 58 6.41 39.81 -17.35
N SER T 59 7.00 38.64 -17.09
CA SER T 59 6.26 37.51 -16.55
C SER T 59 6.68 37.31 -15.11
N ARG T 60 5.72 36.96 -14.25
CA ARG T 60 6.00 36.86 -12.82
C ARG T 60 5.74 35.45 -12.30
N GLY T 61 6.23 35.16 -11.10
CA GLY T 61 6.02 33.87 -10.50
C GLY T 61 7.00 32.86 -11.07
N SER T 62 6.65 31.58 -11.01
CA SER T 62 7.49 30.51 -11.58
C SER T 62 7.66 30.60 -13.08
N ALA T 63 6.85 31.40 -13.77
CA ALA T 63 7.04 31.61 -15.22
C ALA T 63 8.41 32.21 -15.50
N ALA T 64 8.91 33.01 -14.55
CA ALA T 64 10.17 33.75 -14.71
C ALA T 64 11.34 32.80 -14.79
N ARG T 65 11.16 31.61 -14.21
CA ARG T 65 12.23 30.60 -14.24
C ARG T 65 12.27 29.73 -15.52
N GLN T 66 11.35 29.97 -16.44
CA GLN T 66 11.30 29.21 -17.68
C GLN T 66 12.19 29.79 -18.79
N LEU T 67 13.03 30.78 -18.49
CA LEU T 67 14.01 31.24 -19.48
C LEU T 67 15.31 30.49 -19.25
N LEU T 68 16.05 30.21 -20.32
CA LEU T 68 17.34 29.50 -20.20
C LEU T 68 18.21 30.21 -19.16
N GLY T 69 18.89 29.45 -18.32
CA GLY T 69 19.61 30.05 -17.21
C GLY T 69 18.81 30.08 -15.91
N ASN T 70 17.57 30.58 -15.98
CA ASN T 70 16.75 30.91 -14.80
C ASN T 70 16.11 29.74 -14.05
N GLU T 71 16.26 28.53 -14.60
CA GLU T 71 15.49 27.36 -14.14
C GLU T 71 15.52 27.11 -12.63
N GLN T 72 16.72 27.22 -12.06
CA GLN T 72 16.95 26.98 -10.63
C GLN T 72 17.40 28.24 -9.94
N ARG T 73 17.05 29.40 -10.48
CA ARG T 73 17.45 30.67 -9.89
C ARG T 73 16.22 31.28 -9.17
N PRO T 74 16.45 32.02 -8.07
CA PRO T 74 15.39 32.62 -7.27
C PRO T 74 14.83 33.88 -7.92
N VAL T 75 14.40 33.74 -9.18
CA VAL T 75 13.86 34.87 -9.95
C VAL T 75 12.36 34.77 -10.04
N ASP T 76 11.65 35.82 -9.63
CA ASP T 76 10.20 35.77 -9.61
C ASP T 76 9.57 36.76 -10.59
N ALA T 77 10.43 37.36 -11.40
CA ALA T 77 10.01 38.31 -12.39
C ALA T 77 11.09 38.40 -13.44
N ALA T 78 10.70 38.39 -14.71
CA ALA T 78 11.68 38.48 -15.78
C ALA T 78 11.11 39.27 -16.99
N VAL T 79 12.00 39.97 -17.68
CA VAL T 79 11.64 40.62 -18.95
C VAL T 79 11.64 39.55 -20.04
N VAL T 80 10.49 39.36 -20.68
CA VAL T 80 10.39 38.27 -21.65
C VAL T 80 10.25 38.74 -23.09
N ALA T 81 9.92 40.02 -23.26
CA ALA T 81 9.72 40.58 -24.59
C ALA T 81 9.84 42.09 -24.59
N ILE T 82 10.34 42.59 -25.71
CA ILE T 82 10.25 44.00 -26.04
C ILE T 82 9.04 44.17 -26.94
N ILE T 83 8.12 45.02 -26.49
CA ILE T 83 6.89 45.32 -27.23
C ILE T 83 7.10 46.20 -28.48
N ASP T 84 6.73 45.70 -29.66
CA ASP T 84 6.81 46.50 -30.89
C ASP T 84 5.55 47.32 -31.10
N THR T 85 4.44 46.63 -31.33
CA THR T 85 3.18 47.31 -31.51
C THR T 85 2.10 46.73 -30.59
N ILE T 86 1.07 47.54 -30.37
CA ILE T 86 -0.16 47.12 -29.72
C ILE T 86 -1.36 47.67 -30.47
N HIS T 87 -2.16 46.77 -31.04
CA HIS T 87 -3.33 47.14 -31.84
C HIS T 87 -4.62 46.87 -31.08
N VAL T 88 -5.49 47.86 -31.01
CA VAL T 88 -6.90 47.64 -30.69
C VAL T 88 -7.67 47.49 -32.01
N GLU T 89 -7.71 46.23 -32.51
CA GLU T 89 -8.44 45.79 -33.70
C GLU T 89 -7.72 45.94 -35.04
N ASP T 90 -7.66 47.18 -35.49
CA ASP T 90 -6.91 47.56 -36.67
C ASP T 90 -6.56 49.02 -36.43
N ARG T 91 -6.64 49.38 -35.15
CA ARG T 91 -6.18 50.65 -34.63
C ARG T 91 -5.01 50.41 -33.70
N LEU T 92 -3.90 51.10 -33.94
CA LEU T 92 -2.71 50.95 -33.11
C LEU T 92 -2.74 51.94 -31.94
N ILE T 93 -2.18 51.52 -30.81
CA ILE T 93 -2.17 52.36 -29.62
C ILE T 93 -0.78 52.44 -29.02
N TYR T 94 0.14 51.70 -29.61
CA TYR T 94 1.56 51.78 -29.25
C TYR T 94 2.46 51.31 -30.39
N SER T 95 3.47 52.12 -30.71
CA SER T 95 4.51 51.69 -31.64
C SER T 95 5.91 52.09 -31.15
N LYS T 96 6.78 51.08 -31.03
CA LYS T 96 8.20 51.27 -30.83
C LYS T 96 8.70 52.25 -31.88
N LYS T 97 8.45 51.90 -33.14
CA LYS T 97 8.87 52.74 -34.29
C LYS T 97 8.01 54.00 -34.50
N ASP T 98 7.33 54.43 -33.45
CA ASP T 98 6.89 55.82 -33.35
C ASP T 98 7.98 56.56 -32.59
N GLN T 99 9.23 56.27 -32.96
CA GLN T 99 10.46 56.85 -32.38
C GLN T 99 10.43 57.09 -30.87
N MET U 1 -9.76 31.64 -11.76
CA MET U 1 -9.73 32.25 -13.09
C MET U 1 -10.49 33.56 -13.07
N GLN U 2 -10.04 34.53 -13.86
CA GLN U 2 -10.76 35.81 -13.96
C GLN U 2 -11.49 35.95 -15.28
N ILE U 3 -12.53 36.77 -15.28
CA ILE U 3 -13.22 37.13 -16.51
C ILE U 3 -12.54 38.38 -17.06
N ALA U 4 -12.34 38.41 -18.39
CA ALA U 4 -11.71 39.53 -19.08
C ALA U 4 -12.29 39.63 -20.47
N LYS U 5 -12.15 40.82 -21.02
CA LYS U 5 -12.60 41.08 -22.37
C LYS U 5 -11.35 41.24 -23.23
N VAL U 6 -11.40 40.68 -24.44
CA VAL U 6 -10.31 40.82 -25.39
C VAL U 6 -10.39 42.23 -25.99
N ARG U 7 -9.27 42.95 -25.93
CA ARG U 7 -9.26 44.35 -26.33
C ARG U 7 -8.10 44.70 -27.27
N GLY U 8 -7.20 43.77 -27.49
CA GLY U 8 -6.15 43.99 -28.48
C GLY U 8 -5.15 42.87 -28.64
N THR U 9 -4.23 43.04 -29.56
CA THR U 9 -3.19 42.06 -29.78
C THR U 9 -1.86 42.79 -29.59
N VAL U 10 -0.98 42.20 -28.80
CA VAL U 10 0.34 42.77 -28.50
C VAL U 10 1.38 42.13 -29.42
N VAL U 11 2.18 42.92 -30.12
CA VAL U 11 3.16 42.33 -31.06
C VAL U 11 4.61 42.53 -30.61
N SER U 12 5.40 41.45 -30.63
CA SER U 12 6.83 41.53 -30.27
C SER U 12 7.75 40.75 -31.23
N THR U 13 8.81 41.39 -31.74
CA THR U 13 9.84 40.67 -32.49
C THR U 13 11.11 40.36 -31.69
N GLN U 14 11.43 41.22 -30.72
CA GLN U 14 12.56 40.92 -29.83
C GLN U 14 12.03 40.37 -28.50
N LYS U 15 12.31 39.08 -28.28
CA LYS U 15 11.74 38.38 -27.14
C LYS U 15 12.47 37.06 -26.97
N ASP U 16 12.23 36.42 -25.83
CA ASP U 16 12.86 35.13 -25.55
C ASP U 16 12.40 34.12 -26.58
N PRO U 17 13.33 33.28 -27.10
CA PRO U 17 13.03 32.30 -28.14
C PRO U 17 11.84 31.40 -27.75
N SER U 18 11.67 31.19 -26.45
CA SER U 18 10.57 30.39 -25.95
C SER U 18 9.20 31.01 -26.28
N LEU U 19 9.15 32.29 -26.62
CA LEU U 19 7.87 32.94 -26.89
C LEU U 19 7.56 32.98 -28.37
N ARG U 20 8.46 32.42 -29.18
CA ARG U 20 8.26 32.38 -30.63
C ARG U 20 6.92 31.76 -31.00
N GLY U 21 6.18 32.43 -31.87
CA GLY U 21 4.91 31.94 -32.36
C GLY U 21 3.74 32.08 -31.39
N VAL U 22 4.04 32.49 -30.15
CA VAL U 22 3.00 32.64 -29.13
C VAL U 22 2.18 33.94 -29.31
N LYS U 23 0.86 33.78 -29.37
CA LYS U 23 -0.03 34.88 -29.66
C LYS U 23 -0.39 35.54 -28.34
N LEU U 24 -0.20 36.86 -28.28
CA LEU U 24 -0.31 37.65 -27.03
C LEU U 24 -1.48 38.61 -27.12
N LEU U 25 -2.40 38.52 -26.17
CA LEU U 25 -3.61 39.34 -26.21
C LEU U 25 -3.61 40.36 -25.09
N LEU U 26 -4.06 41.57 -25.39
CA LEU U 26 -4.32 42.56 -24.36
C LEU U 26 -5.76 42.32 -23.90
N LEU U 27 -5.90 42.10 -22.61
CA LEU U 27 -7.18 41.80 -21.98
C LEU U 27 -7.57 42.86 -20.93
N GLN U 28 -8.84 43.24 -20.90
CA GLN U 28 -9.35 44.22 -19.92
C GLN U 28 -10.09 43.38 -18.89
N LEU U 29 -9.77 43.55 -17.60
CA LEU U 29 -10.38 42.70 -16.56
C LEU U 29 -11.82 43.15 -16.31
N VAL U 30 -12.67 42.21 -15.89
CA VAL U 30 -14.09 42.48 -15.63
C VAL U 30 -14.31 42.15 -14.16
N ASP U 31 -15.12 42.94 -13.46
CA ASP U 31 -15.39 42.63 -12.07
C ASP U 31 -16.56 41.64 -11.91
N GLU U 32 -16.83 41.27 -10.67
CA GLU U 32 -17.77 40.24 -10.34
C GLU U 32 -19.14 40.52 -10.95
N GLU U 33 -19.52 41.82 -10.96
CA GLU U 33 -20.78 42.29 -11.52
C GLU U 33 -20.79 42.48 -13.06
N GLY U 34 -19.74 42.08 -13.77
CA GLY U 34 -19.72 42.31 -15.20
C GLY U 34 -19.30 43.70 -15.67
N ASN U 35 -18.82 44.56 -14.77
CA ASN U 35 -18.26 45.84 -15.21
C ASN U 35 -16.82 45.73 -15.70
N LEU U 36 -16.57 46.33 -16.86
CA LEU U 36 -15.21 46.52 -17.33
C LEU U 36 -14.41 47.41 -16.37
N LEU U 37 -13.15 47.05 -16.19
CA LEU U 37 -12.27 47.75 -15.27
C LEU U 37 -11.16 48.48 -16.05
N GLN U 38 -10.66 49.56 -15.49
CA GLN U 38 -9.41 50.16 -15.98
C GLN U 38 -8.25 49.36 -15.40
N LYS U 39 -8.09 48.14 -15.87
CA LYS U 39 -7.04 47.26 -15.40
C LYS U 39 -6.84 46.27 -16.54
N TYR U 40 -5.61 46.13 -17.01
CA TYR U 40 -5.39 45.28 -18.17
C TYR U 40 -4.27 44.32 -17.88
N GLU U 41 -4.18 43.26 -18.68
CA GLU U 41 -3.02 42.36 -18.65
C GLU U 41 -2.89 41.69 -20.00
N VAL U 42 -1.74 41.04 -20.18
CA VAL U 42 -1.41 40.45 -21.46
C VAL U 42 -1.34 38.96 -21.23
N ALA U 43 -1.99 38.18 -22.09
CA ALA U 43 -2.01 36.75 -21.88
C ALA U 43 -1.80 36.01 -23.17
N ALA U 44 -1.35 34.76 -23.07
CA ALA U 44 -1.15 33.92 -24.25
C ALA U 44 -2.49 33.38 -24.70
N ASP U 45 -2.64 33.19 -26.01
CA ASP U 45 -3.88 32.60 -26.51
C ASP U 45 -3.56 31.66 -27.62
N ASN U 46 -2.69 30.71 -27.40
CA ASN U 46 -2.35 29.86 -28.56
C ASN U 46 -3.25 28.65 -28.76
N SER U 47 -4.04 28.35 -27.74
CA SER U 47 -4.88 27.16 -27.74
C SER U 47 -6.35 27.45 -28.04
N VAL U 48 -6.86 28.53 -27.47
CA VAL U 48 -8.30 28.77 -27.51
C VAL U 48 -8.67 29.66 -28.70
N GLY U 49 -7.93 30.76 -28.88
CA GLY U 49 -8.06 31.54 -30.10
C GLY U 49 -9.24 32.49 -29.98
N ALA U 50 -9.15 33.38 -28.99
CA ALA U 50 -10.19 34.34 -28.68
C ALA U 50 -10.17 35.48 -29.67
N GLY U 51 -11.35 36.03 -29.93
CA GLY U 51 -11.52 37.10 -30.90
C GLY U 51 -11.84 38.41 -30.18
N PHE U 52 -11.67 39.51 -30.89
CA PHE U 52 -11.89 40.82 -30.31
C PHE U 52 -13.27 40.96 -29.67
N ASP U 53 -13.30 41.57 -28.49
CA ASP U 53 -14.51 41.86 -27.72
C ASP U 53 -15.15 40.67 -27.01
N GLU U 54 -14.61 39.47 -27.21
CA GLU U 54 -15.15 38.29 -26.56
C GLU U 54 -14.70 38.32 -25.14
N TRP U 55 -15.48 37.66 -24.28
CA TRP U 55 -15.12 37.55 -22.88
C TRP U 55 -14.48 36.17 -22.71
N VAL U 56 -13.40 36.13 -21.94
CA VAL U 56 -12.66 34.92 -21.75
C VAL U 56 -12.40 34.69 -20.26
N LEU U 57 -12.06 33.45 -19.93
CA LEU U 57 -11.50 33.12 -18.65
C LEU U 57 -9.96 33.11 -18.78
N ILE U 58 -9.26 33.74 -17.84
CA ILE U 58 -7.79 33.70 -17.84
C ILE U 58 -7.37 32.85 -16.65
N SER U 59 -6.43 31.94 -16.85
CA SER U 59 -5.73 31.31 -15.73
C SER U 59 -4.32 31.90 -15.55
N ARG U 60 -3.93 32.04 -14.29
CA ARG U 60 -2.67 32.70 -13.96
C ARG U 60 -1.73 31.75 -13.27
N GLY U 61 -0.44 32.09 -13.28
CA GLY U 61 0.57 31.26 -12.64
C GLY U 61 0.77 29.99 -13.45
N SER U 62 1.20 28.90 -12.82
CA SER U 62 1.62 27.75 -13.62
C SER U 62 0.45 27.05 -14.27
N ALA U 63 -0.75 27.41 -13.85
CA ALA U 63 -1.93 26.95 -14.56
C ALA U 63 -1.81 27.23 -16.05
N ALA U 64 -1.17 28.35 -16.36
CA ALA U 64 -1.12 28.84 -17.77
C ALA U 64 -0.18 28.00 -18.61
N ARG U 65 0.71 27.27 -17.92
CA ARG U 65 1.68 26.42 -18.60
C ARG U 65 1.17 25.01 -18.84
N GLN U 66 -0.07 24.75 -18.42
CA GLN U 66 -0.68 23.44 -18.67
C GLN U 66 -1.20 23.30 -20.13
N LEU U 67 -1.46 24.43 -20.81
CA LEU U 67 -1.94 24.42 -22.19
C LEU U 67 -0.86 23.92 -23.12
N LEU U 68 -1.26 23.33 -24.23
CA LEU U 68 -0.33 22.65 -25.14
C LEU U 68 0.83 23.60 -25.55
N GLY U 69 2.06 23.11 -25.44
CA GLY U 69 3.23 23.90 -25.83
C GLY U 69 3.74 24.87 -24.76
N ASN U 70 2.98 25.11 -23.69
CA ASN U 70 3.38 26.16 -22.70
C ASN U 70 4.29 25.66 -21.54
N GLU U 71 4.55 24.35 -21.47
CA GLU U 71 5.19 23.80 -20.27
C GLU U 71 6.48 24.51 -19.91
N GLN U 72 7.22 24.90 -20.93
CA GLN U 72 8.54 25.47 -20.72
C GLN U 72 8.62 26.90 -21.16
N ARG U 73 7.47 27.54 -21.29
CA ARG U 73 7.45 28.93 -21.73
C ARG U 73 7.16 29.82 -20.54
N PRO U 74 7.72 31.06 -20.54
CA PRO U 74 7.51 32.03 -19.47
C PRO U 74 6.16 32.70 -19.58
N VAL U 75 5.09 31.91 -19.57
CA VAL U 75 3.73 32.47 -19.53
C VAL U 75 3.09 32.27 -18.15
N ASP U 76 2.62 33.39 -17.60
CA ASP U 76 2.01 33.41 -16.30
C ASP U 76 0.50 33.78 -16.46
N ALA U 77 0.04 33.88 -17.69
CA ALA U 77 -1.37 34.16 -17.99
C ALA U 77 -1.75 33.69 -19.41
N ALA U 78 -2.92 33.05 -19.51
CA ALA U 78 -3.37 32.44 -20.75
C ALA U 78 -4.88 32.38 -20.75
N VAL U 79 -5.45 32.59 -21.93
CA VAL U 79 -6.85 32.29 -22.17
C VAL U 79 -7.11 30.77 -22.17
N VAL U 80 -8.11 30.36 -21.39
CA VAL U 80 -8.47 28.95 -21.27
C VAL U 80 -9.90 28.69 -21.70
N ALA U 81 -10.70 29.73 -21.86
CA ALA U 81 -12.08 29.52 -22.26
C ALA U 81 -12.72 30.77 -22.83
N ILE U 82 -13.58 30.59 -23.83
CA ILE U 82 -14.42 31.69 -24.28
C ILE U 82 -15.76 31.49 -23.58
N ILE U 83 -16.25 32.56 -22.96
CA ILE U 83 -17.49 32.52 -22.22
C ILE U 83 -18.70 32.64 -23.17
N ASP U 84 -19.70 31.78 -23.00
CA ASP U 84 -20.91 31.93 -23.78
C ASP U 84 -21.91 32.70 -22.95
N THR U 85 -22.09 32.24 -21.71
CA THR U 85 -23.04 32.88 -20.79
C THR U 85 -22.48 32.98 -19.36
N ILE U 86 -22.95 33.98 -18.62
CA ILE U 86 -22.76 34.03 -17.18
C ILE U 86 -24.13 34.19 -16.53
N HIS U 87 -24.45 33.26 -15.64
CA HIS U 87 -25.74 33.24 -14.96
C HIS U 87 -25.54 33.46 -13.48
N VAL U 88 -26.60 33.93 -12.82
CA VAL U 88 -26.86 33.63 -11.42
C VAL U 88 -28.21 32.93 -11.55
N GLU U 89 -28.76 32.36 -10.47
CA GLU U 89 -30.01 31.55 -10.53
C GLU U 89 -31.02 31.84 -11.68
N ASP U 90 -31.05 33.09 -12.14
CA ASP U 90 -31.82 33.48 -13.33
C ASP U 90 -31.43 34.84 -13.93
N ARG U 91 -30.48 35.55 -13.32
CA ARG U 91 -30.02 36.83 -13.87
C ARG U 91 -28.87 36.63 -14.86
N LEU U 92 -29.22 36.60 -16.14
CA LEU U 92 -28.24 36.63 -17.22
C LEU U 92 -27.49 37.96 -17.18
N ILE U 93 -26.24 37.91 -16.75
CA ILE U 93 -25.38 39.08 -16.66
C ILE U 93 -24.71 39.29 -18.02
N TYR U 94 -24.29 38.17 -18.62
CA TYR U 94 -23.60 38.20 -19.91
C TYR U 94 -24.06 37.07 -20.86
N SER U 95 -24.31 37.43 -22.11
CA SER U 95 -24.60 36.45 -23.15
C SER U 95 -23.78 36.85 -24.37
N LYS U 96 -22.93 35.94 -24.84
CA LYS U 96 -22.06 36.14 -26.00
C LYS U 96 -22.73 36.82 -27.22
N LYS U 97 -24.02 37.13 -27.12
CA LYS U 97 -24.75 37.84 -28.18
C LYS U 97 -25.32 39.16 -27.68
N MET V 1 -6.31 29.99 1.82
CA MET V 1 -7.60 29.64 1.20
C MET V 1 -8.58 30.75 1.53
N GLN V 2 -9.68 30.84 0.80
CA GLN V 2 -10.54 31.98 1.06
C GLN V 2 -11.98 31.49 1.12
N ILE V 3 -12.78 32.11 1.96
CA ILE V 3 -14.20 31.79 2.02
C ILE V 3 -14.97 32.60 0.99
N ALA V 4 -15.89 31.92 0.30
CA ALA V 4 -16.68 32.53 -0.76
C ALA V 4 -18.10 31.97 -0.77
N LYS V 5 -18.97 32.67 -1.47
CA LYS V 5 -20.25 32.13 -1.80
C LYS V 5 -20.41 31.84 -3.31
N VAL V 6 -21.14 30.78 -3.65
CA VAL V 6 -21.42 30.47 -5.05
C VAL V 6 -22.48 31.47 -5.51
N ARG V 7 -22.17 32.29 -6.51
CA ARG V 7 -23.15 33.28 -6.97
C ARG V 7 -23.69 32.92 -8.33
N GLY V 8 -22.91 32.19 -9.13
CA GLY V 8 -23.31 31.95 -10.49
C GLY V 8 -22.62 30.79 -11.17
N THR V 9 -22.98 30.54 -12.42
CA THR V 9 -22.35 29.47 -13.21
C THR V 9 -21.84 30.05 -14.52
N VAL V 10 -20.64 29.67 -14.95
CA VAL V 10 -20.10 30.18 -16.21
C VAL V 10 -20.14 29.06 -17.24
N VAL V 11 -20.79 29.29 -18.38
CA VAL V 11 -20.94 28.28 -19.42
C VAL V 11 -19.98 28.62 -20.57
N SER V 12 -19.12 27.67 -20.94
CA SER V 12 -18.22 27.82 -22.07
C SER V 12 -18.21 26.56 -22.91
N THR V 13 -18.30 26.72 -24.23
CA THR V 13 -18.24 25.58 -25.15
C THR V 13 -16.92 25.56 -25.93
N GLN V 14 -16.33 26.75 -26.10
CA GLN V 14 -15.04 26.91 -26.78
C GLN V 14 -13.95 27.12 -25.72
N LYS V 15 -13.12 26.09 -25.53
CA LYS V 15 -12.24 26.06 -24.36
C LYS V 15 -11.16 24.98 -24.51
N ASP V 16 -10.17 25.03 -23.64
CA ASP V 16 -9.13 24.03 -23.68
C ASP V 16 -9.76 22.66 -23.51
N PRO V 17 -9.33 21.70 -24.34
CA PRO V 17 -9.93 20.37 -24.28
C PRO V 17 -9.90 19.72 -22.90
N SER V 18 -8.98 20.09 -22.02
CA SER V 18 -8.92 19.36 -20.76
C SER V 18 -10.02 19.85 -19.83
N LEU V 19 -10.70 20.91 -20.24
CA LEU V 19 -11.79 21.43 -19.42
C LEU V 19 -13.14 20.86 -19.84
N ARG V 20 -13.13 19.80 -20.64
CA ARG V 20 -14.38 19.18 -21.02
C ARG V 20 -15.08 18.68 -19.74
N GLY V 21 -16.36 19.01 -19.57
CA GLY V 21 -17.14 18.53 -18.44
C GLY V 21 -16.82 19.07 -17.04
N VAL V 22 -15.81 19.93 -16.95
CA VAL V 22 -15.45 20.64 -15.70
C VAL V 22 -16.42 21.79 -15.38
N LYS V 23 -17.23 21.63 -14.32
CA LYS V 23 -18.11 22.71 -13.83
C LYS V 23 -17.36 23.96 -13.45
N LEU V 24 -17.80 25.11 -13.97
CA LEU V 24 -17.18 26.39 -13.61
C LEU V 24 -18.17 27.24 -12.85
N LEU V 25 -17.80 27.63 -11.64
CA LEU V 25 -18.70 28.43 -10.79
C LEU V 25 -18.16 29.81 -10.63
N LEU V 26 -19.04 30.79 -10.62
CA LEU V 26 -18.62 32.13 -10.20
C LEU V 26 -18.75 32.18 -8.69
N LEU V 27 -17.60 32.33 -8.02
CA LEU V 27 -17.52 32.47 -6.57
C LEU V 27 -17.15 33.89 -6.14
N GLN V 28 -17.93 34.45 -5.23
CA GLN V 28 -17.65 35.78 -4.71
C GLN V 28 -17.16 35.62 -3.29
N LEU V 29 -15.97 36.18 -3.01
CA LEU V 29 -15.35 36.09 -1.71
C LEU V 29 -16.22 36.83 -0.71
N VAL V 30 -16.17 36.40 0.56
CA VAL V 30 -16.91 37.11 1.59
C VAL V 30 -16.00 37.54 2.72
N ASP V 31 -16.43 38.52 3.51
CA ASP V 31 -15.65 38.89 4.70
C ASP V 31 -15.91 37.86 5.78
N GLU V 32 -15.39 38.10 6.97
CA GLU V 32 -15.59 37.15 8.07
C GLU V 32 -17.06 37.08 8.57
N GLU V 33 -17.92 37.99 8.12
CA GLU V 33 -19.33 37.89 8.54
C GLU V 33 -20.25 37.48 7.41
N GLY V 34 -19.67 37.14 6.28
CA GLY V 34 -20.50 36.66 5.19
C GLY V 34 -20.87 37.74 4.20
N ASN V 35 -20.40 38.97 4.41
CA ASN V 35 -20.66 39.99 3.40
C ASN V 35 -19.79 39.81 2.14
N LEU V 36 -20.44 39.94 1.01
CA LEU V 36 -19.82 39.79 -0.29
C LEU V 36 -18.82 40.92 -0.57
N LEU V 37 -17.66 40.54 -1.05
CA LEU V 37 -16.60 41.47 -1.42
C LEU V 37 -16.58 41.69 -2.92
N GLN V 38 -15.87 42.73 -3.39
CA GLN V 38 -15.57 42.86 -4.82
C GLN V 38 -14.30 42.10 -5.16
N LYS V 39 -14.28 40.81 -4.85
CA LYS V 39 -13.22 39.94 -5.32
C LYS V 39 -13.88 38.63 -5.61
N TYR V 40 -13.46 37.97 -6.69
CA TYR V 40 -14.11 36.75 -7.14
C TYR V 40 -13.11 35.80 -7.79
N GLU V 41 -13.52 34.54 -7.96
CA GLU V 41 -12.82 33.60 -8.83
C GLU V 41 -13.88 32.85 -9.60
N VAL V 42 -13.59 32.50 -10.84
CA VAL V 42 -14.37 31.48 -11.49
C VAL V 42 -13.56 30.24 -11.14
N ALA V 43 -14.21 29.25 -10.53
CA ALA V 43 -13.45 28.12 -10.00
C ALA V 43 -13.96 26.82 -10.55
N ALA V 44 -13.06 25.88 -10.75
CA ALA V 44 -13.46 24.53 -11.08
C ALA V 44 -14.18 23.93 -9.88
N ASP V 45 -15.29 23.23 -10.12
CA ASP V 45 -16.01 22.51 -9.04
C ASP V 45 -16.34 21.11 -9.50
N ASN V 46 -15.36 20.31 -9.90
CA ASN V 46 -15.72 18.94 -10.29
C ASN V 46 -15.51 17.91 -9.17
N SER V 47 -15.23 18.35 -7.95
CA SER V 47 -15.02 17.38 -6.86
C SER V 47 -15.91 17.57 -5.64
N VAL V 48 -16.49 18.76 -5.46
CA VAL V 48 -17.25 19.06 -4.26
C VAL V 48 -18.74 19.22 -4.54
N GLY V 49 -19.06 19.74 -5.72
CA GLY V 49 -20.44 19.97 -6.09
C GLY V 49 -21.13 20.91 -5.12
N ALA V 50 -20.93 22.21 -5.32
CA ALA V 50 -21.56 23.24 -4.49
C ALA V 50 -22.70 23.93 -5.26
N GLY V 51 -23.71 24.37 -4.52
CA GLY V 51 -24.86 25.01 -5.13
C GLY V 51 -24.96 26.47 -4.70
N PHE V 52 -25.93 27.18 -5.28
CA PHE V 52 -26.12 28.61 -5.03
C PHE V 52 -26.19 28.92 -3.52
N ASP V 53 -25.46 29.94 -3.09
CA ASP V 53 -25.52 30.45 -1.71
C ASP V 53 -24.67 29.71 -0.65
N GLU V 54 -24.24 28.49 -0.94
CA GLU V 54 -23.37 27.78 0.02
C GLU V 54 -22.07 28.57 0.22
N TRP V 55 -21.53 28.55 1.44
CA TRP V 55 -20.19 29.05 1.75
C TRP V 55 -19.22 27.95 1.36
N VAL V 56 -18.24 28.28 0.54
CA VAL V 56 -17.25 27.30 0.15
C VAL V 56 -15.87 27.84 0.47
N LEU V 57 -14.91 26.94 0.49
CA LEU V 57 -13.52 27.26 0.64
C LEU V 57 -12.89 27.17 -0.74
N ILE V 58 -12.14 28.19 -1.13
CA ILE V 58 -11.45 28.13 -2.42
C ILE V 58 -9.97 28.02 -2.21
N SER V 59 -9.31 27.18 -2.99
CA SER V 59 -7.85 27.26 -3.07
C SER V 59 -7.40 27.73 -4.45
N ARG V 60 -6.30 28.47 -4.46
CA ARG V 60 -5.83 29.15 -5.65
C ARG V 60 -4.38 28.80 -5.97
N GLY V 61 -3.95 29.13 -7.19
CA GLY V 61 -2.64 28.77 -7.67
C GLY V 61 -2.52 27.30 -7.98
N SER V 62 -1.30 26.79 -7.85
CA SER V 62 -1.09 25.42 -8.21
C SER V 62 -1.77 24.48 -7.22
N ALA V 63 -2.22 24.99 -6.08
CA ALA V 63 -3.03 24.16 -5.16
C ALA V 63 -4.28 23.58 -5.84
N ALA V 64 -4.84 24.35 -6.77
CA ALA V 64 -6.07 23.95 -7.47
C ALA V 64 -5.87 22.71 -8.34
N ARG V 65 -4.62 22.42 -8.69
CA ARG V 65 -4.35 21.23 -9.53
C ARG V 65 -4.13 19.98 -8.69
N GLN V 66 -4.25 20.10 -7.37
CA GLN V 66 -3.94 18.94 -6.50
C GLN V 66 -5.18 18.11 -6.19
N LEU V 67 -6.28 18.45 -6.83
CA LEU V 67 -7.45 17.57 -6.84
C LEU V 67 -7.36 16.55 -7.96
N LEU V 68 -7.84 15.36 -7.67
CA LEU V 68 -7.82 14.28 -8.65
C LEU V 68 -8.53 14.70 -9.93
N GLY V 69 -7.91 14.43 -11.08
CA GLY V 69 -8.42 14.95 -12.33
C GLY V 69 -7.84 16.29 -12.74
N ASN V 70 -7.54 17.17 -11.77
CA ASN V 70 -7.05 18.52 -12.08
C ASN V 70 -5.55 18.64 -12.32
N GLU V 71 -4.81 17.55 -12.11
CA GLU V 71 -3.35 17.62 -12.13
C GLU V 71 -2.80 18.41 -13.35
N GLN V 72 -3.38 18.17 -14.52
CA GLN V 72 -2.87 18.76 -15.74
C GLN V 72 -3.87 19.71 -16.36
N ARG V 73 -4.88 20.09 -15.59
CA ARG V 73 -5.82 21.12 -16.04
C ARG V 73 -5.29 22.54 -15.81
N PRO V 74 -5.55 23.46 -16.76
CA PRO V 74 -5.08 24.81 -16.56
C PRO V 74 -6.07 25.54 -15.68
N VAL V 75 -6.17 25.12 -14.43
CA VAL V 75 -7.01 25.79 -13.44
C VAL V 75 -6.17 26.37 -12.31
N ASP V 76 -6.52 27.60 -11.92
CA ASP V 76 -5.84 28.35 -10.86
C ASP V 76 -6.78 28.63 -9.68
N ALA V 77 -7.94 28.00 -9.66
CA ALA V 77 -8.88 28.11 -8.55
C ALA V 77 -9.87 26.95 -8.50
N ALA V 78 -10.11 26.42 -7.30
CA ALA V 78 -11.03 25.28 -7.15
C ALA V 78 -11.80 25.32 -5.86
N VAL V 79 -13.06 24.86 -5.93
CA VAL V 79 -13.83 24.64 -4.72
C VAL V 79 -13.25 23.39 -4.03
N VAL V 80 -12.75 23.52 -2.80
CA VAL V 80 -12.20 22.34 -2.11
C VAL V 80 -13.04 21.87 -0.92
N ALA V 81 -13.93 22.72 -0.46
CA ALA V 81 -14.78 22.36 0.67
C ALA V 81 -16.05 23.17 0.75
N ILE V 82 -17.11 22.53 1.21
CA ILE V 82 -18.28 23.24 1.65
C ILE V 82 -18.10 23.47 3.16
N ILE V 83 -18.24 24.72 3.58
CA ILE V 83 -18.14 25.05 5.00
C ILE V 83 -19.41 24.69 5.76
N ASP V 84 -19.26 23.89 6.83
CA ASP V 84 -20.39 23.62 7.74
C ASP V 84 -20.50 24.62 8.88
N THR V 85 -19.39 24.87 9.58
CA THR V 85 -19.38 25.81 10.70
C THR V 85 -18.06 26.58 10.80
N ILE V 86 -18.18 27.82 11.26
CA ILE V 86 -17.03 28.61 11.69
C ILE V 86 -17.20 29.02 13.14
N HIS V 87 -16.21 28.66 13.95
CA HIS V 87 -16.22 28.98 15.37
C HIS V 87 -15.15 30.03 15.59
N VAL V 88 -15.48 31.09 16.32
CA VAL V 88 -14.51 32.10 16.69
C VAL V 88 -14.42 32.10 18.21
N GLU V 89 -13.20 32.18 18.75
CA GLU V 89 -12.90 31.88 20.16
C GLU V 89 -13.97 31.08 20.92
N ASP V 90 -14.29 29.90 20.39
CA ASP V 90 -15.34 29.02 20.93
C ASP V 90 -16.75 29.62 21.01
N ARG V 91 -17.07 30.49 20.04
CA ARG V 91 -18.45 30.86 19.73
C ARG V 91 -18.71 30.82 18.23
N LEU V 92 -19.93 30.44 17.89
CA LEU V 92 -20.34 30.20 16.52
C LEU V 92 -20.53 31.50 15.77
N ILE V 93 -19.82 31.67 14.66
CA ILE V 93 -20.05 32.84 13.83
C ILE V 93 -20.69 32.48 12.50
N TYR V 94 -20.65 31.19 12.14
CA TYR V 94 -21.38 30.70 10.99
C TYR V 94 -21.76 29.27 11.21
N SER V 95 -23.00 28.95 10.86
CA SER V 95 -23.51 27.59 10.92
C SER V 95 -24.43 27.39 9.73
N LYS V 96 -24.07 26.42 8.88
CA LYS V 96 -24.81 26.17 7.65
C LYS V 96 -26.26 25.81 7.92
N LYS V 97 -26.48 25.04 8.96
CA LYS V 97 -27.84 24.66 9.31
C LYS V 97 -28.63 25.82 9.95
N ASP V 98 -27.91 26.73 10.62
CA ASP V 98 -28.53 27.94 11.15
C ASP V 98 -28.59 29.00 10.06
N MET W 1 6.30 35.62 3.97
CA MET W 1 5.25 35.13 4.85
C MET W 1 4.52 36.30 5.55
N GLN W 2 3.29 36.06 5.96
CA GLN W 2 2.49 37.11 6.58
C GLN W 2 2.28 36.76 8.04
N ILE W 3 2.08 37.79 8.86
CA ILE W 3 1.74 37.63 10.26
C ILE W 3 0.21 37.67 10.35
N ALA W 4 -0.36 36.79 11.17
CA ALA W 4 -1.84 36.70 11.36
C ALA W 4 -2.11 36.22 12.75
N LYS W 5 -3.32 36.46 13.23
CA LYS W 5 -3.72 36.08 14.57
C LYS W 5 -4.72 34.95 14.46
N VAL W 6 -4.51 33.90 15.25
CA VAL W 6 -5.52 32.81 15.26
C VAL W 6 -6.85 33.19 15.90
N ARG W 7 -7.95 33.14 15.15
CA ARG W 7 -9.23 33.56 15.69
C ARG W 7 -10.21 32.41 15.86
N GLY W 8 -10.03 31.33 15.10
CA GLY W 8 -10.99 30.24 15.16
C GLY W 8 -10.71 29.09 14.22
N THR W 9 -11.71 28.20 14.06
CA THR W 9 -11.54 26.99 13.26
C THR W 9 -12.61 26.98 12.20
N VAL W 10 -12.25 26.41 11.06
CA VAL W 10 -13.22 26.23 10.00
C VAL W 10 -13.46 24.74 9.85
N VAL W 11 -14.71 24.31 10.00
CA VAL W 11 -15.05 22.90 9.96
C VAL W 11 -15.92 22.54 8.74
N SER W 12 -15.52 21.48 8.04
CA SER W 12 -16.24 21.00 6.84
C SER W 12 -16.33 19.49 6.87
N THR W 13 -17.50 18.92 6.55
CA THR W 13 -17.63 17.48 6.44
C THR W 13 -17.93 17.10 5.02
N GLN W 14 -17.79 18.08 4.14
CA GLN W 14 -18.11 17.90 2.72
C GLN W 14 -17.01 18.58 1.96
N LYS W 15 -16.00 17.80 1.60
CA LYS W 15 -14.79 18.37 1.04
C LYS W 15 -14.08 17.32 0.19
N ASP W 16 -13.08 17.76 -0.55
CA ASP W 16 -12.26 16.85 -1.32
C ASP W 16 -11.53 15.89 -0.36
N PRO W 17 -11.47 14.59 -0.70
CA PRO W 17 -10.87 13.64 0.24
C PRO W 17 -9.44 14.02 0.62
N SER W 18 -8.75 14.78 -0.22
CA SER W 18 -7.39 15.21 0.10
C SER W 18 -7.30 16.25 1.23
N LEU W 19 -8.45 16.64 1.79
CA LEU W 19 -8.46 17.54 2.94
C LEU W 19 -8.92 16.82 4.23
N ARG W 20 -9.23 15.52 4.13
CA ARG W 20 -9.67 14.77 5.31
C ARG W 20 -8.61 14.84 6.37
N GLY W 21 -9.02 15.07 7.63
CA GLY W 21 -8.08 15.24 8.73
C GLY W 21 -7.18 16.48 8.73
N VAL W 22 -7.42 17.44 7.83
CA VAL W 22 -6.61 18.67 7.83
C VAL W 22 -7.30 19.75 8.64
N LYS W 23 -6.66 20.17 9.74
CA LYS W 23 -7.15 21.28 10.55
C LYS W 23 -7.11 22.60 9.79
N LEU W 24 -8.23 23.33 9.79
CA LEU W 24 -8.32 24.58 9.06
C LEU W 24 -8.60 25.69 10.07
N LEU W 25 -7.73 26.71 10.13
CA LEU W 25 -7.88 27.80 11.09
C LEU W 25 -8.40 29.03 10.41
N LEU W 26 -9.19 29.83 11.11
CA LEU W 26 -9.50 31.16 10.60
C LEU W 26 -8.54 32.14 11.22
N LEU W 27 -7.84 32.91 10.37
CA LEU W 27 -6.76 33.80 10.77
C LEU W 27 -7.08 35.24 10.41
N GLN W 28 -6.74 36.14 11.32
CA GLN W 28 -6.89 37.57 11.06
C GLN W 28 -5.57 38.21 10.72
N LEU W 29 -5.45 38.80 9.54
CA LEU W 29 -4.17 39.42 9.13
C LEU W 29 -3.72 40.57 10.01
N VAL W 30 -2.39 40.70 10.15
CA VAL W 30 -1.75 41.76 10.90
C VAL W 30 -0.92 42.58 9.92
N ASP W 31 -0.87 43.89 10.11
CA ASP W 31 -0.08 44.76 9.22
C ASP W 31 1.37 44.95 9.71
N GLU W 32 2.14 45.74 8.96
CA GLU W 32 3.57 45.91 9.24
C GLU W 32 3.86 46.45 10.62
N GLU W 33 2.97 47.31 11.13
CA GLU W 33 3.17 47.97 12.42
C GLU W 33 2.59 47.16 13.59
N GLY W 34 2.05 45.98 13.29
CA GLY W 34 1.44 45.11 14.30
C GLY W 34 -0.03 45.41 14.56
N ASN W 35 -0.72 46.09 13.64
CA ASN W 35 -2.14 46.37 13.84
C ASN W 35 -2.94 45.25 13.24
N LEU W 36 -3.96 44.78 13.94
CA LEU W 36 -4.92 43.87 13.32
C LEU W 36 -5.76 44.54 12.22
N LEU W 37 -6.04 43.82 11.13
CA LEU W 37 -6.77 44.36 9.95
C LEU W 37 -8.12 43.69 9.92
N GLN W 38 -9.04 44.14 9.06
CA GLN W 38 -10.29 43.43 8.91
C GLN W 38 -10.27 42.45 7.72
N LYS W 39 -9.17 41.73 7.58
CA LYS W 39 -8.93 40.88 6.43
C LYS W 39 -8.58 39.57 7.05
N TYR W 40 -9.09 38.47 6.49
CA TYR W 40 -9.01 37.20 7.15
C TYR W 40 -8.70 36.18 6.08
N GLU W 41 -8.16 35.03 6.48
CA GLU W 41 -7.90 33.96 5.53
C GLU W 41 -7.98 32.63 6.26
N VAL W 42 -8.07 31.54 5.51
CA VAL W 42 -8.16 30.21 6.13
C VAL W 42 -6.89 29.49 5.79
N ALA W 43 -6.27 28.86 6.77
CA ALA W 43 -5.00 28.22 6.47
C ALA W 43 -4.96 26.87 7.14
N ALA W 44 -4.18 25.96 6.60
CA ALA W 44 -4.04 24.65 7.19
C ALA W 44 -3.07 24.73 8.36
N ASP W 45 -3.35 24.01 9.44
CA ASP W 45 -2.40 23.89 10.54
C ASP W 45 -2.26 22.44 10.97
N ASN W 46 -1.62 21.63 10.14
CA ASN W 46 -1.42 20.24 10.50
C ASN W 46 -0.05 19.93 11.10
N SER W 47 0.82 20.91 11.24
CA SER W 47 2.08 20.54 11.91
C SER W 47 2.58 21.45 13.05
N VAL W 48 2.06 22.66 13.16
CA VAL W 48 2.49 23.53 14.24
C VAL W 48 1.58 23.40 15.48
N GLY W 49 0.29 23.60 15.29
CA GLY W 49 -0.66 23.39 16.38
C GLY W 49 -0.86 24.70 17.15
N ALA W 50 -1.26 25.75 16.45
CA ALA W 50 -1.41 27.06 17.11
C ALA W 50 -2.68 27.08 17.93
N GLY W 51 -2.71 27.88 19.00
CA GLY W 51 -3.88 27.96 19.86
C GLY W 51 -4.56 29.30 19.66
N PHE W 52 -5.69 29.50 20.32
CA PHE W 52 -6.46 30.74 20.15
C PHE W 52 -5.65 31.99 20.48
N ASP W 53 -5.76 32.98 19.59
CA ASP W 53 -5.20 34.32 19.78
C ASP W 53 -3.69 34.40 19.71
N GLU W 54 -3.06 33.29 19.36
CA GLU W 54 -1.65 33.31 19.08
C GLU W 54 -1.40 34.01 17.76
N TRP W 55 -0.24 34.65 17.66
CA TRP W 55 0.22 35.21 16.38
C TRP W 55 1.06 34.14 15.68
N VAL W 56 0.91 34.08 14.38
CA VAL W 56 1.52 33.01 13.58
C VAL W 56 2.04 33.57 12.29
N LEU W 57 2.96 32.83 11.66
CA LEU W 57 3.37 33.13 10.29
C LEU W 57 2.64 32.21 9.35
N ILE W 58 2.23 32.75 8.21
CA ILE W 58 1.52 31.96 7.21
C ILE W 58 2.35 31.96 5.97
N SER W 59 2.47 30.80 5.33
CA SER W 59 3.15 30.73 4.06
C SER W 59 2.09 30.42 3.02
N ARG W 60 2.17 31.07 1.86
CA ARG W 60 1.14 30.99 0.79
C ARG W 60 1.70 30.39 -0.42
N GLY W 61 0.81 29.88 -1.28
CA GLY W 61 1.19 29.33 -2.56
C GLY W 61 1.74 27.93 -2.38
N SER W 62 2.60 27.50 -3.29
CA SER W 62 3.14 26.12 -3.19
C SER W 62 4.00 25.93 -1.93
N ALA W 63 4.47 27.02 -1.34
CA ALA W 63 5.16 26.90 -0.05
C ALA W 63 4.33 26.09 0.94
N ALA W 64 3.00 26.25 0.90
CA ALA W 64 2.09 25.54 1.84
C ALA W 64 2.16 24.02 1.73
N ARG W 65 2.46 23.52 0.54
CA ARG W 65 2.52 22.09 0.25
C ARG W 65 3.88 21.46 0.65
N GLN W 66 4.84 22.26 1.15
CA GLN W 66 6.15 21.72 1.57
C GLN W 66 6.16 21.12 2.99
N LEU W 67 5.07 21.27 3.71
CA LEU W 67 4.94 20.68 5.03
C LEU W 67 4.59 19.23 4.88
N LEU W 68 5.06 18.41 5.80
CA LEU W 68 4.86 16.96 5.79
C LEU W 68 3.43 16.57 5.46
N GLY W 69 3.26 15.82 4.36
CA GLY W 69 1.97 15.28 3.97
C GLY W 69 1.12 16.19 3.14
N ASN W 70 1.52 17.45 3.00
CA ASN W 70 0.71 18.47 2.30
C ASN W 70 1.01 18.50 0.82
N GLU W 71 1.80 17.55 0.34
CA GLU W 71 2.43 17.62 -0.98
C GLU W 71 1.48 17.63 -2.15
N GLN W 72 0.50 16.75 -2.08
CA GLN W 72 -0.55 16.67 -3.09
C GLN W 72 -1.89 17.06 -2.45
N ARG W 73 -1.87 17.96 -1.47
CA ARG W 73 -3.14 18.47 -0.94
C ARG W 73 -3.39 19.89 -1.48
N PRO W 74 -4.68 20.25 -1.71
CA PRO W 74 -5.00 21.57 -2.31
C PRO W 74 -4.96 22.66 -1.26
N VAL W 75 -3.78 22.86 -0.68
CA VAL W 75 -3.61 23.92 0.31
C VAL W 75 -2.73 25.00 -0.27
N ASP W 76 -3.19 26.24 -0.14
CA ASP W 76 -2.42 27.37 -0.65
C ASP W 76 -2.04 28.28 0.49
N ALA W 77 -2.24 27.85 1.73
CA ALA W 77 -1.88 28.68 2.91
C ALA W 77 -1.69 27.80 4.10
N ALA W 78 -0.60 27.97 4.82
CA ALA W 78 -0.36 27.13 5.99
C ALA W 78 0.30 27.91 7.07
N VAL W 79 -0.07 27.59 8.30
CA VAL W 79 0.62 28.01 9.49
C VAL W 79 1.99 27.31 9.57
N VAL W 80 3.07 28.10 9.65
CA VAL W 80 4.38 27.48 9.68
C VAL W 80 5.16 27.77 10.97
N ALA W 81 4.64 28.68 11.79
CA ALA W 81 5.32 29.08 13.03
C ALA W 81 4.37 29.88 13.93
N ILE W 82 4.59 29.78 15.24
CA ILE W 82 3.96 30.60 16.24
C ILE W 82 5.01 31.64 16.63
N ILE W 83 4.58 32.88 16.73
CA ILE W 83 5.52 33.97 16.98
C ILE W 83 5.59 34.24 18.45
N ASP W 84 6.82 34.28 18.97
CA ASP W 84 7.10 34.61 20.36
C ASP W 84 7.25 36.11 20.53
N THR W 85 8.12 36.73 19.72
CA THR W 85 8.30 38.19 19.72
C THR W 85 8.66 38.72 18.32
N ILE W 86 8.40 40.00 18.11
CA ILE W 86 8.82 40.69 16.89
C ILE W 86 9.40 41.96 17.42
N HIS W 87 10.68 42.19 17.19
CA HIS W 87 11.25 43.46 17.59
C HIS W 87 11.89 44.25 16.48
N VAL W 88 11.79 45.57 16.59
CA VAL W 88 12.20 46.53 15.56
C VAL W 88 13.38 47.44 15.97
N GLU W 89 14.59 46.92 16.15
CA GLU W 89 14.90 45.51 16.42
C GLU W 89 15.50 45.60 17.82
N ASP W 90 14.97 46.59 18.53
CA ASP W 90 15.31 46.89 19.91
C ASP W 90 13.96 47.05 20.61
N ARG W 91 13.02 47.56 19.84
CA ARG W 91 11.68 47.90 20.29
C ARG W 91 10.74 46.72 20.05
N LEU W 92 10.28 46.06 21.12
CA LEU W 92 9.30 44.98 20.96
C LEU W 92 7.99 45.58 20.45
N ILE W 93 7.42 45.00 19.40
CA ILE W 93 6.10 45.42 18.94
C ILE W 93 5.07 44.35 19.25
N TYR W 94 5.56 43.14 19.49
CA TYR W 94 4.71 42.06 19.95
C TYR W 94 5.55 41.15 20.82
N SER W 95 5.03 40.81 22.00
CA SER W 95 5.56 39.73 22.81
C SER W 95 4.39 38.88 23.23
N LYS W 96 4.54 37.57 23.05
CA LYS W 96 3.50 36.63 23.41
C LYS W 96 3.31 36.67 24.93
N LYS W 97 4.43 36.60 25.64
CA LYS W 97 4.44 36.59 27.10
C LYS W 97 3.70 37.79 27.70
N ASP W 98 3.79 38.94 27.03
CA ASP W 98 3.16 40.16 27.49
C ASP W 98 1.69 40.22 27.11
N MET X 1 11.03 40.64 -8.16
CA MET X 1 11.70 40.95 -6.90
C MET X 1 11.31 42.36 -6.46
N GLN X 2 11.23 42.57 -5.15
CA GLN X 2 10.76 43.84 -4.62
C GLN X 2 11.89 44.36 -3.78
N ILE X 3 12.03 45.68 -3.70
CA ILE X 3 13.01 46.30 -2.80
C ILE X 3 12.38 46.49 -1.42
N ALA X 4 13.15 46.22 -0.39
CA ALA X 4 12.64 46.29 0.97
C ALA X 4 13.70 46.72 1.98
N LYS X 5 13.26 47.02 3.19
CA LYS X 5 14.16 47.47 4.21
C LYS X 5 13.96 46.56 5.40
N VAL X 6 15.07 46.17 6.02
CA VAL X 6 15.02 45.29 7.17
C VAL X 6 14.61 46.13 8.36
N ARG X 7 13.45 45.80 8.90
CA ARG X 7 12.89 46.58 9.98
C ARG X 7 12.95 45.87 11.33
N GLY X 8 13.06 44.55 11.32
CA GLY X 8 13.07 43.81 12.57
C GLY X 8 13.28 42.32 12.43
N THR X 9 13.28 41.63 13.55
CA THR X 9 13.46 40.17 13.56
C THR X 9 12.23 39.47 14.14
N VAL X 10 11.77 38.37 13.55
CA VAL X 10 10.62 37.64 14.10
C VAL X 10 11.22 36.41 14.83
N VAL X 11 11.00 36.28 16.14
CA VAL X 11 11.50 35.09 16.86
C VAL X 11 10.36 34.12 17.11
N SER X 12 10.60 32.85 16.79
CA SER X 12 9.62 31.77 17.00
C SER X 12 10.35 30.57 17.62
N THR X 13 9.77 29.98 18.67
CA THR X 13 10.30 28.70 19.22
C THR X 13 9.43 27.49 18.91
N GLN X 14 8.22 27.71 18.42
CA GLN X 14 7.33 26.61 18.06
C GLN X 14 7.05 26.78 16.61
N LYS X 15 7.49 25.82 15.78
CA LYS X 15 7.38 26.00 14.35
C LYS X 15 7.57 24.65 13.68
N ASP X 16 7.33 24.63 12.38
CA ASP X 16 7.53 23.45 11.58
C ASP X 16 9.03 23.13 11.54
N PRO X 17 9.40 21.84 11.67
CA PRO X 17 10.80 21.45 11.76
C PRO X 17 11.63 21.96 10.60
N SER X 18 11.03 22.13 9.43
CA SER X 18 11.79 22.56 8.28
C SER X 18 12.13 24.07 8.30
N LEU X 19 11.73 24.76 9.37
CA LEU X 19 12.14 26.14 9.57
C LEU X 19 13.11 26.26 10.72
N ARG X 20 13.50 25.15 11.34
CA ARG X 20 14.44 25.23 12.45
C ARG X 20 15.74 25.85 11.96
N GLY X 21 16.26 26.81 12.73
CA GLY X 21 17.48 27.54 12.37
C GLY X 21 17.36 28.56 11.25
N VAL X 22 16.15 28.79 10.73
CA VAL X 22 16.00 29.73 9.64
C VAL X 22 15.80 31.12 10.23
N LYS X 23 16.69 32.06 9.91
CA LYS X 23 16.52 33.42 10.44
C LYS X 23 15.35 34.10 9.73
N LEU X 24 14.46 34.74 10.49
CA LEU X 24 13.29 35.40 9.90
C LEU X 24 13.29 36.92 10.11
N LEU X 25 13.24 37.69 9.03
CA LEU X 25 13.39 39.13 9.17
C LEU X 25 12.08 39.74 8.81
N LEU X 26 11.67 40.77 9.52
CA LEU X 26 10.57 41.60 9.04
C LEU X 26 11.11 42.62 8.05
N LEU X 27 10.64 42.49 6.80
CA LEU X 27 11.02 43.33 5.68
C LEU X 27 9.84 44.18 5.22
N GLN X 28 10.03 45.50 5.23
CA GLN X 28 8.99 46.47 4.83
C GLN X 28 9.33 46.98 3.43
N LEU X 29 8.40 46.72 2.50
CA LEU X 29 8.60 47.06 1.10
C LEU X 29 8.79 48.54 0.92
N VAL X 30 9.46 48.89 -0.18
CA VAL X 30 9.80 50.28 -0.47
C VAL X 30 9.36 50.58 -1.92
N ASP X 31 8.94 51.79 -2.24
CA ASP X 31 8.68 52.07 -3.65
C ASP X 31 9.97 52.51 -4.33
N GLU X 32 9.90 52.83 -5.62
CA GLU X 32 11.09 53.24 -6.39
C GLU X 32 11.92 54.37 -5.76
N GLU X 33 11.27 55.19 -4.94
CA GLU X 33 11.92 56.38 -4.44
C GLU X 33 12.58 56.16 -3.09
N GLY X 34 12.45 54.95 -2.54
CA GLY X 34 12.98 54.71 -1.21
C GLY X 34 11.94 54.81 -0.11
N ASN X 35 10.76 55.31 -0.44
CA ASN X 35 9.66 55.39 0.54
C ASN X 35 9.07 54.08 1.05
N LEU X 36 9.14 53.91 2.37
CA LEU X 36 8.54 52.75 3.05
C LEU X 36 7.02 52.74 2.84
N LEU X 37 6.51 51.54 2.57
CA LEU X 37 5.11 51.33 2.20
C LEU X 37 4.39 50.47 3.22
N GLN X 38 3.06 50.40 3.13
CA GLN X 38 2.25 49.52 3.98
C GLN X 38 2.11 48.12 3.39
N LYS X 39 3.25 47.49 3.13
CA LYS X 39 3.34 46.16 2.57
C LYS X 39 4.63 45.61 3.14
N TYR X 40 4.63 44.32 3.46
CA TYR X 40 5.80 43.71 4.11
C TYR X 40 5.89 42.24 3.84
N GLU X 41 7.03 41.67 4.20
CA GLU X 41 7.16 40.23 4.25
C GLU X 41 7.98 39.84 5.47
N VAL X 42 7.64 38.69 6.05
CA VAL X 42 8.60 38.00 6.89
C VAL X 42 9.31 37.04 5.97
N ALA X 43 10.63 37.16 5.92
CA ALA X 43 11.35 36.42 4.91
C ALA X 43 12.49 35.62 5.52
N ALA X 44 12.82 34.52 4.87
CA ALA X 44 14.01 33.78 5.25
C ALA X 44 15.25 34.58 4.86
N ASP X 45 16.24 34.56 5.73
CA ASP X 45 17.47 35.33 5.52
C ASP X 45 18.67 34.45 5.84
N ASN X 46 18.60 33.17 5.51
CA ASN X 46 19.74 32.31 5.87
C ASN X 46 20.87 32.41 4.84
N SER X 47 20.52 32.65 3.57
CA SER X 47 21.55 32.63 2.51
C SER X 47 22.30 33.95 2.32
N VAL X 48 21.64 35.08 2.52
CA VAL X 48 22.27 36.37 2.36
C VAL X 48 21.95 37.16 3.61
N GLY X 49 22.81 37.08 4.62
CA GLY X 49 22.54 37.77 5.87
C GLY X 49 22.35 39.27 5.61
N ALA X 50 21.29 39.83 6.17
CA ALA X 50 21.10 41.28 6.12
C ALA X 50 20.93 41.80 7.54
N GLY X 51 21.38 43.03 7.81
CA GLY X 51 21.26 43.65 9.11
C GLY X 51 20.21 44.76 9.18
N PHE X 52 19.87 45.18 10.40
CA PHE X 52 18.85 46.21 10.59
C PHE X 52 19.11 47.43 9.71
N ASP X 53 18.10 47.83 8.94
CA ASP X 53 18.14 49.03 8.08
C ASP X 53 18.77 48.82 6.70
N GLU X 54 19.28 47.62 6.45
CA GLU X 54 19.82 47.32 5.14
C GLU X 54 18.72 47.28 4.13
N TRP X 55 19.02 47.76 2.93
CA TRP X 55 18.08 47.64 1.82
C TRP X 55 18.35 46.35 1.05
N VAL X 56 17.28 45.62 0.73
CA VAL X 56 17.46 44.27 0.22
C VAL X 56 16.50 43.95 -0.88
N LEU X 57 16.83 42.92 -1.69
CA LEU X 57 15.87 42.35 -2.65
C LEU X 57 15.26 41.09 -2.08
N ILE X 58 13.93 41.00 -2.20
CA ILE X 58 13.18 39.81 -1.78
C ILE X 58 12.67 39.15 -3.05
N SER X 59 12.75 37.83 -3.13
CA SER X 59 12.01 37.08 -4.15
C SER X 59 10.86 36.42 -3.45
N ARG X 60 9.68 36.42 -4.08
CA ARG X 60 8.46 35.90 -3.44
C ARG X 60 7.98 34.62 -4.13
N GLY X 61 7.22 33.77 -3.43
CA GLY X 61 6.54 32.65 -4.06
C GLY X 61 7.56 31.54 -4.14
N SER X 62 7.46 30.67 -5.12
CA SER X 62 8.36 29.51 -5.20
C SER X 62 9.80 29.89 -5.52
N ALA X 63 10.02 31.08 -6.03
CA ALA X 63 11.40 31.52 -6.26
C ALA X 63 12.21 31.43 -4.96
N ALA X 64 11.55 31.63 -3.83
CA ALA X 64 12.25 31.67 -2.52
C ALA X 64 12.82 30.31 -2.18
N ARG X 65 12.26 29.26 -2.78
CA ARG X 65 12.73 27.91 -2.51
C ARG X 65 13.92 27.54 -3.39
N GLN X 66 14.28 28.40 -4.34
CA GLN X 66 15.35 28.05 -5.27
C GLN X 66 16.74 28.21 -4.63
N LEU X 67 16.84 28.98 -3.56
CA LEU X 67 18.14 29.16 -2.86
C LEU X 67 18.61 27.82 -2.35
N LEU X 68 19.91 27.56 -2.45
CA LEU X 68 20.40 26.25 -2.00
C LEU X 68 20.05 26.07 -0.53
N GLY X 69 19.34 25.01 -0.21
CA GLY X 69 19.03 24.76 1.18
C GLY X 69 17.59 25.12 1.53
N ASN X 70 16.95 25.98 0.72
CA ASN X 70 15.49 26.19 0.87
C ASN X 70 14.56 25.29 0.05
N GLU X 71 15.07 24.29 -0.67
CA GLU X 71 14.25 23.59 -1.68
C GLU X 71 12.99 22.93 -1.10
N GLN X 72 13.13 22.39 0.10
CA GLN X 72 11.98 21.76 0.77
C GLN X 72 11.52 22.54 1.99
N ARG X 73 11.71 23.86 2.00
CA ARG X 73 11.24 24.62 3.12
C ARG X 73 9.97 25.34 2.71
N PRO X 74 9.06 25.55 3.68
CA PRO X 74 7.79 26.23 3.39
C PRO X 74 7.99 27.75 3.47
N VAL X 75 8.85 28.27 2.60
CA VAL X 75 9.16 29.70 2.55
C VAL X 75 8.61 30.30 1.28
N ASP X 76 7.97 31.48 1.36
CA ASP X 76 7.42 32.12 0.17
C ASP X 76 8.02 33.53 0.02
N ALA X 77 9.06 33.81 0.80
CA ALA X 77 9.82 35.07 0.65
C ALA X 77 11.22 34.85 1.13
N ALA X 78 12.20 35.34 0.39
CA ALA X 78 13.55 35.20 0.87
C ALA X 78 14.36 36.40 0.45
N VAL X 79 15.35 36.76 1.27
CA VAL X 79 16.29 37.77 0.90
C VAL X 79 17.27 37.14 -0.11
N VAL X 80 17.44 37.80 -1.25
CA VAL X 80 18.32 37.23 -2.27
C VAL X 80 19.49 38.16 -2.53
N ALA X 81 19.35 39.42 -2.18
CA ALA X 81 20.50 40.32 -2.35
C ALA X 81 20.45 41.50 -1.39
N ILE X 82 21.64 41.98 -1.04
CA ILE X 82 21.76 43.26 -0.40
C ILE X 82 22.05 44.32 -1.48
N ILE X 83 21.29 45.42 -1.47
CA ILE X 83 21.43 46.44 -2.49
C ILE X 83 22.50 47.46 -2.13
N ASP X 84 23.37 47.76 -3.09
CA ASP X 84 24.35 48.81 -2.95
C ASP X 84 23.82 50.15 -3.47
N THR X 85 23.32 50.15 -4.70
CA THR X 85 22.75 51.37 -5.28
C THR X 85 21.46 51.12 -6.09
N ILE X 86 20.64 52.16 -6.23
CA ILE X 86 19.47 52.17 -7.12
C ILE X 86 19.47 53.47 -7.89
N HIS X 87 19.69 53.40 -9.20
CA HIS X 87 19.76 54.61 -10.03
C HIS X 87 18.59 54.69 -10.99
N VAL X 88 18.49 55.83 -11.70
CA VAL X 88 17.51 56.00 -12.79
C VAL X 88 18.11 56.76 -13.99
N LEU X 92 20.73 57.89 -9.18
CA LEU X 92 20.97 57.60 -7.77
C LEU X 92 19.75 57.97 -6.92
N ILE X 93 19.04 56.94 -6.44
CA ILE X 93 17.92 57.12 -5.50
C ILE X 93 18.31 56.65 -4.09
N TYR X 94 19.31 55.76 -4.03
CA TYR X 94 20.19 55.66 -2.85
C TYR X 94 21.45 54.83 -3.07
N SER X 95 22.32 54.93 -2.08
CA SER X 95 23.65 54.36 -2.10
C SER X 95 23.88 53.91 -0.68
N LYS X 96 24.05 52.60 -0.49
CA LYS X 96 24.47 52.06 0.79
C LYS X 96 25.77 52.75 1.21
N LYS X 97 25.70 53.70 2.15
CA LYS X 97 26.87 54.47 2.57
C LYS X 97 26.88 54.78 4.07
N MET Y 1 5.35 -8.78 -28.75
CA MET Y 1 6.70 -8.35 -28.44
C MET Y 1 7.55 -8.86 -29.57
N GLN Y 2 8.66 -8.17 -29.81
CA GLN Y 2 9.56 -8.55 -30.90
C GLN Y 2 10.96 -8.68 -30.35
N ILE Y 3 11.74 -9.62 -30.88
CA ILE Y 3 13.16 -9.75 -30.51
C ILE Y 3 13.93 -8.67 -31.27
N ALA Y 4 14.88 -8.00 -30.63
CA ALA Y 4 15.67 -6.96 -31.31
C ALA Y 4 17.10 -6.93 -30.77
N LYS Y 5 17.99 -6.26 -31.49
CA LYS Y 5 19.34 -6.03 -31.01
C LYS Y 5 19.55 -4.54 -30.77
N VAL Y 6 20.22 -4.21 -29.67
CA VAL Y 6 20.60 -2.81 -29.43
C VAL Y 6 21.68 -2.45 -30.44
N ARG Y 7 21.38 -1.51 -31.34
CA ARG Y 7 22.38 -1.14 -32.36
C ARG Y 7 23.05 0.19 -32.07
N GLY Y 8 22.47 0.96 -31.17
CA GLY Y 8 23.13 2.20 -30.81
C GLY Y 8 22.30 3.13 -29.97
N THR Y 9 22.87 4.31 -29.72
CA THR Y 9 22.24 5.35 -28.89
C THR Y 9 21.82 6.60 -29.70
N VAL Y 10 20.67 7.15 -29.32
CA VAL Y 10 20.18 8.40 -29.89
C VAL Y 10 20.37 9.50 -28.87
N VAL Y 11 21.22 10.47 -29.20
CA VAL Y 11 21.44 11.63 -28.32
C VAL Y 11 20.52 12.79 -28.68
N SER Y 12 19.73 13.23 -27.71
CA SER Y 12 18.92 14.44 -27.83
C SER Y 12 19.08 15.29 -26.59
N THR Y 13 19.65 16.48 -26.77
CA THR Y 13 19.62 17.52 -25.71
C THR Y 13 18.27 18.25 -25.62
N GLN Y 14 17.50 18.23 -26.70
CA GLN Y 14 16.29 19.05 -26.81
C GLN Y 14 15.04 18.18 -26.99
N LYS Y 15 14.28 18.00 -25.91
CA LYS Y 15 13.16 17.05 -25.92
C LYS Y 15 12.12 17.48 -24.93
N ASP Y 16 10.98 16.81 -24.96
CA ASP Y 16 9.90 17.19 -24.07
C ASP Y 16 10.35 16.93 -22.63
N PRO Y 17 9.96 17.80 -21.68
CA PRO Y 17 10.41 17.51 -20.30
C PRO Y 17 9.94 16.12 -19.85
N SER Y 18 8.87 15.60 -20.44
CA SER Y 18 8.38 14.28 -20.02
C SER Y 18 9.35 13.14 -20.35
N LEU Y 19 10.33 13.41 -21.21
CA LEU Y 19 11.35 12.41 -21.50
C LEU Y 19 12.63 12.65 -20.70
N ARG Y 20 12.52 13.48 -19.67
CA ARG Y 20 13.70 13.81 -18.86
C ARG Y 20 14.23 12.56 -18.17
N GLY Y 21 15.50 12.24 -18.42
CA GLY Y 21 16.13 11.13 -17.72
C GLY Y 21 15.83 9.78 -18.32
N VAL Y 22 15.15 9.77 -19.46
CA VAL Y 22 14.89 8.52 -20.16
C VAL Y 22 15.96 8.22 -21.19
N LYS Y 23 16.56 7.03 -21.10
CA LYS Y 23 17.57 6.63 -22.07
C LYS Y 23 16.87 6.04 -23.30
N LEU Y 24 17.32 6.47 -24.48
CA LEU Y 24 16.67 6.13 -25.73
C LEU Y 24 17.69 5.38 -26.56
N LEU Y 25 17.33 4.18 -26.96
CA LEU Y 25 18.28 3.36 -27.71
C LEU Y 25 17.71 3.03 -29.06
N LEU Y 26 18.60 2.80 -30.01
CA LEU Y 26 18.21 2.35 -31.32
C LEU Y 26 18.21 0.83 -31.29
N LEU Y 27 17.05 0.26 -31.55
CA LEU Y 27 16.83 -1.15 -31.47
C LEU Y 27 16.45 -1.57 -32.85
N GLN Y 28 17.17 -2.55 -33.39
CA GLN Y 28 16.82 -3.06 -34.72
C GLN Y 28 16.20 -4.44 -34.59
N LEU Y 29 15.03 -4.68 -35.17
CA LEU Y 29 14.39 -5.99 -35.05
C LEU Y 29 15.20 -7.08 -35.72
N VAL Y 30 15.05 -8.33 -35.27
CA VAL Y 30 15.76 -9.46 -35.87
C VAL Y 30 14.76 -10.58 -36.17
N ASP Y 31 15.10 -11.43 -37.12
CA ASP Y 31 14.23 -12.55 -37.41
C ASP Y 31 14.46 -13.61 -36.33
N GLU Y 32 13.95 -14.82 -36.55
CA GLU Y 32 14.06 -15.91 -35.58
C GLU Y 32 15.51 -16.42 -35.38
N GLU Y 33 16.39 -16.14 -36.33
CA GLU Y 33 17.76 -16.60 -36.19
C GLU Y 33 18.75 -15.47 -35.83
N GLY Y 34 18.24 -14.28 -35.56
CA GLY Y 34 19.08 -13.18 -35.14
C GLY Y 34 19.57 -12.30 -36.29
N ASN Y 35 19.09 -12.57 -37.51
CA ASN Y 35 19.43 -11.72 -38.64
C ASN Y 35 18.74 -10.34 -38.53
N LEU Y 36 19.46 -9.25 -38.76
CA LEU Y 36 18.85 -7.93 -38.68
C LEU Y 36 17.87 -7.64 -39.82
N LEU Y 37 16.75 -7.04 -39.46
CA LEU Y 37 15.68 -6.66 -40.38
C LEU Y 37 15.68 -5.14 -40.58
N GLN Y 38 15.00 -4.68 -41.63
CA GLN Y 38 14.81 -3.23 -41.88
C GLN Y 38 13.61 -2.66 -41.14
N LYS Y 39 13.54 -2.91 -39.85
CA LYS Y 39 12.48 -2.40 -39.00
C LYS Y 39 13.19 -2.07 -37.71
N TYR Y 40 12.89 -0.91 -37.13
CA TYR Y 40 13.61 -0.47 -35.94
C TYR Y 40 12.66 0.32 -35.05
N GLU Y 41 13.00 0.41 -33.77
CA GLU Y 41 12.34 1.37 -32.92
C GLU Y 41 13.45 2.06 -32.16
N VAL Y 42 13.28 3.35 -31.90
CA VAL Y 42 14.02 3.97 -30.84
C VAL Y 42 13.16 3.82 -29.57
N ALA Y 43 13.77 3.33 -28.51
CA ALA Y 43 13.00 2.77 -27.41
C ALA Y 43 13.56 3.17 -26.08
N ALA Y 44 12.67 3.30 -25.09
CA ALA Y 44 13.11 3.63 -23.73
C ALA Y 44 13.73 2.36 -23.20
N ASP Y 45 14.81 2.50 -22.45
CA ASP Y 45 15.42 1.38 -21.79
C ASP Y 45 15.82 1.82 -20.40
N ASN Y 46 14.89 2.44 -19.67
CA ASN Y 46 15.19 2.85 -18.31
C ASN Y 46 14.52 2.04 -17.20
N SER Y 47 15.29 1.07 -16.73
CA SER Y 47 14.87 -0.05 -15.93
C SER Y 47 15.91 -1.12 -16.20
N VAL Y 48 15.93 -1.61 -17.44
CA VAL Y 48 16.86 -2.63 -17.91
C VAL Y 48 18.20 -1.99 -18.32
N GLY Y 49 19.30 -2.75 -18.21
CA GLY Y 49 20.58 -2.26 -18.66
C GLY Y 49 21.06 -2.95 -19.93
N ALA Y 50 20.32 -2.74 -21.02
CA ALA Y 50 20.71 -3.32 -22.29
C ALA Y 50 21.86 -2.54 -22.96
N GLY Y 51 22.82 -3.29 -23.50
CA GLY Y 51 23.92 -2.71 -24.24
C GLY Y 51 24.09 -3.45 -25.56
N PHE Y 52 25.12 -3.07 -26.32
CA PHE Y 52 25.44 -3.63 -27.64
C PHE Y 52 25.22 -5.14 -27.82
N ASP Y 53 24.26 -5.49 -28.67
CA ASP Y 53 24.20 -6.81 -29.31
C ASP Y 53 23.62 -8.03 -28.57
N GLU Y 54 23.19 -7.85 -27.32
CA GLU Y 54 22.36 -8.86 -26.69
C GLU Y 54 20.99 -8.86 -27.37
N TRP Y 55 20.36 -10.01 -27.56
CA TRP Y 55 18.98 -10.02 -28.05
C TRP Y 55 18.08 -9.49 -26.92
N VAL Y 56 17.17 -8.56 -27.21
CA VAL Y 56 16.22 -8.10 -26.19
C VAL Y 56 14.74 -8.23 -26.65
N LEU Y 57 13.78 -8.10 -25.73
CA LEU Y 57 12.39 -8.02 -26.15
C LEU Y 57 11.95 -6.57 -26.13
N ILE Y 58 11.19 -6.15 -27.14
CA ILE Y 58 10.59 -4.81 -27.14
C ILE Y 58 9.08 -4.96 -27.11
N SER Y 59 8.41 -4.09 -26.36
CA SER Y 59 6.96 -3.99 -26.43
C SER Y 59 6.66 -2.64 -27.03
N ARG Y 60 5.60 -2.56 -27.83
CA ARG Y 60 5.23 -1.32 -28.50
C ARG Y 60 3.81 -0.82 -28.10
N GLY Y 61 3.47 0.40 -28.46
CA GLY Y 61 2.16 0.93 -28.11
C GLY Y 61 2.12 1.27 -26.65
N SER Y 62 0.92 1.33 -26.10
CA SER Y 62 0.75 1.72 -24.72
C SER Y 62 1.34 0.69 -23.76
N ALA Y 63 1.58 -0.54 -24.21
CA ALA Y 63 2.32 -1.51 -23.37
C ALA Y 63 3.61 -0.90 -22.80
N ALA Y 64 4.23 -0.03 -23.59
CA ALA Y 64 5.52 0.60 -23.24
C ALA Y 64 5.41 1.57 -22.08
N ARG Y 65 4.20 2.08 -21.81
CA ARG Y 65 4.04 2.97 -20.64
C ARG Y 65 3.67 2.22 -19.38
N GLN Y 66 3.66 0.90 -19.41
CA GLN Y 66 3.32 0.16 -18.17
C GLN Y 66 4.47 0.02 -17.18
N LEU Y 67 5.69 0.24 -17.64
CA LEU Y 67 6.89 0.22 -16.77
C LEU Y 67 6.82 1.40 -15.80
N LEU Y 68 7.11 1.17 -14.52
CA LEU Y 68 7.05 2.25 -13.51
C LEU Y 68 7.84 3.47 -14.00
N GLY Y 69 7.29 4.67 -13.83
CA GLY Y 69 7.98 5.83 -14.38
C GLY Y 69 7.45 6.24 -15.74
N ASN Y 70 7.21 5.27 -16.63
CA ASN Y 70 6.72 5.53 -18.00
C ASN Y 70 5.22 5.80 -18.14
N GLU Y 71 4.44 5.64 -17.06
CA GLU Y 71 2.96 5.77 -17.10
C GLU Y 71 2.35 6.88 -18.00
N GLN Y 72 2.93 8.06 -17.90
CA GLN Y 72 2.45 9.28 -18.57
C GLN Y 72 3.62 9.89 -19.35
N ARG Y 73 4.56 9.05 -19.78
CA ARG Y 73 5.62 9.50 -20.69
C ARG Y 73 5.25 9.08 -22.09
N PRO Y 74 5.66 9.87 -23.11
CA PRO Y 74 5.30 9.64 -24.50
C PRO Y 74 6.20 8.59 -25.15
N VAL Y 75 6.25 7.40 -24.57
CA VAL Y 75 7.08 6.34 -25.11
C VAL Y 75 6.17 5.30 -25.72
N ASP Y 76 6.49 4.89 -26.96
CA ASP Y 76 5.65 3.91 -27.67
C ASP Y 76 6.44 2.64 -27.99
N ALA Y 77 7.62 2.54 -27.40
CA ALA Y 77 8.47 1.35 -27.50
C ALA Y 77 9.35 1.32 -26.27
N ALA Y 78 9.56 0.13 -25.72
CA ALA Y 78 10.55 0.02 -24.66
C ALA Y 78 11.15 -1.36 -24.60
N VAL Y 79 12.38 -1.41 -24.08
CA VAL Y 79 13.01 -2.68 -23.78
C VAL Y 79 12.43 -3.19 -22.48
N VAL Y 80 11.77 -4.34 -22.52
CA VAL Y 80 11.20 -4.89 -21.29
C VAL Y 80 11.95 -6.11 -20.74
N ALA Y 81 12.72 -6.79 -21.58
CA ALA Y 81 13.56 -7.95 -21.16
C ALA Y 81 14.83 -8.20 -21.99
N ILE Y 82 15.87 -8.70 -21.32
CA ILE Y 82 17.04 -9.24 -22.02
C ILE Y 82 16.89 -10.75 -22.10
N ILE Y 83 17.05 -11.30 -23.30
CA ILE Y 83 16.81 -12.73 -23.49
C ILE Y 83 18.03 -13.54 -23.04
N ASP Y 84 17.80 -14.57 -22.23
CA ASP Y 84 18.86 -15.51 -21.86
C ASP Y 84 18.99 -16.65 -22.87
N THR Y 85 17.89 -17.39 -23.06
CA THR Y 85 17.84 -18.51 -23.99
C THR Y 85 16.52 -18.53 -24.78
N ILE Y 86 16.55 -19.19 -25.94
CA ILE Y 86 15.33 -19.53 -26.68
C ILE Y 86 15.43 -20.98 -27.11
N HIS Y 87 14.37 -21.75 -26.87
CA HIS Y 87 14.33 -23.14 -27.27
C HIS Y 87 13.15 -23.36 -28.18
N VAL Y 88 13.39 -23.98 -29.33
CA VAL Y 88 12.33 -24.48 -30.20
C VAL Y 88 12.26 -25.99 -29.95
N GLU Y 89 11.06 -26.45 -29.57
CA GLU Y 89 10.85 -27.77 -28.97
C GLU Y 89 12.00 -28.24 -28.06
N ASP Y 90 12.78 -29.22 -28.51
CA ASP Y 90 13.93 -29.68 -27.74
C ASP Y 90 15.26 -29.03 -28.18
N ARG Y 91 15.23 -28.23 -29.25
CA ARG Y 91 16.45 -27.62 -29.76
C ARG Y 91 16.69 -26.22 -29.19
N LEU Y 92 17.87 -26.02 -28.60
CA LEU Y 92 18.31 -24.69 -28.21
C LEU Y 92 18.56 -23.86 -29.49
N ILE Y 93 18.09 -22.62 -29.56
CA ILE Y 93 18.40 -21.83 -30.75
C ILE Y 93 19.03 -20.49 -30.47
N TYR Y 94 18.99 -20.03 -29.24
CA TYR Y 94 19.76 -18.85 -28.86
C TYR Y 94 20.16 -18.97 -27.42
N SER Y 95 21.41 -18.59 -27.13
CA SER Y 95 21.90 -18.52 -25.77
C SER Y 95 22.82 -17.32 -25.61
N LYS Y 96 22.45 -16.42 -24.70
CA LYS Y 96 23.26 -15.23 -24.39
C LYS Y 96 24.71 -15.58 -24.07
N LYS Y 97 24.87 -16.69 -23.33
CA LYS Y 97 26.13 -17.36 -22.94
C LYS Y 97 26.26 -17.50 -21.42
N MET Z 1 -7.30 -10.45 -34.12
CA MET Z 1 -6.28 -11.34 -33.57
C MET Z 1 -5.63 -12.12 -34.66
N GLN Z 2 -4.43 -12.65 -34.38
CA GLN Z 2 -3.73 -13.45 -35.37
C GLN Z 2 -3.65 -14.93 -35.01
N ILE Z 3 -3.47 -15.77 -36.03
CA ILE Z 3 -3.27 -17.23 -35.86
C ILE Z 3 -1.77 -17.46 -35.90
N ALA Z 4 -1.29 -18.30 -35.00
CA ALA Z 4 0.14 -18.49 -34.79
C ALA Z 4 0.35 -19.89 -34.27
N LYS Z 5 1.55 -20.43 -34.46
CA LYS Z 5 1.86 -21.76 -33.95
C LYS Z 5 2.94 -21.64 -32.89
N VAL Z 6 2.75 -22.32 -31.76
CA VAL Z 6 3.74 -22.28 -30.68
C VAL Z 6 4.99 -23.03 -31.09
N ARG Z 7 6.13 -22.33 -31.19
CA ARG Z 7 7.40 -23.03 -31.49
C ARG Z 7 8.30 -23.24 -30.27
N GLY Z 8 8.21 -22.37 -29.27
CA GLY Z 8 9.09 -22.56 -28.13
C GLY Z 8 9.06 -21.50 -27.08
N THR Z 9 10.10 -21.46 -26.24
CA THR Z 9 10.13 -20.52 -25.09
C THR Z 9 11.18 -19.41 -25.22
N VAL Z 10 10.92 -18.26 -24.60
CA VAL Z 10 11.96 -17.24 -24.40
C VAL Z 10 12.16 -17.16 -22.90
N VAL Z 11 13.37 -17.38 -22.44
CA VAL Z 11 13.67 -17.19 -21.01
C VAL Z 11 14.51 -15.93 -20.82
N SER Z 12 14.18 -15.15 -19.80
CA SER Z 12 14.89 -13.93 -19.48
C SER Z 12 15.01 -13.88 -17.97
N THR Z 13 16.14 -13.41 -17.47
CA THR Z 13 16.27 -13.14 -16.03
C THR Z 13 16.24 -11.64 -15.73
N GLN Z 14 16.95 -10.85 -16.54
CA GLN Z 14 16.91 -9.41 -16.42
C GLN Z 14 15.70 -8.98 -17.20
N LYS Z 15 14.66 -8.54 -16.49
CA LYS Z 15 13.43 -8.08 -17.15
C LYS Z 15 12.67 -7.22 -16.16
N ASP Z 16 11.64 -6.53 -16.64
CA ASP Z 16 10.80 -5.71 -15.77
C ASP Z 16 10.11 -6.57 -14.73
N PRO Z 17 10.13 -6.13 -13.45
CA PRO Z 17 9.59 -6.98 -12.38
C PRO Z 17 8.13 -7.37 -12.65
N SER Z 18 7.44 -6.57 -13.43
CA SER Z 18 6.08 -6.87 -13.80
C SER Z 18 5.99 -8.12 -14.68
N LEU Z 19 7.10 -8.45 -15.34
CA LEU Z 19 7.14 -9.64 -16.19
C LEU Z 19 7.57 -10.88 -15.41
N ARG Z 20 7.74 -10.77 -14.10
CA ARG Z 20 8.11 -11.92 -13.30
C ARG Z 20 6.99 -12.98 -13.28
N GLY Z 21 7.32 -14.22 -13.61
CA GLY Z 21 6.30 -15.28 -13.68
C GLY Z 21 5.54 -15.41 -15.01
N VAL Z 22 5.69 -14.47 -15.92
CA VAL Z 22 4.92 -14.57 -17.17
C VAL Z 22 5.63 -15.41 -18.24
N LYS Z 23 4.99 -16.52 -18.60
CA LYS Z 23 5.48 -17.39 -19.65
C LYS Z 23 5.59 -16.55 -20.92
N LEU Z 24 6.74 -16.60 -21.58
CA LEU Z 24 6.95 -15.94 -22.87
C LEU Z 24 7.19 -16.99 -23.95
N LEU Z 25 6.32 -16.98 -24.95
CA LEU Z 25 6.35 -18.01 -26.03
C LEU Z 25 6.82 -17.44 -27.36
N LEU Z 26 7.62 -18.21 -28.08
CA LEU Z 26 7.96 -17.83 -29.44
C LEU Z 26 6.94 -18.44 -30.41
N LEU Z 27 6.24 -17.59 -31.14
CA LEU Z 27 5.19 -18.05 -32.01
C LEU Z 27 5.52 -17.78 -33.47
N GLN Z 28 5.12 -18.69 -34.34
CA GLN Z 28 5.29 -18.54 -35.76
C GLN Z 28 3.97 -18.11 -36.36
N LEU Z 29 3.93 -17.04 -37.12
CA LEU Z 29 2.66 -16.55 -37.60
C LEU Z 29 2.13 -17.41 -38.77
N VAL Z 30 0.81 -17.43 -38.93
CA VAL Z 30 0.13 -18.15 -40.00
C VAL Z 30 -0.64 -17.16 -40.90
N ASP Z 31 -0.71 -17.41 -42.21
CA ASP Z 31 -1.46 -16.47 -43.06
C ASP Z 31 -2.94 -16.87 -43.15
N GLU Z 32 -3.69 -16.14 -43.98
CA GLU Z 32 -5.15 -16.30 -44.09
C GLU Z 32 -5.51 -17.69 -44.58
N GLU Z 33 -4.63 -18.26 -45.38
CA GLU Z 33 -4.91 -19.55 -45.98
C GLU Z 33 -4.41 -20.71 -45.12
N GLY Z 34 -3.92 -20.43 -43.92
CA GLY Z 34 -3.38 -21.54 -43.14
C GLY Z 34 -1.93 -21.91 -43.46
N ASN Z 35 -1.21 -21.09 -44.22
CA ASN Z 35 0.25 -21.31 -44.36
C ASN Z 35 1.06 -20.65 -43.24
N LEU Z 36 2.01 -21.40 -42.69
CA LEU Z 36 3.01 -20.85 -41.78
C LEU Z 36 3.98 -19.92 -42.54
N LEU Z 37 4.35 -18.81 -41.90
CA LEU Z 37 5.21 -17.78 -42.48
C LEU Z 37 6.57 -17.80 -41.80
N GLN Z 38 7.56 -17.16 -42.40
CA GLN Z 38 8.82 -16.96 -41.70
C GLN Z 38 8.77 -15.66 -40.88
N LYS Z 39 7.59 -15.29 -40.39
CA LYS Z 39 7.45 -14.19 -39.45
C LYS Z 39 7.16 -14.77 -38.05
N TYR Z 40 7.77 -14.20 -37.01
CA TYR Z 40 7.63 -14.70 -35.63
C TYR Z 40 7.36 -13.54 -34.68
N GLU Z 41 6.72 -13.81 -33.55
CA GLU Z 41 6.63 -12.82 -32.49
C GLU Z 41 6.68 -13.51 -31.15
N VAL Z 42 6.78 -12.72 -30.10
CA VAL Z 42 6.87 -13.27 -28.75
C VAL Z 42 5.67 -12.76 -28.00
N ALA Z 43 4.94 -13.66 -27.34
CA ALA Z 43 3.68 -13.29 -26.67
C ALA Z 43 3.63 -13.86 -25.27
N ALA Z 44 2.94 -13.17 -24.38
CA ALA Z 44 2.73 -13.71 -23.03
C ALA Z 44 1.69 -14.82 -23.06
N ASP Z 45 1.87 -15.85 -22.22
CA ASP Z 45 0.87 -16.91 -22.09
C ASP Z 45 0.73 -17.22 -20.62
N ASN Z 46 0.03 -16.36 -19.91
CA ASN Z 46 -0.11 -16.55 -18.48
C ASN Z 46 -1.48 -17.07 -18.08
N SER Z 47 -2.36 -17.30 -19.06
CA SER Z 47 -3.68 -17.78 -18.65
C SER Z 47 -4.14 -19.03 -19.38
N VAL Z 48 -3.73 -19.18 -20.64
CA VAL Z 48 -4.10 -20.35 -21.45
C VAL Z 48 -3.13 -21.54 -21.35
N GLY Z 49 -1.84 -21.28 -21.35
CA GLY Z 49 -0.88 -22.37 -21.18
C GLY Z 49 -0.85 -23.43 -22.27
N ALA Z 50 -0.56 -23.01 -23.49
CA ALA Z 50 -0.45 -23.86 -24.67
C ALA Z 50 0.88 -24.62 -24.68
N GLY Z 51 0.95 -25.74 -25.41
CA GLY Z 51 2.17 -26.54 -25.49
C GLY Z 51 2.83 -26.41 -26.86
N PHE Z 52 3.93 -27.12 -27.07
CA PHE Z 52 4.60 -27.05 -28.36
C PHE Z 52 3.65 -27.40 -29.51
N ASP Z 53 3.69 -26.55 -30.55
CA ASP Z 53 3.09 -26.83 -31.86
C ASP Z 53 1.56 -26.74 -31.92
N GLU Z 54 0.96 -26.29 -30.83
CA GLU Z 54 -0.45 -25.96 -30.86
C GLU Z 54 -0.60 -24.69 -31.68
N TRP Z 55 -1.68 -24.59 -32.44
CA TRP Z 55 -2.03 -23.30 -33.01
C TRP Z 55 -2.90 -22.52 -32.05
N VAL Z 56 -2.65 -21.20 -31.99
CA VAL Z 56 -3.27 -20.31 -31.03
C VAL Z 56 -3.71 -19.02 -31.66
N LEU Z 57 -4.59 -18.29 -30.97
CA LEU Z 57 -4.93 -16.92 -31.34
C LEU Z 57 -4.09 -16.00 -30.44
N ILE Z 58 -3.53 -14.95 -31.05
CA ILE Z 58 -2.82 -13.88 -30.35
C ILE Z 58 -3.58 -12.58 -30.41
N SER Z 59 -3.77 -11.96 -29.25
CA SER Z 59 -4.35 -10.63 -29.17
C SER Z 59 -3.22 -9.62 -29.01
N ARG Z 60 -3.29 -8.53 -29.78
CA ARG Z 60 -2.21 -7.54 -29.82
C ARG Z 60 -2.61 -6.17 -29.32
N GLY Z 61 -1.60 -5.41 -28.87
CA GLY Z 61 -1.81 -4.10 -28.29
C GLY Z 61 -2.41 -4.19 -26.89
N SER Z 62 -3.17 -3.18 -26.51
CA SER Z 62 -3.76 -3.10 -25.16
C SER Z 62 -4.77 -4.20 -24.87
N ALA Z 63 -5.33 -4.82 -25.92
CA ALA Z 63 -6.08 -6.08 -25.77
C ALA Z 63 -5.35 -7.12 -24.90
N ALA Z 64 -4.03 -7.24 -25.10
CA ALA Z 64 -3.23 -8.24 -24.37
C ALA Z 64 -3.20 -7.96 -22.87
N ARG Z 65 -3.44 -6.70 -22.51
CA ARG Z 65 -3.44 -6.35 -21.09
C ARG Z 65 -4.76 -6.61 -20.36
N GLN Z 66 -5.76 -7.12 -21.07
CA GLN Z 66 -7.06 -7.38 -20.43
C GLN Z 66 -7.11 -8.78 -19.82
N LEU Z 67 -6.06 -9.56 -19.99
CA LEU Z 67 -5.98 -10.87 -19.37
C LEU Z 67 -5.83 -10.63 -17.89
N LEU Z 68 -6.49 -11.44 -17.08
CA LEU Z 68 -6.41 -11.37 -15.62
C LEU Z 68 -4.94 -11.22 -15.20
N GLY Z 69 -4.65 -10.15 -14.46
CA GLY Z 69 -3.28 -9.90 -14.00
C GLY Z 69 -2.37 -9.07 -14.89
N ASN Z 70 -2.75 -8.87 -16.16
CA ASN Z 70 -1.86 -8.28 -17.17
C ASN Z 70 -2.06 -6.79 -17.33
N GLU Z 71 -2.98 -6.23 -16.54
CA GLU Z 71 -3.45 -4.87 -16.76
C GLU Z 71 -2.35 -3.78 -16.71
N GLN Z 72 -1.38 -3.93 -15.82
CA GLN Z 72 -0.27 -2.98 -15.75
C GLN Z 72 1.06 -3.66 -16.06
N ARG Z 73 1.03 -4.62 -17.00
CA ARG Z 73 2.23 -5.31 -17.47
C ARG Z 73 2.59 -4.79 -18.84
N PRO Z 74 3.89 -4.68 -19.16
CA PRO Z 74 4.27 -4.21 -20.51
C PRO Z 74 4.13 -5.27 -21.62
N VAL Z 75 2.92 -5.82 -21.80
CA VAL Z 75 2.69 -6.85 -22.80
C VAL Z 75 1.84 -6.32 -23.95
N ASP Z 76 2.27 -6.54 -25.18
CA ASP Z 76 1.54 -6.01 -26.31
C ASP Z 76 1.08 -7.17 -27.18
N ALA Z 77 1.15 -8.39 -26.64
CA ALA Z 77 0.74 -9.58 -27.39
C ALA Z 77 0.56 -10.74 -26.40
N ALA Z 78 -0.57 -11.43 -26.50
CA ALA Z 78 -0.86 -12.46 -25.52
C ALA Z 78 -1.54 -13.58 -26.23
N VAL Z 79 -1.24 -14.81 -25.82
CA VAL Z 79 -1.96 -15.95 -26.32
C VAL Z 79 -3.34 -15.95 -25.62
N VAL Z 80 -4.41 -16.02 -26.41
CA VAL Z 80 -5.74 -15.95 -25.79
C VAL Z 80 -6.60 -17.18 -25.98
N ALA Z 81 -6.18 -18.11 -26.85
CA ALA Z 81 -6.99 -19.27 -27.14
C ALA Z 81 -6.16 -20.29 -27.87
N ILE Z 82 -6.49 -21.55 -27.66
CA ILE Z 82 -5.94 -22.60 -28.49
C ILE Z 82 -6.97 -22.97 -29.55
N ILE Z 83 -6.55 -23.08 -30.80
CA ILE Z 83 -7.47 -23.38 -31.90
C ILE Z 83 -7.74 -24.87 -32.08
N ASP Z 84 -9.01 -25.27 -32.03
CA ASP Z 84 -9.35 -26.65 -32.37
C ASP Z 84 -9.49 -26.84 -33.87
N THR Z 85 -10.32 -26.00 -34.50
CA THR Z 85 -10.50 -26.09 -35.95
C THR Z 85 -10.57 -24.73 -36.60
N ILE Z 86 -10.19 -24.68 -37.88
CA ILE Z 86 -10.43 -23.50 -38.72
C ILE Z 86 -11.21 -23.98 -39.96
N HIS Z 87 -12.26 -23.25 -40.31
CA HIS Z 87 -13.12 -23.66 -41.42
C HIS Z 87 -13.29 -22.55 -42.46
N VAL Z 88 -13.50 -22.96 -43.72
CA VAL Z 88 -14.12 -22.09 -44.74
C VAL Z 88 -15.47 -22.73 -45.12
N GLU Z 89 -16.49 -22.40 -44.31
CA GLU Z 89 -17.86 -22.94 -44.40
C GLU Z 89 -17.99 -24.47 -44.37
N ASP Z 90 -17.21 -25.18 -45.17
CA ASP Z 90 -17.25 -26.65 -45.18
C ASP Z 90 -15.85 -27.21 -45.36
N ARG Z 91 -14.94 -26.36 -45.84
CA ARG Z 91 -13.55 -26.72 -46.01
C ARG Z 91 -12.79 -26.63 -44.68
N LEU Z 92 -12.38 -27.78 -44.16
CA LEU Z 92 -11.50 -27.81 -42.99
C LEU Z 92 -10.11 -27.37 -43.46
N ILE Z 93 -9.53 -26.36 -42.83
CA ILE Z 93 -8.17 -25.96 -43.22
C ILE Z 93 -7.16 -26.17 -42.09
N TYR Z 94 -7.66 -26.22 -40.87
CA TYR Z 94 -6.83 -26.68 -39.75
C TYR Z 94 -7.64 -27.55 -38.80
N SER Z 95 -7.04 -28.65 -38.37
CA SER Z 95 -7.65 -29.51 -37.36
C SER Z 95 -6.63 -29.98 -36.33
N LYS Z 96 -6.82 -29.58 -35.08
CA LYS Z 96 -5.97 -30.02 -33.98
C LYS Z 96 -6.03 -31.54 -33.83
N LYS Z 97 -7.23 -32.11 -33.92
CA LYS Z 97 -7.43 -33.56 -33.93
C LYS Z 97 -6.50 -34.31 -34.89
N ASP Z 98 -6.49 -33.88 -36.16
CA ASP Z 98 -5.54 -34.42 -37.13
C ASP Z 98 -4.09 -34.15 -36.72
N MET AA 1 -11.06 2.28 -40.00
CA MET AA 1 -11.75 0.99 -40.12
C MET AA 1 -11.46 0.36 -41.48
N GLN AA 2 -11.56 -0.97 -41.56
CA GLN AA 2 -11.31 -1.66 -42.82
C GLN AA 2 -12.50 -2.47 -43.29
N ILE AA 3 -12.59 -2.61 -44.61
CA ILE AA 3 -13.60 -3.42 -45.24
C ILE AA 3 -13.00 -4.80 -45.38
N ALA AA 4 -13.83 -5.79 -45.06
CA ALA AA 4 -13.37 -7.18 -45.05
C ALA AA 4 -14.54 -8.05 -45.35
N LYS AA 5 -14.23 -9.29 -45.68
CA LYS AA 5 -15.23 -10.25 -46.05
C LYS AA 5 -15.11 -11.42 -45.08
N VAL AA 6 -16.24 -11.92 -44.59
CA VAL AA 6 -16.27 -13.09 -43.72
C VAL AA 6 -15.89 -14.33 -44.52
N ARG AA 7 -14.76 -14.92 -44.14
CA ARG AA 7 -14.17 -15.97 -44.94
C ARG AA 7 -14.08 -17.30 -44.23
N GLY AA 8 -14.47 -17.33 -42.98
CA GLY AA 8 -14.37 -18.57 -42.24
C GLY AA 8 -14.68 -18.43 -40.78
N THR AA 9 -14.61 -19.57 -40.09
CA THR AA 9 -14.83 -19.59 -38.66
C THR AA 9 -13.60 -20.15 -37.92
N VAL AA 10 -13.34 -19.64 -36.72
CA VAL AA 10 -12.32 -20.22 -35.86
C VAL AA 10 -13.01 -20.81 -34.61
N VAL AA 11 -12.80 -22.08 -34.36
CA VAL AA 11 -13.41 -22.75 -33.21
C VAL AA 11 -12.35 -23.08 -32.15
N SER AA 12 -12.60 -22.64 -30.91
CA SER AA 12 -11.68 -22.88 -29.81
C SER AA 12 -12.47 -23.24 -28.55
N THR AA 13 -11.99 -24.28 -27.86
CA THR AA 13 -12.62 -24.81 -26.66
C THR AA 13 -11.87 -24.26 -25.47
N GLN AA 14 -10.54 -24.35 -25.57
CA GLN AA 14 -9.67 -23.94 -24.49
C GLN AA 14 -9.11 -22.56 -24.80
N LYS AA 15 -9.56 -21.59 -24.01
CA LYS AA 15 -9.23 -20.19 -24.21
C LYS AA 15 -9.41 -19.43 -22.90
N ASP AA 16 -8.88 -18.22 -22.83
CA ASP AA 16 -9.10 -17.32 -21.71
C ASP AA 16 -10.62 -17.19 -21.47
N PRO AA 17 -11.05 -17.22 -20.20
CA PRO AA 17 -12.50 -17.18 -19.89
C PRO AA 17 -13.17 -15.94 -20.49
N SER AA 18 -12.40 -14.87 -20.62
CA SER AA 18 -12.91 -13.64 -21.21
C SER AA 18 -13.31 -13.77 -22.68
N LEU AA 19 -13.05 -14.94 -23.27
CA LEU AA 19 -13.42 -15.19 -24.67
C LEU AA 19 -14.54 -16.21 -24.82
N ARG AA 20 -15.06 -16.65 -23.69
CA ARG AA 20 -16.15 -17.62 -23.69
C ARG AA 20 -17.37 -16.94 -24.26
N GLY AA 21 -18.03 -17.59 -25.23
CA GLY AA 21 -19.22 -17.05 -25.86
C GLY AA 21 -19.01 -16.06 -27.00
N VAL AA 22 -17.75 -15.82 -27.36
CA VAL AA 22 -17.45 -14.84 -28.40
C VAL AA 22 -17.31 -15.50 -29.76
N LYS AA 23 -18.14 -15.09 -30.71
CA LYS AA 23 -18.05 -15.63 -32.07
C LYS AA 23 -16.77 -15.12 -32.68
N LEU AA 24 -15.96 -16.06 -33.18
CA LEU AA 24 -14.66 -15.80 -33.81
C LEU AA 24 -14.72 -16.07 -35.30
N LEU AA 25 -14.63 -15.00 -36.08
CA LEU AA 25 -14.75 -15.10 -37.52
C LEU AA 25 -13.41 -14.83 -38.13
N LEU AA 26 -13.11 -15.55 -39.21
CA LEU AA 26 -11.94 -15.25 -40.01
C LEU AA 26 -12.33 -14.17 -41.01
N LEU AA 27 -11.77 -12.98 -40.83
CA LEU AA 27 -12.09 -11.85 -41.70
C LEU AA 27 -10.94 -11.42 -42.58
N GLN AA 28 -11.11 -11.63 -43.88
CA GLN AA 28 -10.05 -11.31 -44.83
C GLN AA 28 -10.30 -9.89 -45.34
N LEU AA 29 -9.30 -9.04 -45.21
CA LEU AA 29 -9.45 -7.66 -45.64
C LEU AA 29 -9.64 -7.60 -47.16
N VAL AA 30 -10.27 -6.51 -47.64
CA VAL AA 30 -10.43 -6.36 -49.09
C VAL AA 30 -9.94 -4.98 -49.51
N ASP AA 31 -9.68 -4.81 -50.81
CA ASP AA 31 -9.32 -3.51 -51.37
C ASP AA 31 -10.60 -2.72 -51.67
N GLU AA 32 -10.49 -1.57 -52.33
CA GLU AA 32 -11.68 -0.75 -52.58
C GLU AA 32 -12.61 -1.37 -53.61
N GLU AA 33 -12.09 -2.31 -54.41
CA GLU AA 33 -12.92 -2.96 -55.40
C GLU AA 33 -13.47 -4.30 -54.89
N GLY AA 34 -13.21 -4.61 -53.64
CA GLY AA 34 -13.70 -5.86 -53.08
C GLY AA 34 -12.77 -7.05 -53.27
N ASN AA 35 -11.56 -6.82 -53.79
CA ASN AA 35 -10.64 -7.94 -53.99
C ASN AA 35 -9.97 -8.35 -52.67
N LEU AA 36 -9.95 -9.65 -52.41
CA LEU AA 36 -9.40 -10.17 -51.17
C LEU AA 36 -7.89 -9.98 -51.14
N LEU AA 37 -7.41 -9.52 -49.99
CA LEU AA 37 -6.01 -9.25 -49.71
C LEU AA 37 -5.37 -10.34 -48.84
N GLN AA 38 -4.04 -10.45 -48.87
CA GLN AA 38 -3.26 -11.32 -47.96
C GLN AA 38 -3.12 -10.73 -46.57
N LYS AA 39 -4.25 -10.26 -46.02
CA LYS AA 39 -4.32 -9.67 -44.69
C LYS AA 39 -5.65 -10.05 -44.09
N TYR AA 40 -5.64 -10.40 -42.80
CA TYR AA 40 -6.83 -10.92 -42.11
C TYR AA 40 -6.80 -10.57 -40.61
N GLU AA 41 -7.95 -10.64 -39.95
CA GLU AA 41 -8.02 -10.63 -38.49
C GLU AA 41 -8.98 -11.71 -38.13
N VAL AA 42 -8.72 -12.38 -37.00
CA VAL AA 42 -9.75 -13.18 -36.38
C VAL AA 42 -10.43 -12.24 -35.41
N ALA AA 43 -11.72 -12.05 -35.60
CA ALA AA 43 -12.42 -10.93 -35.02
C ALA AA 43 -13.67 -11.41 -34.33
N ALA AA 44 -14.05 -10.69 -33.28
CA ALA AA 44 -15.27 -10.93 -32.56
C ALA AA 44 -16.45 -10.46 -33.38
N ASP AA 45 -17.54 -11.23 -33.35
CA ASP AA 45 -18.76 -10.85 -34.08
C ASP AA 45 -20.00 -10.88 -33.17
N ASN AA 46 -19.86 -10.47 -31.92
CA ASN AA 46 -20.95 -10.69 -30.94
C ASN AA 46 -22.01 -9.58 -30.87
N SER AA 47 -21.99 -8.67 -31.84
CA SER AA 47 -22.88 -7.51 -31.79
C SER AA 47 -23.70 -7.45 -33.06
N VAL AA 48 -23.04 -7.21 -34.17
CA VAL AA 48 -23.65 -7.50 -35.46
C VAL AA 48 -23.49 -9.01 -35.59
N GLY AA 49 -24.34 -9.65 -36.39
CA GLY AA 49 -24.12 -11.06 -36.67
C GLY AA 49 -23.86 -11.21 -38.15
N ALA AA 50 -22.60 -11.33 -38.53
CA ALA AA 50 -22.26 -11.39 -39.94
C ALA AA 50 -22.08 -12.83 -40.42
N GLY AA 51 -22.45 -13.08 -41.67
CA GLY AA 51 -22.30 -14.39 -42.27
C GLY AA 51 -21.28 -14.46 -43.38
N PHE AA 52 -21.17 -15.64 -43.98
CA PHE AA 52 -20.16 -15.91 -44.99
C PHE AA 52 -20.30 -14.99 -46.20
N ASP AA 53 -19.19 -14.36 -46.56
CA ASP AA 53 -19.09 -13.52 -47.77
C ASP AA 53 -19.84 -12.21 -47.68
N GLU AA 54 -20.27 -11.84 -46.48
CA GLU AA 54 -20.80 -10.50 -46.29
C GLU AA 54 -19.60 -9.55 -46.26
N TRP AA 55 -19.79 -8.32 -46.75
CA TRP AA 55 -18.78 -7.29 -46.56
C TRP AA 55 -19.07 -6.59 -45.24
N VAL AA 56 -18.14 -6.69 -44.30
CA VAL AA 56 -18.28 -5.98 -43.05
C VAL AA 56 -17.22 -4.88 -42.91
N LEU AA 57 -17.40 -3.96 -41.95
CA LEU AA 57 -16.33 -3.07 -41.50
C LEU AA 57 -15.81 -3.64 -40.22
N ILE AA 58 -14.50 -3.61 -40.03
CA ILE AA 58 -13.93 -3.99 -38.74
C ILE AA 58 -13.17 -2.83 -38.09
N SER AA 59 -13.26 -2.71 -36.78
CA SER AA 59 -12.38 -1.81 -36.03
C SER AA 59 -11.28 -2.61 -35.33
N ARG AA 60 -10.08 -2.05 -35.33
CA ARG AA 60 -8.92 -2.76 -34.78
C ARG AA 60 -8.37 -1.96 -33.61
N GLY AA 61 -7.66 -2.64 -32.73
CA GLY AA 61 -7.08 -1.98 -31.58
C GLY AA 61 -8.08 -1.80 -30.47
N SER AA 62 -7.91 -0.78 -29.64
CA SER AA 62 -8.77 -0.63 -28.48
C SER AA 62 -10.14 -0.25 -28.89
N ALA AA 63 -10.30 0.18 -30.13
CA ALA AA 63 -11.66 0.49 -30.64
C ALA AA 63 -12.59 -0.71 -30.54
N ALA AA 64 -12.03 -1.90 -30.70
CA ALA AA 64 -12.81 -3.13 -30.67
C ALA AA 64 -13.42 -3.32 -29.29
N ARG AA 65 -12.82 -2.70 -28.27
CA ARG AA 65 -13.31 -2.90 -26.90
C ARG AA 65 -14.45 -1.94 -26.56
N GLN AA 66 -14.78 -1.02 -27.48
CA GLN AA 66 -15.85 -0.06 -27.21
C GLN AA 66 -17.28 -0.60 -27.43
N LEU AA 67 -17.42 -1.73 -28.10
CA LEU AA 67 -18.71 -2.40 -28.25
C LEU AA 67 -19.16 -2.89 -26.87
N LEU AA 68 -20.41 -2.61 -26.48
CA LEU AA 68 -20.92 -2.98 -25.16
C LEU AA 68 -20.68 -4.48 -24.94
N GLY AA 69 -20.00 -4.84 -23.86
CA GLY AA 69 -19.68 -6.23 -23.63
C GLY AA 69 -18.22 -6.55 -23.86
N ASN AA 70 -17.54 -5.76 -24.70
CA ASN AA 70 -16.13 -5.99 -24.98
C ASN AA 70 -15.14 -5.24 -24.11
N GLU AA 71 -15.67 -4.42 -23.20
CA GLU AA 71 -14.87 -3.42 -22.47
C GLU AA 71 -13.64 -3.98 -21.79
N GLN AA 72 -13.74 -5.21 -21.28
CA GLN AA 72 -12.61 -5.80 -20.58
C GLN AA 72 -12.25 -7.12 -21.21
N ARG AA 73 -12.55 -7.29 -22.50
CA ARG AA 73 -12.22 -8.54 -23.18
C ARG AA 73 -11.03 -8.30 -24.08
N PRO AA 74 -10.14 -9.30 -24.19
CA PRO AA 74 -8.92 -9.08 -24.94
C PRO AA 74 -9.14 -9.19 -26.45
N VAL AA 75 -10.01 -8.34 -26.96
CA VAL AA 75 -10.29 -8.34 -28.38
C VAL AA 75 -9.62 -7.12 -29.00
N ASP AA 76 -8.88 -7.35 -30.10
CA ASP AA 76 -8.20 -6.28 -30.84
C ASP AA 76 -8.75 -6.13 -32.27
N ALA AA 77 -9.88 -6.80 -32.53
CA ALA AA 77 -10.60 -6.71 -33.79
C ALA AA 77 -12.01 -7.14 -33.59
N ALA AA 78 -12.93 -6.39 -34.21
CA ALA AA 78 -14.32 -6.67 -34.09
C ALA AA 78 -15.09 -6.19 -35.30
N VAL AA 79 -16.17 -6.90 -35.60
CA VAL AA 79 -17.07 -6.47 -36.65
C VAL AA 79 -17.98 -5.41 -36.04
N VAL AA 80 -18.03 -4.24 -36.67
CA VAL AA 80 -18.80 -3.12 -36.13
C VAL AA 80 -20.01 -2.83 -37.02
N ALA AA 81 -19.92 -3.20 -38.29
CA ALA AA 81 -20.99 -2.84 -39.23
C ALA AA 81 -21.11 -3.80 -40.41
N ILE AA 82 -22.34 -4.06 -40.87
CA ILE AA 82 -22.57 -4.73 -42.15
C ILE AA 82 -22.71 -3.68 -43.24
N ILE AA 83 -21.98 -3.86 -44.34
CA ILE AA 83 -21.98 -2.84 -45.38
C ILE AA 83 -23.10 -3.08 -46.41
N ASP AA 84 -23.92 -2.07 -46.60
CA ASP AA 84 -25.01 -2.14 -47.57
C ASP AA 84 -24.40 -1.81 -48.91
N THR AA 85 -23.85 -0.60 -49.00
CA THR AA 85 -23.25 -0.14 -50.24
C THR AA 85 -22.21 0.98 -50.07
N ILE AA 86 -21.53 1.32 -51.16
CA ILE AA 86 -20.47 2.31 -51.16
C ILE AA 86 -20.59 3.22 -52.38
N HIS AA 87 -20.75 4.53 -52.17
CA HIS AA 87 -20.95 5.47 -53.29
C HIS AA 87 -19.75 6.41 -53.57
N VAL AA 88 -19.06 6.24 -54.70
CA VAL AA 88 -18.09 7.26 -55.15
C VAL AA 88 -18.91 8.33 -55.86
N GLU AA 89 -18.56 9.60 -55.65
CA GLU AA 89 -19.30 10.78 -56.14
C GLU AA 89 -20.81 10.55 -56.43
N ASP AA 90 -21.09 9.74 -57.45
CA ASP AA 90 -22.44 9.36 -57.84
C ASP AA 90 -22.42 7.84 -58.06
N ARG AA 91 -21.36 7.38 -58.73
CA ARG AA 91 -21.10 5.96 -59.01
C ARG AA 91 -21.33 5.04 -57.80
N LEU AA 92 -22.01 3.91 -58.06
CA LEU AA 92 -22.19 2.87 -57.04
C LEU AA 92 -21.17 1.75 -57.30
N ILE AA 93 -20.51 1.28 -56.24
CA ILE AA 93 -19.37 0.39 -56.42
C ILE AA 93 -19.44 -0.91 -55.61
N TYR AA 94 -20.46 -1.01 -54.76
CA TYR AA 94 -20.80 -2.26 -54.08
C TYR AA 94 -22.27 -2.26 -53.68
N SER AA 95 -22.89 -3.44 -53.63
CA SER AA 95 -24.21 -3.62 -53.01
C SER AA 95 -24.38 -5.06 -52.54
N LYS AA 96 -25.23 -5.26 -51.53
CA LYS AA 96 -25.40 -6.59 -50.91
C LYS AA 96 -26.16 -7.59 -51.80
N LYS AA 97 -25.63 -8.80 -51.88
CA LYS AA 97 -26.13 -9.83 -52.81
C LYS AA 97 -27.07 -10.82 -52.11
N MET BA 1 -0.49 11.25 -38.00
CA MET BA 1 -1.69 11.37 -38.81
C MET BA 1 -1.36 11.17 -40.29
N GLN BA 2 -2.36 10.79 -41.09
CA GLN BA 2 -2.06 10.50 -42.48
C GLN BA 2 -2.91 11.36 -43.37
N ILE BA 3 -2.39 11.71 -44.53
CA ILE BA 3 -3.09 12.56 -45.48
C ILE BA 3 -3.91 11.64 -46.41
N ALA BA 4 -5.17 11.99 -46.66
CA ALA BA 4 -6.01 11.17 -47.54
C ALA BA 4 -6.97 12.01 -48.37
N LYS BA 5 -7.54 11.41 -49.40
CA LYS BA 5 -8.56 12.05 -50.24
C LYS BA 5 -9.90 11.36 -49.99
N VAL BA 6 -10.97 12.13 -49.89
CA VAL BA 6 -12.29 11.55 -49.73
C VAL BA 6 -12.72 10.95 -51.05
N ARG BA 7 -12.94 9.66 -51.07
CA ARG BA 7 -13.30 8.99 -52.33
C ARG BA 7 -14.74 8.45 -52.33
N GLY BA 8 -15.31 8.23 -51.15
CA GLY BA 8 -16.66 7.68 -51.08
C GLY BA 8 -17.37 7.73 -49.74
N THR BA 9 -18.62 7.30 -49.75
CA THR BA 9 -19.42 7.20 -48.53
C THR BA 9 -19.81 5.74 -48.32
N VAL BA 10 -19.67 5.24 -47.09
CA VAL BA 10 -20.07 3.88 -46.75
C VAL BA 10 -21.43 3.93 -46.06
N VAL BA 11 -22.42 3.20 -46.57
CA VAL BA 11 -23.70 3.11 -45.87
C VAL BA 11 -23.98 1.73 -45.29
N SER BA 12 -24.36 1.75 -44.02
CA SER BA 12 -24.74 0.56 -43.29
C SER BA 12 -25.99 0.88 -42.50
N THR BA 13 -26.92 -0.07 -42.49
CA THR BA 13 -28.13 0.03 -41.68
C THR BA 13 -28.15 -1.09 -40.66
N GLN BA 14 -27.09 -1.89 -40.65
CA GLN BA 14 -26.98 -3.06 -39.78
C GLN BA 14 -25.64 -2.96 -39.08
N LYS BA 15 -25.63 -2.40 -37.87
CA LYS BA 15 -24.36 -2.07 -37.22
C LYS BA 15 -24.53 -1.92 -35.72
N ASP BA 16 -23.42 -1.85 -35.01
CA ASP BA 16 -23.49 -1.61 -33.58
C ASP BA 16 -24.16 -0.28 -33.29
N PRO BA 17 -24.94 -0.26 -32.20
CA PRO BA 17 -25.73 0.95 -31.88
C PRO BA 17 -24.82 2.15 -31.66
N SER BA 18 -23.58 1.92 -31.29
CA SER BA 18 -22.68 3.02 -31.00
C SER BA 18 -22.26 3.75 -32.28
N LEU BA 19 -22.57 3.18 -33.45
CA LEU BA 19 -22.25 3.85 -34.71
C LEU BA 19 -23.46 4.51 -35.32
N ARG BA 20 -24.59 4.51 -34.62
CA ARG BA 20 -25.75 5.15 -35.24
C ARG BA 20 -25.50 6.65 -35.36
N GLY BA 21 -25.84 7.21 -36.52
CA GLY BA 21 -25.59 8.60 -36.82
C GLY BA 21 -24.19 8.94 -37.32
N VAL BA 22 -23.24 8.04 -37.15
CA VAL BA 22 -21.86 8.34 -37.50
C VAL BA 22 -21.66 8.29 -39.01
N LYS BA 23 -21.28 9.43 -39.61
CA LYS BA 23 -21.02 9.50 -41.06
C LYS BA 23 -19.73 8.75 -41.35
N LEU BA 24 -19.76 7.82 -42.30
CA LEU BA 24 -18.57 7.02 -42.61
C LEU BA 24 -18.06 7.30 -44.03
N LEU BA 25 -16.80 7.71 -44.13
CA LEU BA 25 -16.18 8.11 -45.41
C LEU BA 25 -15.20 7.04 -45.85
N LEU BA 26 -15.14 6.77 -47.15
CA LEU BA 26 -14.10 5.90 -47.71
C LEU BA 26 -12.99 6.84 -48.13
N LEU BA 27 -11.81 6.67 -47.53
CA LEU BA 27 -10.71 7.60 -47.74
C LEU BA 27 -9.53 6.90 -48.38
N GLN BA 28 -8.89 7.57 -49.32
CA GLN BA 28 -7.75 6.96 -49.99
C GLN BA 28 -6.44 7.69 -49.63
N LEU BA 29 -5.49 6.94 -49.07
CA LEU BA 29 -4.22 7.53 -48.62
C LEU BA 29 -3.44 8.03 -49.83
N VAL BA 30 -2.65 9.08 -49.60
CA VAL BA 30 -1.81 9.61 -50.68
C VAL BA 30 -0.36 9.70 -50.21
N ASP BA 31 0.57 9.71 -51.18
CA ASP BA 31 1.98 9.95 -50.92
C ASP BA 31 2.19 11.45 -50.70
N GLU BA 32 3.44 11.88 -50.60
CA GLU BA 32 3.74 13.29 -50.33
C GLU BA 32 3.35 14.17 -51.51
N GLU BA 33 3.46 13.61 -52.71
CA GLU BA 33 3.23 14.36 -53.94
C GLU BA 33 1.74 14.42 -54.25
N GLY BA 34 0.97 13.74 -53.42
CA GLY BA 34 -0.47 13.72 -53.57
C GLY BA 34 -0.88 12.55 -54.42
N ASN BA 35 0.08 11.69 -54.75
CA ASN BA 35 -0.27 10.48 -55.48
C ASN BA 35 -1.07 9.54 -54.61
N LEU BA 36 -2.24 9.24 -55.12
CA LEU BA 36 -3.06 8.21 -54.57
C LEU BA 36 -2.34 6.87 -54.39
N LEU BA 37 -2.60 6.25 -53.25
CA LEU BA 37 -2.16 4.90 -52.89
C LEU BA 37 -3.32 3.91 -52.74
N GLN BA 38 -2.97 2.68 -52.35
CA GLN BA 38 -3.95 1.61 -52.16
C GLN BA 38 -4.21 1.35 -50.68
N LYS BA 39 -3.58 2.16 -49.83
CA LYS BA 39 -3.91 2.14 -48.43
C LYS BA 39 -5.30 2.77 -48.32
N TYR BA 40 -6.08 2.31 -47.33
CA TYR BA 40 -7.47 2.76 -47.15
C TYR BA 40 -7.90 2.73 -45.70
N GLU BA 41 -8.62 3.76 -45.31
CA GLU BA 41 -9.46 3.66 -44.14
C GLU BA 41 -10.91 3.98 -44.56
N VAL BA 42 -11.84 3.37 -43.86
CA VAL BA 42 -13.16 3.94 -43.70
C VAL BA 42 -13.10 4.70 -42.37
N ALA BA 43 -13.38 6.00 -42.39
CA ALA BA 43 -13.24 6.81 -41.19
C ALA BA 43 -14.49 7.58 -40.82
N ALA BA 44 -14.60 7.88 -39.53
CA ALA BA 44 -15.68 8.68 -39.01
C ALA BA 44 -15.45 10.14 -39.38
N ASP BA 45 -16.50 10.82 -39.81
CA ASP BA 45 -16.43 12.25 -40.01
C ASP BA 45 -17.65 12.87 -39.36
N ASN BA 46 -17.54 13.29 -38.11
CA ASN BA 46 -18.69 13.94 -37.51
C ASN BA 46 -18.45 15.35 -37.00
N SER BA 47 -17.24 15.88 -37.18
CA SER BA 47 -16.91 17.22 -36.69
C SER BA 47 -16.39 18.14 -37.79
N VAL BA 48 -15.86 17.55 -38.84
CA VAL BA 48 -15.25 18.34 -39.90
C VAL BA 48 -16.14 18.47 -41.14
N GLY BA 49 -16.82 17.39 -41.55
CA GLY BA 49 -17.69 17.41 -42.71
C GLY BA 49 -16.99 17.60 -44.05
N ALA BA 50 -16.12 16.66 -44.41
CA ALA BA 50 -15.28 16.80 -45.58
C ALA BA 50 -16.04 16.41 -46.84
N GLY BA 51 -15.78 17.15 -47.91
CA GLY BA 51 -16.47 16.94 -49.18
C GLY BA 51 -15.69 16.03 -50.10
N PHE BA 52 -16.36 15.55 -51.15
CA PHE BA 52 -15.71 14.70 -52.13
C PHE BA 52 -14.42 15.36 -52.62
N ASP BA 53 -13.33 14.57 -52.72
CA ASP BA 53 -12.06 15.03 -53.31
C ASP BA 53 -11.29 16.02 -52.45
N GLU BA 54 -11.85 16.43 -51.31
CA GLU BA 54 -11.10 17.23 -50.36
C GLU BA 54 -9.96 16.37 -49.78
N TRP BA 55 -8.82 16.99 -49.55
CA TRP BA 55 -7.74 16.36 -48.84
C TRP BA 55 -7.96 16.59 -47.36
N VAL BA 56 -7.80 15.53 -46.57
CA VAL BA 56 -8.11 15.58 -45.16
C VAL BA 56 -7.00 14.90 -44.39
N LEU BA 57 -6.96 15.16 -43.08
CA LEU BA 57 -6.06 14.45 -42.17
C LEU BA 57 -6.90 13.42 -41.41
N ILE BA 58 -6.35 12.22 -41.27
CA ILE BA 58 -7.00 11.16 -40.52
C ILE BA 58 -6.15 10.98 -39.28
N SER BA 59 -6.77 10.84 -38.12
CA SER BA 59 -6.11 10.32 -36.93
C SER BA 59 -6.56 8.89 -36.69
N ARG BA 60 -5.63 8.03 -36.30
CA ARG BA 60 -5.93 6.60 -36.15
C ARG BA 60 -5.68 6.13 -34.71
N GLY BA 61 -6.29 5.00 -34.37
CA GLY BA 61 -6.10 4.37 -33.08
C GLY BA 61 -6.93 5.11 -32.04
N SER BA 62 -6.54 5.06 -30.78
CA SER BA 62 -7.40 5.73 -29.77
C SER BA 62 -7.50 7.27 -29.93
N ALA BA 63 -6.63 7.83 -30.77
CA ALA BA 63 -6.75 9.27 -31.07
C ALA BA 63 -8.14 9.57 -31.64
N ALA BA 64 -8.69 8.62 -32.39
CA ALA BA 64 -9.97 8.85 -33.07
C ALA BA 64 -11.12 9.00 -32.07
N ARG BA 65 -10.96 8.49 -30.85
CA ARG BA 65 -12.01 8.59 -29.84
C ARG BA 65 -11.95 9.86 -29.02
N GLN BA 66 -11.01 10.75 -29.33
CA GLN BA 66 -10.91 11.98 -28.54
C GLN BA 66 -11.92 13.00 -29.06
N LEU BA 67 -12.29 12.90 -30.33
CA LEU BA 67 -13.33 13.77 -30.89
C LEU BA 67 -14.65 13.62 -30.15
N LEU BA 68 -15.31 14.75 -29.93
CA LEU BA 68 -16.75 14.78 -29.79
C LEU BA 68 -17.30 13.72 -28.89
N GLY BA 69 -18.27 13.00 -29.43
CA GLY BA 69 -18.84 11.89 -28.72
C GLY BA 69 -18.39 10.64 -29.46
N ASN BA 70 -17.09 10.58 -29.82
CA ASN BA 70 -16.49 9.34 -30.29
C ASN BA 70 -15.93 8.58 -29.10
N GLU BA 71 -16.23 9.05 -27.89
CA GLU BA 71 -15.51 8.60 -26.71
C GLU BA 71 -15.72 7.10 -26.39
N GLN BA 72 -16.93 6.65 -26.67
CA GLN BA 72 -17.26 5.25 -26.39
C GLN BA 72 -17.78 4.58 -27.67
N ARG BA 73 -17.23 4.99 -28.81
CA ARG BA 73 -17.55 4.42 -30.09
C ARG BA 73 -16.37 3.61 -30.59
N PRO BA 74 -16.65 2.49 -31.27
CA PRO BA 74 -15.57 1.63 -31.78
C PRO BA 74 -14.98 2.27 -33.06
N VAL BA 75 -14.42 3.47 -32.95
CA VAL BA 75 -13.83 4.11 -34.12
C VAL BA 75 -12.33 4.13 -33.94
N ASP BA 76 -11.61 3.68 -34.98
CA ASP BA 76 -10.15 3.64 -34.95
C ASP BA 76 -9.57 4.50 -36.04
N ALA BA 77 -10.44 5.23 -36.76
CA ALA BA 77 -10.03 6.20 -37.81
C ALA BA 77 -11.07 7.33 -37.96
N ALA BA 78 -10.59 8.56 -37.93
CA ALA BA 78 -11.48 9.74 -37.93
C ALA BA 78 -10.84 10.90 -38.70
N VAL BA 79 -11.66 11.60 -39.49
CA VAL BA 79 -11.21 12.79 -40.20
C VAL BA 79 -11.14 13.91 -39.15
N VAL BA 80 -9.96 14.48 -38.95
CA VAL BA 80 -9.83 15.49 -37.91
C VAL BA 80 -9.61 16.88 -38.49
N ALA BA 81 -9.33 16.94 -39.80
CA ALA BA 81 -9.04 18.22 -40.45
C ALA BA 81 -9.11 18.18 -41.96
N ILE BA 82 -9.57 19.29 -42.53
CA ILE BA 82 -9.44 19.52 -43.97
C ILE BA 82 -8.15 20.29 -44.19
N ILE BA 83 -7.33 19.85 -45.13
CA ILE BA 83 -6.04 20.51 -45.36
C ILE BA 83 -6.15 21.72 -46.28
N ASP BA 84 -5.71 22.89 -45.84
CA ASP BA 84 -5.70 24.07 -46.71
C ASP BA 84 -4.48 24.11 -47.62
N THR BA 85 -3.33 24.17 -46.95
CA THR BA 85 -2.04 24.31 -47.60
C THR BA 85 -1.02 23.38 -46.97
N ILE BA 86 -0.01 23.03 -47.76
CA ILE BA 86 1.18 22.36 -47.28
C ILE BA 86 2.34 23.17 -47.84
N HIS BA 87 3.39 23.37 -47.05
CA HIS BA 87 4.57 24.11 -47.54
C HIS BA 87 5.85 23.32 -47.28
N VAL BA 88 6.73 23.19 -48.27
CA VAL BA 88 8.14 22.89 -47.97
C VAL BA 88 8.90 24.21 -47.96
N GLU BA 89 9.49 24.54 -46.80
CA GLU BA 89 10.09 25.84 -46.56
C GLU BA 89 9.12 26.97 -46.89
N ASP BA 90 9.16 27.45 -48.13
CA ASP BA 90 8.20 28.46 -48.60
C ASP BA 90 7.67 28.15 -50.02
N ARG BA 91 7.75 26.88 -50.39
CA ARG BA 91 7.14 26.43 -51.64
C ARG BA 91 5.82 25.70 -51.34
N LEU BA 92 4.76 26.09 -52.04
CA LEU BA 92 3.49 25.36 -51.98
C LEU BA 92 3.65 24.04 -52.70
N ILE BA 93 3.06 22.99 -52.15
CA ILE BA 93 3.08 21.68 -52.80
C ILE BA 93 1.63 21.23 -52.86
N TYR BA 94 0.77 22.05 -52.26
CA TYR BA 94 -0.67 21.81 -52.26
C TYR BA 94 -1.45 23.01 -51.72
N SER BA 95 -2.52 23.36 -52.42
CA SER BA 95 -3.36 24.48 -52.06
C SER BA 95 -4.82 24.04 -52.24
N LYS BA 96 -5.63 24.20 -51.20
CA LYS BA 96 -7.05 23.87 -51.29
C LYS BA 96 -7.75 24.64 -52.40
N LYS BA 97 -7.24 25.83 -52.72
CA LYS BA 97 -7.87 26.67 -53.72
C LYS BA 97 -7.42 26.45 -55.18
N ASP BA 98 -6.28 25.81 -55.43
CA ASP BA 98 -5.82 25.64 -56.83
C ASP BA 98 -5.85 24.21 -57.40
N MET CA 1 9.66 4.53 -30.98
CA MET CA 1 9.64 5.80 -31.70
C MET CA 1 10.37 5.68 -33.03
N GLN CA 2 10.02 6.56 -33.97
CA GLN CA 2 10.65 6.57 -35.29
C GLN CA 2 11.50 7.83 -35.47
N ILE CA 3 12.50 7.74 -36.33
CA ILE CA 3 13.34 8.90 -36.64
C ILE CA 3 12.76 9.45 -37.93
N ALA CA 4 12.68 10.77 -38.04
CA ALA CA 4 12.14 11.38 -39.25
C ALA CA 4 12.82 12.70 -39.45
N LYS CA 5 12.69 13.22 -40.67
CA LYS CA 5 13.21 14.53 -41.03
C LYS CA 5 12.04 15.48 -41.30
N VAL CA 6 12.11 16.71 -40.80
CA VAL CA 6 11.05 17.70 -41.06
C VAL CA 6 11.13 18.20 -42.50
N ARG CA 7 10.03 18.03 -43.25
CA ARG CA 7 10.00 18.47 -44.64
C ARG CA 7 9.04 19.64 -44.89
N GLY CA 8 8.19 19.96 -43.93
CA GLY CA 8 7.18 20.97 -44.19
C GLY CA 8 6.15 21.25 -43.12
N THR CA 9 5.16 22.05 -43.49
CA THR CA 9 4.10 22.44 -42.56
C THR CA 9 2.77 22.11 -43.21
N VAL CA 10 1.83 21.59 -42.41
CA VAL CA 10 0.48 21.39 -42.94
C VAL CA 10 -0.40 22.38 -42.21
N VAL CA 11 -1.14 23.18 -42.97
CA VAL CA 11 -2.04 24.18 -42.38
C VAL CA 11 -3.51 23.82 -42.63
N SER CA 12 -4.31 23.87 -41.56
CA SER CA 12 -5.74 23.63 -41.69
C SER CA 12 -6.54 24.67 -40.92
N THR CA 13 -7.67 25.09 -41.49
CA THR CA 13 -8.57 26.01 -40.82
C THR CA 13 -9.87 25.35 -40.37
N GLN CA 14 -10.41 24.44 -41.20
CA GLN CA 14 -11.60 23.66 -40.82
C GLN CA 14 -11.12 22.34 -40.24
N LYS CA 15 -11.33 22.14 -38.94
CA LYS CA 15 -10.81 20.96 -38.24
C LYS CA 15 -11.60 20.76 -36.96
N ASP CA 16 -11.41 19.61 -36.31
CA ASP CA 16 -12.09 19.38 -35.04
C ASP CA 16 -11.61 20.41 -34.02
N PRO CA 17 -12.53 20.95 -33.20
CA PRO CA 17 -12.13 21.91 -32.15
C PRO CA 17 -10.97 21.46 -31.27
N SER CA 18 -10.83 20.16 -31.05
CA SER CA 18 -9.76 19.59 -30.21
C SER CA 18 -8.39 19.70 -30.88
N LEU CA 19 -8.35 20.03 -32.16
CA LEU CA 19 -7.06 20.30 -32.81
C LEU CA 19 -6.74 21.78 -32.89
N ARG CA 20 -7.63 22.62 -32.37
CA ARG CA 20 -7.41 24.07 -32.46
C ARG CA 20 -6.08 24.42 -31.76
N GLY CA 21 -5.19 25.09 -32.50
CA GLY CA 21 -3.90 25.47 -31.94
C GLY CA 21 -2.80 24.43 -32.15
N VAL CA 22 -3.15 23.26 -32.68
CA VAL CA 22 -2.12 22.26 -32.88
C VAL CA 22 -1.32 22.59 -34.13
N LYS CA 23 0.01 22.54 -34.03
CA LYS CA 23 0.86 22.85 -35.19
C LYS CA 23 1.29 21.57 -35.83
N LEU CA 24 1.08 21.47 -37.14
CA LEU CA 24 1.24 20.21 -37.85
C LEU CA 24 2.46 20.26 -38.77
N LEU CA 25 3.33 19.27 -38.65
CA LEU CA 25 4.48 19.14 -39.54
C LEU CA 25 4.36 17.92 -40.44
N LEU CA 26 4.78 18.07 -41.70
CA LEU CA 26 4.95 16.93 -42.58
C LEU CA 26 6.34 16.36 -42.34
N LEU CA 27 6.45 15.06 -42.06
CA LEU CA 27 7.73 14.41 -41.73
C LEU CA 27 8.05 13.25 -42.66
N GLN CA 28 9.29 13.19 -43.16
CA GLN CA 28 9.73 12.11 -44.02
C GLN CA 28 10.43 11.12 -43.10
N LEU CA 29 9.95 9.88 -43.03
CA LEU CA 29 10.56 8.87 -42.17
C LEU CA 29 11.94 8.42 -42.68
N VAL CA 30 12.78 7.99 -41.75
CA VAL CA 30 14.15 7.61 -42.05
C VAL CA 30 14.28 6.15 -41.64
N ASP CA 31 15.04 5.37 -42.39
CA ASP CA 31 15.19 3.97 -42.02
C ASP CA 31 16.33 3.78 -41.02
N GLU CA 32 16.59 2.53 -40.69
CA GLU CA 32 17.56 2.17 -39.66
C GLU CA 32 18.98 2.65 -39.99
N GLU CA 33 19.34 2.56 -41.27
CA GLU CA 33 20.69 2.94 -41.73
C GLU CA 33 20.81 4.45 -41.99
N GLY CA 34 19.74 5.17 -41.71
CA GLY CA 34 19.72 6.61 -41.91
C GLY CA 34 19.32 7.11 -43.30
N ASN CA 35 18.73 6.26 -44.15
CA ASN CA 35 18.31 6.75 -45.47
C ASN CA 35 16.92 7.32 -45.40
N LEU CA 36 16.62 8.35 -46.18
CA LEU CA 36 15.26 8.88 -46.22
C LEU CA 36 14.37 7.92 -46.98
N LEU CA 37 13.15 7.72 -46.52
CA LEU CA 37 12.22 6.87 -47.25
C LEU CA 37 11.19 7.69 -48.07
N GLN CA 38 10.61 7.06 -49.07
CA GLN CA 38 9.41 7.57 -49.71
C GLN CA 38 8.20 7.21 -48.85
N LYS CA 39 8.14 7.81 -47.69
CA LYS CA 39 7.08 7.52 -46.73
C LYS CA 39 6.99 8.71 -45.77
N TYR CA 40 5.86 9.40 -45.79
CA TYR CA 40 5.69 10.63 -44.99
C TYR CA 40 4.57 10.52 -43.96
N GLU CA 41 4.66 11.35 -42.91
CA GLU CA 41 3.66 11.45 -41.85
C GLU CA 41 3.46 12.91 -41.38
N VAL CA 42 2.32 13.16 -40.76
CA VAL CA 42 2.02 14.50 -40.23
C VAL CA 42 1.94 14.32 -38.76
N ALA CA 43 2.66 15.15 -37.99
CA ALA CA 43 2.76 15.00 -36.53
C ALA CA 43 2.68 16.37 -35.94
N ALA CA 44 2.17 16.47 -34.70
CA ALA CA 44 2.17 17.74 -33.98
C ALA CA 44 3.56 18.07 -33.47
N ASP CA 45 3.93 19.37 -33.42
CA ASP CA 45 5.18 19.81 -32.78
C ASP CA 45 5.07 21.01 -31.84
N ASN CA 46 3.92 21.18 -31.19
CA ASN CA 46 3.80 22.25 -30.19
C ASN CA 46 4.75 22.09 -29.02
N SER CA 47 4.96 20.85 -28.60
CA SER CA 47 5.69 20.62 -27.35
C SER CA 47 7.20 20.71 -27.58
N VAL CA 48 7.63 20.16 -28.71
CA VAL CA 48 9.00 20.26 -29.20
C VAL CA 48 8.97 20.87 -30.60
N GLY CA 49 9.39 22.12 -30.70
CA GLY CA 49 9.28 22.83 -31.95
C GLY CA 49 10.48 22.56 -32.82
N ALA CA 50 10.22 22.01 -34.02
CA ALA CA 50 11.30 21.59 -34.91
C ALA CA 50 11.19 22.30 -36.25
N GLY CA 51 12.34 22.66 -36.82
CA GLY CA 51 12.40 23.41 -38.06
C GLY CA 51 12.81 22.56 -39.25
N PHE CA 52 12.62 23.12 -40.44
CA PHE CA 52 12.91 22.44 -41.70
C PHE CA 52 14.24 21.71 -41.65
N ASP CA 53 14.22 20.46 -42.10
CA ASP CA 53 15.40 19.61 -42.27
C ASP CA 53 16.00 19.02 -40.99
N GLU CA 54 15.47 19.38 -39.82
CA GLU CA 54 16.03 18.81 -38.61
C GLU CA 54 15.64 17.33 -38.49
N TRP CA 55 16.44 16.52 -37.79
CA TRP CA 55 16.05 15.13 -37.50
C TRP CA 55 15.35 15.05 -36.13
N VAL CA 56 14.23 14.35 -36.06
CA VAL CA 56 13.42 14.31 -34.84
C VAL CA 56 13.00 12.90 -34.47
N LEU CA 57 12.63 12.71 -33.20
CA LEU CA 57 11.97 11.48 -32.82
C LEU CA 57 10.44 11.70 -32.82
N ILE CA 58 9.69 10.77 -33.42
CA ILE CA 58 8.22 10.82 -33.35
C ILE CA 58 7.73 9.66 -32.49
N SER CA 59 6.78 9.94 -31.59
CA SER CA 59 6.09 8.90 -30.87
C SER CA 59 4.72 8.78 -31.52
N ARG CA 60 4.20 7.57 -31.64
CA ARG CA 60 2.95 7.32 -32.34
C ARG CA 60 1.97 6.63 -31.43
N GLY CA 61 0.68 6.74 -31.77
CA GLY CA 61 -0.39 6.15 -30.98
C GLY CA 61 -0.68 6.99 -29.75
N SER CA 62 -1.20 6.32 -28.72
CA SER CA 62 -1.62 7.00 -27.50
C SER CA 62 -0.44 7.66 -26.80
N ALA CA 63 0.78 7.24 -27.12
CA ALA CA 63 1.98 7.96 -26.63
C ALA CA 63 1.97 9.46 -26.94
N ALA CA 64 1.42 9.83 -28.09
CA ALA CA 64 1.47 11.23 -28.54
C ALA CA 64 0.64 12.13 -27.64
N ARG CA 65 -0.34 11.55 -26.95
CA ARG CA 65 -1.22 12.33 -26.09
C ARG CA 65 -0.66 12.49 -24.70
N GLN CA 66 0.51 11.92 -24.47
CA GLN CA 66 1.09 12.03 -23.14
C GLN CA 66 1.72 13.41 -22.91
N LEU CA 67 2.06 14.10 -24.00
CA LEU CA 67 2.59 15.46 -23.91
C LEU CA 67 1.60 16.40 -23.22
N LEU CA 68 2.10 17.26 -22.34
CA LEU CA 68 1.29 18.13 -21.52
C LEU CA 68 0.46 19.01 -22.46
N GLY CA 69 -0.86 18.89 -22.34
CA GLY CA 69 -1.78 19.68 -23.14
C GLY CA 69 -2.37 18.90 -24.29
N ASN CA 70 -1.84 17.71 -24.57
CA ASN CA 70 -2.27 16.88 -25.70
C ASN CA 70 -3.20 15.72 -25.30
N GLU CA 71 -3.45 15.60 -24.01
CA GLU CA 71 -4.08 14.40 -23.45
C GLU CA 71 -5.49 14.08 -23.98
N GLN CA 72 -6.26 15.11 -24.27
CA GLN CA 72 -7.60 14.93 -24.87
C GLN CA 72 -7.70 15.47 -26.32
N ARG CA 73 -6.61 15.34 -27.09
CA ARG CA 73 -6.60 15.81 -28.48
C ARG CA 73 -6.30 14.64 -29.37
N PRO CA 74 -6.88 14.62 -30.58
CA PRO CA 74 -6.85 13.46 -31.46
C PRO CA 74 -5.56 13.43 -32.26
N VAL CA 75 -4.45 13.52 -31.55
CA VAL CA 75 -3.13 13.43 -32.18
C VAL CA 75 -2.61 12.02 -32.00
N ASP CA 76 -2.22 11.38 -33.11
CA ASP CA 76 -1.64 10.05 -33.06
C ASP CA 76 -0.14 10.03 -33.43
N ALA CA 77 0.46 11.21 -33.53
CA ALA CA 77 1.86 11.29 -33.91
C ALA CA 77 2.34 12.66 -33.47
N ALA CA 78 3.40 12.67 -32.67
CA ALA CA 78 3.94 13.96 -32.22
C ALA CA 78 5.49 13.98 -32.16
N VAL CA 79 6.09 15.12 -32.46
CA VAL CA 79 7.54 15.24 -32.24
C VAL CA 79 7.84 15.27 -30.75
N VAL CA 80 8.78 14.46 -30.28
CA VAL CA 80 9.09 14.46 -28.84
C VAL CA 80 10.57 14.75 -28.56
N ALA CA 81 11.39 14.73 -29.60
CA ALA CA 81 12.79 15.08 -29.43
C ALA CA 81 13.38 15.52 -30.76
N ILE CA 82 14.28 16.47 -30.67
CA ILE CA 82 15.12 16.86 -31.78
C ILE CA 82 16.43 16.09 -31.60
N ILE CA 83 16.91 15.45 -32.66
CA ILE CA 83 18.08 14.56 -32.53
C ILE CA 83 19.41 15.32 -32.75
N ASP CA 84 20.33 15.25 -31.79
CA ASP CA 84 21.67 15.77 -32.03
C ASP CA 84 22.58 14.77 -32.78
N THR CA 85 22.70 13.55 -32.26
CA THR CA 85 23.56 12.56 -32.91
C THR CA 85 22.93 11.19 -32.79
N ILE CA 86 23.23 10.34 -33.77
CA ILE CA 86 23.00 8.91 -33.59
C ILE CA 86 24.19 8.15 -34.18
N HIS CA 87 24.47 6.99 -33.60
CA HIS CA 87 25.56 6.15 -34.05
C HIS CA 87 25.15 4.68 -34.11
N VAL CA 88 25.82 3.90 -34.96
CA VAL CA 88 25.78 2.44 -34.91
C VAL CA 88 27.21 1.94 -34.95
N GLU CA 89 27.59 1.15 -33.94
CA GLU CA 89 28.99 1.03 -33.50
C GLU CA 89 29.31 2.41 -32.89
N ASP CA 90 30.51 2.92 -33.14
CA ASP CA 90 30.89 4.27 -32.78
C ASP CA 90 30.95 5.05 -34.09
N ARG CA 91 30.54 4.36 -35.15
CA ARG CA 91 30.43 4.94 -36.49
C ARG CA 91 29.24 5.90 -36.50
N LEU CA 92 29.40 7.04 -37.17
CA LEU CA 92 28.36 8.06 -37.12
C LEU CA 92 27.44 8.04 -38.35
N ILE CA 93 26.16 7.89 -38.08
CA ILE CA 93 25.14 7.86 -39.13
C ILE CA 93 24.55 9.26 -39.29
N TYR CA 94 24.39 9.96 -38.17
CA TYR CA 94 23.93 11.35 -38.18
C TYR CA 94 24.59 12.20 -37.09
N SER CA 95 24.79 13.47 -37.44
CA SER CA 95 25.27 14.48 -36.51
C SER CA 95 24.63 15.79 -36.97
N LYS CA 96 24.11 16.59 -36.03
CA LYS CA 96 23.45 17.84 -36.41
C LYS CA 96 24.43 18.77 -37.13
N LYS CA 97 24.08 19.17 -38.35
CA LYS CA 97 25.02 19.75 -39.31
C LYS CA 97 24.44 20.94 -40.07
N MET DA 1 -1.25 -30.06 4.94
CA MET DA 1 -0.82 -29.67 6.28
C MET DA 1 -1.30 -30.79 7.18
N GLN DA 2 -0.69 -30.91 8.36
CA GLN DA 2 -0.99 -32.03 9.24
C GLN DA 2 -1.24 -31.53 10.65
N ILE DA 3 -2.23 -32.10 11.31
CA ILE DA 3 -2.47 -31.78 12.71
C ILE DA 3 -1.47 -32.51 13.58
N ALA DA 4 -0.92 -31.79 14.57
CA ALA DA 4 0.05 -32.39 15.47
C ALA DA 4 -0.08 -31.85 16.87
N LYS DA 5 0.62 -32.50 17.80
CA LYS DA 5 0.73 -31.98 19.16
C LYS DA 5 2.18 -31.76 19.54
N VAL DA 6 2.45 -30.65 20.24
CA VAL DA 6 3.76 -30.45 20.82
C VAL DA 6 4.00 -31.54 21.88
N ARG DA 7 5.07 -32.32 21.69
CA ARG DA 7 5.35 -33.44 22.61
C ARG DA 7 6.74 -33.31 23.21
N GLY DA 8 7.52 -32.36 22.72
CA GLY DA 8 8.87 -32.25 23.22
C GLY DA 8 9.67 -31.08 22.68
N THR DA 9 10.90 -31.01 23.14
CA THR DA 9 11.75 -29.89 22.78
C THR DA 9 13.16 -30.45 22.59
N VAL DA 10 13.79 -30.08 21.47
CA VAL DA 10 15.12 -30.55 21.12
C VAL DA 10 16.07 -29.40 21.34
N VAL DA 11 17.15 -29.63 22.08
CA VAL DA 11 18.12 -28.59 22.25
C VAL DA 11 19.36 -28.93 21.45
N SER DA 12 19.82 -27.98 20.66
CA SER DA 12 21.11 -28.12 19.99
C SER DA 12 21.96 -26.87 20.21
N THR DA 13 23.26 -27.05 20.38
CA THR DA 13 24.13 -25.91 20.42
C THR DA 13 24.97 -25.81 19.14
N GLN DA 14 25.42 -26.97 18.63
CA GLN DA 14 26.18 -27.01 17.38
C GLN DA 14 25.22 -27.22 16.26
N LYS DA 15 25.03 -26.18 15.46
CA LYS DA 15 24.01 -26.22 14.41
C LYS DA 15 24.28 -25.12 13.39
N ASP DA 16 23.60 -25.21 12.25
CA ASP DA 16 23.65 -24.16 11.25
C ASP DA 16 23.26 -22.81 11.88
N PRO DA 17 24.04 -21.77 11.58
CA PRO DA 17 23.84 -20.46 12.22
C PRO DA 17 22.48 -19.84 11.93
N SER DA 18 21.81 -20.33 10.90
CA SER DA 18 20.47 -19.83 10.58
C SER DA 18 19.45 -20.23 11.65
N LEU DA 19 19.82 -21.21 12.48
CA LEU DA 19 18.92 -21.71 13.51
C LEU DA 19 19.29 -21.15 14.88
N ARG DA 20 20.16 -20.14 14.95
CA ARG DA 20 20.35 -19.50 16.25
C ARG DA 20 19.01 -18.80 16.55
N GLY DA 21 18.48 -18.99 17.75
CA GLY DA 21 17.21 -18.40 18.13
C GLY DA 21 16.01 -18.83 17.29
N VAL DA 22 15.84 -20.14 17.15
CA VAL DA 22 14.64 -20.71 16.57
C VAL DA 22 14.32 -21.92 17.43
N LYS DA 23 13.25 -21.86 18.23
CA LYS DA 23 12.94 -22.98 19.13
C LYS DA 23 12.63 -24.26 18.36
N LEU DA 24 13.23 -25.37 18.78
CA LEU DA 24 13.04 -26.65 18.10
C LEU DA 24 12.15 -27.60 18.91
N LEU DA 25 10.93 -27.77 18.43
CA LEU DA 25 9.91 -28.55 19.12
C LEU DA 25 9.73 -29.88 18.43
N LEU DA 26 9.51 -30.95 19.21
CA LEU DA 26 9.14 -32.23 18.65
C LEU DA 26 7.61 -32.19 18.50
N LEU DA 27 7.14 -32.32 17.27
CA LEU DA 27 5.72 -32.33 16.96
C LEU DA 27 5.29 -33.69 16.45
N GLN DA 28 4.44 -34.37 17.22
CA GLN DA 28 4.00 -35.70 16.83
C GLN DA 28 2.61 -35.62 16.21
N LEU DA 29 2.48 -36.20 15.02
CA LEU DA 29 1.22 -36.12 14.26
C LEU DA 29 0.10 -36.85 14.98
N VAL DA 30 -1.14 -36.42 14.78
CA VAL DA 30 -2.28 -37.09 15.39
C VAL DA 30 -3.31 -37.52 14.34
N ASP DA 31 -4.11 -38.53 14.66
CA ASP DA 31 -5.19 -38.91 13.76
C ASP DA 31 -6.32 -37.89 13.89
N GLU DA 32 -7.43 -38.12 13.21
CA GLU DA 32 -8.59 -37.24 13.30
C GLU DA 32 -9.11 -37.01 14.74
N GLU DA 33 -8.85 -37.95 15.65
CA GLU DA 33 -9.40 -37.87 17.00
C GLU DA 33 -8.35 -37.45 18.03
N GLY DA 34 -7.18 -37.07 17.53
CA GLY DA 34 -6.12 -36.53 18.38
C GLY DA 34 -5.24 -37.62 18.98
N ASN DA 35 -5.46 -38.88 18.58
CA ASN DA 35 -4.52 -39.93 19.01
C ASN DA 35 -3.16 -39.75 18.31
N LEU DA 36 -2.10 -39.84 19.10
CA LEU DA 36 -0.77 -39.72 18.56
C LEU DA 36 -0.38 -40.85 17.57
N LEU DA 37 0.19 -40.47 16.44
CA LEU DA 37 0.71 -41.46 15.47
C LEU DA 37 2.23 -41.59 15.57
N GLN DA 38 2.76 -42.65 14.95
CA GLN DA 38 4.21 -42.88 14.89
C GLN DA 38 4.89 -42.10 13.77
N LYS DA 39 4.57 -40.81 13.67
CA LYS DA 39 5.19 -39.90 12.72
C LYS DA 39 5.38 -38.60 13.47
N TYR DA 40 6.47 -37.89 13.16
CA TYR DA 40 6.78 -36.63 13.84
C TYR DA 40 7.59 -35.69 12.96
N GLU DA 41 7.60 -34.40 13.32
CA GLU DA 41 8.59 -33.50 12.76
C GLU DA 41 9.18 -32.76 13.91
N VAL DA 42 10.48 -32.49 13.82
CA VAL DA 42 11.07 -31.46 14.61
C VAL DA 42 10.94 -30.24 13.74
N ALA DA 43 10.22 -29.26 14.26
CA ALA DA 43 9.68 -28.22 13.40
C ALA DA 43 9.91 -26.89 14.02
N ALA DA 44 10.09 -25.91 13.16
CA ALA DA 44 10.33 -24.58 13.63
C ALA DA 44 9.03 -23.97 14.19
N ASP DA 45 9.10 -23.40 15.39
CA ASP DA 45 8.00 -22.55 15.83
C ASP DA 45 8.48 -21.18 16.30
N ASN DA 46 8.63 -20.25 15.37
CA ASN DA 46 9.02 -18.89 15.73
C ASN DA 46 7.82 -17.96 15.97
N SER DA 47 6.86 -17.95 15.05
CA SER DA 47 5.84 -16.90 15.06
C SER DA 47 4.43 -17.24 15.53
N VAL DA 48 4.22 -18.40 16.14
CA VAL DA 48 2.85 -18.70 16.59
C VAL DA 48 2.73 -18.93 18.09
N GLY DA 49 3.72 -19.58 18.70
CA GLY DA 49 3.72 -19.75 20.15
C GLY DA 49 2.94 -20.96 20.63
N ALA DA 50 3.19 -22.09 20.00
CA ALA DA 50 2.58 -23.33 20.43
C ALA DA 50 3.15 -23.77 21.80
N GLY DA 51 2.26 -24.21 22.68
CA GLY DA 51 2.65 -24.70 23.99
C GLY DA 51 2.25 -26.16 24.14
N PHE DA 52 2.51 -26.73 25.31
CA PHE DA 52 2.27 -28.16 25.53
C PHE DA 52 0.86 -28.63 25.16
N ASP DA 53 0.78 -29.85 24.61
CA ASP DA 53 -0.45 -30.53 24.19
C ASP DA 53 -1.64 -29.66 23.69
N GLU DA 54 -1.36 -28.63 22.89
CA GLU DA 54 -2.42 -28.00 22.09
C GLU DA 54 -2.36 -28.66 20.71
N TRP DA 55 -3.46 -28.61 19.95
CA TRP DA 55 -3.41 -29.05 18.57
C TRP DA 55 -2.84 -27.93 17.68
N VAL DA 56 -1.85 -28.26 16.86
CA VAL DA 56 -1.31 -27.26 15.93
C VAL DA 56 -1.32 -27.79 14.47
N LEU DA 57 -1.17 -26.90 13.51
CA LEU DA 57 -1.00 -27.36 12.14
C LEU DA 57 0.45 -27.19 11.75
N ILE DA 58 0.96 -28.16 11.03
CA ILE DA 58 2.32 -28.13 10.53
C ILE DA 58 2.23 -28.06 9.02
N SER DA 59 3.14 -27.31 8.41
CA SER DA 59 3.38 -27.42 6.99
C SER DA 59 4.79 -27.95 6.80
N ARG DA 60 4.96 -28.73 5.76
CA ARG DA 60 6.22 -29.40 5.48
C ARG DA 60 6.76 -29.03 4.08
N GLY DA 61 8.05 -29.30 3.86
CA GLY DA 61 8.70 -29.02 2.60
C GLY DA 61 8.96 -27.52 2.47
N SER DA 62 8.94 -27.01 1.25
CA SER DA 62 9.31 -25.62 0.99
C SER DA 62 8.25 -24.65 1.55
N ALA DA 63 7.08 -25.18 1.91
CA ALA DA 63 6.07 -24.32 2.54
C ALA DA 63 6.60 -23.73 3.84
N ALA DA 64 7.42 -24.50 4.55
CA ALA DA 64 8.00 -24.06 5.81
C ALA DA 64 8.84 -22.79 5.69
N ARG DA 65 9.40 -22.57 4.50
CA ARG DA 65 10.26 -21.39 4.30
C ARG DA 65 9.44 -20.15 3.96
N GLN DA 66 8.11 -20.28 3.85
CA GLN DA 66 7.34 -19.10 3.46
C GLN DA 66 7.01 -18.21 4.66
N LEU DA 67 7.06 -18.77 5.86
CA LEU DA 67 6.96 -17.96 7.08
C LEU DA 67 8.06 -16.90 7.15
N LEU DA 68 7.65 -15.73 7.68
CA LEU DA 68 8.50 -14.56 7.88
C LEU DA 68 9.87 -14.89 8.48
N GLY DA 69 10.91 -14.55 7.73
CA GLY DA 69 12.25 -14.83 8.19
C GLY DA 69 12.75 -16.24 7.89
N ASN DA 70 11.86 -17.18 7.58
CA ASN DA 70 12.29 -18.53 7.23
C ASN DA 70 12.78 -18.71 5.79
N GLU DA 71 12.71 -17.63 5.00
CA GLU DA 71 12.97 -17.68 3.57
C GLU DA 71 14.27 -18.39 3.22
N GLN DA 72 15.35 -18.02 3.90
CA GLN DA 72 16.65 -18.62 3.63
C GLN DA 72 17.12 -19.59 4.72
N ARG DA 73 16.20 -20.14 5.51
CA ARG DA 73 16.60 -21.13 6.50
C ARG DA 73 16.38 -22.57 6.01
N PRO DA 74 17.24 -23.52 6.46
CA PRO DA 74 17.09 -24.92 6.06
C PRO DA 74 16.01 -25.61 6.88
N VAL DA 75 14.81 -25.05 6.87
CA VAL DA 75 13.72 -25.73 7.56
C VAL DA 75 12.74 -26.36 6.59
N ASP DA 76 12.35 -27.58 6.92
CA ASP DA 76 11.40 -28.33 6.11
C ASP DA 76 10.12 -28.68 6.86
N ALA DA 77 9.93 -28.04 8.02
CA ALA DA 77 8.68 -28.20 8.78
C ALA DA 77 8.46 -26.96 9.64
N ALA DA 78 7.22 -26.51 9.75
CA ALA DA 78 6.97 -25.31 10.50
C ALA DA 78 5.59 -25.37 11.16
N VAL DA 79 5.44 -24.86 12.38
CA VAL DA 79 4.10 -24.75 12.94
C VAL DA 79 3.47 -23.51 12.32
N VAL DA 80 2.30 -23.65 11.70
CA VAL DA 80 1.75 -22.49 11.01
C VAL DA 80 0.52 -21.98 11.69
N ALA DA 81 -0.03 -22.76 12.61
CA ALA DA 81 -1.27 -22.37 13.25
C ALA DA 81 -1.58 -23.16 14.49
N ILE DA 82 -2.21 -22.51 15.46
CA ILE DA 82 -2.77 -23.23 16.60
C ILE DA 82 -4.26 -23.44 16.31
N ILE DA 83 -4.75 -24.66 16.44
CA ILE DA 83 -6.18 -24.92 16.15
C ILE DA 83 -7.13 -24.50 17.28
N ASP DA 84 -8.21 -23.77 16.94
CA ASP DA 84 -9.26 -23.46 17.90
C ASP DA 84 -10.40 -24.50 17.87
N THR DA 85 -10.94 -24.76 16.69
CA THR DA 85 -12.02 -25.73 16.59
C THR DA 85 -11.86 -26.57 15.33
N ILE DA 86 -12.43 -27.78 15.35
CA ILE DA 86 -12.54 -28.54 14.11
C ILE DA 86 -13.95 -29.08 14.09
N HIS DA 87 -14.69 -28.84 13.03
CA HIS DA 87 -16.04 -29.40 12.93
C HIS DA 87 -16.02 -30.39 11.81
N VAL DA 88 -16.84 -31.42 11.91
CA VAL DA 88 -16.97 -32.38 10.81
C VAL DA 88 -18.45 -32.43 10.55
N GLU DA 89 -18.88 -32.16 9.31
CA GLU DA 89 -20.29 -31.94 9.01
C GLU DA 89 -20.95 -31.01 10.05
N ASP DA 90 -20.23 -29.95 10.43
CA ASP DA 90 -20.70 -28.94 11.41
C ASP DA 90 -20.95 -29.49 12.84
N ARG DA 91 -20.54 -30.72 13.10
CA ARG DA 91 -20.43 -31.19 14.49
C ARG DA 91 -18.99 -30.97 15.00
N LEU DA 92 -18.88 -30.50 16.23
CA LEU DA 92 -17.61 -30.19 16.84
C LEU DA 92 -16.87 -31.47 17.20
N ILE DA 93 -15.64 -31.63 16.74
CA ILE DA 93 -14.84 -32.78 17.16
C ILE DA 93 -13.62 -32.32 17.98
N TYR DA 94 -13.37 -31.02 17.96
CA TYR DA 94 -12.28 -30.47 18.73
C TYR DA 94 -12.54 -28.99 18.99
N SER DA 95 -12.34 -28.57 20.24
CA SER DA 95 -12.33 -27.16 20.61
C SER DA 95 -11.28 -26.97 21.69
N LYS DA 96 -10.33 -26.07 21.40
CA LYS DA 96 -9.24 -25.76 22.32
C LYS DA 96 -9.73 -25.43 23.73
N LYS DA 97 -10.87 -24.73 23.82
CA LYS DA 97 -11.49 -24.40 25.11
C LYS DA 97 -11.41 -25.58 26.06
N ASP DA 98 -11.91 -26.72 25.59
CA ASP DA 98 -11.83 -27.98 26.32
C ASP DA 98 -10.84 -28.91 25.62
#